data_6KKH
#
_entry.id   6KKH
#
_cell.length_a   97.899
_cell.length_b   156.652
_cell.length_c   155.090
_cell.angle_alpha   90.000
_cell.angle_beta   98.200
_cell.angle_gamma   90.000
#
_symmetry.space_group_name_H-M   'P 1 21 1'
#
loop_
_entity.id
_entity.type
_entity.pdbx_description
1 polymer 'HpcH/HpaI aldolase'
2 non-polymer 2-AMINO-2-HYDROXYMETHYL-PROPANE-1,3-DIOL
3 non-polymer 'OXALATE ION'
4 non-polymer 'MAGNESIUM ION'
5 water water
#
_entity_poly.entity_id   1
_entity_poly.type   'polypeptide(L)'
_entity_poly.pdbx_seq_one_letter_code
;MKLPIHFYKPLAAGAPQPIRELPVRPERVIHFFPPHVEKIRARIPEVAKQVDVLCGNLEDAIPIDAKEAARAGFIEVARN
TDFGDTALWVRVNALNSPWVLDDIADIVATVGNKLDVMMIPKVEGPWDIHFVDQYLALLEAKHQIQKPILIHALLETAQG
MMNLEAIAGASPRMHGFSLGPADLAASRGMKTTRVGGGHPFYGVLADPQEGQEHRPFYQQDLWHYTIARMVDVAVAHGLR
AFYGPFGDIKDEAACEAQFRNAFLLGCTGAWSLAPNQIPIAKRVFSPDVNEVLFAKRILDAMPDGSGVAMIDGKMQDDAT
WKQAKVIVDLARMIAKKDPELAQAYGF
;
_entity_poly.pdbx_strand_id   A,B,C,D,E,F,G,H,I,J,K,L
#
loop_
_chem_comp.id
_chem_comp.type
_chem_comp.name
_chem_comp.formula
MG non-polymer 'MAGNESIUM ION' 'Mg 2'
OXL non-polymer 'OXALATE ION' 'C2 O4 -2'
TRS non-polymer 2-AMINO-2-HYDROXYMETHYL-PROPANE-1,3-DIOL 'C4 H12 N O3 1'
#
# COMPACT_ATOMS: atom_id res chain seq x y z
N LEU A 3 12.83 24.60 9.20
CA LEU A 3 12.49 23.79 10.41
C LEU A 3 12.06 22.38 10.00
N PRO A 4 12.07 21.45 10.95
CA PRO A 4 11.64 20.08 10.68
C PRO A 4 10.15 19.95 10.30
N ILE A 5 9.29 20.79 10.86
CA ILE A 5 7.83 20.70 10.62
C ILE A 5 7.49 20.92 9.15
N HIS A 6 7.99 21.99 8.54
CA HIS A 6 7.64 22.26 7.12
C HIS A 6 8.69 21.68 6.17
N PHE A 7 9.78 21.15 6.70
CA PHE A 7 10.87 20.60 5.86
C PHE A 7 10.33 19.43 5.03
N TYR A 8 9.48 18.61 5.65
CA TYR A 8 8.95 17.39 4.97
C TYR A 8 7.62 17.67 4.24
N LYS A 9 7.05 18.86 4.42
CA LYS A 9 5.79 19.20 3.70
C LYS A 9 6.11 19.44 2.21
N PRO A 10 5.21 19.06 1.31
CA PRO A 10 5.40 19.27 -0.12
C PRO A 10 5.40 20.75 -0.45
N LEU A 11 6.25 21.16 -1.40
CA LEU A 11 6.36 22.57 -1.84
C LEU A 11 5.15 23.00 -2.69
N ALA A 12 4.51 22.06 -3.38
CA ALA A 12 3.36 22.43 -4.23
C ALA A 12 2.25 21.39 -4.04
N ALA A 13 1.00 21.85 -3.98
CA ALA A 13 -0.18 20.99 -3.77
C ALA A 13 -0.34 20.02 -4.94
N GLY A 14 -0.48 18.74 -4.64
CA GLY A 14 -0.55 17.67 -5.67
C GLY A 14 0.81 16.99 -5.83
N ALA A 15 1.84 17.58 -5.24
CA ALA A 15 3.17 16.95 -5.26
C ALA A 15 3.19 15.80 -4.27
N PRO A 16 4.04 14.81 -4.52
CA PRO A 16 4.19 13.62 -3.70
C PRO A 16 4.89 13.89 -2.37
N GLN A 17 4.64 13.07 -1.36
CA GLN A 17 5.21 13.22 0.00
C GLN A 17 6.73 13.04 -0.04
N PRO A 18 7.46 13.99 0.57
CA PRO A 18 8.92 14.01 0.65
C PRO A 18 9.48 12.74 1.30
N ILE A 19 10.76 12.44 1.06
CA ILE A 19 11.41 11.22 1.63
C ILE A 19 12.02 11.54 2.99
N LEU A 22 16.42 7.87 2.11
CA LEU A 22 17.05 7.57 0.80
C LEU A 22 16.76 6.12 0.43
N PRO A 23 16.29 5.88 -0.78
CA PRO A 23 16.01 4.52 -1.24
C PRO A 23 17.31 3.72 -1.24
N VAL A 24 17.24 2.41 -0.99
CA VAL A 24 18.49 1.60 -0.91
C VAL A 24 18.62 0.68 -2.13
N ARG A 25 19.67 0.92 -2.91
CA ARG A 25 20.12 0.19 -4.12
C ARG A 25 21.61 0.43 -4.34
N PRO A 26 22.28 -0.42 -5.10
CA PRO A 26 23.70 -0.23 -5.35
C PRO A 26 23.91 0.91 -6.34
N GLU A 27 24.88 1.79 -6.08
CA GLU A 27 25.19 2.93 -6.97
C GLU A 27 26.70 2.97 -7.20
N ARG A 28 27.31 1.84 -7.52
CA ARG A 28 28.78 1.72 -7.73
C ARG A 28 29.24 2.54 -8.93
N VAL A 29 28.51 2.47 -10.03
CA VAL A 29 28.90 3.18 -11.27
C VAL A 29 27.72 4.02 -11.76
N ILE A 30 27.99 5.26 -12.13
CA ILE A 30 26.98 6.15 -12.76
C ILE A 30 27.47 6.28 -14.19
N HIS A 31 26.78 5.66 -15.15
CA HIS A 31 27.25 5.65 -16.55
C HIS A 31 26.58 6.75 -17.36
N PHE A 32 27.39 7.60 -17.97
CA PHE A 32 26.91 8.78 -18.74
C PHE A 32 26.74 8.43 -20.22
N PHE A 33 25.69 8.95 -20.83
CA PHE A 33 25.47 8.69 -22.28
C PHE A 33 25.00 9.97 -22.97
N PRO A 34 25.39 10.17 -24.23
CA PRO A 34 24.94 11.33 -24.98
C PRO A 34 23.65 10.94 -25.66
N PRO A 35 22.55 11.57 -25.27
CA PRO A 35 21.19 11.27 -25.75
C PRO A 35 20.93 11.56 -27.22
N HIS A 36 21.68 12.50 -27.79
CA HIS A 36 21.55 12.91 -29.21
C HIS A 36 22.11 11.87 -30.17
N VAL A 37 23.02 11.00 -29.72
CA VAL A 37 23.63 10.00 -30.63
C VAL A 37 22.74 8.78 -30.77
N GLU A 38 22.34 8.47 -32.01
CA GLU A 38 21.44 7.35 -32.33
C GLU A 38 22.09 6.02 -31.95
N LYS A 39 23.39 5.86 -32.19
CA LYS A 39 24.05 4.58 -31.92
C LYS A 39 23.96 4.24 -30.44
N ILE A 40 24.24 5.20 -29.58
CA ILE A 40 24.19 5.01 -28.10
C ILE A 40 22.76 4.76 -27.61
N ARG A 41 21.81 5.54 -28.12
CA ARG A 41 20.37 5.48 -27.74
C ARG A 41 19.79 4.13 -28.13
N ALA A 42 20.22 3.60 -29.26
CA ALA A 42 19.74 2.30 -29.77
C ALA A 42 20.12 1.18 -28.80
N ARG A 43 21.26 1.28 -28.14
CA ARG A 43 21.73 0.19 -27.25
C ARG A 43 21.49 0.49 -25.77
N ILE A 44 20.65 1.46 -25.44
CA ILE A 44 20.43 1.83 -24.00
C ILE A 44 19.82 0.67 -23.22
N PRO A 45 18.86 -0.05 -23.79
CA PRO A 45 18.26 -1.13 -23.04
C PRO A 45 19.27 -2.22 -22.70
N GLU A 46 20.14 -2.55 -23.64
CA GLU A 46 21.18 -3.57 -23.38
C GLU A 46 22.24 -3.08 -22.41
N VAL A 47 22.65 -1.82 -22.51
CA VAL A 47 23.69 -1.20 -21.66
C VAL A 47 23.16 -0.99 -20.23
N ALA A 48 21.87 -0.66 -20.10
CA ALA A 48 21.25 -0.40 -18.79
C ALA A 48 21.42 -1.61 -17.85
N LYS A 49 21.37 -2.82 -18.41
CA LYS A 49 21.47 -4.06 -17.63
C LYS A 49 22.88 -4.25 -17.07
N GLN A 50 23.86 -3.53 -17.62
CA GLN A 50 25.27 -3.72 -17.24
C GLN A 50 25.70 -2.65 -16.24
N VAL A 51 24.82 -1.74 -15.83
CA VAL A 51 25.23 -0.67 -14.90
C VAL A 51 24.18 -0.49 -13.80
N ASP A 52 24.64 0.07 -12.67
CA ASP A 52 23.81 0.36 -11.51
C ASP A 52 22.95 1.58 -11.81
N VAL A 53 23.59 2.63 -12.30
CA VAL A 53 22.92 3.88 -12.60
C VAL A 53 23.28 4.30 -14.03
N LEU A 54 22.28 4.76 -14.76
CA LEU A 54 22.44 5.28 -16.11
C LEU A 54 22.02 6.77 -16.13
N CYS A 55 22.92 7.64 -16.57
CA CYS A 55 22.69 9.07 -16.47
C CYS A 55 22.77 9.75 -17.84
N GLY A 56 21.67 10.39 -18.24
CA GLY A 56 21.64 11.19 -19.47
C GLY A 56 22.33 12.52 -19.28
N ASN A 57 23.17 12.89 -20.26
CA ASN A 57 23.96 14.11 -20.19
C ASN A 57 23.42 15.13 -21.22
N LEU A 58 22.89 16.24 -20.72
CA LEU A 58 22.46 17.36 -21.57
C LEU A 58 23.48 18.50 -21.52
N GLU A 59 24.54 18.38 -20.73
CA GLU A 59 25.38 19.53 -20.33
C GLU A 59 26.74 19.45 -21.05
N ASP A 60 27.83 19.22 -20.33
CA ASP A 60 29.19 19.23 -20.88
C ASP A 60 29.28 18.25 -22.06
N ALA A 61 29.94 18.70 -23.14
CA ALA A 61 30.23 17.91 -24.35
C ALA A 61 28.96 17.65 -25.19
N ILE A 62 27.86 18.35 -24.92
CA ILE A 62 26.72 18.35 -25.84
C ILE A 62 26.64 19.72 -26.49
N PRO A 63 26.94 19.81 -27.79
CA PRO A 63 26.97 21.07 -28.53
C PRO A 63 25.69 21.88 -28.35
N ILE A 64 25.84 23.20 -28.46
CA ILE A 64 24.74 24.16 -28.32
C ILE A 64 23.63 23.80 -29.31
N ASP A 65 23.99 23.48 -30.54
CA ASP A 65 22.98 23.26 -31.57
C ASP A 65 22.41 21.84 -31.45
N ALA A 66 22.81 21.08 -30.44
CA ALA A 66 22.28 19.74 -30.20
C ALA A 66 21.63 19.64 -28.80
N LYS A 67 21.32 20.78 -28.18
CA LYS A 67 20.69 20.75 -26.85
C LYS A 67 19.27 20.17 -26.97
N GLU A 68 18.54 20.67 -27.94
CA GLU A 68 17.16 20.25 -28.15
C GLU A 68 17.13 18.78 -28.62
N ALA A 69 18.09 18.40 -29.44
CA ALA A 69 18.17 17.01 -29.92
C ALA A 69 18.49 16.07 -28.75
N ALA A 70 19.48 16.43 -27.94
CA ALA A 70 19.84 15.65 -26.75
C ALA A 70 18.67 15.57 -25.77
N ARG A 71 17.96 16.68 -25.56
CA ARG A 71 16.84 16.73 -24.64
C ARG A 71 15.74 15.78 -25.12
N ALA A 72 15.35 15.92 -26.38
CA ALA A 72 14.31 15.08 -27.00
C ALA A 72 14.78 13.61 -27.06
N GLY A 73 16.05 13.40 -27.38
CA GLY A 73 16.64 12.06 -27.37
C GLY A 73 16.53 11.40 -26.02
N PHE A 74 16.92 12.12 -24.98
CA PHE A 74 16.78 11.61 -23.64
C PHE A 74 15.32 11.22 -23.39
N ILE A 75 14.39 12.09 -23.75
CA ILE A 75 12.98 11.87 -23.43
C ILE A 75 12.45 10.63 -24.17
N GLU A 76 12.89 10.41 -25.40
CA GLU A 76 12.43 9.25 -26.18
C GLU A 76 12.87 7.95 -25.51
N VAL A 77 14.15 7.86 -25.15
CA VAL A 77 14.71 6.58 -24.71
C VAL A 77 14.29 6.30 -23.26
N ALA A 78 14.01 7.32 -22.47
CA ALA A 78 13.59 7.07 -21.09
C ALA A 78 12.11 6.68 -21.08
N ARG A 79 11.31 7.23 -21.99
CA ARG A 79 9.90 6.86 -22.06
C ARG A 79 9.77 5.40 -22.50
N ASN A 80 10.53 5.01 -23.52
CA ASN A 80 10.30 3.75 -24.25
C ASN A 80 10.94 2.56 -23.52
N THR A 81 12.03 2.78 -22.79
CA THR A 81 12.77 1.67 -22.19
C THR A 81 12.21 1.31 -20.81
N ASP A 82 12.12 0.02 -20.52
CA ASP A 82 12.00 -0.47 -19.14
C ASP A 82 13.42 -0.65 -18.62
N PHE A 83 13.77 0.11 -17.58
CA PHE A 83 15.16 0.13 -17.08
C PHE A 83 15.37 -0.93 -15.99
N GLY A 84 14.37 -1.74 -15.68
CA GLY A 84 14.51 -2.77 -14.67
C GLY A 84 14.97 -2.20 -13.34
N ASP A 85 16.13 -2.66 -12.86
CA ASP A 85 16.68 -2.27 -11.56
C ASP A 85 17.68 -1.12 -11.70
N THR A 86 18.02 -0.77 -12.94
CA THR A 86 18.96 0.32 -13.20
C THR A 86 18.27 1.65 -12.88
N ALA A 87 18.90 2.45 -12.03
CA ALA A 87 18.38 3.77 -11.73
C ALA A 87 18.58 4.68 -12.96
N LEU A 88 17.61 5.54 -13.22
CA LEU A 88 17.71 6.47 -14.33
C LEU A 88 17.91 7.90 -13.81
N TRP A 89 19.02 8.50 -14.23
CA TRP A 89 19.37 9.87 -13.85
C TRP A 89 19.42 10.74 -15.11
N VAL A 90 19.46 12.05 -14.90
CA VAL A 90 19.77 12.98 -15.96
C VAL A 90 20.58 14.13 -15.37
N ARG A 91 21.62 14.55 -16.09
CA ARG A 91 22.30 15.79 -15.81
C ARG A 91 21.76 16.87 -16.75
N VAL A 92 21.00 17.80 -16.21
CA VAL A 92 20.49 18.93 -16.98
C VAL A 92 21.57 20.01 -17.05
N ASN A 93 21.27 21.06 -17.82
CA ASN A 93 22.17 22.19 -18.01
C ASN A 93 22.13 23.11 -16.78
N ALA A 94 23.11 24.01 -16.69
CA ALA A 94 23.35 24.82 -15.51
C ALA A 94 22.21 25.84 -15.32
N LEU A 95 22.04 26.30 -14.07
CA LEU A 95 20.88 27.11 -13.67
C LEU A 95 20.96 28.51 -14.28
N ASN A 96 22.13 28.91 -14.79
CA ASN A 96 22.27 30.22 -15.43
C ASN A 96 22.10 30.08 -16.95
N SER A 97 21.71 28.88 -17.43
CA SER A 97 21.80 28.58 -18.86
C SER A 97 20.47 28.84 -19.57
N PRO A 98 20.55 28.96 -20.92
CA PRO A 98 19.37 29.14 -21.75
C PRO A 98 18.55 27.85 -21.94
N TRP A 99 19.04 26.70 -21.47
CA TRP A 99 18.41 25.41 -21.75
C TRP A 99 17.78 24.79 -20.50
N VAL A 100 18.07 25.34 -19.31
CA VAL A 100 17.72 24.65 -18.07
C VAL A 100 16.20 24.60 -17.87
N LEU A 101 15.48 25.70 -18.15
CA LEU A 101 14.01 25.71 -17.94
C LEU A 101 13.36 24.61 -18.78
N ASP A 102 13.71 24.58 -20.07
CA ASP A 102 13.18 23.60 -21.01
C ASP A 102 13.59 22.19 -20.57
N ASP A 103 14.87 22.02 -20.19
CA ASP A 103 15.38 20.73 -19.76
C ASP A 103 14.45 20.12 -18.70
N ILE A 104 14.32 20.83 -17.58
CA ILE A 104 13.60 20.31 -16.43
C ILE A 104 12.12 20.15 -16.78
N ALA A 105 11.52 21.16 -17.39
CA ALA A 105 10.10 21.11 -17.67
C ALA A 105 9.77 19.91 -18.57
N ASP A 106 10.43 19.80 -19.71
CA ASP A 106 10.08 18.77 -20.69
C ASP A 106 10.25 17.39 -20.06
N ILE A 107 11.36 17.18 -19.34
CA ILE A 107 11.69 15.86 -18.78
C ILE A 107 10.66 15.45 -17.71
N VAL A 108 10.17 16.38 -16.90
CA VAL A 108 9.20 16.03 -15.87
C VAL A 108 7.88 15.65 -16.53
N ALA A 109 7.50 16.41 -17.56
CA ALA A 109 6.19 16.27 -18.17
C ALA A 109 6.07 14.91 -18.88
N THR A 110 7.14 14.45 -19.51
CA THR A 110 7.08 13.28 -20.38
C THR A 110 7.52 12.02 -19.62
N VAL A 111 8.47 12.13 -18.68
CA VAL A 111 9.04 10.93 -18.05
C VAL A 111 9.32 11.15 -16.56
N GLY A 112 8.60 12.06 -15.91
CA GLY A 112 8.84 12.41 -14.49
C GLY A 112 8.82 11.20 -13.57
N ASN A 113 7.85 10.30 -13.78
CA ASN A 113 7.70 9.07 -12.95
C ASN A 113 8.88 8.12 -13.13
N LYS A 114 9.60 8.22 -14.24
CA LYS A 114 10.70 7.31 -14.55
C LYS A 114 12.00 7.81 -13.93
N LEU A 115 12.10 9.11 -13.66
CA LEU A 115 13.37 9.74 -13.29
C LEU A 115 13.60 9.63 -11.78
N ASP A 116 14.69 8.99 -11.38
CA ASP A 116 15.00 8.85 -9.98
C ASP A 116 15.73 10.11 -9.49
N VAL A 117 16.75 10.57 -10.23
CA VAL A 117 17.63 11.62 -9.73
C VAL A 117 17.93 12.63 -10.84
N MET A 118 18.03 13.90 -10.45
CA MET A 118 18.37 14.99 -11.34
C MET A 118 19.66 15.65 -10.84
N MET A 119 20.68 15.63 -11.69
CA MET A 119 21.98 16.19 -11.38
C MET A 119 22.04 17.65 -11.83
N ILE A 120 22.37 18.54 -10.91
CA ILE A 120 22.38 19.98 -11.14
C ILE A 120 23.84 20.43 -11.22
N PRO A 121 24.27 20.95 -12.37
CA PRO A 121 25.64 21.48 -12.44
C PRO A 121 25.87 22.66 -11.50
N LYS A 122 27.07 22.74 -10.95
CA LYS A 122 27.66 23.97 -10.45
C LYS A 122 26.79 24.58 -9.34
N VAL A 123 26.38 23.77 -8.38
CA VAL A 123 25.61 24.25 -7.23
C VAL A 123 26.52 25.12 -6.34
N GLU A 124 26.16 26.40 -6.20
CA GLU A 124 26.98 27.34 -5.43
C GLU A 124 26.47 27.44 -3.98
N GLY A 125 25.21 27.16 -3.71
CA GLY A 125 24.67 27.36 -2.37
C GLY A 125 23.24 26.87 -2.22
N PRO A 126 22.65 27.07 -1.04
CA PRO A 126 21.31 26.53 -0.78
C PRO A 126 20.23 27.12 -1.71
N TRP A 127 20.41 28.36 -2.13
CA TRP A 127 19.45 29.07 -3.02
C TRP A 127 19.27 28.31 -4.34
N ASP A 128 20.35 27.75 -4.87
CA ASP A 128 20.25 26.92 -6.09
C ASP A 128 19.31 25.73 -5.84
N ILE A 129 19.47 25.07 -4.69
CA ILE A 129 18.60 23.93 -4.30
C ILE A 129 17.16 24.41 -4.11
N HIS A 130 16.99 25.57 -3.48
CA HIS A 130 15.65 26.07 -3.22
C HIS A 130 14.89 26.26 -4.54
N PHE A 131 15.57 26.70 -5.59
CA PHE A 131 14.94 26.92 -6.90
C PHE A 131 14.51 25.60 -7.54
N VAL A 132 15.43 24.64 -7.57
CA VAL A 132 15.21 23.37 -8.23
C VAL A 132 14.09 22.60 -7.50
N ASP A 133 14.09 22.68 -6.17
CA ASP A 133 13.11 21.98 -5.37
C ASP A 133 11.72 22.53 -5.68
N GLN A 134 11.59 23.86 -5.66
CA GLN A 134 10.28 24.48 -5.83
C GLN A 134 9.78 24.26 -7.25
N TYR A 135 10.68 24.36 -8.23
CA TYR A 135 10.36 24.19 -9.64
C TYR A 135 9.86 22.76 -9.88
N LEU A 136 10.65 21.77 -9.44
CA LEU A 136 10.28 20.35 -9.57
C LEU A 136 8.93 20.10 -8.90
N ALA A 137 8.72 20.68 -7.72
CA ALA A 137 7.48 20.50 -6.99
C ALA A 137 6.29 20.94 -7.85
N LEU A 138 6.38 22.13 -8.44
CA LEU A 138 5.27 22.71 -9.22
C LEU A 138 5.02 21.88 -10.48
N LEU A 139 6.09 21.35 -11.07
CA LEU A 139 6.01 20.53 -12.28
C LEU A 139 5.48 19.14 -11.93
N GLU A 140 5.85 18.62 -10.76
CA GLU A 140 5.37 17.31 -10.30
C GLU A 140 3.86 17.38 -10.06
N ALA A 141 3.41 18.48 -9.45
CA ALA A 141 1.99 18.69 -9.20
C ALA A 141 1.25 18.72 -10.54
N LYS A 142 1.76 19.52 -11.48
CA LYS A 142 1.12 19.78 -12.75
C LYS A 142 0.92 18.47 -13.53
N HIS A 143 1.91 17.58 -13.49
CA HIS A 143 1.91 16.37 -14.32
C HIS A 143 1.66 15.12 -13.47
N GLN A 144 1.28 15.33 -12.22
CA GLN A 144 0.80 14.28 -11.32
C GLN A 144 1.87 13.18 -11.16
N ILE A 145 3.08 13.60 -10.82
CA ILE A 145 4.20 12.67 -10.64
C ILE A 145 4.10 12.04 -9.23
N GLN A 146 4.12 10.72 -9.19
CA GLN A 146 3.79 9.96 -7.99
C GLN A 146 4.96 9.97 -7.01
N LYS A 147 6.18 9.94 -7.54
CA LYS A 147 7.38 9.79 -6.73
C LYS A 147 8.29 11.01 -6.95
N PRO A 148 8.62 11.75 -5.87
CA PRO A 148 9.41 12.98 -6.04
C PRO A 148 10.81 12.70 -6.59
N ILE A 149 11.26 13.56 -7.50
CA ILE A 149 12.57 13.45 -8.12
C ILE A 149 13.62 14.03 -7.16
N LEU A 150 14.67 13.25 -6.89
CA LEU A 150 15.71 13.66 -5.95
C LEU A 150 16.69 14.59 -6.66
N ILE A 151 17.53 15.28 -5.88
CA ILE A 151 18.45 16.27 -6.39
C ILE A 151 19.88 15.87 -6.01
N HIS A 152 20.75 15.86 -7.01
CA HIS A 152 22.14 15.51 -6.85
C HIS A 152 22.99 16.72 -7.25
N ALA A 153 23.82 17.22 -6.33
CA ALA A 153 24.55 18.46 -6.56
C ALA A 153 25.95 18.16 -7.11
N LEU A 154 26.29 18.78 -8.23
CA LEU A 154 27.64 18.66 -8.78
C LEU A 154 28.50 19.79 -8.22
N LEU A 155 29.59 19.44 -7.54
CA LEU A 155 30.47 20.45 -6.88
C LEU A 155 31.58 20.85 -7.84
N GLU A 156 31.51 22.09 -8.33
CA GLU A 156 32.37 22.59 -9.40
C GLU A 156 32.96 23.97 -9.07
N THR A 157 32.78 24.49 -7.85
CA THR A 157 33.34 25.80 -7.50
C THR A 157 33.75 25.82 -6.02
N ALA A 158 34.59 26.79 -5.69
CA ALA A 158 35.08 27.01 -4.34
C ALA A 158 33.93 27.46 -3.41
N GLN A 159 33.05 28.31 -3.91
CA GLN A 159 31.89 28.77 -3.17
C GLN A 159 31.02 27.56 -2.77
N GLY A 160 30.83 26.63 -3.70
CA GLY A 160 30.03 25.46 -3.44
C GLY A 160 30.60 24.64 -2.30
N MET A 161 31.91 24.42 -2.34
CA MET A 161 32.60 23.62 -1.33
C MET A 161 32.50 24.30 0.03
N MET A 162 32.63 25.63 0.04
CA MET A 162 32.49 26.41 1.26
C MET A 162 31.06 26.28 1.81
N ASN A 163 30.07 26.14 0.91
CA ASN A 163 28.64 26.14 1.23
C ASN A 163 28.08 24.71 1.32
N LEU A 164 28.95 23.71 1.44
CA LEU A 164 28.56 22.31 1.29
C LEU A 164 27.50 21.92 2.35
N GLU A 165 27.65 22.34 3.60
CA GLU A 165 26.70 21.97 4.68
C GLU A 165 25.31 22.55 4.39
N ALA A 166 25.28 23.83 4.01
CA ALA A 166 24.03 24.52 3.65
C ALA A 166 23.38 23.83 2.44
N ILE A 167 24.18 23.43 1.45
CA ILE A 167 23.64 22.78 0.26
C ILE A 167 23.01 21.44 0.67
N ALA A 168 23.74 20.68 1.49
CA ALA A 168 23.29 19.34 1.91
C ALA A 168 21.94 19.41 2.63
N GLY A 169 21.68 20.48 3.39
CA GLY A 169 20.50 20.54 4.27
C GLY A 169 19.38 21.39 3.69
N ALA A 170 19.45 21.73 2.40
CA ALA A 170 18.58 22.76 1.82
C ALA A 170 17.23 22.18 1.38
N SER A 171 17.14 20.85 1.25
CA SER A 171 15.91 20.20 0.78
C SER A 171 15.89 18.73 1.22
N PRO A 172 14.71 18.17 1.48
CA PRO A 172 14.63 16.73 1.66
C PRO A 172 14.76 15.93 0.36
N ARG A 173 14.78 16.62 -0.79
CA ARG A 173 15.03 15.94 -2.08
C ARG A 173 16.51 15.59 -2.24
N MET A 174 17.41 16.21 -1.49
CA MET A 174 18.86 15.95 -1.66
C MET A 174 19.13 14.44 -1.65
N HIS A 175 19.97 14.00 -2.59
CA HIS A 175 20.39 12.60 -2.70
C HIS A 175 21.90 12.46 -2.42
N GLY A 176 22.70 13.39 -2.91
CA GLY A 176 24.14 13.28 -2.74
C GLY A 176 24.90 14.34 -3.50
N PHE A 177 26.21 14.12 -3.62
CA PHE A 177 27.13 15.04 -4.27
C PHE A 177 28.06 14.28 -5.19
N SER A 178 28.42 14.89 -6.31
CA SER A 178 29.51 14.41 -7.15
C SER A 178 30.55 15.52 -7.26
N LEU A 179 31.81 15.14 -7.18
CA LEU A 179 32.88 16.07 -7.41
C LEU A 179 32.99 16.32 -8.93
N GLY A 180 33.02 17.59 -9.32
CA GLY A 180 33.30 17.98 -10.72
C GLY A 180 34.72 18.48 -10.85
N PRO A 181 35.70 17.57 -11.01
CA PRO A 181 37.12 17.90 -10.86
C PRO A 181 37.65 18.94 -11.87
N ALA A 182 37.15 18.90 -13.11
CA ALA A 182 37.62 19.79 -14.13
C ALA A 182 37.32 21.23 -13.72
N ASP A 183 36.02 21.51 -13.53
CA ASP A 183 35.55 22.83 -13.18
C ASP A 183 36.03 23.21 -11.77
N LEU A 184 35.99 22.29 -10.82
CA LEU A 184 36.38 22.63 -9.44
C LEU A 184 37.87 23.01 -9.39
N ALA A 185 38.70 22.30 -10.16
CA ALA A 185 40.13 22.62 -10.21
C ALA A 185 40.33 24.00 -10.84
N ALA A 186 39.60 24.27 -11.93
CA ALA A 186 39.67 25.53 -12.65
C ALA A 186 39.27 26.69 -11.74
N SER A 187 38.22 26.48 -10.95
CA SER A 187 37.70 27.48 -10.03
C SER A 187 38.76 27.81 -8.97
N ARG A 188 39.32 26.78 -8.36
CA ARG A 188 40.26 26.94 -7.24
C ARG A 188 41.60 27.51 -7.71
N GLY A 189 41.93 27.37 -9.00
CA GLY A 189 43.28 27.65 -9.50
C GLY A 189 44.20 26.45 -9.27
N MET A 190 43.57 25.32 -9.03
CA MET A 190 44.21 24.05 -8.77
C MET A 190 44.70 23.47 -10.11
N LYS A 191 45.92 22.93 -10.16
CA LYS A 191 46.47 22.43 -11.44
C LYS A 191 46.61 20.90 -11.38
N THR A 192 46.02 20.25 -12.38
CA THR A 192 46.06 18.80 -12.52
C THR A 192 46.39 18.45 -13.98
N THR A 193 46.89 17.24 -14.19
CA THR A 193 47.36 16.81 -15.51
C THR A 193 46.28 15.99 -16.22
N ARG A 194 45.30 15.48 -15.46
CA ARG A 194 44.18 14.75 -16.04
C ARG A 194 42.91 15.13 -15.27
N VAL A 195 41.77 15.13 -15.95
CA VAL A 195 40.47 15.39 -15.30
C VAL A 195 40.20 14.31 -14.26
N GLY A 196 40.09 14.72 -13.00
CA GLY A 196 39.83 13.82 -11.90
C GLY A 196 41.08 13.10 -11.44
N GLY A 197 42.25 13.62 -11.81
CA GLY A 197 43.54 13.07 -11.39
C GLY A 197 44.35 14.10 -10.63
N GLY A 198 45.55 13.72 -10.20
CA GLY A 198 46.38 14.62 -9.40
C GLY A 198 47.42 15.34 -10.25
N HIS A 199 48.65 15.35 -9.75
CA HIS A 199 49.76 16.01 -10.42
C HIS A 199 51.09 15.41 -9.92
N PRO A 200 51.97 15.00 -10.84
CA PRO A 200 53.22 14.32 -10.49
C PRO A 200 54.15 15.15 -9.60
N PHE A 201 54.16 16.47 -9.78
CA PHE A 201 55.05 17.37 -9.04
C PHE A 201 54.41 17.90 -7.74
N TYR A 202 53.27 17.33 -7.30
CA TYR A 202 52.74 17.66 -5.97
C TYR A 202 53.22 16.61 -4.96
N GLY A 203 54.20 16.98 -4.17
CA GLY A 203 54.81 16.01 -3.24
C GLY A 203 55.77 16.67 -2.28
N VAL A 204 56.29 15.89 -1.34
CA VAL A 204 57.28 16.41 -0.40
C VAL A 204 58.67 15.90 -0.81
N LEU A 205 59.63 16.80 -0.72
CA LEU A 205 61.04 16.53 -1.03
C LEU A 205 61.73 16.13 0.28
N ALA A 206 62.30 14.93 0.33
CA ALA A 206 62.98 14.46 1.55
C ALA A 206 64.25 15.26 1.82
N ASP A 207 64.62 15.40 3.09
CA ASP A 207 65.83 16.18 3.45
C ASP A 207 67.06 15.50 2.85
N PRO A 208 68.00 16.28 2.36
CA PRO A 208 69.19 15.70 1.80
C PRO A 208 69.89 14.97 2.95
N GLN A 209 70.26 13.71 2.77
CA GLN A 209 70.98 12.94 3.82
C GLN A 209 71.66 11.72 3.20
N ARG A 215 67.73 13.32 -3.97
CA ARG A 215 66.82 13.05 -2.82
C ARG A 215 65.44 12.64 -3.32
N PRO A 216 64.81 11.76 -2.56
CA PRO A 216 63.50 11.21 -2.86
C PRO A 216 62.38 12.25 -2.87
N PHE A 217 61.32 11.90 -3.54
CA PHE A 217 60.16 12.77 -3.68
C PHE A 217 58.89 11.94 -3.58
N TYR A 218 58.18 12.07 -2.46
CA TYR A 218 56.95 11.31 -2.21
C TYR A 218 55.74 12.13 -2.67
N GLN A 219 55.01 11.61 -3.65
CA GLN A 219 53.84 12.28 -4.23
C GLN A 219 52.70 12.28 -3.22
N GLN A 220 51.99 13.40 -3.14
CA GLN A 220 50.82 13.53 -2.27
C GLN A 220 49.55 13.56 -3.12
N ASP A 221 48.42 13.22 -2.50
CA ASP A 221 47.11 13.23 -3.14
C ASP A 221 46.53 14.65 -3.05
N LEU A 222 46.08 15.18 -4.18
CA LEU A 222 45.59 16.55 -4.24
C LEU A 222 44.15 16.63 -3.70
N TRP A 223 43.41 15.52 -3.74
CA TRP A 223 41.96 15.56 -3.53
C TRP A 223 41.59 15.14 -2.10
N HIS A 224 42.57 14.94 -1.23
CA HIS A 224 42.32 14.36 0.10
C HIS A 224 41.32 15.23 0.89
N TYR A 225 41.60 16.53 1.01
CA TYR A 225 40.77 17.45 1.79
C TYR A 225 39.36 17.49 1.22
N THR A 226 39.30 17.71 -0.10
CA THR A 226 38.05 17.83 -0.84
C THR A 226 37.19 16.58 -0.65
N ILE A 227 37.78 15.39 -0.74
CA ILE A 227 37.00 14.16 -0.65
C ILE A 227 36.57 13.94 0.82
N ALA A 228 37.52 14.15 1.73
CA ALA A 228 37.26 13.95 3.15
C ALA A 228 36.12 14.87 3.60
N ARG A 229 36.13 16.11 3.10
CA ARG A 229 35.09 17.09 3.42
C ARG A 229 33.76 16.65 2.81
N MET A 230 33.74 16.36 1.51
CA MET A 230 32.52 15.93 0.84
C MET A 230 31.87 14.77 1.61
N VAL A 231 32.66 13.81 2.07
CA VAL A 231 32.14 12.59 2.71
C VAL A 231 31.53 12.95 4.07
N ASP A 232 32.21 13.76 4.87
CA ASP A 232 31.68 14.09 6.22
C ASP A 232 30.32 14.80 6.07
N VAL A 233 30.28 15.84 5.25
CA VAL A 233 29.08 16.66 5.12
C VAL A 233 27.94 15.80 4.58
N ALA A 234 28.23 14.97 3.59
CA ALA A 234 27.19 14.18 2.93
C ALA A 234 26.63 13.15 3.91
N VAL A 235 27.52 12.45 4.60
CA VAL A 235 27.13 11.31 5.43
C VAL A 235 26.42 11.83 6.69
N ALA A 236 26.86 12.95 7.24
CA ALA A 236 26.17 13.58 8.39
C ALA A 236 24.72 13.95 8.05
N HIS A 237 24.43 14.25 6.78
CA HIS A 237 23.05 14.58 6.37
C HIS A 237 22.33 13.34 5.84
N GLY A 238 22.97 12.18 5.84
CA GLY A 238 22.35 10.97 5.31
C GLY A 238 22.33 10.93 3.79
N LEU A 239 23.29 11.60 3.16
CA LEU A 239 23.40 11.61 1.70
C LEU A 239 24.58 10.73 1.28
N ARG A 240 24.83 10.64 -0.01
CA ARG A 240 25.96 9.87 -0.50
C ARG A 240 26.91 10.77 -1.29
N ALA A 241 28.21 10.60 -1.05
CA ALA A 241 29.24 11.25 -1.83
C ALA A 241 29.64 10.35 -3.00
N PHE A 242 29.99 10.96 -4.13
CA PHE A 242 30.45 10.21 -5.29
C PHE A 242 31.68 10.91 -5.85
N TYR A 243 32.67 10.11 -6.25
CA TYR A 243 33.73 10.61 -7.09
C TYR A 243 33.12 10.89 -8.46
N GLY A 244 33.47 12.02 -9.07
CA GLY A 244 32.98 12.28 -10.41
C GLY A 244 33.69 11.40 -11.43
N PRO A 245 33.99 11.97 -12.59
CA PRO A 245 34.63 11.25 -13.67
C PRO A 245 36.16 11.20 -13.52
N PHE A 246 36.75 10.17 -14.11
CA PHE A 246 38.16 10.15 -14.42
C PHE A 246 38.33 10.29 -15.94
N GLY A 247 39.15 11.24 -16.37
CA GLY A 247 39.15 11.71 -17.77
C GLY A 247 40.06 10.91 -18.69
N ASP A 248 41.15 10.34 -18.15
CA ASP A 248 42.13 9.55 -18.94
C ASP A 248 41.59 8.12 -19.11
N ILE A 249 40.85 7.90 -20.19
CA ILE A 249 40.06 6.66 -20.41
C ILE A 249 41.02 5.47 -20.56
N LYS A 250 42.18 5.71 -21.16
CA LYS A 250 43.14 4.66 -21.47
C LYS A 250 43.86 4.19 -20.20
N ASP A 251 44.27 5.14 -19.35
CA ASP A 251 45.06 4.82 -18.17
C ASP A 251 44.17 4.14 -17.12
N GLU A 252 43.95 2.85 -17.31
CA GLU A 252 43.02 2.05 -16.49
C GLU A 252 43.57 1.81 -15.08
N ALA A 253 44.90 1.82 -14.93
CA ALA A 253 45.51 1.55 -13.62
C ALA A 253 45.34 2.75 -12.70
N ALA A 254 45.48 3.96 -13.26
CA ALA A 254 45.30 5.21 -12.50
C ALA A 254 43.82 5.42 -12.15
N CYS A 255 42.94 4.99 -13.04
CA CYS A 255 41.50 5.07 -12.81
C CYS A 255 41.11 4.24 -11.59
N GLU A 256 41.60 3.00 -11.54
CA GLU A 256 41.34 2.09 -10.43
C GLU A 256 41.94 2.65 -9.14
N ALA A 257 43.15 3.19 -9.24
CA ALA A 257 43.85 3.78 -8.11
C ALA A 257 43.03 4.94 -7.53
N GLN A 258 42.53 5.79 -8.42
CA GLN A 258 41.79 6.99 -8.02
C GLN A 258 40.42 6.58 -7.45
N PHE A 259 39.72 5.70 -8.16
CA PHE A 259 38.41 5.20 -7.71
C PHE A 259 38.54 4.53 -6.34
N ARG A 260 39.63 3.79 -6.13
CA ARG A 260 39.81 2.99 -4.93
C ARG A 260 40.02 3.91 -3.73
N ASN A 261 40.81 4.96 -3.93
CA ASN A 261 41.03 5.98 -2.89
C ASN A 261 39.68 6.51 -2.42
N ALA A 262 38.80 6.81 -3.37
CA ALA A 262 37.50 7.39 -3.04
C ALA A 262 36.63 6.36 -2.30
N PHE A 263 36.68 5.10 -2.73
CA PHE A 263 35.88 4.05 -2.08
C PHE A 263 36.27 3.95 -0.60
N LEU A 264 37.56 4.00 -0.32
CA LEU A 264 38.09 3.79 1.03
C LEU A 264 37.75 4.98 1.95
N LEU A 265 37.81 6.20 1.42
CA LEU A 265 37.48 7.37 2.20
C LEU A 265 35.97 7.41 2.46
N GLY A 266 35.18 6.77 1.59
CA GLY A 266 33.77 6.51 1.89
C GLY A 266 32.79 6.93 0.79
N CYS A 267 33.27 7.13 -0.45
CA CYS A 267 32.36 7.41 -1.58
C CYS A 267 31.66 6.11 -1.98
N THR A 268 30.47 6.26 -2.57
CA THR A 268 29.59 5.15 -2.90
C THR A 268 29.84 4.68 -4.34
N GLY A 269 30.43 5.52 -5.17
CA GLY A 269 30.55 5.21 -6.58
C GLY A 269 31.34 6.27 -7.34
N ALA A 270 31.47 6.06 -8.64
CA ALA A 270 32.16 6.98 -9.53
C ALA A 270 31.44 7.01 -10.88
N TRP A 271 31.76 8.02 -11.68
CA TRP A 271 31.21 8.12 -13.02
C TRP A 271 32.01 7.21 -13.95
N SER A 272 31.35 6.65 -14.95
CA SER A 272 32.03 6.02 -16.10
C SER A 272 31.74 6.84 -17.35
N LEU A 273 32.79 7.22 -18.07
CA LEU A 273 32.67 8.01 -19.30
C LEU A 273 33.02 7.16 -20.53
N ALA A 274 33.16 5.85 -20.34
CA ALA A 274 33.44 4.94 -21.44
C ALA A 274 33.18 3.50 -20.99
N PRO A 275 32.92 2.58 -21.92
CA PRO A 275 32.54 1.19 -21.59
C PRO A 275 33.57 0.48 -20.70
N ASN A 276 34.85 0.81 -20.87
CA ASN A 276 35.91 0.11 -20.15
C ASN A 276 35.92 0.54 -18.68
N GLN A 277 35.27 1.65 -18.35
CA GLN A 277 35.27 2.15 -16.96
C GLN A 277 34.14 1.49 -16.16
N ILE A 278 33.18 0.87 -16.82
CA ILE A 278 32.06 0.22 -16.12
C ILE A 278 32.57 -0.89 -15.20
N PRO A 279 33.33 -1.86 -15.73
CA PRO A 279 33.82 -2.95 -14.86
C PRO A 279 34.75 -2.46 -13.74
N ILE A 280 35.57 -1.43 -13.99
CA ILE A 280 36.50 -0.92 -12.97
C ILE A 280 35.69 -0.38 -11.78
N ALA A 281 34.73 0.48 -12.10
CA ALA A 281 33.89 1.12 -11.11
C ALA A 281 33.15 0.06 -10.28
N LYS A 282 32.48 -0.87 -10.94
CA LYS A 282 31.67 -1.90 -10.24
C LYS A 282 32.58 -2.78 -9.39
N ARG A 283 33.79 -3.05 -9.89
CA ARG A 283 34.78 -3.82 -9.14
C ARG A 283 35.21 -3.02 -7.90
N VAL A 284 35.64 -1.78 -8.12
CA VAL A 284 36.32 -1.00 -7.08
C VAL A 284 35.34 -0.60 -5.97
N PHE A 285 34.09 -0.32 -6.32
CA PHE A 285 33.12 0.16 -5.33
C PHE A 285 32.29 -0.99 -4.76
N SER A 286 32.64 -2.23 -5.13
CA SER A 286 32.27 -3.42 -4.37
C SER A 286 33.37 -3.74 -3.36
N PRO A 287 33.00 -4.27 -2.18
CA PRO A 287 34.04 -4.58 -1.19
C PRO A 287 34.92 -5.74 -1.67
N ASP A 288 36.23 -5.61 -1.42
CA ASP A 288 37.23 -6.64 -1.74
C ASP A 288 36.96 -7.89 -0.88
N VAL A 289 36.99 -9.06 -1.52
CA VAL A 289 36.59 -10.33 -0.88
C VAL A 289 37.55 -10.69 0.27
N ASN A 290 38.81 -10.23 0.20
CA ASN A 290 39.74 -10.36 1.33
C ASN A 290 39.13 -9.70 2.58
N GLU A 291 38.62 -8.49 2.41
CA GLU A 291 38.10 -7.69 3.52
C GLU A 291 36.77 -8.25 4.01
N VAL A 292 35.98 -8.86 3.12
CA VAL A 292 34.68 -9.43 3.50
C VAL A 292 34.91 -10.65 4.41
N LEU A 293 36.05 -11.33 4.24
CA LEU A 293 36.37 -12.52 5.04
C LEU A 293 36.82 -12.08 6.44
N PHE A 294 37.80 -11.17 6.50
CA PHE A 294 38.27 -10.64 7.79
C PHE A 294 37.14 -9.88 8.49
N ALA A 295 36.18 -9.36 7.73
CA ALA A 295 34.97 -8.74 8.28
C ALA A 295 34.05 -9.82 8.88
N LYS A 296 33.76 -10.87 8.12
CA LYS A 296 32.89 -11.95 8.59
C LYS A 296 33.57 -12.70 9.74
N ARG A 297 34.90 -12.61 9.82
CA ARG A 297 35.65 -13.13 10.98
C ARG A 297 35.24 -12.35 12.24
N ILE A 298 35.11 -11.04 12.13
CA ILE A 298 34.78 -10.17 13.28
C ILE A 298 33.31 -10.36 13.67
N LEU A 299 32.41 -10.47 12.68
CA LEU A 299 30.98 -10.65 12.97
C LEU A 299 30.74 -11.99 13.68
N ASP A 300 31.53 -12.99 13.30
CA ASP A 300 31.50 -14.33 13.93
C ASP A 300 32.13 -14.29 15.32
N ALA A 301 33.24 -13.56 15.49
CA ALA A 301 33.92 -13.54 16.80
C ALA A 301 32.96 -13.01 17.87
N MET A 302 32.23 -11.93 17.59
CA MET A 302 31.22 -11.43 18.56
C MET A 302 29.87 -11.62 17.87
N PRO A 303 28.96 -12.38 18.47
CA PRO A 303 27.65 -12.67 17.88
C PRO A 303 26.81 -11.40 17.73
N ASP A 304 26.93 -10.55 18.73
CA ASP A 304 26.25 -9.23 18.79
C ASP A 304 27.30 -8.13 19.03
N GLY A 305 26.86 -6.90 19.17
CA GLY A 305 27.85 -5.81 19.32
C GLY A 305 28.72 -5.97 20.55
N SER A 306 28.17 -6.44 21.65
CA SER A 306 28.92 -6.51 22.94
C SER A 306 30.11 -7.45 22.86
N GLY A 307 31.21 -7.09 23.55
CA GLY A 307 32.36 -7.99 23.67
C GLY A 307 33.68 -7.46 23.17
N VAL A 308 34.72 -8.28 23.33
CA VAL A 308 36.12 -8.04 22.88
C VAL A 308 36.62 -9.29 22.14
N ALA A 309 37.63 -9.15 21.27
CA ALA A 309 38.13 -10.33 20.56
C ALA A 309 39.61 -10.09 20.23
N MET A 310 40.44 -11.12 20.48
CA MET A 310 41.91 -11.07 20.29
C MET A 310 42.50 -10.01 21.22
N GLY A 313 45.72 -10.88 16.06
CA GLY A 313 46.41 -10.13 17.10
C GLY A 313 46.02 -8.65 17.10
N LYS A 314 44.77 -8.39 16.73
CA LYS A 314 44.22 -7.02 16.65
C LYS A 314 42.95 -6.94 17.48
N MET A 315 42.80 -5.86 18.25
CA MET A 315 41.67 -5.70 19.17
C MET A 315 40.41 -5.32 18.38
N GLN A 316 39.38 -6.14 18.55
CA GLN A 316 38.04 -5.88 18.00
C GLN A 316 37.11 -5.49 19.15
N ASP A 317 35.91 -5.01 18.81
CA ASP A 317 34.88 -4.66 19.80
C ASP A 317 33.55 -4.38 19.08
N ASP A 318 32.65 -3.64 19.73
CA ASP A 318 31.37 -3.25 19.12
C ASP A 318 31.63 -2.35 17.89
N ALA A 319 32.67 -1.51 17.95
CA ALA A 319 32.96 -0.56 16.87
C ALA A 319 33.40 -1.31 15.61
N THR A 320 34.37 -2.22 15.75
CA THR A 320 34.85 -3.04 14.63
C THR A 320 33.72 -3.93 14.09
N TRP A 321 32.80 -4.33 14.97
CA TRP A 321 31.60 -5.06 14.56
C TRP A 321 30.77 -4.19 13.60
N LYS A 322 30.64 -2.90 13.93
CA LYS A 322 29.92 -1.95 13.07
C LYS A 322 30.69 -1.76 11.75
N GLN A 323 32.02 -1.66 11.82
CA GLN A 323 32.85 -1.54 10.61
C GLN A 323 32.63 -2.77 9.72
N ALA A 324 32.55 -3.94 10.33
CA ALA A 324 32.38 -5.20 9.62
C ALA A 324 30.96 -5.30 9.03
N LYS A 325 29.97 -4.82 9.76
CA LYS A 325 28.58 -4.86 9.31
C LYS A 325 28.42 -4.00 8.05
N VAL A 326 29.11 -2.86 7.98
CA VAL A 326 29.07 -1.98 6.79
C VAL A 326 29.55 -2.77 5.56
N ILE A 327 30.73 -3.36 5.66
CA ILE A 327 31.37 -4.06 4.53
C ILE A 327 30.56 -5.31 4.15
N VAL A 328 29.96 -5.99 5.13
CA VAL A 328 29.20 -7.24 4.87
C VAL A 328 27.78 -6.90 4.39
N ASP A 329 27.21 -5.79 4.87
CA ASP A 329 25.86 -5.36 4.46
C ASP A 329 25.86 -4.89 2.99
N LEU A 330 27.02 -4.43 2.53
CA LEU A 330 27.19 -3.91 1.16
C LEU A 330 27.46 -5.07 0.17
N ALA A 331 28.39 -5.95 0.54
CA ALA A 331 28.78 -7.10 -0.30
C ALA A 331 27.59 -8.03 -0.54
N ARG A 332 26.60 -8.01 0.37
CA ARG A 332 25.40 -8.84 0.25
C ARG A 332 24.36 -8.16 -0.64
N MET A 333 24.23 -6.84 -0.52
CA MET A 333 23.26 -6.09 -1.33
C MET A 333 23.59 -6.26 -2.82
N ILE A 334 24.88 -6.29 -3.14
CA ILE A 334 25.35 -6.28 -4.53
C ILE A 334 25.02 -7.61 -5.21
N ALA A 335 25.31 -8.73 -4.55
CA ALA A 335 25.14 -10.06 -5.14
C ALA A 335 23.65 -10.43 -5.21
N LYS A 336 23.07 -10.41 -6.41
CA LYS A 336 21.68 -10.86 -6.62
C LYS A 336 21.58 -11.55 -7.98
N ASP A 338 27.82 -12.64 -10.82
CA ASP A 338 27.96 -11.91 -9.57
C ASP A 338 29.01 -12.61 -8.69
N PRO A 339 29.48 -11.93 -7.63
CA PRO A 339 30.47 -12.52 -6.71
C PRO A 339 29.93 -13.73 -5.94
N GLU A 340 28.80 -13.56 -5.24
CA GLU A 340 28.13 -14.64 -4.49
C GLU A 340 29.13 -15.34 -3.57
N LEU A 341 29.64 -14.60 -2.58
CA LEU A 341 30.58 -15.14 -1.60
C LEU A 341 30.23 -14.58 -0.21
N LEU B 3 19.91 17.59 10.12
CA LEU B 3 19.34 17.45 11.51
C LEU B 3 17.82 17.16 11.49
N PRO B 4 17.10 17.58 10.44
CA PRO B 4 15.70 17.11 10.26
C PRO B 4 15.49 15.59 10.19
N ILE B 5 16.49 14.82 9.74
CA ILE B 5 16.37 13.34 9.73
C ILE B 5 16.62 12.81 11.15
N HIS B 6 17.47 13.50 11.91
CA HIS B 6 17.84 13.07 13.27
C HIS B 6 16.91 13.73 14.32
N PHE B 7 16.08 14.68 13.90
CA PHE B 7 15.18 15.39 14.81
C PHE B 7 14.08 14.43 15.31
N TYR B 8 13.53 13.62 14.40
CA TYR B 8 12.36 12.78 14.71
C TYR B 8 12.78 11.36 15.10
N LYS B 9 14.07 11.12 15.35
CA LYS B 9 14.53 9.83 15.87
C LYS B 9 14.25 9.77 17.37
N PRO B 10 14.01 8.56 17.92
CA PRO B 10 13.96 8.42 19.39
C PRO B 10 15.36 8.63 19.99
N LEU B 11 15.45 9.43 21.05
CA LEU B 11 16.75 9.79 21.63
C LEU B 11 17.18 8.74 22.67
N ALA B 12 16.41 7.65 22.78
CA ALA B 12 16.81 6.48 23.57
C ALA B 12 16.15 5.22 22.97
N ALA B 13 16.80 4.06 23.17
CA ALA B 13 16.33 2.78 22.63
C ALA B 13 15.33 2.15 23.59
N GLY B 14 14.04 2.27 23.27
CA GLY B 14 12.94 1.81 24.13
C GLY B 14 11.85 2.86 24.23
N ALA B 15 12.24 4.12 24.17
CA ALA B 15 11.30 5.25 24.17
C ALA B 15 10.59 5.32 22.81
N PRO B 16 9.34 5.85 22.80
CA PRO B 16 8.50 5.86 21.60
C PRO B 16 8.88 6.96 20.60
N GLN B 17 8.34 6.85 19.38
CA GLN B 17 8.72 7.74 18.28
C GLN B 17 8.22 9.16 18.58
N PRO B 18 9.11 10.17 18.54
CA PRO B 18 8.71 11.56 18.76
C PRO B 18 7.53 11.96 17.85
N ILE B 19 6.48 12.52 18.45
CA ILE B 19 5.18 12.68 17.78
C ILE B 19 5.35 13.62 16.58
N ARG B 20 4.61 13.34 15.50
CA ARG B 20 4.72 14.08 14.23
C ARG B 20 4.04 15.45 14.36
N GLU B 21 2.90 15.50 15.06
CA GLU B 21 2.21 16.77 15.36
C GLU B 21 1.57 16.69 16.76
N LEU B 22 1.07 17.82 17.24
CA LEU B 22 0.43 17.87 18.56
C LEU B 22 -0.95 17.18 18.50
N PRO B 23 -1.40 16.61 19.64
CA PRO B 23 -2.79 16.15 19.81
C PRO B 23 -3.79 17.32 19.68
N VAL B 24 -5.04 17.02 19.31
CA VAL B 24 -6.04 18.05 18.97
C VAL B 24 -7.20 17.98 19.97
N ARG B 25 -7.03 18.68 21.09
CA ARG B 25 -8.02 18.83 22.17
C ARG B 25 -8.11 20.32 22.55
N PRO B 26 -9.19 20.75 23.22
CA PRO B 26 -9.26 22.15 23.67
C PRO B 26 -8.31 22.40 24.85
N GLU B 27 -7.74 23.60 24.95
CA GLU B 27 -6.74 23.95 26.00
C GLU B 27 -6.97 25.39 26.48
N ARG B 28 -8.21 25.67 26.88
CA ARG B 28 -8.66 27.04 27.16
C ARG B 28 -8.27 27.47 28.57
N VAL B 29 -8.23 26.50 29.48
CA VAL B 29 -7.89 26.76 30.86
C VAL B 29 -6.90 25.69 31.30
N ILE B 30 -5.87 26.13 32.01
CA ILE B 30 -4.89 25.26 32.63
C ILE B 30 -4.99 25.45 34.14
N HIS B 31 -5.78 24.59 34.79
CA HIS B 31 -6.08 24.78 36.20
C HIS B 31 -4.96 24.18 37.06
N PHE B 32 -4.38 25.03 37.90
CA PHE B 32 -3.28 24.65 38.77
C PHE B 32 -3.81 24.09 40.10
N PHE B 33 -3.05 23.17 40.72
CA PHE B 33 -3.42 22.68 42.05
C PHE B 33 -2.17 22.26 42.83
N PRO B 34 -2.10 22.64 44.12
CA PRO B 34 -1.04 22.21 45.04
C PRO B 34 -1.26 20.77 45.53
N PRO B 35 -0.46 19.80 45.05
CA PRO B 35 -0.77 18.40 45.34
C PRO B 35 -0.48 17.97 46.78
N HIS B 36 0.28 18.76 47.54
CA HIS B 36 0.61 18.42 48.94
C HIS B 36 -0.59 18.60 49.88
N VAL B 37 -1.66 19.27 49.41
CA VAL B 37 -2.83 19.57 50.25
C VAL B 37 -3.90 18.49 50.05
N GLU B 38 -4.29 17.80 51.13
CA GLU B 38 -5.22 16.65 51.08
C GLU B 38 -6.59 17.06 50.53
N LYS B 39 -7.07 18.23 50.95
CA LYS B 39 -8.44 18.68 50.60
C LYS B 39 -8.56 18.86 49.08
N ILE B 40 -7.45 19.29 48.48
CA ILE B 40 -7.36 19.56 47.06
C ILE B 40 -7.30 18.23 46.31
N ARG B 41 -6.47 17.32 46.77
CA ARG B 41 -6.34 16.04 46.05
C ARG B 41 -7.68 15.34 46.04
N ALA B 42 -8.43 15.46 47.13
CA ALA B 42 -9.68 14.74 47.32
C ALA B 42 -10.71 15.13 46.24
N ARG B 43 -10.67 16.39 45.81
CA ARG B 43 -11.69 16.93 44.89
C ARG B 43 -11.16 17.00 43.45
N ILE B 44 -9.98 16.42 43.16
CA ILE B 44 -9.38 16.52 41.82
C ILE B 44 -10.27 15.82 40.78
N PRO B 45 -10.85 14.65 41.13
CA PRO B 45 -11.71 13.97 40.15
C PRO B 45 -12.93 14.81 39.74
N GLU B 46 -13.45 15.62 40.66
CA GLU B 46 -14.59 16.49 40.39
C GLU B 46 -14.13 17.69 39.54
N VAL B 47 -13.02 18.30 39.95
CA VAL B 47 -12.47 19.49 39.29
C VAL B 47 -12.07 19.16 37.86
N ALA B 48 -11.43 18.00 37.68
CA ALA B 48 -10.93 17.53 36.38
C ALA B 48 -12.03 17.50 35.32
N LYS B 49 -13.28 17.27 35.72
CA LYS B 49 -14.36 17.16 34.73
C LYS B 49 -14.78 18.56 34.26
N GLN B 50 -14.27 19.62 34.87
CA GLN B 50 -14.72 20.97 34.54
C GLN B 50 -13.65 21.77 33.78
N VAL B 51 -12.47 21.17 33.56
CA VAL B 51 -11.34 21.90 32.97
C VAL B 51 -10.80 21.10 31.78
N ASP B 52 -10.15 21.83 30.87
CA ASP B 52 -9.55 21.24 29.68
C ASP B 52 -8.19 20.65 30.07
N VAL B 53 -7.50 21.35 30.96
CA VAL B 53 -6.18 20.92 31.40
C VAL B 53 -6.11 21.09 32.92
N LEU B 54 -5.56 20.08 33.57
CA LEU B 54 -5.23 20.13 34.98
C LEU B 54 -3.71 20.01 35.11
N CYS B 55 -3.09 20.88 35.90
CA CYS B 55 -1.62 20.93 36.00
C CYS B 55 -1.19 20.96 37.47
N GLY B 56 -0.50 19.91 37.90
CA GLY B 56 0.07 19.91 39.24
C GLY B 56 1.23 20.87 39.32
N ASN B 57 1.42 21.52 40.45
CA ASN B 57 2.47 22.50 40.63
C ASN B 57 3.41 22.00 41.73
N LEU B 58 4.70 21.86 41.43
CA LEU B 58 5.71 21.46 42.42
C LEU B 58 6.65 22.64 42.74
N GLU B 59 6.54 23.74 41.98
CA GLU B 59 7.55 24.82 42.01
C GLU B 59 7.07 25.94 42.96
N ASP B 60 6.78 27.12 42.42
CA ASP B 60 6.50 28.30 43.22
C ASP B 60 5.17 28.14 43.96
N ALA B 61 5.14 28.68 45.18
CA ALA B 61 3.98 28.64 46.12
C ALA B 61 4.02 27.35 46.95
N ILE B 62 4.82 26.35 46.55
CA ILE B 62 5.06 25.16 47.37
C ILE B 62 6.28 25.44 48.25
N PRO B 63 6.10 25.42 49.58
CA PRO B 63 7.25 25.70 50.46
C PRO B 63 8.29 24.58 50.39
N ILE B 64 9.50 24.84 50.87
CA ILE B 64 10.61 23.88 50.76
C ILE B 64 10.29 22.62 51.56
N ASP B 65 9.60 22.79 52.68
CA ASP B 65 9.23 21.65 53.55
C ASP B 65 8.29 20.70 52.80
N ALA B 66 7.53 21.21 51.83
CA ALA B 66 6.42 20.47 51.23
C ALA B 66 6.80 19.84 49.88
N LYS B 67 8.03 19.96 49.44
CA LYS B 67 8.39 19.53 48.08
C LYS B 67 8.15 18.03 47.93
N GLU B 68 8.62 17.23 48.91
CA GLU B 68 8.46 15.77 48.87
C GLU B 68 6.97 15.40 48.91
N ALA B 69 6.19 16.11 49.71
CA ALA B 69 4.77 15.82 49.88
C ALA B 69 4.02 16.16 48.59
N ALA B 70 4.38 17.28 47.96
CA ALA B 70 3.75 17.72 46.71
C ALA B 70 4.07 16.73 45.58
N ARG B 71 5.34 16.32 45.52
CA ARG B 71 5.78 15.30 44.58
C ARG B 71 4.91 14.03 44.76
N ALA B 72 4.94 13.47 45.96
CA ALA B 72 4.19 12.23 46.30
C ALA B 72 2.69 12.44 46.11
N GLY B 73 2.20 13.62 46.48
CA GLY B 73 0.77 13.91 46.34
C GLY B 73 0.33 13.94 44.90
N PHE B 74 1.20 14.41 44.01
CA PHE B 74 0.84 14.44 42.57
C PHE B 74 0.80 13.01 42.05
N ILE B 75 1.79 12.21 42.44
CA ILE B 75 1.86 10.81 41.96
C ILE B 75 0.60 10.06 42.36
N GLU B 76 0.13 10.26 43.60
CA GLU B 76 -1.07 9.61 44.15
C GLU B 76 -2.33 10.06 43.43
N VAL B 77 -2.44 11.33 43.09
CA VAL B 77 -3.66 11.83 42.41
C VAL B 77 -3.73 11.25 41.00
N ALA B 78 -2.62 11.31 40.27
CA ALA B 78 -2.56 10.87 38.86
C ALA B 78 -2.76 9.37 38.74
N ARG B 79 -2.23 8.62 39.71
CA ARG B 79 -2.36 7.14 39.75
C ARG B 79 -3.80 6.71 39.95
N ASN B 80 -4.51 7.36 40.88
CA ASN B 80 -5.88 6.95 41.28
C ASN B 80 -6.97 7.57 40.42
N THR B 81 -6.72 8.68 39.74
CA THR B 81 -7.81 9.38 39.03
C THR B 81 -7.89 9.03 37.54
N ASP B 82 -9.08 9.03 36.97
CA ASP B 82 -9.26 8.88 35.52
C ASP B 82 -9.62 10.28 35.04
N PHE B 83 -8.75 10.88 34.23
CA PHE B 83 -8.91 12.28 33.86
C PHE B 83 -9.84 12.43 32.64
N GLY B 84 -10.21 11.32 32.00
CA GLY B 84 -11.16 11.37 30.90
C GLY B 84 -10.58 12.11 29.71
N ASP B 85 -11.26 13.15 29.26
CA ASP B 85 -10.76 13.96 28.17
C ASP B 85 -9.87 15.10 28.70
N THR B 86 -9.69 15.19 30.03
CA THR B 86 -8.84 16.23 30.60
C THR B 86 -7.37 15.82 30.47
N ALA B 87 -6.54 16.77 30.01
CA ALA B 87 -5.11 16.55 29.93
C ALA B 87 -4.50 16.74 31.33
N LEU B 88 -3.46 15.99 31.61
CA LEU B 88 -2.75 16.13 32.87
C LEU B 88 -1.35 16.69 32.58
N TRP B 89 -1.03 17.80 33.23
CA TRP B 89 0.29 18.42 33.21
C TRP B 89 0.89 18.38 34.62
N VAL B 90 2.18 18.68 34.70
CA VAL B 90 2.82 18.97 35.96
C VAL B 90 3.93 20.01 35.73
N ARG B 91 4.04 20.97 36.63
CA ARG B 91 5.16 21.89 36.63
C ARG B 91 6.19 21.40 37.66
N VAL B 92 7.26 20.79 37.17
CA VAL B 92 8.33 20.34 38.05
C VAL B 92 9.14 21.55 38.51
N ASN B 93 10.08 21.31 39.42
CA ASN B 93 10.92 22.39 39.95
C ASN B 93 11.98 22.77 38.90
N ALA B 94 12.75 23.81 39.18
CA ALA B 94 13.68 24.38 38.20
C ALA B 94 14.89 23.46 37.98
N LEU B 95 15.57 23.65 36.85
CA LEU B 95 16.64 22.76 36.41
C LEU B 95 17.90 22.93 37.27
N ASN B 96 18.00 24.03 38.02
CA ASN B 96 19.18 24.30 38.86
C ASN B 96 18.89 23.95 40.33
N SER B 97 17.81 23.21 40.59
CA SER B 97 17.27 23.04 41.95
C SER B 97 17.55 21.63 42.48
N PRO B 98 17.52 21.46 43.81
CA PRO B 98 17.77 20.15 44.41
C PRO B 98 16.59 19.15 44.35
N TRP B 99 15.48 19.51 43.68
CA TRP B 99 14.29 18.65 43.66
C TRP B 99 13.99 18.12 42.25
N VAL B 100 14.67 18.61 41.23
CA VAL B 100 14.19 18.36 39.86
C VAL B 100 14.56 16.94 39.42
N LEU B 101 15.78 16.48 39.66
CA LEU B 101 16.16 15.13 39.27
C LEU B 101 15.10 14.12 39.73
N ASP B 102 14.70 14.25 41.01
CA ASP B 102 13.73 13.35 41.63
C ASP B 102 12.31 13.64 41.14
N ASP B 103 11.97 14.92 40.96
CA ASP B 103 10.63 15.28 40.47
C ASP B 103 10.34 14.50 39.18
N ILE B 104 11.22 14.63 38.19
CA ILE B 104 10.97 14.05 36.88
C ILE B 104 11.02 12.52 36.99
N ALA B 105 12.08 11.99 37.62
CA ALA B 105 12.33 10.55 37.72
C ALA B 105 11.15 9.83 38.37
N ASP B 106 10.77 10.25 39.56
CA ASP B 106 9.70 9.58 40.31
C ASP B 106 8.40 9.63 39.50
N ILE B 107 8.11 10.77 38.88
CA ILE B 107 6.82 10.98 38.21
C ILE B 107 6.75 10.13 36.93
N VAL B 108 7.85 10.02 36.19
CA VAL B 108 7.83 9.26 34.93
C VAL B 108 7.66 7.77 35.25
N ALA B 109 8.43 7.29 36.23
CA ALA B 109 8.37 5.87 36.65
C ALA B 109 6.95 5.49 37.07
N THR B 110 6.34 6.36 37.89
CA THR B 110 5.09 6.04 38.55
C THR B 110 3.89 6.28 37.62
N VAL B 111 3.87 7.40 36.90
CA VAL B 111 2.66 7.79 36.16
C VAL B 111 3.02 8.37 34.78
N GLY B 112 4.09 7.87 34.17
CA GLY B 112 4.55 8.36 32.87
C GLY B 112 3.50 8.24 31.78
N ASN B 113 2.69 7.19 31.83
CA ASN B 113 1.69 6.94 30.78
C ASN B 113 0.43 7.77 31.02
N LYS B 114 0.35 8.53 32.12
CA LYS B 114 -0.80 9.41 32.38
C LYS B 114 -0.42 10.89 32.23
N LEU B 115 0.87 11.21 32.18
CA LEU B 115 1.30 12.60 32.04
C LEU B 115 1.38 12.97 30.55
N ASP B 116 0.69 14.03 30.16
CA ASP B 116 0.66 14.48 28.78
C ASP B 116 1.78 15.50 28.53
N VAL B 117 2.01 16.42 29.47
CA VAL B 117 2.92 17.53 29.26
C VAL B 117 3.65 17.86 30.57
N MET B 118 4.94 18.14 30.46
CA MET B 118 5.73 18.56 31.61
C MET B 118 6.13 20.03 31.40
N MET B 119 5.73 20.88 32.32
CA MET B 119 6.05 22.30 32.27
C MET B 119 7.38 22.54 33.00
N ILE B 120 8.35 23.13 32.30
CA ILE B 120 9.67 23.44 32.87
C ILE B 120 9.74 24.94 33.19
N PRO B 121 9.99 25.28 34.48
CA PRO B 121 10.13 26.69 34.86
C PRO B 121 11.41 27.35 34.33
N LYS B 122 11.36 28.66 34.18
CA LYS B 122 12.53 29.54 34.07
C LYS B 122 13.47 29.10 32.93
N VAL B 123 12.92 28.59 31.83
CA VAL B 123 13.73 28.17 30.67
C VAL B 123 14.44 29.40 30.08
N GLU B 124 15.76 29.29 29.93
CA GLU B 124 16.59 30.42 29.48
C GLU B 124 17.19 30.17 28.08
N GLY B 125 17.23 28.92 27.62
CA GLY B 125 17.78 28.62 26.30
C GLY B 125 17.53 27.18 25.89
N PRO B 126 17.94 26.82 24.66
CA PRO B 126 17.74 25.49 24.08
C PRO B 126 18.48 24.37 24.83
N TRP B 127 19.53 24.74 25.54
CA TRP B 127 20.29 23.80 26.37
C TRP B 127 19.38 23.22 27.46
N ASP B 128 18.55 24.05 28.07
CA ASP B 128 17.60 23.56 29.07
C ASP B 128 16.74 22.47 28.44
N ILE B 129 16.29 22.71 27.21
CA ILE B 129 15.39 21.80 26.51
C ILE B 129 16.15 20.51 26.14
N HIS B 130 17.40 20.64 25.72
CA HIS B 130 18.20 19.46 25.38
C HIS B 130 18.29 18.52 26.58
N PHE B 131 18.60 19.09 27.74
CA PHE B 131 18.70 18.31 28.97
C PHE B 131 17.41 17.52 29.23
N VAL B 132 16.27 18.19 29.15
CA VAL B 132 15.01 17.58 29.55
C VAL B 132 14.62 16.49 28.54
N ASP B 133 14.78 16.80 27.25
CA ASP B 133 14.44 15.85 26.19
C ASP B 133 15.20 14.55 26.43
N GLN B 134 16.52 14.65 26.61
CA GLN B 134 17.39 13.48 26.74
C GLN B 134 17.05 12.70 28.02
N TYR B 135 16.80 13.43 29.10
CA TYR B 135 16.51 12.86 30.41
C TYR B 135 15.16 12.13 30.38
N LEU B 136 14.15 12.77 29.79
CA LEU B 136 12.83 12.14 29.59
C LEU B 136 12.96 10.90 28.69
N ALA B 137 13.80 10.99 27.66
CA ALA B 137 13.98 9.89 26.71
C ALA B 137 14.50 8.65 27.44
N LEU B 138 15.51 8.84 28.30
CA LEU B 138 16.10 7.75 29.07
C LEU B 138 15.06 7.18 30.04
N LEU B 139 14.41 8.05 30.81
CA LEU B 139 13.40 7.59 31.76
C LEU B 139 12.30 6.83 31.01
N GLU B 140 11.76 7.42 29.96
CA GLU B 140 10.67 6.79 29.18
C GLU B 140 11.07 5.37 28.77
N ALA B 141 12.31 5.20 28.31
CA ALA B 141 12.81 3.89 27.86
C ALA B 141 12.84 2.92 29.04
N LYS B 142 13.48 3.35 30.13
CA LYS B 142 13.63 2.53 31.32
C LYS B 142 12.27 2.04 31.83
N HIS B 143 11.23 2.87 31.77
CA HIS B 143 9.93 2.50 32.34
C HIS B 143 8.92 2.19 31.23
N GLN B 144 9.40 1.92 30.01
CA GLN B 144 8.56 1.49 28.87
C GLN B 144 7.31 2.37 28.76
N ILE B 145 7.50 3.68 28.62
CA ILE B 145 6.38 4.63 28.54
C ILE B 145 5.88 4.70 27.09
N GLN B 146 4.58 4.55 26.89
CA GLN B 146 4.02 4.27 25.56
C GLN B 146 3.97 5.55 24.71
N LYS B 147 3.46 6.65 25.26
CA LYS B 147 3.40 7.93 24.54
C LYS B 147 4.44 8.89 25.12
N PRO B 148 5.10 9.68 24.26
CA PRO B 148 6.17 10.55 24.72
C PRO B 148 5.62 11.80 25.44
N ILE B 149 6.26 12.17 26.54
CA ILE B 149 5.86 13.31 27.34
C ILE B 149 6.37 14.59 26.65
N LEU B 150 5.45 15.51 26.36
CA LEU B 150 5.79 16.77 25.70
C LEU B 150 6.36 17.74 26.73
N ILE B 151 7.03 18.79 26.25
CA ILE B 151 7.68 19.80 27.10
C ILE B 151 7.00 21.16 26.90
N HIS B 152 6.81 21.88 28.00
CA HIS B 152 6.19 23.19 27.97
C HIS B 152 7.09 24.19 28.69
N ALA B 153 7.50 25.24 27.98
CA ALA B 153 8.49 26.19 28.51
C ALA B 153 7.79 27.39 29.14
N LEU B 154 8.14 27.67 30.39
CA LEU B 154 7.76 28.92 31.03
C LEU B 154 8.76 30.01 30.62
N LEU B 155 8.26 31.13 30.10
CA LEU B 155 9.10 32.30 29.79
C LEU B 155 9.06 33.27 30.99
N GLU B 156 10.12 33.25 31.79
CA GLU B 156 10.21 34.03 33.01
C GLU B 156 11.49 34.87 33.06
N THR B 157 12.23 34.97 31.97
CA THR B 157 13.50 35.71 31.98
C THR B 157 13.72 36.41 30.62
N ALA B 158 14.48 37.49 30.67
CA ALA B 158 14.86 38.23 29.47
C ALA B 158 15.58 37.29 28.50
N GLN B 159 16.55 36.54 29.02
CA GLN B 159 17.34 35.61 28.23
C GLN B 159 16.40 34.61 27.52
N GLY B 160 15.44 34.07 28.25
CA GLY B 160 14.43 33.20 27.67
C GLY B 160 13.68 33.89 26.53
N MET B 161 13.28 35.15 26.73
CA MET B 161 12.60 35.92 25.67
C MET B 161 13.55 36.13 24.48
N MET B 162 14.84 36.30 24.75
CA MET B 162 15.81 36.57 23.68
C MET B 162 16.07 35.31 22.86
N ASN B 163 16.05 34.15 23.53
CA ASN B 163 16.38 32.87 22.92
C ASN B 163 15.11 32.13 22.47
N LEU B 164 13.98 32.83 22.38
CA LEU B 164 12.69 32.16 22.20
C LEU B 164 12.69 31.27 20.95
N GLU B 165 13.22 31.77 19.83
CA GLU B 165 13.27 30.99 18.58
C GLU B 165 14.05 29.69 18.80
N ALA B 166 15.18 29.75 19.51
CA ALA B 166 16.01 28.57 19.73
C ALA B 166 15.30 27.57 20.67
N ILE B 167 14.63 28.08 21.69
CA ILE B 167 13.89 27.25 22.63
C ILE B 167 12.81 26.47 21.87
N ALA B 168 12.04 27.18 21.04
CA ALA B 168 10.90 26.60 20.31
C ALA B 168 11.37 25.50 19.34
N GLY B 169 12.57 25.61 18.79
CA GLY B 169 13.04 24.66 17.80
C GLY B 169 13.87 23.54 18.43
N ALA B 170 13.94 23.46 19.75
CA ALA B 170 14.99 22.69 20.40
C ALA B 170 14.63 21.20 20.46
N SER B 171 13.35 20.84 20.39
CA SER B 171 12.94 19.42 20.47
C SER B 171 11.54 19.22 19.89
N PRO B 172 11.27 18.03 19.31
CA PRO B 172 9.92 17.68 18.83
C PRO B 172 8.93 17.39 19.98
N ARG B 173 9.43 17.22 21.20
CA ARG B 173 8.56 17.15 22.37
C ARG B 173 7.89 18.51 22.64
N MET B 174 8.47 19.60 22.15
CA MET B 174 7.96 20.93 22.49
C MET B 174 6.45 21.01 22.21
N HIS B 175 5.74 21.55 23.19
CA HIS B 175 4.29 21.71 23.14
C HIS B 175 3.94 23.18 22.88
N GLY B 176 4.58 24.08 23.61
CA GLY B 176 4.21 25.49 23.56
C GLY B 176 4.81 26.27 24.70
N PHE B 177 4.27 27.47 24.92
CA PHE B 177 4.85 28.42 25.86
C PHE B 177 3.77 28.98 26.78
N SER B 178 4.17 29.25 28.02
CA SER B 178 3.37 30.05 28.94
C SER B 178 4.21 31.26 29.40
N LEU B 179 3.53 32.38 29.56
CA LEU B 179 4.13 33.59 30.14
C LEU B 179 4.21 33.42 31.67
N GLY B 180 5.38 33.65 32.26
CA GLY B 180 5.47 33.78 33.72
C GLY B 180 5.71 35.23 34.11
N PRO B 181 4.63 36.03 34.17
CA PRO B 181 4.76 37.49 34.12
C PRO B 181 5.32 38.12 35.41
N ALA B 182 5.13 37.49 36.56
CA ALA B 182 5.76 38.00 37.79
C ALA B 182 7.28 37.92 37.64
N ASP B 183 7.75 36.71 37.31
CA ASP B 183 9.18 36.44 37.24
C ASP B 183 9.79 37.21 36.06
N LEU B 184 9.02 37.33 34.99
CA LEU B 184 9.49 38.00 33.77
C LEU B 184 9.59 39.50 34.01
N ALA B 185 8.66 40.06 34.77
CA ALA B 185 8.74 41.48 35.15
C ALA B 185 9.97 41.72 36.04
N ALA B 186 10.22 40.81 36.98
CA ALA B 186 11.37 40.96 37.88
C ALA B 186 12.66 40.87 37.09
N SER B 187 12.78 39.83 36.27
CA SER B 187 13.96 39.62 35.43
C SER B 187 14.24 40.87 34.58
N ARG B 188 13.18 41.48 34.04
CA ARG B 188 13.28 42.62 33.11
C ARG B 188 13.50 43.93 33.84
N GLY B 189 13.07 44.01 35.11
CA GLY B 189 13.01 45.28 35.83
C GLY B 189 11.74 46.05 35.51
N MET B 190 10.70 45.37 35.02
CA MET B 190 9.38 46.00 34.85
C MET B 190 8.77 46.31 36.22
N LYS B 191 7.83 47.22 36.21
CA LYS B 191 7.05 47.55 37.41
C LYS B 191 5.58 47.33 37.04
N THR B 192 4.97 46.37 37.66
CA THR B 192 3.54 46.12 37.40
C THR B 192 2.81 46.28 38.73
N THR B 193 1.55 46.64 38.71
CA THR B 193 0.86 46.78 40.02
C THR B 193 0.25 45.44 40.40
N ARG B 194 0.21 44.51 39.49
CA ARG B 194 -0.40 43.21 39.83
C ARG B 194 0.44 42.09 39.22
N VAL B 195 0.31 40.87 39.68
CA VAL B 195 1.13 39.83 39.00
C VAL B 195 0.64 39.72 37.57
N GLY B 196 1.53 39.71 36.60
CA GLY B 196 1.00 39.53 35.24
C GLY B 196 -0.01 40.59 34.91
N GLY B 197 0.28 41.83 35.26
CA GLY B 197 -0.72 42.87 34.93
C GLY B 197 -0.10 44.20 34.53
N GLY B 198 -0.87 45.03 33.91
CA GLY B 198 -0.35 46.32 33.44
C GLY B 198 -0.14 47.29 34.58
N HIS B 199 0.34 48.46 34.29
CA HIS B 199 0.48 49.50 35.33
C HIS B 199 -0.42 50.67 34.94
N PRO B 200 -1.11 51.27 35.89
CA PRO B 200 -1.98 52.42 35.76
C PRO B 200 -1.23 53.62 35.18
N PHE B 201 0.04 53.78 35.53
CA PHE B 201 0.86 54.93 35.08
C PHE B 201 1.60 54.63 33.78
N TYR B 202 1.36 53.51 33.12
CA TYR B 202 1.96 53.32 31.79
C TYR B 202 0.95 53.85 30.79
N GLY B 203 1.24 54.97 30.17
CA GLY B 203 0.26 55.60 29.28
C GLY B 203 0.82 56.81 28.55
N VAL B 204 -0.01 57.39 27.69
CA VAL B 204 0.32 58.57 26.90
C VAL B 204 -0.47 59.77 27.41
N LEU B 205 0.25 60.87 27.59
CA LEU B 205 -0.32 62.15 27.97
C LEU B 205 -0.62 62.94 26.70
N ALA B 206 -1.87 63.34 26.51
CA ALA B 206 -2.26 64.12 25.33
C ALA B 206 -1.59 65.50 25.38
N ASP B 207 -1.59 66.20 24.25
CA ASP B 207 -0.94 67.49 24.15
C ASP B 207 -1.79 68.54 24.88
N PRO B 208 -1.16 69.62 25.38
CA PRO B 208 -1.89 70.66 26.11
C PRO B 208 -2.97 71.32 25.24
N GLN B 209 -4.17 71.46 25.81
CA GLN B 209 -5.34 71.98 25.08
C GLN B 209 -5.52 73.47 25.41
N GLU B 210 -6.60 74.06 24.89
CA GLU B 210 -6.87 75.50 25.06
C GLU B 210 -7.78 75.74 26.28
N GLY B 211 -8.78 74.88 26.48
CA GLY B 211 -9.92 75.21 27.36
C GLY B 211 -10.03 74.29 28.57
N GLN B 212 -10.01 72.98 28.35
CA GLN B 212 -10.27 71.99 29.41
C GLN B 212 -9.10 71.98 30.42
N GLU B 213 -7.88 72.04 29.91
CA GLU B 213 -6.65 72.19 30.72
C GLU B 213 -6.45 70.97 31.63
N HIS B 214 -7.33 69.96 31.54
CA HIS B 214 -7.02 68.60 32.01
C HIS B 214 -6.59 67.76 30.81
N ARG B 215 -5.35 67.29 30.83
CA ARG B 215 -4.78 66.47 29.77
C ARG B 215 -5.26 65.02 29.90
N PRO B 216 -5.97 64.50 28.87
CA PRO B 216 -6.36 63.09 28.92
C PRO B 216 -5.14 62.16 28.94
N PHE B 217 -5.26 61.05 29.68
CA PHE B 217 -4.15 60.11 29.83
C PHE B 217 -4.60 58.72 29.38
N TYR B 218 -4.09 58.28 28.23
CA TYR B 218 -4.51 57.04 27.59
C TYR B 218 -3.57 55.89 28.00
N GLN B 219 -4.08 54.98 28.82
CA GLN B 219 -3.26 53.88 29.34
C GLN B 219 -2.92 52.91 28.19
N GLN B 220 -1.75 52.28 28.32
CA GLN B 220 -1.23 51.38 27.28
C GLN B 220 -0.99 50.00 27.89
N ASP B 221 -0.77 49.03 27.02
CA ASP B 221 -0.61 47.62 27.40
C ASP B 221 0.88 47.30 27.51
N LEU B 222 1.30 46.90 28.72
CA LEU B 222 2.69 46.53 29.01
C LEU B 222 3.10 45.26 28.23
N TRP B 223 2.14 44.40 27.90
CA TRP B 223 2.45 43.05 27.49
C TRP B 223 2.32 42.85 25.99
N HIS B 224 2.12 43.93 25.22
CA HIS B 224 1.86 43.80 23.78
C HIS B 224 3.06 43.13 23.10
N TYR B 225 4.24 43.73 23.24
CA TYR B 225 5.44 43.26 22.57
C TYR B 225 5.66 41.79 22.93
N THR B 226 5.63 41.50 24.23
CA THR B 226 5.87 40.16 24.76
C THR B 226 4.91 39.15 24.12
N ILE B 227 3.62 39.43 24.16
CA ILE B 227 2.63 38.45 23.74
C ILE B 227 2.66 38.31 22.21
N ALA B 228 2.87 39.43 21.51
CA ALA B 228 2.96 39.38 20.05
C ALA B 228 4.15 38.50 19.64
N ARG B 229 5.28 38.65 20.33
CA ARG B 229 6.50 37.91 19.98
C ARG B 229 6.31 36.40 20.26
N MET B 230 5.77 36.08 21.44
CA MET B 230 5.51 34.69 21.84
C MET B 230 4.59 34.01 20.79
N VAL B 231 3.51 34.67 20.40
CA VAL B 231 2.56 34.08 19.44
C VAL B 231 3.28 33.78 18.13
N ASP B 232 3.98 34.76 17.57
CA ASP B 232 4.61 34.60 16.27
C ASP B 232 5.57 33.41 16.30
N VAL B 233 6.42 33.38 17.32
CA VAL B 233 7.46 32.35 17.40
C VAL B 233 6.79 30.99 17.60
N ALA B 234 5.82 30.92 18.50
CA ALA B 234 5.17 29.66 18.81
C ALA B 234 4.41 29.13 17.58
N VAL B 235 3.61 29.99 16.96
CA VAL B 235 2.77 29.54 15.86
C VAL B 235 3.65 29.21 14.64
N ALA B 236 4.78 29.88 14.47
CA ALA B 236 5.65 29.60 13.34
C ALA B 236 6.35 28.24 13.51
N HIS B 237 6.41 27.72 14.74
CA HIS B 237 6.99 26.40 15.02
C HIS B 237 5.90 25.33 15.24
N GLY B 238 4.62 25.66 15.04
CA GLY B 238 3.52 24.69 15.23
C GLY B 238 3.13 24.48 16.68
N LEU B 239 3.50 25.42 17.55
CA LEU B 239 3.25 25.31 18.99
C LEU B 239 2.14 26.27 19.39
N ARG B 240 1.72 26.18 20.64
CA ARG B 240 0.66 27.01 21.14
C ARG B 240 1.23 27.94 22.22
N ALA B 241 0.68 29.15 22.27
CA ALA B 241 1.09 30.16 23.23
C ALA B 241 -0.01 30.33 24.29
N PHE B 242 0.41 30.51 25.53
CA PHE B 242 -0.53 30.62 26.63
C PHE B 242 -0.18 31.84 27.47
N TYR B 243 -1.21 32.53 27.90
CA TYR B 243 -1.03 33.60 28.90
C TYR B 243 -0.84 32.87 30.23
N GLY B 244 0.02 33.31 31.08
CA GLY B 244 0.26 32.60 32.33
C GLY B 244 -0.83 32.87 33.36
N PRO B 245 -0.43 33.07 34.63
CA PRO B 245 -1.33 33.36 35.72
C PRO B 245 -1.69 34.85 35.81
N PHE B 246 -2.96 35.13 36.09
CA PHE B 246 -3.40 36.47 36.49
C PHE B 246 -3.60 36.47 38.01
N GLY B 247 -2.72 37.18 38.71
CA GLY B 247 -2.54 37.01 40.15
C GLY B 247 -3.68 37.60 40.98
N ASP B 248 -4.22 38.73 40.53
CA ASP B 248 -5.31 39.43 41.24
C ASP B 248 -6.61 38.62 41.11
N ILE B 249 -6.78 37.65 42.01
CA ILE B 249 -7.88 36.67 41.92
C ILE B 249 -9.23 37.38 42.03
N LYS B 250 -9.32 38.48 42.78
CA LYS B 250 -10.60 39.10 43.12
C LYS B 250 -11.03 40.12 42.05
N ASP B 251 -10.09 40.62 41.25
CA ASP B 251 -10.47 41.54 40.16
C ASP B 251 -10.78 40.72 38.90
N GLU B 252 -12.02 40.27 38.80
CA GLU B 252 -12.47 39.41 37.70
C GLU B 252 -12.66 40.22 36.41
N ALA B 253 -12.91 41.51 36.52
CA ALA B 253 -13.05 42.35 35.32
C ALA B 253 -11.70 42.45 34.59
N ALA B 254 -10.66 42.76 35.35
CA ALA B 254 -9.30 42.88 34.85
C ALA B 254 -8.82 41.54 34.29
N CYS B 255 -9.13 40.46 35.00
CA CYS B 255 -8.71 39.12 34.59
C CYS B 255 -9.30 38.78 33.23
N GLU B 256 -10.60 39.05 33.08
CA GLU B 256 -11.33 38.80 31.84
C GLU B 256 -10.70 39.60 30.69
N ALA B 257 -10.40 40.88 30.95
CA ALA B 257 -9.88 41.77 29.92
C ALA B 257 -8.49 41.32 29.47
N GLN B 258 -7.66 40.88 30.42
CA GLN B 258 -6.29 40.46 30.13
C GLN B 258 -6.30 39.16 29.31
N PHE B 259 -7.09 38.20 29.77
CA PHE B 259 -7.31 36.93 29.05
C PHE B 259 -7.80 37.21 27.61
N ARG B 260 -8.75 38.12 27.45
CA ARG B 260 -9.37 38.38 26.15
C ARG B 260 -8.34 38.97 25.18
N ASN B 261 -7.53 39.90 25.68
CA ASN B 261 -6.43 40.48 24.91
C ASN B 261 -5.51 39.36 24.39
N ALA B 262 -5.18 38.40 25.25
CA ALA B 262 -4.34 37.26 24.85
C ALA B 262 -5.02 36.45 23.75
N PHE B 263 -6.31 36.19 23.91
CA PHE B 263 -7.09 35.41 22.95
C PHE B 263 -7.08 36.11 21.58
N LEU B 264 -7.29 37.42 21.56
CA LEU B 264 -7.35 38.16 20.30
C LEU B 264 -5.99 38.08 19.58
N LEU B 265 -4.89 38.18 20.33
CA LEU B 265 -3.56 38.21 19.72
C LEU B 265 -3.11 36.80 19.30
N GLY B 266 -3.80 35.76 19.75
CA GLY B 266 -3.58 34.41 19.20
C GLY B 266 -3.19 33.38 20.26
N CYS B 267 -3.29 33.68 21.55
CA CYS B 267 -3.01 32.69 22.62
C CYS B 267 -4.18 31.69 22.71
N THR B 268 -3.87 30.46 23.06
CA THR B 268 -4.83 29.34 23.05
C THR B 268 -5.65 29.30 24.35
N GLY B 269 -5.00 29.62 25.47
CA GLY B 269 -5.63 29.62 26.76
C GLY B 269 -4.82 30.39 27.79
N ALA B 270 -5.33 30.41 29.02
CA ALA B 270 -4.60 31.00 30.14
C ALA B 270 -4.67 30.05 31.35
N TRP B 271 -3.93 30.38 32.40
CA TRP B 271 -3.94 29.59 33.62
C TRP B 271 -5.16 29.93 34.48
N SER B 272 -5.54 28.98 35.33
CA SER B 272 -6.51 29.20 36.39
C SER B 272 -5.86 28.86 37.74
N LEU B 273 -5.93 29.80 38.69
CA LEU B 273 -5.32 29.64 40.01
C LEU B 273 -6.38 29.40 41.10
N ALA B 274 -7.63 29.79 40.84
CA ALA B 274 -8.72 29.62 41.79
C ALA B 274 -9.97 29.14 41.04
N PRO B 275 -11.02 28.75 41.77
CA PRO B 275 -12.23 28.28 41.11
C PRO B 275 -12.96 29.36 40.28
N ASN B 276 -12.78 30.63 40.65
CA ASN B 276 -13.51 31.69 39.93
C ASN B 276 -12.90 31.88 38.54
N GLN B 277 -11.63 31.54 38.36
CA GLN B 277 -10.96 31.80 37.07
C GLN B 277 -11.29 30.68 36.07
N ILE B 278 -11.71 29.51 36.53
CA ILE B 278 -12.02 28.40 35.60
C ILE B 278 -13.05 28.87 34.56
N PRO B 279 -14.27 29.26 35.00
CA PRO B 279 -15.26 29.68 34.01
C PRO B 279 -14.84 30.90 33.17
N ILE B 280 -13.99 31.77 33.71
CA ILE B 280 -13.58 32.98 32.98
C ILE B 280 -12.72 32.57 31.79
N ALA B 281 -11.78 31.66 32.03
CA ALA B 281 -10.87 31.23 31.01
C ALA B 281 -11.63 30.49 29.91
N LYS B 282 -12.60 29.68 30.29
CA LYS B 282 -13.34 28.89 29.30
C LYS B 282 -14.22 29.82 28.46
N ARG B 283 -14.87 30.79 29.08
CA ARG B 283 -15.68 31.74 28.33
C ARG B 283 -14.76 32.54 27.36
N VAL B 284 -13.69 33.12 27.90
CA VAL B 284 -12.87 34.08 27.17
C VAL B 284 -12.16 33.40 25.99
N PHE B 285 -11.70 32.15 26.18
CA PHE B 285 -10.95 31.42 25.14
C PHE B 285 -11.88 30.52 24.32
N SER B 286 -13.19 30.78 24.38
CA SER B 286 -14.13 30.21 23.43
C SER B 286 -14.59 31.31 22.46
N PRO B 287 -14.69 31.00 21.16
CA PRO B 287 -15.09 32.00 20.19
C PRO B 287 -16.45 32.60 20.54
N ASP B 288 -16.62 33.89 20.24
CA ASP B 288 -17.83 34.63 20.53
C ASP B 288 -18.97 34.07 19.65
N VAL B 289 -20.20 34.16 20.13
CA VAL B 289 -21.34 33.51 19.44
C VAL B 289 -21.58 34.20 18.09
N ASN B 290 -21.73 35.51 18.13
CA ASN B 290 -22.00 36.30 16.92
C ASN B 290 -20.86 36.10 15.91
N GLU B 291 -19.62 36.21 16.38
CA GLU B 291 -18.44 36.06 15.53
C GLU B 291 -18.47 34.69 14.84
N VAL B 292 -18.78 33.63 15.60
CA VAL B 292 -18.91 32.29 15.02
C VAL B 292 -20.00 32.31 13.94
N LEU B 293 -21.14 32.95 14.21
CA LEU B 293 -22.25 32.96 13.25
C LEU B 293 -21.89 33.81 12.01
N PHE B 294 -21.35 35.01 12.24
CA PHE B 294 -20.84 35.88 11.17
C PHE B 294 -19.85 35.09 10.29
N ALA B 295 -19.05 34.22 10.92
CA ALA B 295 -18.07 33.38 10.23
C ALA B 295 -18.73 32.16 9.59
N LYS B 296 -19.81 31.65 10.19
CA LYS B 296 -20.49 30.43 9.71
C LYS B 296 -21.00 30.59 8.27
N ARG B 297 -21.52 31.76 7.95
CA ARG B 297 -22.21 31.96 6.67
C ARG B 297 -21.19 32.30 5.58
N ILE B 298 -20.03 32.82 5.97
CA ILE B 298 -18.91 33.02 5.04
C ILE B 298 -18.53 31.68 4.41
N LEU B 299 -18.44 30.63 5.24
CA LEU B 299 -18.07 29.31 4.73
C LEU B 299 -19.13 28.82 3.73
N ASP B 300 -20.37 29.30 3.89
CA ASP B 300 -21.49 28.99 2.99
C ASP B 300 -21.39 29.83 1.71
N ALA B 301 -21.19 31.14 1.85
CA ALA B 301 -21.07 32.06 0.69
C ALA B 301 -20.00 31.59 -0.30
N MET B 302 -18.96 30.90 0.16
CA MET B 302 -17.87 30.43 -0.72
C MET B 302 -17.56 28.97 -0.39
N PRO B 303 -18.32 28.03 -0.99
CA PRO B 303 -18.02 26.60 -0.75
C PRO B 303 -16.56 26.26 -1.08
N ASP B 304 -16.05 26.84 -2.17
CA ASP B 304 -14.69 26.62 -2.64
C ASP B 304 -13.67 27.17 -1.62
N GLY B 305 -14.07 28.22 -0.89
CA GLY B 305 -13.12 29.04 -0.13
C GLY B 305 -12.34 29.96 -1.04
N SER B 306 -12.87 30.19 -2.25
CA SER B 306 -12.18 30.91 -3.32
C SER B 306 -13.08 32.01 -3.90
N GLY B 307 -12.51 33.20 -4.10
CA GLY B 307 -13.21 34.31 -4.77
C GLY B 307 -13.61 35.40 -3.81
N VAL B 308 -14.61 36.20 -4.21
CA VAL B 308 -15.21 37.24 -3.37
C VAL B 308 -16.69 36.92 -3.20
N ALA B 309 -17.28 37.50 -2.17
CA ALA B 309 -18.70 37.28 -1.88
C ALA B 309 -19.17 38.34 -0.88
N MET B 310 -20.33 38.92 -1.17
CA MET B 310 -20.94 39.87 -0.27
C MET B 310 -21.79 39.10 0.75
N ILE B 311 -21.68 39.50 2.01
CA ILE B 311 -22.44 38.86 3.08
C ILE B 311 -22.88 39.95 4.05
N ASP B 312 -24.20 40.03 4.25
CA ASP B 312 -24.84 41.24 4.77
C ASP B 312 -24.26 42.42 3.97
N GLY B 313 -23.60 43.37 4.63
CA GLY B 313 -23.04 44.53 3.94
C GLY B 313 -21.57 44.35 3.59
N LYS B 314 -20.96 43.29 4.12
CA LYS B 314 -19.50 43.14 4.13
C LYS B 314 -19.04 42.34 2.91
N MET B 315 -17.77 42.53 2.51
CA MET B 315 -17.16 41.77 1.40
C MET B 315 -16.01 40.90 1.93
N GLN B 316 -16.07 39.62 1.57
CA GLN B 316 -15.18 38.61 2.09
C GLN B 316 -14.37 38.03 0.93
N ASP B 317 -13.23 37.41 1.25
CA ASP B 317 -12.38 36.78 0.21
C ASP B 317 -11.75 35.49 0.78
N ASP B 318 -10.86 34.88 0.00
CA ASP B 318 -10.14 33.67 0.40
C ASP B 318 -9.59 33.81 1.83
N ALA B 319 -9.06 34.97 2.17
CA ALA B 319 -8.36 35.16 3.44
C ALA B 319 -9.34 35.17 4.60
N THR B 320 -10.44 35.92 4.48
CA THR B 320 -11.45 35.98 5.55
C THR B 320 -12.12 34.61 5.73
N TRP B 321 -12.21 33.83 4.66
CA TRP B 321 -12.65 32.45 4.74
C TRP B 321 -11.71 31.66 5.66
N LYS B 322 -10.41 31.84 5.50
CA LYS B 322 -9.44 31.18 6.38
C LYS B 322 -9.63 31.67 7.82
N GLN B 323 -9.78 32.98 8.01
CA GLN B 323 -10.07 33.54 9.33
C GLN B 323 -11.31 32.86 9.91
N ALA B 324 -12.29 32.60 9.05
CA ALA B 324 -13.56 32.02 9.45
C ALA B 324 -13.39 30.55 9.84
N LYS B 325 -12.71 29.78 8.99
CA LYS B 325 -12.50 28.35 9.24
C LYS B 325 -11.85 28.15 10.63
N VAL B 326 -10.91 29.02 11.03
CA VAL B 326 -10.21 28.88 12.31
C VAL B 326 -11.23 28.98 13.46
N ILE B 327 -12.00 30.06 13.45
CA ILE B 327 -13.00 30.36 14.48
C ILE B 327 -14.03 29.22 14.53
N VAL B 328 -14.51 28.77 13.37
CA VAL B 328 -15.58 27.78 13.32
C VAL B 328 -15.02 26.41 13.72
N ASP B 329 -13.80 26.08 13.31
CA ASP B 329 -13.14 24.80 13.67
C ASP B 329 -13.01 24.68 15.18
N LEU B 330 -12.63 25.78 15.83
CA LEU B 330 -12.51 25.84 17.29
C LEU B 330 -13.91 25.71 17.91
N ALA B 331 -14.88 26.43 17.38
CA ALA B 331 -16.24 26.45 17.95
C ALA B 331 -16.83 25.05 17.94
N ARG B 332 -16.58 24.28 16.89
CA ARG B 332 -17.16 22.96 16.66
C ARG B 332 -16.52 21.95 17.63
N MET B 333 -15.29 22.23 18.04
CA MET B 333 -14.50 21.36 18.91
C MET B 333 -14.98 21.52 20.36
N ILE B 334 -15.21 22.76 20.75
CA ILE B 334 -15.69 23.09 22.09
C ILE B 334 -17.12 22.55 22.24
N ALA B 335 -17.90 22.66 21.16
CA ALA B 335 -19.33 22.29 21.16
C ALA B 335 -19.51 20.78 21.41
N LYS B 336 -18.48 19.97 21.18
CA LYS B 336 -18.59 18.53 21.41
C LYS B 336 -18.82 18.24 22.90
N LYS B 337 -18.31 19.08 23.79
CA LYS B 337 -18.42 18.83 25.23
C LYS B 337 -19.14 19.97 25.96
N ASP B 338 -19.54 21.04 25.27
CA ASP B 338 -20.41 22.03 25.89
C ASP B 338 -21.73 22.08 25.10
N PRO B 339 -22.78 21.45 25.65
CA PRO B 339 -24.12 21.45 25.05
C PRO B 339 -24.68 22.87 24.86
N GLU B 340 -24.32 23.81 25.72
CA GLU B 340 -24.89 25.17 25.70
C GLU B 340 -24.31 25.97 24.53
N LEU B 341 -22.99 25.87 24.35
CA LEU B 341 -22.32 26.56 23.25
C LEU B 341 -22.70 25.90 21.92
N ALA B 342 -22.80 24.57 21.90
CA ALA B 342 -23.26 23.85 20.70
C ALA B 342 -24.59 24.43 20.21
N GLN B 343 -25.53 24.61 21.14
CA GLN B 343 -26.81 25.22 20.81
C GLN B 343 -26.57 26.62 20.21
N ALA B 344 -25.90 27.52 20.94
CA ALA B 344 -25.78 28.93 20.53
C ALA B 344 -24.95 29.09 19.25
N TYR B 345 -23.96 28.22 19.01
CA TYR B 345 -23.16 28.27 17.77
C TYR B 345 -23.97 27.76 16.56
N GLY B 346 -24.98 26.93 16.80
CA GLY B 346 -25.89 26.45 15.73
C GLY B 346 -25.52 25.08 15.20
N PHE B 347 -25.00 24.21 16.06
CA PHE B 347 -24.65 22.84 15.67
C PHE B 347 -25.69 21.87 16.23
N MET C 1 22.61 35.68 3.10
CA MET C 1 23.33 34.37 3.07
C MET C 1 24.25 34.30 1.85
N LYS C 2 24.04 35.14 0.84
CA LYS C 2 24.99 35.31 -0.26
C LYS C 2 26.01 36.40 0.11
N LEU C 3 27.25 36.20 -0.34
CA LEU C 3 28.30 37.20 -0.18
C LEU C 3 28.02 38.39 -1.12
N PRO C 4 28.36 39.61 -0.67
CA PRO C 4 28.30 40.85 -1.45
C PRO C 4 28.96 40.80 -2.84
N ILE C 5 30.01 40.02 -3.00
CA ILE C 5 30.73 39.88 -4.29
C ILE C 5 29.84 39.16 -5.31
N HIS C 6 28.94 38.28 -4.87
CA HIS C 6 28.07 37.49 -5.75
C HIS C 6 26.64 38.06 -5.79
N PHE C 7 26.31 38.94 -4.85
CA PHE C 7 24.94 39.31 -4.57
C PHE C 7 24.35 40.14 -5.73
N TYR C 8 25.16 40.96 -6.38
CA TYR C 8 24.67 41.87 -7.43
C TYR C 8 24.96 41.30 -8.82
N LYS C 9 25.26 40.00 -8.92
CA LYS C 9 25.39 39.35 -10.22
C LYS C 9 24.03 38.83 -10.71
N PRO C 10 23.77 38.96 -12.01
CA PRO C 10 22.56 38.32 -12.54
C PRO C 10 22.63 36.79 -12.38
N LEU C 11 21.48 36.14 -12.27
CA LEU C 11 21.40 34.71 -12.05
C LEU C 11 21.26 33.96 -13.38
N ALA C 12 21.18 34.69 -14.49
CA ALA C 12 21.07 34.04 -15.78
C ALA C 12 21.82 34.88 -16.82
N ALA C 13 22.57 34.20 -17.68
CA ALA C 13 23.26 34.86 -18.78
C ALA C 13 22.19 35.44 -19.72
N GLY C 14 22.22 36.76 -19.90
CA GLY C 14 21.22 37.46 -20.67
C GLY C 14 20.27 38.26 -19.79
N ALA C 15 20.32 38.04 -18.48
CA ALA C 15 19.43 38.76 -17.58
C ALA C 15 20.00 40.15 -17.28
N PRO C 16 19.12 41.13 -17.06
CA PRO C 16 19.59 42.48 -16.79
C PRO C 16 20.37 42.56 -15.48
N GLN C 17 21.34 43.48 -15.41
CA GLN C 17 22.14 43.67 -14.20
C GLN C 17 21.22 44.04 -13.02
N PRO C 18 21.33 43.31 -11.90
CA PRO C 18 20.60 43.69 -10.69
C PRO C 18 20.85 45.15 -10.27
N ILE C 19 19.90 45.73 -9.53
CA ILE C 19 20.01 47.12 -9.06
C ILE C 19 20.77 47.13 -7.73
N ARG C 20 21.35 48.29 -7.42
CA ARG C 20 22.02 48.51 -6.13
C ARG C 20 21.17 49.44 -5.25
N GLU C 21 20.17 50.10 -5.84
CA GLU C 21 19.34 51.08 -5.14
C GLU C 21 17.92 51.03 -5.71
N LEU C 22 16.91 51.18 -4.86
CA LEU C 22 15.53 51.20 -5.31
C LEU C 22 15.29 52.42 -6.19
N PRO C 23 14.63 52.24 -7.34
CA PRO C 23 14.09 53.37 -8.08
C PRO C 23 13.26 54.25 -7.12
N VAL C 24 13.37 55.57 -7.30
CA VAL C 24 12.60 56.49 -6.51
C VAL C 24 11.43 56.99 -7.37
N ARG C 25 10.22 56.78 -6.86
CA ARG C 25 8.99 57.24 -7.52
C ARG C 25 7.84 57.23 -6.51
N PRO C 26 6.75 57.95 -6.80
CA PRO C 26 5.64 57.97 -5.84
C PRO C 26 5.01 56.58 -5.67
N GLU C 27 4.81 56.15 -4.42
CA GLU C 27 4.24 54.82 -4.13
C GLU C 27 3.27 54.93 -2.95
N ARG C 28 2.50 56.02 -2.92
CA ARG C 28 1.63 56.33 -1.79
C ARG C 28 0.40 55.43 -1.79
N VAL C 29 0.00 54.93 -2.97
CA VAL C 29 -1.25 54.15 -3.09
C VAL C 29 -1.03 53.01 -4.11
N ILE C 30 -1.27 51.78 -3.68
CA ILE C 30 -1.21 50.59 -4.54
C ILE C 30 -2.65 50.21 -4.91
N HIS C 31 -3.10 50.54 -6.12
CA HIS C 31 -4.52 50.30 -6.43
C HIS C 31 -4.68 48.91 -7.06
N PHE C 32 -5.47 48.08 -6.39
CA PHE C 32 -5.69 46.69 -6.82
C PHE C 32 -6.88 46.63 -7.78
N PHE C 33 -6.82 45.72 -8.74
CA PHE C 33 -7.96 45.50 -9.62
C PHE C 33 -8.01 44.03 -10.03
N PRO C 34 -9.22 43.48 -10.21
CA PRO C 34 -9.42 42.12 -10.74
C PRO C 34 -9.43 42.15 -12.28
N PRO C 35 -8.36 41.63 -12.92
CA PRO C 35 -8.21 41.83 -14.36
C PRO C 35 -9.16 41.01 -15.24
N HIS C 36 -9.92 40.08 -14.67
CA HIS C 36 -10.85 39.25 -15.43
C HIS C 36 -12.18 39.98 -15.66
N VAL C 37 -12.40 41.12 -15.00
CA VAL C 37 -13.67 41.88 -15.13
C VAL C 37 -13.50 42.95 -16.22
N GLU C 38 -14.16 42.73 -17.35
CA GLU C 38 -14.03 43.58 -18.55
C GLU C 38 -14.37 45.04 -18.22
N LYS C 39 -15.43 45.23 -17.43
CA LYS C 39 -15.92 46.56 -17.09
C LYS C 39 -14.81 47.36 -16.37
N ILE C 40 -14.00 46.68 -15.57
CA ILE C 40 -12.90 47.34 -14.85
C ILE C 40 -11.70 47.49 -15.79
N ARG C 41 -11.42 46.42 -16.52
CA ARG C 41 -10.36 46.38 -17.53
C ARG C 41 -10.46 47.61 -18.44
N ALA C 42 -11.68 47.94 -18.87
CA ALA C 42 -11.95 49.02 -19.83
C ALA C 42 -11.64 50.41 -19.24
N ARG C 43 -11.68 50.55 -17.93
CA ARG C 43 -11.49 51.87 -17.28
C ARG C 43 -10.03 52.07 -16.87
N ILE C 44 -9.18 51.07 -17.02
CA ILE C 44 -7.84 51.09 -16.40
C ILE C 44 -6.98 52.24 -16.96
N PRO C 45 -7.05 52.51 -18.28
CA PRO C 45 -6.29 53.65 -18.83
C PRO C 45 -6.63 55.00 -18.19
N GLU C 46 -7.85 55.17 -17.71
CA GLU C 46 -8.24 56.40 -17.02
C GLU C 46 -7.83 56.33 -15.54
N VAL C 47 -8.16 55.23 -14.87
CA VAL C 47 -7.82 55.06 -13.43
C VAL C 47 -6.30 55.15 -13.24
N ALA C 48 -5.54 54.69 -14.23
CA ALA C 48 -4.08 54.69 -14.15
C ALA C 48 -3.56 56.09 -13.78
N LYS C 49 -4.22 57.12 -14.31
CA LYS C 49 -3.78 58.52 -14.13
C LYS C 49 -4.05 58.98 -12.69
N GLN C 50 -5.02 58.34 -12.02
CA GLN C 50 -5.47 58.77 -10.69
C GLN C 50 -4.59 58.16 -9.59
N VAL C 51 -3.73 57.18 -9.93
CA VAL C 51 -3.01 56.40 -8.90
C VAL C 51 -1.51 56.40 -9.20
N ASP C 52 -0.72 56.38 -8.11
CA ASP C 52 0.75 56.21 -8.14
C ASP C 52 1.13 54.82 -8.68
N VAL C 53 0.47 53.77 -8.16
CA VAL C 53 0.81 52.39 -8.48
C VAL C 53 -0.47 51.62 -8.84
N LEU C 54 -0.46 50.91 -9.96
CA LEU C 54 -1.56 50.02 -10.30
C LEU C 54 -1.08 48.57 -10.16
N CYS C 55 -1.83 47.75 -9.42
CA CYS C 55 -1.41 46.37 -9.18
C CYS C 55 -2.52 45.41 -9.60
N GLY C 56 -2.27 44.63 -10.64
CA GLY C 56 -3.19 43.58 -11.01
C GLY C 56 -3.20 42.49 -9.95
N ASN C 57 -4.31 41.77 -9.82
CA ASN C 57 -4.45 40.76 -8.77
C ASN C 57 -4.95 39.45 -9.40
N LEU C 58 -4.18 38.39 -9.19
CA LEU C 58 -4.53 37.06 -9.71
C LEU C 58 -4.81 36.09 -8.56
N GLU C 59 -4.62 36.54 -7.30
CA GLU C 59 -4.59 35.61 -6.16
C GLU C 59 -5.92 35.70 -5.40
N ASP C 60 -5.90 36.04 -4.12
CA ASP C 60 -7.12 36.03 -3.32
C ASP C 60 -8.09 37.06 -3.90
N ALA C 61 -9.38 36.70 -3.87
CA ALA C 61 -10.51 37.48 -4.38
C ALA C 61 -10.76 37.17 -5.86
N ILE C 62 -9.88 36.38 -6.47
CA ILE C 62 -10.07 35.88 -7.83
C ILE C 62 -10.51 34.41 -7.73
N PRO C 63 -11.77 34.08 -8.10
CA PRO C 63 -12.28 32.70 -8.04
C PRO C 63 -11.39 31.71 -8.82
N ILE C 64 -11.32 30.47 -8.35
CA ILE C 64 -10.53 29.42 -9.01
C ILE C 64 -10.81 29.42 -10.52
N ASP C 65 -12.08 29.53 -10.94
CA ASP C 65 -12.42 29.30 -12.35
C ASP C 65 -12.21 30.58 -13.18
N ALA C 66 -11.82 31.68 -12.54
CA ALA C 66 -11.51 32.90 -13.27
C ALA C 66 -10.01 33.18 -13.28
N LYS C 67 -9.18 32.24 -12.81
CA LYS C 67 -7.74 32.49 -12.65
C LYS C 67 -7.07 32.68 -14.03
N GLU C 68 -7.45 31.88 -15.01
CA GLU C 68 -6.83 31.93 -16.34
C GLU C 68 -7.32 33.18 -17.09
N ALA C 69 -8.59 33.54 -16.89
CA ALA C 69 -9.12 34.77 -17.45
C ALA C 69 -8.43 35.97 -16.81
N ALA C 70 -8.07 35.87 -15.52
CA ALA C 70 -7.48 37.00 -14.79
C ALA C 70 -6.06 37.26 -15.30
N ARG C 71 -5.33 36.20 -15.55
CA ARG C 71 -4.01 36.28 -16.14
C ARG C 71 -4.11 36.93 -17.53
N ALA C 72 -4.92 36.36 -18.40
CA ALA C 72 -5.10 36.85 -19.76
C ALA C 72 -5.58 38.31 -19.74
N GLY C 73 -6.45 38.62 -18.78
CA GLY C 73 -6.97 39.98 -18.62
C GLY C 73 -5.86 40.97 -18.26
N PHE C 74 -5.00 40.57 -17.32
CA PHE C 74 -3.90 41.43 -16.93
C PHE C 74 -3.01 41.70 -18.14
N ILE C 75 -2.78 40.65 -18.93
CA ILE C 75 -1.89 40.76 -20.08
C ILE C 75 -2.53 41.70 -21.12
N GLU C 76 -3.81 41.52 -21.39
CA GLU C 76 -4.52 42.32 -22.40
C GLU C 76 -4.36 43.81 -22.07
N VAL C 77 -4.75 44.21 -20.86
CA VAL C 77 -4.83 45.63 -20.51
C VAL C 77 -3.43 46.22 -20.36
N ALA C 78 -2.43 45.40 -20.02
CA ALA C 78 -1.06 45.89 -19.86
C ALA C 78 -0.41 46.08 -21.23
N ARG C 79 -0.68 45.16 -22.15
CA ARG C 79 -0.25 45.28 -23.56
C ARG C 79 -0.70 46.63 -24.15
N ASN C 80 -1.96 46.97 -23.95
CA ASN C 80 -2.61 48.00 -24.73
C ASN C 80 -2.56 49.35 -24.02
N THR C 81 -1.85 49.48 -22.91
CA THR C 81 -1.95 50.71 -22.10
C THR C 81 -0.59 51.38 -21.97
N ASP C 82 -0.59 52.71 -22.09
CA ASP C 82 0.55 53.55 -21.74
C ASP C 82 0.31 54.07 -20.32
N PHE C 83 1.02 53.48 -19.35
CA PHE C 83 0.81 53.77 -17.92
C PHE C 83 1.54 55.06 -17.51
N GLY C 84 2.29 55.67 -18.42
CA GLY C 84 2.97 56.92 -18.13
C GLY C 84 3.83 56.83 -16.88
N ASP C 85 3.51 57.63 -15.88
CA ASP C 85 4.32 57.74 -14.65
C ASP C 85 3.82 56.74 -13.60
N THR C 86 2.76 56.01 -13.90
CA THR C 86 2.19 55.04 -12.97
C THR C 86 2.96 53.72 -13.07
N ALA C 87 3.35 53.18 -11.92
CA ALA C 87 4.03 51.89 -11.84
C ALA C 87 3.01 50.76 -12.07
N LEU C 88 3.45 49.72 -12.77
CA LEU C 88 2.63 48.53 -12.99
C LEU C 88 3.13 47.38 -12.11
N TRP C 89 2.28 46.91 -11.19
CA TRP C 89 2.58 45.75 -10.34
C TRP C 89 1.64 44.60 -10.71
N VAL C 90 1.99 43.41 -10.24
CA VAL C 90 1.06 42.28 -10.29
C VAL C 90 1.28 41.41 -9.05
N ARG C 91 0.19 40.95 -8.45
CA ARG C 91 0.23 39.89 -7.41
C ARG C 91 -0.08 38.55 -8.08
N VAL C 92 0.94 37.71 -8.24
CA VAL C 92 0.72 36.40 -8.86
C VAL C 92 0.18 35.45 -7.79
N ASN C 93 -0.10 34.21 -8.19
CA ASN C 93 -0.63 33.22 -7.26
C ASN C 93 0.52 32.71 -6.37
N ALA C 94 0.18 31.96 -5.33
CA ALA C 94 1.15 31.41 -4.38
C ALA C 94 2.08 30.41 -5.06
N LEU C 95 3.25 30.21 -4.45
CA LEU C 95 4.29 29.34 -5.00
C LEU C 95 3.89 27.86 -4.87
N ASN C 96 2.85 27.53 -4.11
CA ASN C 96 2.40 26.14 -3.99
C ASN C 96 1.12 25.92 -4.82
N SER C 97 0.91 26.73 -5.85
CA SER C 97 -0.37 26.80 -6.55
C SER C 97 -0.20 26.34 -8.01
N PRO C 98 -1.28 25.80 -8.59
CA PRO C 98 -1.22 25.33 -9.98
C PRO C 98 -1.22 26.44 -11.05
N TRP C 99 -1.34 27.72 -10.67
CA TRP C 99 -1.39 28.82 -11.65
C TRP C 99 -0.09 29.64 -11.69
N VAL C 100 0.81 29.48 -10.72
CA VAL C 100 1.94 30.44 -10.55
C VAL C 100 3.04 30.24 -11.62
N LEU C 101 3.35 29.02 -12.01
CA LEU C 101 4.35 28.85 -13.06
C LEU C 101 3.96 29.72 -14.26
N ASP C 102 2.74 29.51 -14.75
CA ASP C 102 2.25 30.18 -15.96
C ASP C 102 1.98 31.67 -15.70
N ASP C 103 1.51 32.02 -14.51
CA ASP C 103 1.34 33.43 -14.13
C ASP C 103 2.60 34.21 -14.53
N ILE C 104 3.76 33.71 -14.11
CA ILE C 104 5.01 34.45 -14.16
C ILE C 104 5.59 34.36 -15.57
N ALA C 105 5.63 33.16 -16.16
CA ALA C 105 6.25 33.00 -17.47
C ALA C 105 5.51 33.84 -18.51
N ASP C 106 4.17 33.76 -18.48
CA ASP C 106 3.33 34.41 -19.49
C ASP C 106 3.38 35.93 -19.31
N ILE C 107 3.31 36.42 -18.08
CA ILE C 107 3.34 37.85 -17.83
C ILE C 107 4.70 38.40 -18.31
N VAL C 108 5.78 37.71 -17.99
CA VAL C 108 7.11 38.16 -18.36
C VAL C 108 7.26 38.11 -19.89
N ALA C 109 6.69 37.07 -20.52
CA ALA C 109 6.88 36.85 -21.96
C ALA C 109 6.15 37.91 -22.78
N THR C 110 5.00 38.36 -22.30
CA THR C 110 4.13 39.24 -23.04
C THR C 110 4.39 40.70 -22.66
N VAL C 111 4.46 41.00 -21.35
CA VAL C 111 4.49 42.40 -20.89
C VAL C 111 5.61 42.63 -19.87
N GLY C 112 6.63 41.78 -19.86
CA GLY C 112 7.71 41.83 -18.87
C GLY C 112 8.43 43.17 -18.82
N ASN C 113 8.50 43.88 -19.96
CA ASN C 113 9.21 45.18 -20.04
C ASN C 113 8.34 46.32 -19.47
N LYS C 114 7.05 46.10 -19.31
CA LYS C 114 6.16 47.10 -18.68
C LYS C 114 6.02 46.82 -17.17
N LEU C 115 6.46 45.65 -16.70
CA LEU C 115 6.20 45.24 -15.31
C LEU C 115 7.35 45.71 -14.41
N ASP C 116 7.03 46.51 -13.40
CA ASP C 116 8.03 47.09 -12.51
C ASP C 116 8.26 46.17 -11.31
N VAL C 117 7.17 45.71 -10.69
CA VAL C 117 7.25 44.96 -9.44
C VAL C 117 6.29 43.76 -9.51
N MET C 118 6.77 42.62 -9.02
CA MET C 118 5.95 41.41 -8.90
C MET C 118 5.78 41.10 -7.40
N MET C 119 4.53 41.13 -6.94
CA MET C 119 4.20 40.87 -5.54
C MET C 119 3.98 39.37 -5.35
N ILE C 120 4.69 38.79 -4.38
CA ILE C 120 4.54 37.36 -4.05
C ILE C 120 3.74 37.23 -2.76
N PRO C 121 2.65 36.45 -2.78
CA PRO C 121 1.86 36.22 -1.56
C PRO C 121 2.36 35.04 -0.70
N LYS C 122 2.03 35.09 0.59
CA LYS C 122 2.15 33.95 1.50
C LYS C 122 3.61 33.51 1.62
N VAL C 123 4.51 34.49 1.56
CA VAL C 123 5.96 34.24 1.64
C VAL C 123 6.29 33.71 3.05
N GLU C 124 7.00 32.59 3.08
CA GLU C 124 7.29 31.89 4.33
C GLU C 124 8.77 32.02 4.69
N GLY C 125 9.65 32.07 3.70
CA GLY C 125 11.07 32.24 3.99
C GLY C 125 11.88 32.61 2.76
N PRO C 126 13.20 32.75 2.95
CA PRO C 126 14.10 33.18 1.87
C PRO C 126 14.05 32.26 0.64
N TRP C 127 13.87 30.96 0.87
CA TRP C 127 13.75 29.95 -0.22
C TRP C 127 12.73 30.39 -1.29
N ASP C 128 11.62 30.95 -0.85
CA ASP C 128 10.59 31.44 -1.78
C ASP C 128 11.22 32.49 -2.70
N ILE C 129 11.91 33.47 -2.10
CA ILE C 129 12.57 34.55 -2.82
C ILE C 129 13.63 33.99 -3.77
N HIS C 130 14.46 33.07 -3.26
CA HIS C 130 15.48 32.44 -4.08
C HIS C 130 14.87 31.86 -5.36
N PHE C 131 13.75 31.14 -5.21
CA PHE C 131 13.08 30.52 -6.34
C PHE C 131 12.63 31.60 -7.34
N VAL C 132 11.92 32.60 -6.85
CA VAL C 132 11.36 33.62 -7.72
C VAL C 132 12.49 34.36 -8.44
N ASP C 133 13.54 34.70 -7.69
CA ASP C 133 14.71 35.41 -8.23
C ASP C 133 15.26 34.63 -9.42
N GLN C 134 15.52 33.34 -9.20
CA GLN C 134 16.17 32.50 -10.23
C GLN C 134 15.21 32.27 -11.40
N TYR C 135 13.92 32.12 -11.12
CA TYR C 135 12.92 31.92 -12.17
C TYR C 135 12.82 33.18 -13.04
N LEU C 136 12.62 34.33 -12.39
CA LEU C 136 12.51 35.61 -13.11
C LEU C 136 13.74 35.83 -13.99
N ALA C 137 14.93 35.58 -13.47
CA ALA C 137 16.16 35.82 -14.24
C ALA C 137 16.17 34.97 -15.51
N LEU C 138 15.78 33.70 -15.41
CA LEU C 138 15.82 32.82 -16.58
C LEU C 138 14.80 33.30 -17.63
N LEU C 139 13.65 33.78 -17.17
CA LEU C 139 12.65 34.34 -18.08
C LEU C 139 13.14 35.69 -18.61
N GLU C 140 13.79 36.48 -17.76
CA GLU C 140 14.29 37.79 -18.17
C GLU C 140 15.33 37.64 -19.29
N ALA C 141 16.21 36.65 -19.19
CA ALA C 141 17.22 36.43 -20.22
C ALA C 141 16.54 35.95 -21.51
N LYS C 142 15.55 35.08 -21.35
CA LYS C 142 14.87 34.45 -22.48
C LYS C 142 14.12 35.49 -23.32
N HIS C 143 13.54 36.50 -22.67
CA HIS C 143 12.68 37.46 -23.35
C HIS C 143 13.38 38.82 -23.44
N GLN C 144 14.66 38.88 -23.08
CA GLN C 144 15.51 40.08 -23.28
C GLN C 144 14.89 41.28 -22.54
N ILE C 145 14.62 41.07 -21.26
CA ILE C 145 14.03 42.09 -20.42
C ILE C 145 15.13 43.07 -20.01
N GLN C 146 14.81 44.36 -20.08
CA GLN C 146 15.83 45.41 -20.05
C GLN C 146 16.13 45.82 -18.60
N LYS C 147 15.09 45.93 -17.77
CA LYS C 147 15.27 46.27 -16.34
C LYS C 147 14.83 45.07 -15.49
N PRO C 148 15.48 44.87 -14.33
CA PRO C 148 15.12 43.75 -13.46
C PRO C 148 13.71 43.94 -12.89
N ILE C 149 12.92 42.88 -12.93
CA ILE C 149 11.62 42.85 -12.29
C ILE C 149 11.84 42.67 -10.78
N LEU C 150 11.35 43.61 -9.99
CA LEU C 150 11.56 43.54 -8.55
C LEU C 150 10.53 42.61 -7.92
N ILE C 151 10.81 42.23 -6.67
CA ILE C 151 9.98 41.34 -5.89
C ILE C 151 9.44 42.12 -4.69
N HIS C 152 8.15 42.06 -4.53
CA HIS C 152 7.49 42.66 -3.34
C HIS C 152 6.98 41.50 -2.48
N ALA C 153 7.37 41.41 -1.25
CA ALA C 153 6.93 40.26 -0.45
C ALA C 153 5.73 40.64 0.40
N LEU C 154 4.70 39.84 0.34
CA LEU C 154 3.49 40.08 1.14
C LEU C 154 3.74 39.42 2.48
N LEU C 155 3.63 40.16 3.55
CA LEU C 155 3.87 39.63 4.92
C LEU C 155 2.52 39.17 5.46
N GLU C 156 2.24 37.90 5.34
CA GLU C 156 0.94 37.26 5.66
C GLU C 156 1.12 36.01 6.50
N THR C 157 2.30 35.57 6.84
CA THR C 157 2.41 34.28 7.54
C THR C 157 3.26 34.43 8.79
N ALA C 158 3.03 33.61 9.81
CA ALA C 158 3.80 33.67 11.07
C ALA C 158 5.25 33.33 10.75
N GLN C 159 5.46 32.40 9.83
CA GLN C 159 6.81 32.01 9.41
C GLN C 159 7.49 33.20 8.75
N GLY C 160 6.78 33.94 7.91
CA GLY C 160 7.31 35.13 7.23
C GLY C 160 7.68 36.20 8.24
N MET C 161 6.89 36.35 9.28
CA MET C 161 7.19 37.34 10.35
C MET C 161 8.47 36.94 11.08
N MET C 162 8.63 35.66 11.39
CA MET C 162 9.85 35.15 12.06
C MET C 162 11.05 35.19 11.14
N ASN C 163 10.87 34.91 9.86
CA ASN C 163 11.99 34.82 8.89
C ASN C 163 12.18 36.12 8.13
N LEU C 164 11.69 37.22 8.67
CA LEU C 164 11.69 38.53 8.00
C LEU C 164 13.09 39.00 7.59
N GLU C 165 14.12 38.87 8.42
CA GLU C 165 15.48 39.32 8.02
C GLU C 165 16.04 38.51 6.85
N ALA C 166 15.87 37.19 6.88
CA ALA C 166 16.37 36.34 5.83
C ALA C 166 15.63 36.67 4.52
N ILE C 167 14.32 36.90 4.59
CA ILE C 167 13.56 37.23 3.39
C ILE C 167 14.05 38.57 2.83
N ALA C 168 14.23 39.53 3.72
CA ALA C 168 14.61 40.90 3.33
C ALA C 168 15.98 40.91 2.66
N GLY C 169 16.88 40.05 3.13
CA GLY C 169 18.25 40.02 2.64
C GLY C 169 18.46 39.03 1.50
N ALA C 170 17.42 38.39 1.00
CA ALA C 170 17.60 37.19 0.17
C ALA C 170 17.94 37.53 -1.29
N SER C 171 17.70 38.76 -1.75
CA SER C 171 17.89 39.09 -3.17
C SER C 171 17.95 40.60 -3.38
N PRO C 172 18.79 41.07 -4.32
CA PRO C 172 18.77 42.49 -4.68
C PRO C 172 17.51 42.89 -5.47
N ARG C 173 16.63 41.92 -5.80
CA ARG C 173 15.32 42.21 -6.39
C ARG C 173 14.34 42.75 -5.33
N MET C 174 14.64 42.55 -4.05
CA MET C 174 13.66 42.89 -3.03
C MET C 174 13.28 44.37 -3.15
N HIS C 175 11.97 44.64 -3.23
CA HIS C 175 11.44 46.00 -3.22
C HIS C 175 10.98 46.38 -1.81
N GLY C 176 10.29 45.47 -1.15
CA GLY C 176 9.69 45.78 0.13
C GLY C 176 8.61 44.80 0.52
N PHE C 177 7.85 45.19 1.54
CA PHE C 177 6.84 44.33 2.14
C PHE C 177 5.50 45.07 2.28
N SER C 178 4.42 44.32 2.11
CA SER C 178 3.08 44.79 2.48
C SER C 178 2.49 43.87 3.55
N LEU C 179 1.94 44.48 4.59
CA LEU C 179 1.27 43.76 5.67
C LEU C 179 -0.06 43.24 5.13
N GLY C 180 -0.24 41.92 5.14
CA GLY C 180 -1.49 41.29 4.74
C GLY C 180 -2.27 40.83 5.95
N PRO C 181 -3.12 41.71 6.51
CA PRO C 181 -3.67 41.53 7.85
C PRO C 181 -4.65 40.36 7.97
N ALA C 182 -5.39 40.06 6.90
CA ALA C 182 -6.37 38.99 6.99
C ALA C 182 -5.63 37.65 7.09
N ASP C 183 -4.70 37.40 6.16
CA ASP C 183 -3.98 36.13 6.09
C ASP C 183 -3.09 36.00 7.34
N LEU C 184 -2.56 37.10 7.84
CA LEU C 184 -1.66 37.07 8.98
C LEU C 184 -2.46 36.77 10.25
N ALA C 185 -3.66 37.33 10.34
CA ALA C 185 -4.58 36.98 11.42
C ALA C 185 -4.90 35.48 11.37
N ALA C 186 -5.25 34.97 10.19
CA ALA C 186 -5.61 33.55 10.09
C ALA C 186 -4.41 32.66 10.42
N SER C 187 -3.24 33.03 9.91
CA SER C 187 -2.02 32.25 10.10
C SER C 187 -1.62 32.21 11.58
N ARG C 188 -1.74 33.35 12.27
CA ARG C 188 -1.40 33.48 13.69
C ARG C 188 -2.51 32.88 14.58
N GLY C 189 -3.71 32.76 14.04
CA GLY C 189 -4.88 32.42 14.85
C GLY C 189 -5.34 33.60 15.69
N MET C 190 -5.10 34.82 15.22
CA MET C 190 -5.73 35.99 15.83
C MET C 190 -7.24 35.82 15.71
N LYS C 191 -7.99 36.18 16.75
CA LYS C 191 -9.44 35.88 16.77
C LYS C 191 -10.24 37.11 16.30
N THR C 192 -10.05 37.46 15.04
CA THR C 192 -10.85 38.50 14.39
C THR C 192 -11.24 38.01 12.98
N THR C 193 -12.30 38.61 12.44
CA THR C 193 -12.59 38.51 11.00
C THR C 193 -12.39 39.88 10.33
N ARG C 194 -12.20 40.94 11.14
CA ARG C 194 -11.92 42.28 10.61
C ARG C 194 -10.58 42.26 9.84
N VAL C 195 -10.48 43.12 8.83
CA VAL C 195 -9.32 43.17 7.96
C VAL C 195 -8.58 44.47 8.24
N GLY C 196 -7.85 44.45 9.35
CA GLY C 196 -6.77 45.38 9.59
C GLY C 196 -7.23 46.71 10.15
N GLY C 197 -8.05 46.69 11.18
CA GLY C 197 -8.33 47.92 11.93
C GLY C 197 -8.15 47.71 13.42
N GLY C 198 -8.80 48.56 14.21
CA GLY C 198 -8.97 48.30 15.64
C GLY C 198 -9.91 47.13 15.89
N HIS C 199 -9.86 46.61 17.11
CA HIS C 199 -10.86 45.66 17.61
C HIS C 199 -11.38 46.19 18.95
N PRO C 200 -12.71 46.28 19.13
CA PRO C 200 -13.29 46.95 20.31
C PRO C 200 -12.94 46.27 21.63
N PHE C 201 -12.62 44.98 21.63
CA PHE C 201 -12.34 44.27 22.87
C PHE C 201 -10.84 43.90 22.94
N TYR C 202 -10.00 44.60 22.17
CA TYR C 202 -8.56 44.64 22.48
C TYR C 202 -8.26 45.97 23.18
N GLY C 203 -8.05 45.94 24.48
CA GLY C 203 -7.87 47.18 25.21
C GLY C 203 -7.45 46.96 26.66
N VAL C 204 -7.11 48.07 27.32
CA VAL C 204 -6.67 48.07 28.71
C VAL C 204 -7.81 48.60 29.59
N LEU C 205 -8.13 47.82 30.61
CA LEU C 205 -9.15 48.21 31.58
C LEU C 205 -8.47 48.96 32.72
N ALA C 206 -8.94 50.18 33.00
CA ALA C 206 -8.34 50.99 34.05
C ALA C 206 -8.80 50.50 35.42
N ASP C 207 -8.12 50.99 36.45
CA ASP C 207 -8.52 50.76 37.84
C ASP C 207 -9.76 51.62 38.15
N PRO C 208 -10.50 51.29 39.22
CA PRO C 208 -11.64 52.11 39.66
C PRO C 208 -11.31 53.61 39.76
N GLN C 209 -12.08 54.44 39.06
CA GLN C 209 -11.99 55.90 39.17
C GLN C 209 -12.88 56.37 40.33
N GLU C 210 -12.46 57.40 41.06
CA GLU C 210 -13.28 57.94 42.15
C GLU C 210 -14.27 58.97 41.57
N ARG C 215 -15.57 52.51 34.78
CA ARG C 215 -14.28 51.84 34.54
C ARG C 215 -13.89 51.96 33.07
N PRO C 216 -13.03 52.95 32.74
CA PRO C 216 -12.70 53.20 31.34
C PRO C 216 -11.85 52.08 30.71
N PHE C 217 -12.09 51.85 29.44
CA PHE C 217 -11.41 50.84 28.63
C PHE C 217 -10.76 51.56 27.45
N TYR C 218 -9.43 51.54 27.40
CA TYR C 218 -8.69 52.18 26.30
C TYR C 218 -8.31 51.12 25.25
N GLN C 219 -8.84 51.25 24.04
CA GLN C 219 -8.54 50.28 22.98
C GLN C 219 -7.05 50.38 22.60
N GLN C 220 -6.44 49.24 22.29
CA GLN C 220 -5.03 49.21 21.91
C GLN C 220 -4.92 48.84 20.42
N ASP C 221 -3.76 49.12 19.86
CA ASP C 221 -3.46 48.86 18.45
C ASP C 221 -2.94 47.42 18.32
N LEU C 222 -3.66 46.62 17.53
CA LEU C 222 -3.33 45.19 17.33
C LEU C 222 -2.00 45.04 16.57
N TRP C 223 -1.64 46.04 15.77
CA TRP C 223 -0.59 45.90 14.77
C TRP C 223 0.67 46.71 15.13
N HIS C 224 0.80 47.22 16.35
CA HIS C 224 2.01 47.96 16.72
C HIS C 224 3.26 47.09 16.53
N TYR C 225 3.28 45.93 17.15
CA TYR C 225 4.49 45.08 17.06
C TYR C 225 4.78 44.70 15.62
N THR C 226 3.75 44.32 14.88
CA THR C 226 3.93 43.86 13.48
C THR C 226 4.49 44.96 12.60
N ILE C 227 3.93 46.16 12.65
CA ILE C 227 4.42 47.28 11.79
C ILE C 227 5.80 47.73 12.23
N ALA C 228 6.04 47.81 13.53
CA ALA C 228 7.32 48.29 14.05
C ALA C 228 8.44 47.35 13.58
N ARG C 229 8.18 46.05 13.64
CA ARG C 229 9.11 45.01 13.17
C ARG C 229 9.25 45.03 11.65
N MET C 230 8.18 45.26 10.92
CA MET C 230 8.28 45.31 9.44
C MET C 230 9.09 46.53 9.01
N VAL C 231 8.86 47.67 9.63
CA VAL C 231 9.57 48.91 9.24
C VAL C 231 11.07 48.77 9.51
N ASP C 232 11.43 48.19 10.64
CA ASP C 232 12.85 48.06 11.03
C ASP C 232 13.61 47.14 10.10
N VAL C 233 13.05 45.98 9.77
CA VAL C 233 13.76 45.03 8.88
C VAL C 233 13.90 45.63 7.48
N ALA C 234 12.83 46.20 6.97
CA ALA C 234 12.80 46.79 5.61
C ALA C 234 13.71 48.01 5.46
N VAL C 235 13.67 48.95 6.38
CA VAL C 235 14.51 50.17 6.20
C VAL C 235 15.99 49.82 6.35
N ALA C 236 16.31 48.93 7.27
CA ALA C 236 17.70 48.49 7.48
C ALA C 236 18.24 47.84 6.20
N HIS C 237 17.37 47.25 5.38
CA HIS C 237 17.79 46.62 4.12
C HIS C 237 17.61 47.57 2.93
N GLY C 238 17.31 48.84 3.20
CA GLY C 238 17.08 49.82 2.14
C GLY C 238 15.81 49.54 1.36
N LEU C 239 14.85 48.85 1.99
CA LEU C 239 13.57 48.50 1.37
C LEU C 239 12.49 49.44 1.93
N ARG C 240 11.26 49.29 1.44
CA ARG C 240 10.15 50.11 1.89
C ARG C 240 9.04 49.22 2.48
N ALA C 241 8.41 49.71 3.55
CA ALA C 241 7.29 49.04 4.18
C ALA C 241 5.97 49.70 3.76
N PHE C 242 4.92 48.89 3.65
CA PHE C 242 3.62 49.34 3.19
C PHE C 242 2.52 48.72 4.06
N TYR C 243 1.45 49.48 4.31
CA TYR C 243 0.27 48.87 4.89
C TYR C 243 -0.55 48.27 3.75
N GLY C 244 -1.18 47.13 3.98
CA GLY C 244 -1.90 46.43 2.92
C GLY C 244 -3.32 46.93 2.79
N PRO C 245 -4.28 46.00 2.72
CA PRO C 245 -5.68 46.38 2.57
C PRO C 245 -6.36 46.78 3.89
N PHE C 246 -7.28 47.75 3.77
CA PHE C 246 -8.26 48.04 4.80
C PHE C 246 -9.66 47.70 4.26
N GLY C 247 -10.26 46.63 4.80
CA GLY C 247 -11.39 45.95 4.16
C GLY C 247 -12.72 46.67 4.30
N ASP C 248 -12.88 47.48 5.35
CA ASP C 248 -14.14 48.23 5.57
C ASP C 248 -14.13 49.47 4.66
N ILE C 249 -14.69 49.29 3.47
CA ILE C 249 -14.67 50.33 2.44
C ILE C 249 -15.56 51.52 2.87
N LYS C 250 -16.64 51.24 3.61
CA LYS C 250 -17.61 52.26 4.00
C LYS C 250 -16.99 53.22 5.03
N ASP C 251 -16.17 52.69 5.93
CA ASP C 251 -15.72 53.46 7.10
C ASP C 251 -14.42 54.19 6.76
N GLU C 252 -14.55 55.37 6.17
CA GLU C 252 -13.42 56.13 5.67
C GLU C 252 -12.67 56.81 6.82
N ALA C 253 -13.36 57.09 7.93
CA ALA C 253 -12.69 57.72 9.08
C ALA C 253 -11.69 56.73 9.69
N ALA C 254 -12.08 55.46 9.77
CA ALA C 254 -11.22 54.39 10.31
C ALA C 254 -10.06 54.09 9.36
N CYS C 255 -10.34 54.09 8.05
CA CYS C 255 -9.34 53.82 7.02
C CYS C 255 -8.22 54.88 7.06
N GLU C 256 -8.59 56.15 7.16
CA GLU C 256 -7.64 57.27 7.26
C GLU C 256 -6.75 57.08 8.50
N ALA C 257 -7.38 56.69 9.62
CA ALA C 257 -6.69 56.52 10.90
C ALA C 257 -5.66 55.37 10.82
N GLN C 258 -6.09 54.26 10.21
CA GLN C 258 -5.22 53.08 10.09
C GLN C 258 -4.04 53.38 9.13
N PHE C 259 -4.32 54.04 8.02
CA PHE C 259 -3.29 54.50 7.06
C PHE C 259 -2.30 55.44 7.74
N ARG C 260 -2.81 56.34 8.58
CA ARG C 260 -1.95 57.37 9.22
C ARG C 260 -1.06 56.69 10.27
N ASN C 261 -1.60 55.74 11.04
CA ASN C 261 -0.79 54.94 11.97
C ASN C 261 0.41 54.35 11.20
N ALA C 262 0.10 53.66 10.11
CA ALA C 262 1.10 53.08 9.23
C ALA C 262 2.13 54.15 8.83
N PHE C 263 1.62 55.28 8.36
CA PHE C 263 2.45 56.40 7.92
C PHE C 263 3.30 56.94 9.09
N LEU C 264 2.72 57.10 10.27
CA LEU C 264 3.44 57.68 11.41
C LEU C 264 4.54 56.71 11.90
N LEU C 265 4.39 55.41 11.65
CA LEU C 265 5.40 54.41 12.06
C LEU C 265 6.45 54.19 10.97
N GLY C 266 6.20 54.69 9.75
CA GLY C 266 7.24 54.76 8.72
C GLY C 266 6.89 54.00 7.45
N CYS C 267 5.64 53.68 7.20
CA CYS C 267 5.25 53.08 5.92
C CYS C 267 5.19 54.14 4.81
N THR C 268 5.39 53.67 3.59
CA THR C 268 5.54 54.52 2.40
C THR C 268 4.16 54.84 1.81
N GLY C 269 3.22 53.90 1.96
CA GLY C 269 1.93 53.95 1.28
C GLY C 269 1.02 52.81 1.72
N ALA C 270 -0.17 52.76 1.13
CA ALA C 270 -1.12 51.69 1.44
C ALA C 270 -1.80 51.19 0.16
N TRP C 271 -2.45 50.04 0.27
CA TRP C 271 -3.30 49.53 -0.81
C TRP C 271 -4.61 50.32 -0.83
N SER C 272 -5.20 50.43 -2.02
CA SER C 272 -6.58 50.89 -2.15
C SER C 272 -7.42 49.78 -2.79
N LEU C 273 -8.51 49.40 -2.13
CA LEU C 273 -9.43 48.34 -2.60
C LEU C 273 -10.60 48.96 -3.37
N ALA C 274 -10.82 50.26 -3.23
CA ALA C 274 -11.93 50.93 -3.90
C ALA C 274 -11.56 52.39 -4.18
N PRO C 275 -12.29 53.03 -5.11
CA PRO C 275 -11.88 54.36 -5.57
C PRO C 275 -11.89 55.44 -4.48
N ASN C 276 -12.72 55.27 -3.46
CA ASN C 276 -12.80 56.23 -2.35
C ASN C 276 -11.53 56.18 -1.50
N GLN C 277 -10.82 55.05 -1.52
CA GLN C 277 -9.59 54.90 -0.73
C GLN C 277 -8.41 55.59 -1.43
N ILE C 278 -8.49 55.79 -2.74
CA ILE C 278 -7.36 56.37 -3.49
C ILE C 278 -6.96 57.72 -2.90
N PRO C 279 -7.90 58.67 -2.78
CA PRO C 279 -7.47 60.00 -2.29
C PRO C 279 -6.97 59.97 -0.84
N ILE C 280 -7.49 59.03 -0.05
CA ILE C 280 -7.15 58.87 1.38
C ILE C 280 -5.66 58.47 1.48
N ALA C 281 -5.29 57.42 0.76
CA ALA C 281 -3.89 56.98 0.77
C ALA C 281 -2.99 58.12 0.25
N LYS C 282 -3.41 58.77 -0.83
CA LYS C 282 -2.60 59.82 -1.43
C LYS C 282 -2.40 60.97 -0.42
N ARG C 283 -3.47 61.31 0.32
CA ARG C 283 -3.44 62.44 1.26
C ARG C 283 -2.52 62.10 2.45
N VAL C 284 -2.65 60.89 2.97
CA VAL C 284 -1.95 60.48 4.19
C VAL C 284 -0.44 60.31 3.91
N PHE C 285 -0.10 59.64 2.82
CA PHE C 285 1.28 59.18 2.62
C PHE C 285 2.09 60.19 1.77
N SER C 286 1.51 61.35 1.47
CA SER C 286 2.28 62.42 0.85
C SER C 286 3.33 62.91 1.86
N PRO C 287 4.55 63.20 1.39
CA PRO C 287 5.60 63.68 2.29
C PRO C 287 5.16 64.91 3.09
N ASP C 288 5.44 64.90 4.39
CA ASP C 288 5.13 66.05 5.24
C ASP C 288 6.02 67.21 4.76
N VAL C 289 5.53 68.43 4.91
CA VAL C 289 6.14 69.60 4.28
C VAL C 289 7.46 69.94 5.00
N ASN C 290 7.51 69.77 6.33
CA ASN C 290 8.74 70.07 7.09
C ASN C 290 9.84 69.06 6.75
N GLU C 291 9.46 67.87 6.29
CA GLU C 291 10.44 66.87 5.86
C GLU C 291 11.07 67.31 4.54
N VAL C 292 10.25 67.83 3.63
CA VAL C 292 10.72 68.31 2.33
C VAL C 292 11.58 69.57 2.53
N LEU C 293 11.09 70.49 3.36
CA LEU C 293 11.80 71.75 3.59
C LEU C 293 13.16 71.51 4.24
N PHE C 294 13.22 70.59 5.21
CA PHE C 294 14.48 70.24 5.87
C PHE C 294 15.40 69.50 4.88
N ALA C 295 14.82 68.74 3.96
CA ALA C 295 15.59 68.08 2.89
C ALA C 295 16.17 69.13 1.94
N LYS C 296 15.36 70.14 1.57
CA LYS C 296 15.82 71.23 0.69
C LYS C 296 17.05 71.91 1.30
N ARG C 297 17.02 72.13 2.61
CA ARG C 297 18.09 72.80 3.31
C ARG C 297 19.38 71.97 3.25
N ILE C 298 19.27 70.65 3.34
CA ILE C 298 20.46 69.78 3.33
C ILE C 298 21.19 69.90 1.98
N LEU C 299 20.43 70.02 0.89
CA LEU C 299 21.01 70.06 -0.46
C LEU C 299 21.64 71.44 -0.73
N ASP C 300 21.08 72.48 -0.12
CA ASP C 300 21.58 73.86 -0.28
C ASP C 300 22.84 74.08 0.54
N ALA C 301 22.92 73.50 1.73
CA ALA C 301 24.07 73.68 2.63
C ALA C 301 25.29 72.91 2.11
N MET C 302 25.04 71.92 1.25
CA MET C 302 26.10 71.13 0.63
C MET C 302 25.80 70.99 -0.88
N PRO C 303 26.11 72.04 -1.66
CA PRO C 303 25.80 72.01 -3.10
C PRO C 303 26.43 70.80 -3.81
N ASP C 304 27.66 70.45 -3.46
CA ASP C 304 28.35 69.28 -4.02
C ASP C 304 27.72 67.99 -3.49
N GLY C 305 27.29 68.00 -2.23
CA GLY C 305 26.89 66.79 -1.52
C GLY C 305 28.08 66.11 -0.85
N SER C 306 29.20 66.84 -0.80
CA SER C 306 30.46 66.31 -0.31
C SER C 306 30.87 67.04 0.99
N GLY C 307 31.97 66.60 1.59
CA GLY C 307 32.45 67.19 2.84
C GLY C 307 31.49 66.91 3.98
N VAL C 308 31.45 67.83 4.94
CA VAL C 308 30.61 67.71 6.13
C VAL C 308 30.04 69.10 6.46
N ALA C 309 28.72 69.19 6.55
CA ALA C 309 28.06 70.43 6.98
C ALA C 309 27.25 70.14 8.24
N MET C 310 26.53 71.16 8.73
CA MET C 310 25.66 70.98 9.89
C MET C 310 24.41 71.85 9.74
N ILE C 311 23.29 71.30 10.20
CA ILE C 311 22.00 71.98 10.16
C ILE C 311 21.23 71.62 11.44
N ASP C 312 20.75 72.62 12.15
CA ASP C 312 19.99 72.42 13.39
C ASP C 312 20.74 71.46 14.31
N GLY C 313 22.05 71.70 14.49
CA GLY C 313 22.85 70.98 15.48
C GLY C 313 23.23 69.57 15.04
N LYS C 314 22.83 69.14 13.84
CA LYS C 314 23.00 67.76 13.42
C LYS C 314 23.95 67.71 12.22
N MET C 315 25.05 66.96 12.38
CA MET C 315 26.04 66.74 11.31
C MET C 315 25.34 66.18 10.06
N GLN C 316 25.63 66.77 8.92
CA GLN C 316 25.15 66.28 7.64
C GLN C 316 26.35 65.76 6.82
N ASP C 317 26.14 64.71 6.05
CA ASP C 317 27.24 64.04 5.36
C ASP C 317 26.72 63.41 4.05
N ASP C 318 27.55 62.58 3.44
CA ASP C 318 27.26 61.97 2.13
C ASP C 318 26.01 61.08 2.23
N ALA C 319 25.79 60.45 3.38
CA ALA C 319 24.62 59.58 3.60
C ALA C 319 23.34 60.42 3.75
N THR C 320 23.37 61.46 4.59
CA THR C 320 22.16 62.26 4.83
C THR C 320 21.83 63.08 3.57
N TRP C 321 22.85 63.46 2.81
CA TRP C 321 22.61 64.13 1.53
C TRP C 321 21.86 63.19 0.59
N LYS C 322 22.30 61.93 0.52
CA LYS C 322 21.64 60.90 -0.31
C LYS C 322 20.16 60.80 0.06
N GLN C 323 19.82 60.90 1.35
CA GLN C 323 18.43 60.77 1.81
C GLN C 323 17.63 62.03 1.46
N ALA C 324 18.19 63.21 1.68
CA ALA C 324 17.49 64.45 1.39
C ALA C 324 17.14 64.52 -0.10
N LYS C 325 18.06 64.07 -0.95
CA LYS C 325 17.82 64.00 -2.41
C LYS C 325 16.55 63.18 -2.68
N VAL C 326 16.47 62.01 -2.07
CA VAL C 326 15.34 61.08 -2.26
C VAL C 326 14.03 61.81 -1.97
N ILE C 327 13.94 62.48 -0.82
CA ILE C 327 12.68 63.12 -0.37
C ILE C 327 12.27 64.21 -1.37
N VAL C 328 13.22 65.08 -1.73
CA VAL C 328 12.99 66.20 -2.65
C VAL C 328 12.55 65.66 -4.01
N ASP C 329 13.28 64.68 -4.52
CA ASP C 329 12.96 64.02 -5.80
C ASP C 329 11.52 63.51 -5.76
N LEU C 330 11.18 62.84 -4.67
CA LEU C 330 9.87 62.24 -4.51
C LEU C 330 8.79 63.33 -4.46
N ALA C 331 9.07 64.41 -3.73
CA ALA C 331 8.14 65.56 -3.63
C ALA C 331 8.00 66.25 -5.00
N ARG C 332 9.10 66.37 -5.73
CA ARG C 332 9.08 66.98 -7.06
C ARG C 332 8.16 66.18 -8.00
N MET C 333 8.25 64.85 -7.97
CA MET C 333 7.47 63.99 -8.88
C MET C 333 6.00 63.97 -8.48
N ILE C 334 5.69 64.23 -7.21
CA ILE C 334 4.30 64.27 -6.74
C ILE C 334 3.68 65.61 -7.18
N ALA C 335 4.46 66.68 -7.09
CA ALA C 335 4.04 68.01 -7.54
C ALA C 335 3.70 67.97 -9.05
N LYS C 336 4.46 67.20 -9.82
CA LYS C 336 4.29 67.15 -11.26
C LYS C 336 2.82 66.87 -11.63
N LYS C 337 2.05 66.23 -10.76
CA LYS C 337 0.64 65.90 -11.07
C LYS C 337 -0.31 66.42 -9.99
N ASP C 338 0.13 67.34 -9.14
CA ASP C 338 -0.71 67.87 -8.06
C ASP C 338 -0.26 69.29 -7.70
N PRO C 339 -0.85 70.30 -8.35
CA PRO C 339 -0.61 71.74 -8.14
C PRO C 339 -0.66 72.20 -6.68
N GLU C 340 -1.53 71.62 -5.87
CA GLU C 340 -1.72 72.05 -4.48
C GLU C 340 -0.45 71.77 -3.67
N LEU C 341 0.11 70.56 -3.83
CA LEU C 341 1.33 70.17 -3.10
C LEU C 341 2.53 70.92 -3.68
N ALA C 342 2.52 71.16 -4.98
CA ALA C 342 3.60 71.92 -5.64
C ALA C 342 3.90 73.20 -4.85
N GLN C 343 2.83 73.93 -4.49
CA GLN C 343 2.97 75.17 -3.69
C GLN C 343 3.62 74.84 -2.36
N ALA C 344 2.98 73.94 -1.59
CA ALA C 344 3.36 73.64 -0.21
C ALA C 344 4.84 73.24 -0.10
N TYR C 345 5.37 72.59 -1.14
CA TYR C 345 6.78 72.17 -1.15
C TYR C 345 7.67 73.31 -1.66
N GLY C 346 7.12 74.17 -2.53
CA GLY C 346 7.85 75.31 -3.06
C GLY C 346 8.46 74.99 -4.42
N PHE C 347 7.61 74.63 -5.38
CA PHE C 347 8.05 74.31 -6.75
C PHE C 347 7.26 75.18 -7.74
N MET D 1 29.89 35.56 19.09
CA MET D 1 31.00 36.15 18.28
C MET D 1 32.34 35.63 18.80
N LYS D 2 32.98 36.34 19.74
CA LYS D 2 34.22 35.85 20.36
C LYS D 2 33.85 34.78 21.39
N LEU D 3 34.77 33.86 21.64
CA LEU D 3 34.51 32.77 22.57
C LEU D 3 34.79 33.26 23.99
N PRO D 4 34.05 32.72 24.99
CA PRO D 4 34.17 33.08 26.42
C PRO D 4 35.61 33.05 26.96
N ILE D 5 36.44 32.12 26.46
CA ILE D 5 37.85 31.98 26.85
C ILE D 5 38.63 33.24 26.43
N HIS D 6 38.29 33.84 25.29
CA HIS D 6 39.03 35.00 24.77
C HIS D 6 38.28 36.31 25.04
N PHE D 7 36.99 36.24 25.37
CA PHE D 7 36.12 37.43 25.45
C PHE D 7 36.66 38.43 26.49
N TYR D 8 37.19 37.92 27.59
CA TYR D 8 37.51 38.77 28.75
C TYR D 8 39.01 39.10 28.78
N LYS D 9 39.74 38.81 27.71
CA LYS D 9 41.16 39.18 27.62
C LYS D 9 41.29 40.64 27.14
N PRO D 10 42.33 41.36 27.59
CA PRO D 10 42.65 42.69 27.05
C PRO D 10 42.97 42.62 25.55
N LEU D 11 42.67 43.70 24.83
CA LEU D 11 42.90 43.74 23.37
C LEU D 11 44.24 44.42 23.06
N ALA D 12 44.94 44.92 24.08
CA ALA D 12 46.30 45.43 23.92
C ALA D 12 47.16 45.03 25.13
N ALA D 13 48.43 44.77 24.89
CA ALA D 13 49.37 44.49 25.97
C ALA D 13 49.52 45.73 26.86
N GLY D 14 49.21 45.59 28.15
CA GLY D 14 49.31 46.69 29.11
C GLY D 14 47.96 47.37 29.35
N ALA D 15 46.93 46.98 28.61
CA ALA D 15 45.59 47.55 28.79
C ALA D 15 44.90 46.82 29.95
N PRO D 16 44.09 47.55 30.75
CA PRO D 16 43.50 47.00 31.97
C PRO D 16 42.53 45.84 31.69
N GLN D 17 42.43 44.92 32.64
CA GLN D 17 41.62 43.70 32.48
C GLN D 17 40.15 44.09 32.24
N PRO D 18 39.52 43.49 31.22
CA PRO D 18 38.09 43.67 31.02
C PRO D 18 37.29 43.28 32.26
N ILE D 19 36.23 44.05 32.53
CA ILE D 19 35.30 43.78 33.62
C ILE D 19 34.50 42.50 33.30
N ARG D 20 34.14 41.75 34.35
CA ARG D 20 33.28 40.58 34.21
C ARG D 20 31.85 40.95 34.64
N GLU D 21 31.72 42.04 35.40
CA GLU D 21 30.44 42.50 35.94
C GLU D 21 30.35 44.02 35.82
N LEU D 22 29.18 44.53 35.44
CA LEU D 22 28.96 45.99 35.34
C LEU D 22 28.97 46.61 36.76
N PRO D 23 29.61 47.79 36.92
CA PRO D 23 29.63 48.49 38.22
C PRO D 23 28.22 49.00 38.61
N VAL D 24 27.87 48.80 39.89
CA VAL D 24 26.58 49.26 40.43
C VAL D 24 26.77 50.67 40.99
N ARG D 25 25.94 51.60 40.50
CA ARG D 25 25.88 52.97 41.00
C ARG D 25 24.63 53.64 40.43
N PRO D 26 24.20 54.76 41.02
CA PRO D 26 23.01 55.44 40.51
C PRO D 26 23.25 55.98 39.09
N GLU D 27 22.31 55.70 38.18
CA GLU D 27 22.37 56.20 36.82
C GLU D 27 20.97 56.67 36.40
N ARG D 28 20.24 57.28 37.35
CA ARG D 28 18.86 57.67 37.10
C ARG D 28 18.83 58.82 36.10
N VAL D 29 19.81 59.72 36.16
CA VAL D 29 19.86 60.87 35.25
C VAL D 29 21.25 60.98 34.65
N ILE D 30 21.30 61.18 33.33
CA ILE D 30 22.53 61.48 32.62
C ILE D 30 22.41 62.91 32.10
N HIS D 31 23.10 63.83 32.78
CA HIS D 31 22.93 65.24 32.51
C HIS D 31 23.98 65.69 31.49
N PHE D 32 23.51 66.19 30.36
CA PHE D 32 24.38 66.59 29.26
C PHE D 32 24.76 68.07 29.44
N PHE D 33 26.01 68.40 29.09
CA PHE D 33 26.48 69.78 29.16
C PHE D 33 27.37 70.09 27.95
N PRO D 34 27.17 71.27 27.31
CA PRO D 34 28.06 71.73 26.23
C PRO D 34 29.37 72.28 26.81
N PRO D 35 30.49 71.56 26.62
CA PRO D 35 31.75 71.88 27.30
C PRO D 35 32.51 73.10 26.73
N HIS D 36 32.10 73.61 25.56
CA HIS D 36 32.74 74.81 25.00
C HIS D 36 32.26 76.09 25.70
N VAL D 37 31.13 76.04 26.40
CA VAL D 37 30.54 77.24 27.01
C VAL D 37 31.18 77.48 28.38
N GLU D 38 31.74 78.68 28.59
CA GLU D 38 32.52 78.99 29.79
C GLU D 38 31.63 79.06 31.03
N LYS D 39 30.44 79.65 30.89
CA LYS D 39 29.51 79.82 32.01
C LYS D 39 29.19 78.47 32.64
N ILE D 40 28.89 77.49 31.79
CA ILE D 40 28.44 76.17 32.23
C ILE D 40 29.61 75.42 32.90
N ARG D 41 30.79 75.47 32.29
CA ARG D 41 32.00 74.86 32.86
C ARG D 41 32.25 75.36 34.29
N ALA D 42 31.97 76.63 34.55
CA ALA D 42 32.13 77.19 35.90
C ALA D 42 31.22 76.45 36.89
N ARG D 43 29.97 76.19 36.51
CA ARG D 43 28.95 75.67 37.42
C ARG D 43 29.05 74.14 37.59
N ILE D 44 29.98 73.46 36.92
CA ILE D 44 29.98 71.98 36.86
C ILE D 44 30.31 71.37 38.24
N PRO D 45 31.19 72.01 39.03
CA PRO D 45 31.46 71.45 40.38
C PRO D 45 30.20 71.42 41.27
N GLU D 46 29.34 72.44 41.15
CA GLU D 46 28.05 72.47 41.84
C GLU D 46 27.10 71.43 41.23
N VAL D 47 26.97 71.47 39.90
CA VAL D 47 26.00 70.64 39.18
C VAL D 47 26.33 69.16 39.37
N ALA D 48 27.61 68.82 39.50
CA ALA D 48 28.04 67.42 39.71
C ALA D 48 27.35 66.82 40.94
N LYS D 49 27.08 67.66 41.95
CA LYS D 49 26.48 67.22 43.23
C LYS D 49 25.01 66.83 43.04
N GLN D 50 24.34 67.43 42.06
CA GLN D 50 22.89 67.30 41.90
C GLN D 50 22.52 66.17 40.93
N VAL D 51 23.52 65.48 40.38
CA VAL D 51 23.29 64.50 39.31
C VAL D 51 24.05 63.20 39.61
N ASP D 52 23.53 62.10 39.07
CA ASP D 52 24.12 60.78 39.23
C ASP D 52 25.26 60.60 38.23
N VAL D 53 25.08 61.20 37.05
CA VAL D 53 26.00 61.06 35.93
C VAL D 53 26.08 62.41 35.22
N LEU D 54 27.29 62.76 34.82
CA LEU D 54 27.55 63.96 34.04
C LEU D 54 28.14 63.54 32.68
N CYS D 55 27.54 64.01 31.59
CA CYS D 55 27.98 63.60 30.26
C CYS D 55 28.33 64.87 29.45
N GLY D 56 29.60 65.01 29.09
CA GLY D 56 30.00 66.03 28.14
C GLY D 56 29.59 65.65 26.73
N ASN D 57 29.15 66.63 25.95
CA ASN D 57 28.63 66.41 24.61
C ASN D 57 29.53 67.08 23.58
N LEU D 58 30.02 66.30 22.62
CA LEU D 58 30.84 66.80 21.52
C LEU D 58 30.11 66.70 20.18
N GLU D 59 28.92 66.09 20.14
CA GLU D 59 28.28 65.75 18.85
C GLU D 59 27.12 66.72 18.58
N ASP D 60 25.87 66.27 18.72
CA ASP D 60 24.73 67.10 18.29
C ASP D 60 24.69 68.38 19.14
N ALA D 61 24.26 69.48 18.51
CA ALA D 61 24.09 70.78 19.13
C ALA D 61 25.45 71.46 19.44
N ILE D 62 26.57 70.83 19.09
CA ILE D 62 27.89 71.47 19.20
C ILE D 62 28.33 71.86 17.79
N PRO D 63 28.40 73.19 17.48
CA PRO D 63 28.69 73.63 16.10
C PRO D 63 30.06 73.16 15.59
N ILE D 64 30.24 73.17 14.26
CA ILE D 64 31.44 72.65 13.60
C ILE D 64 32.68 73.41 14.08
N ASP D 65 32.54 74.73 14.29
CA ASP D 65 33.70 75.57 14.66
C ASP D 65 33.93 75.53 16.18
N ALA D 66 33.07 74.84 16.94
CA ALA D 66 33.20 74.74 18.39
C ALA D 66 33.72 73.35 18.82
N LYS D 67 33.99 72.47 17.85
CA LYS D 67 34.31 71.07 18.15
C LYS D 67 35.62 70.99 18.95
N GLU D 68 36.62 71.74 18.51
CA GLU D 68 37.93 71.78 19.17
C GLU D 68 37.79 72.39 20.57
N ALA D 69 37.00 73.46 20.67
CA ALA D 69 36.74 74.13 21.93
C ALA D 69 36.03 73.17 22.91
N ALA D 70 35.02 72.45 22.39
CA ALA D 70 34.28 71.44 23.18
C ALA D 70 35.21 70.31 23.64
N ARG D 71 36.06 69.83 22.74
CA ARG D 71 37.01 68.78 23.06
C ARG D 71 37.96 69.25 24.18
N ALA D 72 38.42 70.50 24.10
CA ALA D 72 39.32 71.08 25.11
C ALA D 72 38.53 71.45 26.38
N GLY D 73 37.39 72.08 26.19
CA GLY D 73 36.48 72.41 27.30
C GLY D 73 36.22 71.21 28.20
N PHE D 74 35.80 70.09 27.61
CA PHE D 74 35.48 68.88 28.38
C PHE D 74 36.70 68.41 29.17
N ILE D 75 37.87 68.49 28.56
CA ILE D 75 39.10 68.03 29.20
C ILE D 75 39.41 68.94 30.41
N GLU D 76 39.27 70.25 30.23
CA GLU D 76 39.51 71.22 31.30
C GLU D 76 38.68 70.87 32.53
N VAL D 77 37.37 70.70 32.33
CA VAL D 77 36.45 70.41 33.44
C VAL D 77 36.75 69.03 34.02
N ALA D 78 37.14 68.10 33.17
CA ALA D 78 37.46 66.76 33.60
C ALA D 78 38.58 66.79 34.65
N ARG D 79 39.70 67.43 34.33
CA ARG D 79 40.91 67.34 35.19
C ARG D 79 40.78 68.30 36.39
N ASN D 80 39.97 69.34 36.27
CA ASN D 80 39.75 70.28 37.38
C ASN D 80 38.89 69.63 38.47
N THR D 81 37.69 69.24 38.06
CA THR D 81 36.60 68.92 38.97
C THR D 81 36.91 67.63 39.73
N ASP D 82 36.49 67.60 40.99
CA ASP D 82 36.36 66.37 41.75
C ASP D 82 34.88 65.97 41.72
N PHE D 83 34.59 64.82 41.11
CA PHE D 83 33.21 64.44 40.81
C PHE D 83 32.58 63.72 42.00
N GLY D 84 33.39 63.25 42.95
CA GLY D 84 32.89 62.50 44.08
C GLY D 84 32.31 61.17 43.62
N ASP D 85 31.02 60.96 43.90
CA ASP D 85 30.32 59.74 43.50
C ASP D 85 29.69 59.92 42.11
N THR D 86 29.66 61.14 41.58
CA THR D 86 29.12 61.40 40.24
C THR D 86 30.02 60.74 39.19
N ALA D 87 29.42 59.97 38.30
CA ALA D 87 30.16 59.36 37.18
C ALA D 87 30.33 60.40 36.08
N LEU D 88 31.43 60.28 35.35
CA LEU D 88 31.72 61.17 34.25
C LEU D 88 31.64 60.36 32.94
N TRP D 89 30.88 60.89 31.98
CA TRP D 89 30.68 60.30 30.66
C TRP D 89 31.02 61.36 29.60
N VAL D 90 31.28 60.93 28.36
CA VAL D 90 31.42 61.85 27.23
C VAL D 90 30.77 61.23 25.99
N ARG D 91 30.06 62.04 25.22
CA ARG D 91 29.58 61.62 23.92
C ARG D 91 30.50 62.21 22.84
N VAL D 92 31.37 61.35 22.31
CA VAL D 92 32.26 61.71 21.20
C VAL D 92 31.42 61.91 19.93
N ASN D 93 32.09 62.30 18.86
CA ASN D 93 31.47 62.46 17.56
C ASN D 93 31.36 61.08 16.88
N ALA D 94 30.59 61.01 15.80
CA ALA D 94 30.29 59.76 15.09
C ALA D 94 31.56 59.14 14.50
N LEU D 95 31.51 57.84 14.23
CA LEU D 95 32.69 57.09 13.80
C LEU D 95 33.07 57.42 12.35
N ASN D 96 32.20 58.09 11.61
CA ASN D 96 32.51 58.48 10.23
C ASN D 96 32.96 59.94 10.15
N SER D 97 33.09 60.59 11.31
CA SER D 97 33.26 62.05 11.35
C SER D 97 34.75 62.40 11.37
N PRO D 98 35.07 63.67 11.02
CA PRO D 98 36.46 64.14 11.03
C PRO D 98 36.99 64.53 12.42
N TRP D 99 36.22 64.31 13.49
CA TRP D 99 36.57 64.77 14.84
C TRP D 99 36.79 63.57 15.79
N VAL D 100 36.38 62.37 15.41
CA VAL D 100 36.18 61.28 16.39
C VAL D 100 37.55 60.70 16.80
N LEU D 101 38.50 60.71 15.88
CA LEU D 101 39.82 60.12 16.16
C LEU D 101 40.53 60.94 17.25
N ASP D 102 40.40 62.25 17.18
CA ASP D 102 41.05 63.14 18.14
C ASP D 102 40.20 63.21 19.42
N ASP D 103 38.88 63.21 19.28
CA ASP D 103 37.96 63.17 20.43
C ASP D 103 38.41 62.06 21.38
N ILE D 104 38.53 60.84 20.85
CA ILE D 104 38.85 59.70 21.71
C ILE D 104 40.31 59.83 22.16
N ALA D 105 41.22 60.05 21.23
CA ALA D 105 42.67 60.05 21.52
C ALA D 105 43.03 61.13 22.55
N ASP D 106 42.55 62.36 22.36
CA ASP D 106 42.92 63.48 23.23
C ASP D 106 42.31 63.26 24.62
N ILE D 107 41.07 62.75 24.69
CA ILE D 107 40.38 62.59 25.98
C ILE D 107 41.02 61.46 26.79
N VAL D 108 41.37 60.35 26.15
CA VAL D 108 41.95 59.20 26.86
C VAL D 108 43.36 59.59 27.36
N ALA D 109 44.06 60.40 26.58
CA ALA D 109 45.42 60.82 26.95
C ALA D 109 45.37 61.70 28.20
N THR D 110 44.56 62.76 28.15
CA THR D 110 44.57 63.78 29.18
C THR D 110 43.80 63.28 30.42
N VAL D 111 42.53 62.88 30.26
CA VAL D 111 41.63 62.70 31.42
C VAL D 111 41.03 61.28 31.44
N GLY D 112 41.71 60.32 30.81
CA GLY D 112 41.18 58.96 30.62
C GLY D 112 40.86 58.23 31.91
N ASN D 113 41.59 58.51 33.00
CA ASN D 113 41.40 57.80 34.28
C ASN D 113 40.23 58.42 35.08
N LYS D 114 39.59 59.44 34.55
CA LYS D 114 38.37 60.01 35.15
C LYS D 114 37.13 59.65 34.32
N LEU D 115 37.30 59.07 33.13
CA LEU D 115 36.16 58.73 32.27
C LEU D 115 35.66 57.32 32.61
N ASP D 116 34.37 57.23 32.91
CA ASP D 116 33.75 55.96 33.28
C ASP D 116 33.17 55.30 32.02
N VAL D 117 32.44 56.07 31.22
CA VAL D 117 31.70 55.57 30.07
C VAL D 117 31.90 56.52 28.89
N MET D 118 32.14 55.94 27.71
CA MET D 118 32.17 56.69 26.48
C MET D 118 30.93 56.34 25.66
N MET D 119 30.24 57.36 25.17
CA MET D 119 29.01 57.18 24.43
C MET D 119 29.29 57.40 22.94
N ILE D 120 28.93 56.38 22.15
CA ILE D 120 29.22 56.33 20.71
C ILE D 120 27.92 56.56 19.94
N PRO D 121 27.87 57.62 19.12
CA PRO D 121 26.67 57.86 18.31
C PRO D 121 26.49 56.81 17.19
N LYS D 122 25.24 56.58 16.82
CA LYS D 122 24.87 55.88 15.58
C LYS D 122 25.58 54.52 15.48
N VAL D 123 25.53 53.73 16.54
CA VAL D 123 26.07 52.36 16.47
C VAL D 123 25.17 51.53 15.53
N GLU D 124 25.77 51.06 14.43
CA GLU D 124 25.06 50.34 13.37
C GLU D 124 25.16 48.82 13.58
N GLY D 125 26.21 48.35 14.24
CA GLY D 125 26.45 46.90 14.36
C GLY D 125 27.71 46.60 15.15
N PRO D 126 28.04 45.31 15.32
CA PRO D 126 29.15 44.91 16.17
C PRO D 126 30.52 45.43 15.69
N TRP D 127 30.65 45.68 14.39
CA TRP D 127 31.89 46.23 13.82
C TRP D 127 32.23 47.59 14.46
N ASP D 128 31.22 48.42 14.68
CA ASP D 128 31.43 49.74 15.30
C ASP D 128 32.02 49.55 16.71
N ILE D 129 31.52 48.53 17.43
CA ILE D 129 32.01 48.22 18.78
C ILE D 129 33.43 47.67 18.68
N HIS D 130 33.67 46.79 17.73
CA HIS D 130 34.98 46.17 17.59
C HIS D 130 36.06 47.26 17.44
N PHE D 131 35.78 48.28 16.64
CA PHE D 131 36.74 49.36 16.39
C PHE D 131 37.05 50.13 17.67
N VAL D 132 36.00 50.63 18.32
CA VAL D 132 36.14 51.41 19.54
C VAL D 132 36.83 50.56 20.61
N ASP D 133 36.41 49.30 20.74
CA ASP D 133 36.97 48.38 21.76
C ASP D 133 38.49 48.33 21.59
N GLN D 134 38.94 48.03 20.37
CA GLN D 134 40.35 47.80 20.06
C GLN D 134 41.13 49.12 20.19
N TYR D 135 40.54 50.22 19.72
CA TYR D 135 41.18 51.54 19.72
C TYR D 135 41.38 52.05 21.16
N LEU D 136 40.36 51.91 22.02
CA LEU D 136 40.47 52.29 23.43
C LEU D 136 41.56 51.45 24.10
N ALA D 137 41.65 50.17 23.75
CA ALA D 137 42.63 49.29 24.40
C ALA D 137 44.06 49.76 24.11
N LEU D 138 44.31 50.17 22.86
CA LEU D 138 45.63 50.60 22.45
C LEU D 138 45.98 51.93 23.14
N LEU D 139 44.99 52.81 23.24
CA LEU D 139 45.16 54.10 23.94
C LEU D 139 45.29 53.86 25.45
N GLU D 140 44.56 52.89 25.97
CA GLU D 140 44.58 52.62 27.40
C GLU D 140 45.98 52.15 27.79
N ALA D 141 46.55 51.25 26.98
CA ALA D 141 47.88 50.66 27.23
C ALA D 141 48.97 51.75 27.16
N LYS D 142 48.90 52.58 26.13
CA LYS D 142 49.85 53.64 25.90
C LYS D 142 49.85 54.60 27.09
N HIS D 143 48.67 54.86 27.68
CA HIS D 143 48.55 55.86 28.73
C HIS D 143 48.35 55.20 30.10
N GLN D 144 48.48 53.87 30.16
CA GLN D 144 48.42 53.11 31.43
C GLN D 144 47.15 53.50 32.20
N ILE D 145 46.00 53.45 31.54
CA ILE D 145 44.70 53.72 32.18
C ILE D 145 44.36 52.50 33.08
N GLN D 146 43.82 52.77 34.27
CA GLN D 146 43.87 51.77 35.35
C GLN D 146 42.64 50.86 35.33
N LYS D 147 41.49 51.40 34.92
CA LYS D 147 40.29 50.57 34.69
C LYS D 147 39.73 50.88 33.30
N PRO D 148 39.00 49.92 32.71
CA PRO D 148 38.51 50.08 31.33
C PRO D 148 37.44 51.17 31.19
N ILE D 149 37.53 51.96 30.13
CA ILE D 149 36.48 52.90 29.75
C ILE D 149 35.40 52.12 28.99
N LEU D 150 34.16 52.20 29.46
CA LEU D 150 33.09 51.36 28.93
C LEU D 150 32.43 52.07 27.74
N ILE D 151 31.77 51.27 26.90
CA ILE D 151 31.12 51.74 25.67
C ILE D 151 29.60 51.72 25.89
N HIS D 152 28.96 52.82 25.56
CA HIS D 152 27.52 52.97 25.68
C HIS D 152 26.98 53.35 24.32
N ALA D 153 26.14 52.48 23.73
CA ALA D 153 25.78 52.59 22.33
C ALA D 153 24.51 53.43 22.16
N LEU D 154 24.60 54.47 21.34
CA LEU D 154 23.43 55.23 20.93
C LEU D 154 22.73 54.46 19.80
N LEU D 155 21.44 54.21 19.95
CA LEU D 155 20.65 53.57 18.91
C LEU D 155 19.94 54.66 18.12
N GLU D 156 20.40 54.92 16.89
CA GLU D 156 19.86 56.04 16.10
C GLU D 156 19.45 55.57 14.68
N THR D 157 19.62 54.30 14.35
CA THR D 157 19.23 53.79 13.02
C THR D 157 18.45 52.48 13.16
N ALA D 158 17.70 52.17 12.11
CA ALA D 158 16.98 50.92 12.02
C ALA D 158 17.97 49.75 12.03
N GLN D 159 19.09 49.89 11.30
CA GLN D 159 20.09 48.82 11.24
C GLN D 159 20.58 48.48 12.65
N GLY D 160 20.83 49.52 13.45
CA GLY D 160 21.28 49.37 14.84
C GLY D 160 20.27 48.61 15.68
N MET D 161 18.99 48.91 15.47
CA MET D 161 17.88 48.20 16.14
C MET D 161 17.86 46.74 15.68
N MET D 162 18.09 46.49 14.39
CA MET D 162 18.12 45.14 13.87
C MET D 162 19.35 44.40 14.42
N ASN D 163 20.49 45.09 14.57
CA ASN D 163 21.75 44.44 14.94
C ASN D 163 21.95 44.45 16.47
N LEU D 164 20.90 44.80 17.20
CA LEU D 164 20.99 45.11 18.62
C LEU D 164 21.60 43.95 19.43
N GLU D 165 21.25 42.70 19.15
CA GLU D 165 21.78 41.58 19.96
C GLU D 165 23.29 41.44 19.71
N ALA D 166 23.69 41.56 18.46
CA ALA D 166 25.08 41.45 18.05
C ALA D 166 25.91 42.59 18.65
N ILE D 167 25.33 43.78 18.76
CA ILE D 167 26.01 44.94 19.34
C ILE D 167 26.22 44.69 20.84
N ALA D 168 25.15 44.23 21.49
CA ALA D 168 25.12 43.99 22.93
C ALA D 168 26.23 43.01 23.34
N GLY D 169 26.44 41.96 22.56
CA GLY D 169 27.38 40.90 22.89
C GLY D 169 28.77 41.11 22.29
N ALA D 170 29.04 42.31 21.79
CA ALA D 170 30.24 42.55 20.97
C ALA D 170 31.49 42.68 21.85
N SER D 171 31.35 43.12 23.09
CA SER D 171 32.51 43.48 23.91
C SER D 171 32.15 43.46 25.40
N PRO D 172 33.10 43.03 26.25
CA PRO D 172 32.86 43.19 27.70
C PRO D 172 32.98 44.65 28.18
N ARG D 173 33.41 45.57 27.30
CA ARG D 173 33.31 47.01 27.59
C ARG D 173 31.85 47.49 27.54
N MET D 174 30.93 46.69 27.01
CA MET D 174 29.57 47.19 26.76
C MET D 174 28.90 47.52 28.10
N HIS D 175 28.27 48.70 28.14
CA HIS D 175 27.59 49.23 29.32
C HIS D 175 26.06 49.15 29.12
N GLY D 176 25.62 49.56 27.93
CA GLY D 176 24.21 49.59 27.61
C GLY D 176 23.89 50.52 26.45
N PHE D 177 22.62 50.90 26.36
CA PHE D 177 22.10 51.58 25.19
C PHE D 177 21.25 52.78 25.61
N SER D 178 21.26 53.80 24.76
CA SER D 178 20.32 54.90 24.85
C SER D 178 19.59 55.05 23.51
N LEU D 179 18.35 55.51 23.62
CA LEU D 179 17.50 55.85 22.49
C LEU D 179 17.93 57.21 21.93
N GLY D 180 18.15 57.30 20.63
CA GLY D 180 18.30 58.57 19.92
C GLY D 180 17.04 58.92 19.15
N PRO D 181 15.98 59.34 19.86
CA PRO D 181 14.61 59.42 19.34
C PRO D 181 14.51 60.16 18.01
N ALA D 182 15.05 61.36 17.95
CA ALA D 182 14.99 62.20 16.76
C ALA D 182 15.56 61.44 15.57
N ASP D 183 16.78 60.93 15.76
CA ASP D 183 17.54 60.32 14.67
C ASP D 183 16.97 58.93 14.35
N LEU D 184 16.52 58.20 15.37
CA LEU D 184 15.95 56.88 15.11
C LEU D 184 14.62 57.03 14.37
N ALA D 185 13.82 58.02 14.77
CA ALA D 185 12.59 58.35 14.05
C ALA D 185 12.90 58.71 12.59
N ALA D 186 13.92 59.54 12.37
CA ALA D 186 14.25 60.03 11.01
C ALA D 186 14.81 58.89 10.15
N SER D 187 15.60 58.01 10.74
CA SER D 187 16.07 56.81 10.03
C SER D 187 14.89 55.92 9.65
N ARG D 188 13.98 55.67 10.59
CA ARG D 188 12.82 54.83 10.33
C ARG D 188 11.79 55.55 9.46
N GLY D 189 11.79 56.88 9.47
CA GLY D 189 10.73 57.66 8.84
C GLY D 189 9.47 57.67 9.69
N MET D 190 9.64 57.56 11.01
CA MET D 190 8.54 57.82 11.93
C MET D 190 8.28 59.33 11.94
N LYS D 191 7.10 59.71 12.39
CA LYS D 191 6.78 61.12 12.55
C LYS D 191 6.45 61.37 14.03
N THR D 192 7.22 62.25 14.66
CA THR D 192 6.96 62.70 16.03
C THR D 192 6.80 64.22 16.02
N THR D 193 6.02 64.73 16.97
CA THR D 193 5.77 66.15 17.08
C THR D 193 6.80 66.80 18.02
N ARG D 194 7.63 65.99 18.69
CA ARG D 194 8.76 66.52 19.45
C ARG D 194 9.84 65.43 19.61
N VAL D 195 11.07 65.87 19.82
CA VAL D 195 12.17 64.95 20.05
C VAL D 195 11.90 64.18 21.35
N GLY D 196 11.85 62.84 21.25
CA GLY D 196 11.62 61.98 22.42
C GLY D 196 10.14 61.84 22.74
N GLY D 197 9.29 62.32 21.83
CA GLY D 197 7.90 62.50 22.12
C GLY D 197 7.06 61.34 21.61
N GLY D 198 6.44 61.56 20.46
CA GLY D 198 5.36 60.73 20.01
C GLY D 198 4.47 61.52 19.07
N HIS D 199 3.24 61.08 18.89
CA HIS D 199 2.38 61.74 17.94
C HIS D 199 0.92 61.58 18.38
N PRO D 200 0.20 62.72 18.51
CA PRO D 200 -1.19 62.67 18.95
C PRO D 200 -2.11 61.98 17.94
N PHE D 201 -1.67 61.82 16.69
CA PHE D 201 -2.51 61.23 15.65
C PHE D 201 -2.18 59.75 15.45
N TYR D 202 -1.28 59.18 16.25
CA TYR D 202 -1.13 57.73 16.30
C TYR D 202 -2.15 57.19 17.30
N GLY D 203 -3.23 56.58 16.82
CA GLY D 203 -4.30 56.18 17.72
C GLY D 203 -5.28 55.19 17.10
N VAL D 204 -6.12 54.60 17.94
CA VAL D 204 -7.12 53.63 17.53
C VAL D 204 -8.50 54.28 17.63
N LEU D 205 -9.18 54.39 16.49
CA LEU D 205 -10.52 54.94 16.44
C LEU D 205 -11.54 53.84 16.75
N ALA D 206 -12.42 54.11 17.72
CA ALA D 206 -13.46 53.15 18.13
C ALA D 206 -14.49 52.96 17.00
N ASP D 207 -15.27 51.90 17.13
CA ASP D 207 -16.39 51.69 16.17
C ASP D 207 -17.49 52.70 16.47
N PRO D 208 -18.36 52.98 15.50
CA PRO D 208 -19.48 53.87 15.76
C PRO D 208 -20.38 53.16 16.79
N GLN D 209 -20.88 53.87 17.80
CA GLN D 209 -21.69 53.14 18.81
C GLN D 209 -23.06 53.79 19.05
N GLU D 210 -24.11 52.97 19.16
CA GLU D 210 -25.45 53.50 19.53
C GLU D 210 -25.86 54.57 18.52
N GLY D 211 -26.10 55.79 19.02
CA GLY D 211 -26.39 56.97 18.18
C GLY D 211 -25.40 58.10 18.41
N GLN D 212 -24.33 57.88 19.17
CA GLN D 212 -23.40 59.01 19.47
C GLN D 212 -22.35 59.08 18.38
N GLU D 213 -22.42 60.13 17.54
CA GLU D 213 -21.53 60.28 16.37
C GLU D 213 -20.06 60.40 16.77
N HIS D 214 -19.76 61.10 17.87
CA HIS D 214 -18.36 61.32 18.30
C HIS D 214 -17.69 59.97 18.61
N ARG D 215 -16.84 59.51 17.69
CA ARG D 215 -16.10 58.27 17.89
C ARG D 215 -14.80 58.59 18.65
N PRO D 216 -14.62 57.98 19.84
CA PRO D 216 -13.43 58.26 20.63
C PRO D 216 -12.15 57.76 19.93
N PHE D 217 -11.07 58.53 20.12
CA PHE D 217 -9.76 58.26 19.51
C PHE D 217 -8.74 58.00 20.61
N TYR D 218 -8.29 56.76 20.76
CA TYR D 218 -7.36 56.38 21.82
C TYR D 218 -5.93 56.45 21.31
N GLN D 219 -5.16 57.42 21.82
CA GLN D 219 -3.76 57.61 21.43
C GLN D 219 -2.93 56.39 21.84
N GLN D 220 -1.89 56.10 21.06
CA GLN D 220 -1.02 54.96 21.30
C GLN D 220 0.41 55.46 21.51
N ASP D 221 1.23 54.69 22.22
CA ASP D 221 2.65 54.97 22.40
C ASP D 221 3.43 54.45 21.19
N LEU D 222 4.20 55.33 20.57
CA LEU D 222 4.97 55.02 19.35
C LEU D 222 6.20 54.17 19.68
N TRP D 223 6.72 54.30 20.89
CA TRP D 223 8.03 53.76 21.24
C TRP D 223 7.93 52.39 21.95
N HIS D 224 6.72 51.88 22.20
CA HIS D 224 6.55 50.66 23.00
C HIS D 224 7.41 49.52 22.46
N TYR D 225 7.40 49.31 21.14
CA TYR D 225 8.17 48.24 20.52
C TYR D 225 9.66 48.46 20.79
N THR D 226 10.12 49.68 20.49
CA THR D 226 11.54 50.00 20.55
C THR D 226 12.08 49.72 21.96
N ILE D 227 11.42 50.25 22.98
CA ILE D 227 11.95 50.18 24.33
C ILE D 227 11.83 48.74 24.86
N ALA D 228 10.74 48.05 24.52
CA ALA D 228 10.56 46.64 24.92
C ALA D 228 11.71 45.77 24.37
N ARG D 229 12.06 45.98 23.11
CA ARG D 229 13.18 45.26 22.47
C ARG D 229 14.52 45.66 23.12
N MET D 230 14.72 46.95 23.35
CA MET D 230 15.97 47.44 23.96
C MET D 230 16.15 46.86 25.37
N VAL D 231 15.10 46.84 26.20
CA VAL D 231 15.24 46.34 27.57
C VAL D 231 15.54 44.84 27.54
N ASP D 232 14.77 44.07 26.77
CA ASP D 232 14.97 42.62 26.72
C ASP D 232 16.41 42.32 26.28
N VAL D 233 16.89 42.98 25.24
CA VAL D 233 18.23 42.67 24.75
C VAL D 233 19.29 43.11 25.77
N ALA D 234 19.15 44.32 26.33
CA ALA D 234 20.12 44.84 27.32
C ALA D 234 20.22 43.91 28.54
N VAL D 235 19.09 43.53 29.11
CA VAL D 235 19.06 42.82 30.40
C VAL D 235 19.54 41.37 30.22
N ALA D 236 19.26 40.76 29.09
CA ALA D 236 19.77 39.41 28.80
C ALA D 236 21.31 39.40 28.71
N HIS D 237 21.93 40.52 28.34
CA HIS D 237 23.39 40.61 28.22
C HIS D 237 24.00 41.23 29.48
N GLY D 238 23.19 41.53 30.49
CA GLY D 238 23.67 42.15 31.73
C GLY D 238 23.97 43.63 31.55
N LEU D 239 23.36 44.28 30.57
CA LEU D 239 23.58 45.70 30.30
C LEU D 239 22.35 46.50 30.78
N ARG D 240 22.39 47.81 30.63
CA ARG D 240 21.28 48.68 31.06
C ARG D 240 20.76 49.50 29.87
N ALA D 241 19.46 49.73 29.87
CA ALA D 241 18.81 50.45 28.80
C ALA D 241 18.33 51.79 29.34
N PHE D 242 18.58 52.85 28.58
CA PHE D 242 18.23 54.17 29.02
C PHE D 242 17.30 54.80 27.99
N TYR D 243 16.31 55.54 28.45
CA TYR D 243 15.60 56.45 27.57
C TYR D 243 16.56 57.58 27.18
N GLY D 244 16.50 58.03 25.94
CA GLY D 244 17.40 59.10 25.50
C GLY D 244 16.96 60.47 26.01
N PRO D 245 17.11 61.51 25.17
CA PRO D 245 16.69 62.87 25.49
C PRO D 245 15.17 63.04 25.48
N PHE D 246 14.68 64.06 26.16
CA PHE D 246 13.35 64.57 25.90
C PHE D 246 13.46 66.08 25.61
N GLY D 247 13.29 66.43 24.33
CA GLY D 247 13.70 67.72 23.80
C GLY D 247 12.76 68.86 24.16
N ASP D 248 11.53 68.55 24.55
CA ASP D 248 10.57 69.57 24.96
C ASP D 248 10.80 69.90 26.43
N ILE D 249 11.65 70.90 26.67
CA ILE D 249 12.18 71.22 27.99
C ILE D 249 11.08 71.81 28.88
N LYS D 250 10.16 72.56 28.28
CA LYS D 250 9.21 73.39 29.03
C LYS D 250 8.02 72.52 29.50
N ASP D 251 7.68 71.49 28.73
CA ASP D 251 6.58 70.58 29.07
C ASP D 251 7.07 69.52 30.07
N GLU D 252 7.16 69.93 31.34
CA GLU D 252 7.66 69.07 32.41
C GLU D 252 6.71 67.88 32.64
N ALA D 253 5.43 68.06 32.38
CA ALA D 253 4.45 67.00 32.63
C ALA D 253 4.67 65.87 31.63
N ALA D 254 4.80 66.22 30.34
CA ALA D 254 4.99 65.25 29.27
C ALA D 254 6.33 64.52 29.47
N CYS D 255 7.36 65.26 29.84
CA CYS D 255 8.65 64.68 30.16
C CYS D 255 8.48 63.58 31.22
N GLU D 256 7.73 63.86 32.28
CA GLU D 256 7.50 62.86 33.35
C GLU D 256 6.83 61.62 32.77
N ALA D 257 5.78 61.81 31.97
CA ALA D 257 5.05 60.71 31.35
C ALA D 257 6.01 59.78 30.59
N GLN D 258 6.88 60.34 29.77
CA GLN D 258 7.78 59.54 28.92
C GLN D 258 8.84 58.82 29.77
N PHE D 259 9.48 59.54 30.68
CA PHE D 259 10.48 58.93 31.56
C PHE D 259 9.87 57.78 32.35
N ARG D 260 8.68 58.00 32.89
CA ARG D 260 8.00 57.01 33.72
C ARG D 260 7.70 55.75 32.89
N ASN D 261 7.25 55.93 31.66
CA ASN D 261 7.00 54.80 30.76
C ASN D 261 8.28 53.96 30.63
N ALA D 262 9.40 54.61 30.35
CA ALA D 262 10.65 53.90 30.19
C ALA D 262 10.95 53.08 31.44
N PHE D 263 10.80 53.73 32.60
CA PHE D 263 11.08 53.13 33.92
C PHE D 263 10.18 51.91 34.14
N LEU D 264 8.88 52.03 33.84
CA LEU D 264 7.94 50.93 34.04
C LEU D 264 8.32 49.74 33.16
N LEU D 265 8.95 50.00 32.01
CA LEU D 265 9.31 48.92 31.07
C LEU D 265 10.69 48.35 31.40
N GLY D 266 11.49 49.02 32.25
CA GLY D 266 12.75 48.44 32.72
C GLY D 266 14.00 49.27 32.41
N CYS D 267 13.86 50.48 31.88
CA CYS D 267 15.02 51.38 31.67
C CYS D 267 15.57 51.88 33.02
N THR D 268 16.87 52.13 33.04
CA THR D 268 17.60 52.49 34.25
C THR D 268 17.47 54.00 34.53
N GLY D 269 17.45 54.82 33.48
CA GLY D 269 17.42 56.27 33.65
C GLY D 269 17.05 57.00 32.38
N ALA D 270 17.25 58.31 32.38
CA ALA D 270 17.07 59.12 31.18
C ALA D 270 18.09 60.25 31.15
N TRP D 271 18.13 60.91 30.00
CA TRP D 271 18.91 62.12 29.81
C TRP D 271 18.16 63.31 30.42
N SER D 272 18.92 64.31 30.87
CA SER D 272 18.40 65.65 31.14
C SER D 272 19.14 66.65 30.26
N LEU D 273 18.38 67.49 29.58
CA LEU D 273 18.96 68.47 28.65
C LEU D 273 19.07 69.84 29.34
N ALA D 274 18.19 70.11 30.30
CA ALA D 274 18.23 71.35 31.09
C ALA D 274 18.02 71.00 32.57
N PRO D 275 18.35 71.95 33.48
CA PRO D 275 18.30 71.69 34.93
C PRO D 275 16.90 71.37 35.47
N ASN D 276 15.84 71.76 34.76
CA ASN D 276 14.48 71.41 35.20
C ASN D 276 14.24 69.90 35.03
N GLN D 277 14.96 69.25 34.11
CA GLN D 277 14.78 67.82 33.87
C GLN D 277 15.56 66.96 34.87
N ILE D 278 16.52 67.55 35.58
CA ILE D 278 17.36 66.82 36.54
C ILE D 278 16.45 66.13 37.60
N PRO D 279 15.68 66.93 38.36
CA PRO D 279 14.81 66.32 39.39
C PRO D 279 13.71 65.40 38.83
N ILE D 280 13.24 65.62 37.61
CA ILE D 280 12.22 64.73 37.04
C ILE D 280 12.81 63.32 36.87
N ALA D 281 14.02 63.23 36.33
CA ALA D 281 14.67 61.94 36.11
C ALA D 281 14.93 61.22 37.44
N LYS D 282 15.47 61.93 38.42
CA LYS D 282 15.83 61.29 39.70
C LYS D 282 14.58 60.79 40.42
N ARG D 283 13.51 61.56 40.36
CA ARG D 283 12.22 61.19 40.97
C ARG D 283 11.71 59.90 40.32
N VAL D 284 11.59 59.92 38.99
CA VAL D 284 10.90 58.88 38.21
C VAL D 284 11.68 57.56 38.26
N PHE D 285 13.01 57.60 38.15
CA PHE D 285 13.83 56.39 38.02
C PHE D 285 14.39 55.94 39.37
N SER D 286 13.95 56.54 40.48
CA SER D 286 14.20 55.99 41.82
C SER D 286 13.12 54.95 42.15
N PRO D 287 13.51 53.81 42.76
CA PRO D 287 12.55 52.88 43.37
C PRO D 287 11.75 53.53 44.51
N VAL D 292 14.66 48.23 47.77
CA VAL D 292 14.53 46.78 47.73
C VAL D 292 13.34 46.41 46.81
N LEU D 293 13.43 46.87 45.57
CA LEU D 293 12.50 46.50 44.50
C LEU D 293 11.07 46.88 44.90
N ALA D 309 16.68 29.05 50.12
CA ALA D 309 15.70 29.96 50.77
C ALA D 309 14.40 30.03 49.96
N MET D 310 13.32 30.46 50.61
CA MET D 310 12.02 30.49 49.89
C MET D 310 11.05 31.44 50.59
N ILE D 311 10.87 32.66 50.09
CA ILE D 311 9.94 33.58 50.81
C ILE D 311 8.92 34.17 49.82
N ASP D 312 7.63 34.22 50.20
CA ASP D 312 6.53 34.73 49.33
C ASP D 312 6.29 33.78 48.15
N GLY D 313 6.58 32.49 48.35
CA GLY D 313 6.30 31.45 47.37
C GLY D 313 7.38 31.27 46.32
N LYS D 314 8.38 32.14 46.28
CA LYS D 314 9.39 32.01 45.21
C LYS D 314 10.68 31.44 45.80
N MET D 315 11.33 30.53 45.07
CA MET D 315 12.63 29.96 45.49
C MET D 315 13.73 31.02 45.31
N GLN D 316 14.81 30.91 46.08
CA GLN D 316 15.93 31.86 45.98
C GLN D 316 17.23 31.08 45.82
N ASP D 317 18.21 31.72 45.18
CA ASP D 317 19.42 31.02 44.71
C ASP D 317 20.54 32.04 44.47
N ASP D 318 21.65 31.57 43.90
CA ASP D 318 22.84 32.42 43.66
C ASP D 318 22.47 33.61 42.76
N ALA D 319 21.60 33.38 41.78
CA ALA D 319 21.29 34.37 40.73
C ALA D 319 20.46 35.54 41.30
N THR D 320 19.40 35.23 42.03
CA THR D 320 18.49 36.28 42.55
C THR D 320 19.05 36.87 43.85
N TRP D 321 20.06 36.25 44.44
CA TRP D 321 20.78 36.87 45.56
C TRP D 321 21.65 38.03 45.05
N LYS D 322 22.33 37.82 43.93
CA LYS D 322 23.19 38.84 43.33
C LYS D 322 22.35 40.07 42.94
N GLN D 323 21.17 39.82 42.36
CA GLN D 323 20.30 40.90 41.87
C GLN D 323 19.65 41.63 43.07
N ALA D 324 19.44 40.89 44.17
CA ALA D 324 18.94 41.49 45.42
C ALA D 324 20.00 42.43 46.03
N LYS D 325 21.27 42.04 45.90
CA LYS D 325 22.40 42.84 46.42
C LYS D 325 22.64 44.08 45.55
N VAL D 326 22.37 43.97 44.25
CA VAL D 326 22.53 45.11 43.31
C VAL D 326 21.54 46.22 43.69
N ILE D 327 20.27 45.87 43.96
CA ILE D 327 19.24 46.89 44.26
C ILE D 327 19.45 47.46 45.66
N VAL D 328 19.98 46.66 46.58
CA VAL D 328 20.23 47.12 47.96
C VAL D 328 21.37 48.16 47.94
N ASP D 329 22.47 47.83 47.25
CA ASP D 329 23.65 48.71 47.15
C ASP D 329 23.24 50.04 46.50
N LEU D 330 22.52 49.95 45.38
CA LEU D 330 22.04 51.12 44.66
C LEU D 330 21.21 52.01 45.60
N ALA D 331 20.36 51.38 46.42
CA ALA D 331 19.48 52.12 47.32
C ALA D 331 20.32 52.90 48.35
N ARG D 332 21.37 52.28 48.89
CA ARG D 332 22.19 52.91 49.94
C ARG D 332 22.95 54.12 49.37
N MET D 333 23.49 53.97 48.16
CA MET D 333 24.24 55.04 47.49
C MET D 333 23.29 56.19 47.14
N ILE D 334 22.09 55.83 46.66
CA ILE D 334 21.02 56.80 46.42
C ILE D 334 20.73 57.55 47.73
N ALA D 335 20.69 56.78 48.81
CA ALA D 335 20.37 57.29 50.15
C ALA D 335 21.52 58.15 50.71
N LYS D 336 22.75 57.77 50.39
CA LYS D 336 23.94 58.43 50.96
C LYS D 336 23.96 59.92 50.55
N LYS D 337 23.22 60.28 49.50
CA LYS D 337 23.09 61.69 49.08
C LYS D 337 21.66 62.17 49.30
N ASP D 338 20.67 61.30 49.12
CA ASP D 338 19.25 61.67 49.16
C ASP D 338 18.67 61.27 50.54
N PRO D 339 18.54 62.24 51.47
CA PRO D 339 18.13 61.93 52.84
C PRO D 339 16.66 61.54 53.00
N GLU D 340 15.78 62.07 52.17
CA GLU D 340 14.36 61.73 52.23
C GLU D 340 14.19 60.27 51.80
N LEU D 341 14.92 59.88 50.76
CA LEU D 341 14.89 58.50 50.25
C LEU D 341 15.68 57.58 51.19
N ALA D 342 16.69 58.11 51.88
CA ALA D 342 17.38 57.35 52.94
C ALA D 342 16.38 57.06 54.07
N GLN D 343 15.61 58.09 54.42
CA GLN D 343 14.60 57.99 55.48
C GLN D 343 13.45 57.09 55.02
N ALA D 344 13.07 57.20 53.75
CA ALA D 344 11.95 56.45 53.20
C ALA D 344 12.31 54.97 53.03
N TYR D 345 13.53 54.67 52.54
CA TYR D 345 13.94 53.28 52.29
C TYR D 345 14.25 52.57 53.62
N GLY D 346 14.49 53.33 54.68
CA GLY D 346 14.78 52.75 56.00
C GLY D 346 16.28 52.54 56.22
N PHE D 347 17.09 53.50 55.77
CA PHE D 347 18.54 53.49 56.01
C PHE D 347 18.95 54.81 56.67
N MET E 1 28.42 39.54 6.67
CA MET E 1 27.71 39.83 7.96
C MET E 1 27.13 41.25 7.93
N LYS E 2 27.89 42.19 7.34
CA LYS E 2 27.29 43.44 6.90
C LYS E 2 26.38 43.13 5.70
N LEU E 3 25.34 43.94 5.51
CA LEU E 3 24.43 43.72 4.40
C LEU E 3 25.09 44.25 3.12
N PRO E 4 24.91 43.54 2.01
CA PRO E 4 25.43 43.95 0.71
C PRO E 4 25.28 45.46 0.44
N ILE E 5 24.11 46.03 0.72
CA ILE E 5 23.82 47.43 0.41
C ILE E 5 24.73 48.38 1.22
N HIS E 6 25.16 47.97 2.41
CA HIS E 6 26.01 48.82 3.25
C HIS E 6 27.49 48.44 3.09
N PHE E 7 27.77 47.25 2.56
CA PHE E 7 29.12 46.67 2.54
C PHE E 7 30.12 47.59 1.83
N TYR E 8 29.67 48.23 0.76
CA TYR E 8 30.57 48.91 -0.16
C TYR E 8 30.59 50.42 0.15
N LYS E 9 29.94 50.85 1.22
CA LYS E 9 29.98 52.25 1.58
C LYS E 9 31.33 52.57 2.25
N PRO E 10 31.83 53.80 2.08
CA PRO E 10 33.01 54.19 2.85
C PRO E 10 32.65 54.38 4.33
N LEU E 11 33.55 53.96 5.22
CA LEU E 11 33.32 53.99 6.66
C LEU E 11 33.65 55.37 7.26
N ALA E 12 34.04 56.33 6.43
CA ALA E 12 34.29 57.69 6.88
C ALA E 12 33.92 58.67 5.77
N ALA E 13 33.34 59.81 6.14
CA ALA E 13 33.10 60.90 5.20
C ALA E 13 34.44 61.36 4.62
N GLY E 14 34.56 61.29 3.30
CA GLY E 14 35.78 61.67 2.61
C GLY E 14 36.75 60.51 2.42
N ALA E 15 36.42 59.33 2.94
CA ALA E 15 37.21 58.16 2.60
C ALA E 15 36.85 57.74 1.18
N PRO E 16 37.81 57.19 0.44
CA PRO E 16 37.52 56.83 -0.95
C PRO E 16 36.58 55.61 -1.04
N GLN E 17 35.83 55.53 -2.14
CA GLN E 17 34.88 54.44 -2.38
C GLN E 17 35.61 53.08 -2.33
N PRO E 18 35.09 52.13 -1.53
CA PRO E 18 35.68 50.79 -1.50
C PRO E 18 35.55 50.08 -2.86
N ILE E 19 36.45 49.16 -3.12
CA ILE E 19 36.52 48.44 -4.40
C ILE E 19 35.51 47.28 -4.37
N ARG E 20 35.11 46.85 -5.56
CA ARG E 20 34.16 45.73 -5.71
C ARG E 20 34.88 44.53 -6.34
N GLU E 21 36.19 44.65 -6.51
CA GLU E 21 36.99 43.73 -7.31
C GLU E 21 38.47 43.98 -6.98
N LEU E 22 39.25 42.93 -6.73
CA LEU E 22 40.69 43.11 -6.53
C LEU E 22 41.32 43.67 -7.81
N PRO E 23 42.23 44.65 -7.67
CA PRO E 23 42.99 45.03 -8.86
C PRO E 23 43.77 43.82 -9.35
N VAL E 24 43.88 43.67 -10.67
CA VAL E 24 44.67 42.60 -11.26
C VAL E 24 46.07 43.13 -11.51
N ARG E 25 47.06 42.46 -10.90
CA ARG E 25 48.48 42.78 -11.12
C ARG E 25 49.32 41.57 -10.70
N PRO E 26 50.57 41.49 -11.19
CA PRO E 26 51.40 40.35 -10.78
C PRO E 26 51.66 40.36 -9.26
N GLU E 27 51.53 39.20 -8.62
CA GLU E 27 51.80 39.07 -7.18
C GLU E 27 52.44 37.71 -6.91
N ARG E 28 53.38 37.30 -7.76
CA ARG E 28 53.97 35.96 -7.65
C ARG E 28 54.96 35.91 -6.48
N VAL E 29 55.53 37.06 -6.14
CA VAL E 29 56.58 37.15 -5.10
C VAL E 29 56.33 38.40 -4.26
N ILE E 30 56.27 38.19 -2.93
CA ILE E 30 56.19 39.26 -1.94
C ILE E 30 57.58 39.40 -1.28
N HIS E 31 58.40 40.33 -1.76
CA HIS E 31 59.79 40.44 -1.26
C HIS E 31 59.83 41.37 -0.04
N PHE E 32 60.33 40.83 1.08
CA PHE E 32 60.41 41.57 2.34
C PHE E 32 61.77 42.26 2.49
N PHE E 33 61.80 43.30 3.31
CA PHE E 33 63.04 44.03 3.59
C PHE E 33 62.91 44.84 4.89
N PRO E 34 63.98 44.87 5.71
CA PRO E 34 64.03 45.74 6.89
C PRO E 34 64.30 47.20 6.47
N PRO E 35 63.32 48.10 6.63
CA PRO E 35 63.47 49.50 6.20
C PRO E 35 64.41 50.34 7.07
N HIS E 36 64.90 49.78 8.18
CA HIS E 36 65.79 50.52 9.07
C HIS E 36 67.24 50.46 8.55
N VAL E 37 67.64 49.34 7.95
CA VAL E 37 69.00 49.16 7.43
C VAL E 37 69.16 50.06 6.20
N GLU E 38 70.17 50.94 6.26
CA GLU E 38 70.33 52.01 5.29
C GLU E 38 70.90 51.48 3.98
N LYS E 39 71.56 50.32 4.03
CA LYS E 39 72.16 49.71 2.83
C LYS E 39 71.06 49.08 1.96
N ILE E 40 70.09 48.41 2.58
CA ILE E 40 68.96 47.84 1.84
C ILE E 40 68.11 48.99 1.28
N ARG E 41 67.92 50.04 2.08
CA ARG E 41 67.09 51.19 1.69
C ARG E 41 67.67 51.89 0.46
N ALA E 42 69.00 51.87 0.32
CA ALA E 42 69.68 52.48 -0.82
C ALA E 42 69.42 51.70 -2.10
N ARG E 43 69.35 50.37 -2.00
CA ARG E 43 69.24 49.48 -3.15
C ARG E 43 67.76 49.24 -3.53
N ILE E 44 66.81 49.76 -2.76
CA ILE E 44 65.37 49.46 -2.96
C ILE E 44 64.94 49.82 -4.39
N PRO E 45 65.29 51.03 -4.88
CA PRO E 45 64.83 51.44 -6.22
C PRO E 45 65.32 50.52 -7.35
N GLU E 46 66.47 49.89 -7.16
CA GLU E 46 66.96 48.88 -8.10
C GLU E 46 66.19 47.58 -7.89
N VAL E 47 65.96 47.19 -6.63
CA VAL E 47 65.28 45.92 -6.31
C VAL E 47 63.82 45.97 -6.76
N ALA E 48 63.23 47.17 -6.76
CA ALA E 48 61.83 47.38 -7.14
C ALA E 48 61.51 46.67 -8.45
N LYS E 49 62.38 46.83 -9.46
CA LYS E 49 62.05 46.38 -10.81
C LYS E 49 62.22 44.86 -10.93
N GLN E 50 62.77 44.20 -9.91
CA GLN E 50 63.01 42.76 -9.97
C GLN E 50 61.87 41.97 -9.31
N VAL E 51 60.86 42.67 -8.76
CA VAL E 51 59.84 42.01 -7.94
C VAL E 51 58.45 42.49 -8.35
N ASP E 52 57.45 41.63 -8.13
CA ASP E 52 56.06 42.00 -8.36
C ASP E 52 55.58 42.92 -7.24
N VAL E 53 55.92 42.53 -6.01
CA VAL E 53 55.47 43.23 -4.81
C VAL E 53 56.65 43.43 -3.87
N LEU E 54 56.76 44.66 -3.36
CA LEU E 54 57.74 45.01 -2.34
C LEU E 54 56.99 45.28 -1.03
N CYS E 55 57.28 44.49 -0.01
CA CYS E 55 56.61 44.64 1.28
C CYS E 55 57.61 45.02 2.39
N GLY E 56 57.46 46.23 2.92
CA GLY E 56 58.25 46.66 4.07
C GLY E 56 57.83 45.95 5.34
N ASN E 57 58.81 45.58 6.17
CA ASN E 57 58.57 44.85 7.41
C ASN E 57 58.80 45.77 8.60
N LEU E 58 57.83 45.85 9.51
CA LEU E 58 58.00 46.59 10.78
C LEU E 58 57.87 45.64 11.97
N GLU E 59 57.57 44.37 11.72
CA GLU E 59 57.15 43.45 12.79
C GLU E 59 58.31 42.50 13.13
N ASP E 60 58.16 41.21 12.86
CA ASP E 60 59.12 40.20 13.31
C ASP E 60 60.50 40.51 12.74
N ALA E 61 61.52 40.37 13.59
CA ALA E 61 62.94 40.47 13.21
C ALA E 61 63.38 41.94 13.07
N ILE E 62 62.51 42.89 13.42
CA ILE E 62 62.91 44.29 13.59
C ILE E 62 62.92 44.55 15.10
N PRO E 63 64.12 44.73 15.70
CA PRO E 63 64.24 44.85 17.16
C PRO E 63 63.41 46.00 17.77
N ILE E 64 63.18 45.93 19.07
CA ILE E 64 62.32 46.88 19.79
C ILE E 64 62.85 48.30 19.58
N ASP E 65 64.17 48.49 19.66
CA ASP E 65 64.77 49.83 19.51
C ASP E 65 64.90 50.18 18.02
N ALA E 66 64.67 49.22 17.13
CA ALA E 66 64.66 49.47 15.66
C ALA E 66 63.26 49.88 15.16
N LYS E 67 62.21 49.64 15.95
CA LYS E 67 60.82 49.81 15.46
C LYS E 67 60.61 51.21 14.88
N GLU E 68 61.09 52.24 15.56
CA GLU E 68 60.83 53.61 15.11
C GLU E 68 61.71 53.94 13.90
N ALA E 69 62.85 53.27 13.77
CA ALA E 69 63.72 53.48 12.61
C ALA E 69 63.07 52.84 11.37
N ALA E 70 62.56 51.62 11.52
CA ALA E 70 61.89 50.92 10.41
C ALA E 70 60.66 51.72 9.97
N ARG E 71 59.92 52.25 10.93
CA ARG E 71 58.73 53.05 10.62
C ARG E 71 59.16 54.27 9.78
N ALA E 72 60.20 54.98 10.22
CA ALA E 72 60.70 56.16 9.49
C ALA E 72 61.42 55.71 8.20
N GLY E 73 62.21 54.66 8.28
CA GLY E 73 62.89 54.12 7.11
C GLY E 73 61.92 53.87 5.97
N PHE E 74 60.83 53.14 6.25
CA PHE E 74 59.85 52.80 5.23
C PHE E 74 59.20 54.08 4.67
N ILE E 75 58.93 55.06 5.54
CA ILE E 75 58.31 56.30 5.08
C ILE E 75 59.28 57.04 4.15
N GLU E 76 60.58 56.98 4.48
CA GLU E 76 61.62 57.67 3.71
C GLU E 76 61.72 57.06 2.30
N VAL E 77 61.91 55.74 2.23
CA VAL E 77 62.11 55.08 0.93
C VAL E 77 60.88 55.26 0.04
N ALA E 78 59.69 55.21 0.64
CA ALA E 78 58.44 55.26 -0.13
C ALA E 78 58.22 56.66 -0.73
N ARG E 79 58.68 57.70 -0.03
CA ARG E 79 58.55 59.09 -0.49
C ARG E 79 59.52 59.37 -1.65
N ASN E 80 60.70 58.76 -1.61
CA ASN E 80 61.78 59.04 -2.56
C ASN E 80 61.57 58.26 -3.85
N THR E 81 61.02 57.04 -3.73
CA THR E 81 60.94 56.07 -4.84
C THR E 81 59.67 56.26 -5.67
N ASP E 82 59.77 55.91 -6.94
CA ASP E 82 58.63 55.65 -7.82
C ASP E 82 58.69 54.17 -8.20
N PHE E 83 57.67 53.41 -7.80
CA PHE E 83 57.74 51.95 -7.86
C PHE E 83 57.21 51.43 -9.20
N GLY E 84 56.65 52.31 -10.03
CA GLY E 84 56.18 51.93 -11.36
C GLY E 84 55.11 50.84 -11.32
N ASP E 85 55.50 49.63 -11.75
CA ASP E 85 54.59 48.48 -11.81
C ASP E 85 54.64 47.69 -10.50
N THR E 86 55.67 47.93 -9.68
CA THR E 86 55.86 47.16 -8.46
C THR E 86 54.88 47.68 -7.40
N ALA E 87 54.23 46.75 -6.71
CA ALA E 87 53.23 47.09 -5.71
C ALA E 87 53.92 47.36 -4.37
N LEU E 88 53.43 48.33 -3.61
CA LEU E 88 54.02 48.64 -2.29
C LEU E 88 53.10 48.10 -1.18
N TRP E 89 53.64 47.17 -0.40
CA TRP E 89 53.00 46.62 0.78
C TRP E 89 53.73 47.10 2.03
N VAL E 90 53.20 46.76 3.21
CA VAL E 90 53.91 46.94 4.49
C VAL E 90 53.27 46.03 5.55
N ARG E 91 54.09 45.20 6.22
CA ARG E 91 53.60 44.41 7.36
C ARG E 91 53.81 45.21 8.65
N VAL E 92 52.72 45.76 9.18
CA VAL E 92 52.76 46.59 10.39
C VAL E 92 52.85 45.65 11.61
N ASN E 93 52.88 46.25 12.79
CA ASN E 93 53.02 45.49 14.03
C ASN E 93 51.65 44.96 14.44
N ALA E 94 51.65 44.07 15.43
CA ALA E 94 50.44 43.37 15.88
C ALA E 94 49.47 44.34 16.57
N LEU E 95 48.19 43.94 16.61
CA LEU E 95 47.12 44.84 17.05
C LEU E 95 47.11 44.96 18.57
N ASN E 96 47.87 44.12 19.26
CA ASN E 96 48.05 44.29 20.72
C ASN E 96 49.31 45.11 21.02
N SER E 97 50.14 45.41 20.03
CA SER E 97 51.47 45.94 20.22
C SER E 97 51.43 47.46 20.50
N PRO E 98 52.50 47.99 21.13
CA PRO E 98 52.66 49.43 21.41
C PRO E 98 52.95 50.32 20.18
N TRP E 99 53.19 49.72 19.01
CA TRP E 99 53.67 50.46 17.84
C TRP E 99 52.56 50.63 16.79
N VAL E 100 51.53 49.77 16.78
CA VAL E 100 50.65 49.65 15.62
C VAL E 100 49.91 50.97 15.38
N LEU E 101 49.49 51.69 16.43
CA LEU E 101 48.76 52.96 16.21
C LEU E 101 49.61 53.91 15.34
N ASP E 102 50.88 54.06 15.70
CA ASP E 102 51.76 55.02 15.04
C ASP E 102 52.19 54.49 13.67
N ASP E 103 52.44 53.18 13.57
CA ASP E 103 52.76 52.50 12.30
C ASP E 103 51.75 52.93 11.23
N ILE E 104 50.46 52.73 11.51
CA ILE E 104 49.41 52.93 10.51
C ILE E 104 49.21 54.43 10.26
N ALA E 105 49.12 55.22 11.33
CA ALA E 105 48.76 56.64 11.22
C ALA E 105 49.87 57.45 10.53
N ASP E 106 51.14 57.13 10.84
CA ASP E 106 52.26 57.87 10.23
C ASP E 106 52.39 57.50 8.75
N ILE E 107 52.32 56.20 8.46
CA ILE E 107 52.51 55.70 7.08
C ILE E 107 51.38 56.25 6.20
N VAL E 108 50.15 56.26 6.68
CA VAL E 108 49.04 56.77 5.87
C VAL E 108 49.17 58.30 5.76
N ALA E 109 49.53 58.97 6.86
CA ALA E 109 49.66 60.45 6.88
C ALA E 109 50.70 60.92 5.85
N THR E 110 51.79 60.17 5.73
CA THR E 110 52.91 60.56 4.88
C THR E 110 52.73 59.99 3.45
N VAL E 111 52.75 58.66 3.32
CA VAL E 111 52.87 58.00 2.00
C VAL E 111 51.61 57.17 1.69
N GLY E 112 50.47 57.53 2.28
CA GLY E 112 49.25 56.72 2.17
C GLY E 112 48.81 56.50 0.74
N ASN E 113 49.04 57.51 -0.10
CA ASN E 113 48.65 57.46 -1.52
C ASN E 113 49.58 56.52 -2.31
N LYS E 114 50.62 55.98 -1.70
CA LYS E 114 51.54 55.10 -2.41
C LYS E 114 51.42 53.65 -1.91
N LEU E 115 50.67 53.44 -0.83
CA LEU E 115 50.56 52.10 -0.25
C LEU E 115 49.35 51.40 -0.87
N ASP E 116 49.54 50.16 -1.30
CA ASP E 116 48.52 49.41 -2.01
C ASP E 116 47.85 48.40 -1.06
N VAL E 117 48.64 47.71 -0.24
CA VAL E 117 48.12 46.70 0.68
C VAL E 117 48.81 46.88 2.04
N MET E 118 48.06 46.68 3.12
CA MET E 118 48.64 46.66 4.46
C MET E 118 48.44 45.27 5.05
N MET E 119 49.52 44.68 5.54
CA MET E 119 49.51 43.32 6.07
C MET E 119 49.39 43.38 7.60
N ILE E 120 48.38 42.70 8.14
CA ILE E 120 48.08 42.70 9.55
C ILE E 120 48.45 41.33 10.13
N PRO E 121 49.37 41.29 11.10
CA PRO E 121 49.77 40.02 11.72
C PRO E 121 48.69 39.39 12.60
N LYS E 122 48.71 38.07 12.69
CA LYS E 122 47.99 37.36 13.72
C LYS E 122 46.53 37.85 13.75
N VAL E 123 45.87 37.80 12.60
CA VAL E 123 44.44 38.13 12.50
C VAL E 123 43.64 36.92 13.03
N GLU E 124 42.85 37.15 14.07
CA GLU E 124 42.19 36.08 14.83
C GLU E 124 40.67 36.03 14.52
N GLY E 125 40.11 37.03 13.87
CA GLY E 125 38.69 37.05 13.60
C GLY E 125 38.26 38.34 12.93
N PRO E 126 36.98 38.42 12.53
CA PRO E 126 36.40 39.60 11.86
C PRO E 126 36.56 40.91 12.65
N TRP E 127 36.66 40.82 13.97
CA TRP E 127 36.82 42.02 14.82
C TRP E 127 38.11 42.78 14.48
N ASP E 128 39.20 42.04 14.25
CA ASP E 128 40.50 42.66 13.90
C ASP E 128 40.38 43.47 12.59
N ILE E 129 39.70 42.89 11.61
CA ILE E 129 39.48 43.54 10.31
C ILE E 129 38.60 44.79 10.50
N HIS E 130 37.59 44.68 11.36
CA HIS E 130 36.67 45.79 11.58
C HIS E 130 37.43 46.99 12.18
N PHE E 131 38.39 46.72 13.05
CA PHE E 131 39.19 47.79 13.63
C PHE E 131 40.02 48.49 12.55
N VAL E 132 40.85 47.72 11.86
CA VAL E 132 41.76 48.25 10.83
C VAL E 132 40.95 48.97 9.75
N ASP E 133 39.82 48.37 9.34
CA ASP E 133 38.98 48.91 8.25
C ASP E 133 38.51 50.32 8.64
N GLN E 134 37.99 50.45 9.85
CA GLN E 134 37.43 51.72 10.33
C GLN E 134 38.57 52.73 10.58
N TYR E 135 39.70 52.26 11.09
CA TYR E 135 40.84 53.12 11.37
C TYR E 135 41.38 53.70 10.06
N LEU E 136 41.67 52.83 9.10
CA LEU E 136 42.18 53.25 7.81
C LEU E 136 41.21 54.26 7.17
N ALA E 137 39.92 53.99 7.29
CA ALA E 137 38.93 54.83 6.64
C ALA E 137 39.01 56.25 7.19
N LEU E 138 39.21 56.39 8.49
CA LEU E 138 39.27 57.72 9.12
C LEU E 138 40.60 58.42 8.82
N LEU E 139 41.69 57.65 8.75
CA LEU E 139 42.98 58.17 8.32
C LEU E 139 42.91 58.55 6.83
N GLU E 140 42.20 57.75 6.02
CA GLU E 140 42.13 57.98 4.58
C GLU E 140 41.38 59.29 4.26
N ALA E 141 40.38 59.64 5.08
CA ALA E 141 39.58 60.85 4.84
C ALA E 141 40.36 62.09 5.29
N LYS E 142 41.06 61.98 6.41
CA LYS E 142 41.86 63.07 6.95
C LYS E 142 42.93 63.49 5.95
N HIS E 143 43.66 62.49 5.42
CA HIS E 143 44.82 62.71 4.54
C HIS E 143 44.43 62.63 3.07
N GLN E 144 43.12 62.52 2.78
CA GLN E 144 42.58 62.58 1.42
C GLN E 144 43.23 61.52 0.52
N ILE E 145 43.27 60.27 0.98
CA ILE E 145 43.80 59.17 0.17
C ILE E 145 42.81 58.87 -0.95
N GLN E 146 43.35 58.51 -2.11
CA GLN E 146 42.59 58.52 -3.37
C GLN E 146 42.01 57.13 -3.67
N LYS E 147 42.73 56.06 -3.32
CA LYS E 147 42.18 54.72 -3.51
C LYS E 147 42.38 53.91 -2.22
N PRO E 148 41.49 52.94 -1.98
CA PRO E 148 41.48 52.26 -0.68
C PRO E 148 42.76 51.46 -0.42
N ILE E 149 43.27 51.52 0.80
CA ILE E 149 44.37 50.65 1.21
C ILE E 149 43.77 49.30 1.61
N LEU E 150 44.21 48.24 0.96
CA LEU E 150 43.64 46.92 1.20
C LEU E 150 44.28 46.32 2.46
N ILE E 151 43.61 45.33 3.02
CA ILE E 151 44.07 44.62 4.22
C ILE E 151 44.41 43.19 3.79
N HIS E 152 45.61 42.74 4.17
CA HIS E 152 46.06 41.39 3.90
C HIS E 152 46.29 40.71 5.26
N ALA E 153 45.62 39.58 5.46
CA ALA E 153 45.57 38.96 6.77
C ALA E 153 46.59 37.83 6.86
N LEU E 154 47.25 37.75 8.01
CA LEU E 154 48.30 36.77 8.23
C LEU E 154 47.75 35.71 9.19
N LEU E 155 47.74 34.45 8.73
CA LEU E 155 47.15 33.32 9.46
C LEU E 155 48.22 32.69 10.36
N GLU E 156 48.13 32.97 11.67
CA GLU E 156 49.19 32.63 12.61
C GLU E 156 48.64 31.88 13.83
N THR E 157 47.33 31.66 13.92
CA THR E 157 46.74 31.02 15.11
C THR E 157 45.65 30.04 14.69
N ALA E 158 45.40 29.05 15.55
CA ALA E 158 44.29 28.11 15.32
C ALA E 158 42.96 28.88 15.20
N GLN E 159 42.79 29.92 16.02
CA GLN E 159 41.56 30.71 16.04
C GLN E 159 41.33 31.31 14.65
N GLY E 160 42.37 31.84 14.04
CA GLY E 160 42.29 32.45 12.71
C GLY E 160 41.81 31.47 11.67
N MET E 161 42.41 30.29 11.65
CA MET E 161 42.01 29.24 10.69
C MET E 161 40.53 28.91 10.87
N MET E 162 40.06 28.88 12.11
CA MET E 162 38.69 28.45 12.40
C MET E 162 37.72 29.58 12.04
N ASN E 163 38.18 30.84 12.08
CA ASN E 163 37.34 32.02 11.79
C ASN E 163 37.59 32.55 10.37
N LEU E 164 38.14 31.73 9.48
CA LEU E 164 38.68 32.22 8.21
C LEU E 164 37.55 32.72 7.29
N GLU E 165 36.41 32.03 7.27
CA GLU E 165 35.24 32.50 6.51
C GLU E 165 34.82 33.89 7.00
N ALA E 166 34.72 34.06 8.32
CA ALA E 166 34.33 35.34 8.92
C ALA E 166 35.38 36.43 8.64
N ILE E 167 36.66 36.08 8.62
CA ILE E 167 37.70 37.07 8.30
C ILE E 167 37.57 37.49 6.82
N ALA E 168 37.51 36.49 5.94
CA ALA E 168 37.44 36.71 4.48
C ALA E 168 36.32 37.70 4.13
N GLY E 169 35.14 37.55 4.76
CA GLY E 169 33.95 38.33 4.42
C GLY E 169 33.78 39.60 5.26
N ALA E 170 34.76 39.98 6.06
CA ALA E 170 34.58 41.05 7.04
C ALA E 170 34.53 42.44 6.40
N SER E 171 35.11 42.62 5.20
CA SER E 171 35.31 43.97 4.65
C SER E 171 35.66 43.91 3.16
N PRO E 172 35.24 44.92 2.37
CA PRO E 172 35.68 45.04 0.98
C PRO E 172 37.15 45.48 0.82
N ARG E 173 37.82 45.86 1.90
CA ARG E 173 39.27 46.11 1.89
C ARG E 173 40.04 44.78 1.78
N MET E 174 39.40 43.66 2.15
CA MET E 174 40.13 42.37 2.16
C MET E 174 40.72 42.11 0.78
N HIS E 175 41.99 41.72 0.81
CA HIS E 175 42.79 41.39 -0.37
C HIS E 175 43.01 39.88 -0.43
N GLY E 176 43.35 39.30 0.71
CA GLY E 176 43.67 37.89 0.76
C GLY E 176 44.38 37.52 2.06
N PHE E 177 45.11 36.42 1.99
CA PHE E 177 45.72 35.82 3.16
C PHE E 177 47.14 35.36 2.84
N SER E 178 48.00 35.38 3.84
CA SER E 178 49.27 34.67 3.82
C SER E 178 49.32 33.73 5.02
N LEU E 179 49.88 32.55 4.82
CA LEU E 179 50.19 31.65 5.90
C LEU E 179 51.46 32.14 6.61
N GLY E 180 51.39 32.30 7.94
CA GLY E 180 52.59 32.48 8.75
C GLY E 180 52.93 31.20 9.48
N PRO E 181 53.66 30.29 8.81
CA PRO E 181 53.78 28.91 9.28
C PRO E 181 54.57 28.73 10.58
N ALA E 182 55.51 29.61 10.89
CA ALA E 182 56.24 29.53 12.15
C ALA E 182 55.25 29.70 13.30
N ASP E 183 54.48 30.79 13.22
CA ASP E 183 53.50 31.14 14.25
C ASP E 183 52.34 30.13 14.28
N LEU E 184 51.82 29.74 13.12
CA LEU E 184 50.65 28.85 13.09
C LEU E 184 51.05 27.48 13.62
N ALA E 185 52.27 27.04 13.28
CA ALA E 185 52.81 25.81 13.85
C ALA E 185 52.92 25.93 15.38
N ALA E 186 53.49 27.03 15.86
CA ALA E 186 53.61 27.24 17.32
C ALA E 186 52.24 27.19 17.98
N SER E 187 51.28 27.89 17.38
CA SER E 187 49.93 28.03 17.93
C SER E 187 49.26 26.65 18.07
N ARG E 188 49.23 25.91 16.97
CA ARG E 188 48.83 24.51 16.99
C ARG E 188 49.97 23.74 17.66
N GLY E 189 49.73 22.54 18.17
CA GLY E 189 50.87 21.74 18.69
C GLY E 189 51.73 21.16 17.58
N MET E 190 52.09 21.98 16.60
CA MET E 190 52.58 21.46 15.34
C MET E 190 54.12 21.46 15.36
N LYS E 191 54.70 20.38 14.88
CA LYS E 191 56.18 20.25 14.90
C LYS E 191 56.71 20.40 13.48
N THR E 192 57.57 21.36 13.26
CA THR E 192 58.16 21.62 11.93
C THR E 192 59.67 21.65 12.07
N THR E 193 60.43 21.09 11.15
CA THR E 193 61.90 21.13 11.28
C THR E 193 62.42 22.44 10.70
N ARG E 194 61.71 23.02 9.75
CA ARG E 194 62.08 24.31 9.13
C ARG E 194 60.86 25.22 9.13
N VAL E 195 61.03 26.53 9.07
CA VAL E 195 59.83 27.42 9.18
C VAL E 195 58.86 27.13 8.04
N GLY E 196 59.35 27.14 6.82
CA GLY E 196 58.50 26.93 5.64
C GLY E 196 57.99 25.52 5.46
N GLY E 197 58.78 24.52 5.78
CA GLY E 197 58.46 23.12 5.48
C GLY E 197 57.79 22.35 6.59
N GLY E 198 57.65 21.06 6.35
CA GLY E 198 57.00 20.12 7.27
C GLY E 198 58.01 19.36 8.10
N HIS E 199 57.74 18.08 8.32
CA HIS E 199 58.58 17.20 9.16
C HIS E 199 58.78 15.86 8.45
N PRO E 200 60.01 15.34 8.50
CA PRO E 200 60.37 14.07 7.87
C PRO E 200 59.77 12.88 8.61
N PHE E 201 59.44 13.04 9.88
CA PHE E 201 58.90 11.92 10.69
C PHE E 201 57.38 11.82 10.58
N TYR E 202 56.76 12.71 9.80
CA TYR E 202 55.32 12.63 9.52
C TYR E 202 55.19 11.75 8.28
N GLY E 203 54.72 10.52 8.46
CA GLY E 203 54.65 9.60 7.32
C GLY E 203 53.79 8.39 7.57
N VAL E 204 53.59 7.59 6.55
CA VAL E 204 52.81 6.37 6.65
C VAL E 204 53.77 5.18 6.50
N LEU E 205 53.62 4.21 7.41
CA LEU E 205 54.44 3.02 7.46
C LEU E 205 53.67 1.87 6.81
N ALA E 206 54.35 1.10 5.96
CA ALA E 206 53.67 0.05 5.18
C ALA E 206 53.36 -1.15 6.08
N ASP E 207 52.45 -1.99 5.60
CA ASP E 207 52.17 -3.27 6.23
C ASP E 207 53.43 -4.14 6.10
N PRO E 208 53.58 -5.15 6.98
CA PRO E 208 54.81 -5.96 6.93
C PRO E 208 54.90 -6.79 5.64
N GLN E 209 56.01 -6.65 4.91
CA GLN E 209 56.28 -7.49 3.74
C GLN E 209 57.06 -8.73 4.20
N GLU E 210 56.61 -9.90 3.75
CA GLU E 210 57.24 -11.18 4.11
C GLU E 210 58.72 -11.18 3.69
N GLY E 211 59.02 -10.57 2.53
CA GLY E 211 60.37 -10.58 1.97
C GLY E 211 61.33 -9.69 2.73
N GLN E 212 61.29 -8.40 2.44
CA GLN E 212 62.32 -7.45 2.90
C GLN E 212 62.17 -7.17 4.40
N GLU E 213 63.25 -6.69 5.00
CA GLU E 213 63.27 -6.25 6.41
C GLU E 213 62.73 -4.82 6.52
N HIS E 214 63.11 -3.97 5.57
CA HIS E 214 62.81 -2.52 5.59
C HIS E 214 61.34 -2.30 5.18
N ARG E 215 60.49 -1.91 6.14
CA ARG E 215 59.12 -1.46 5.84
C ARG E 215 59.18 -0.02 5.33
N PRO E 216 58.67 0.24 4.11
CA PRO E 216 58.78 1.60 3.55
C PRO E 216 57.97 2.64 4.33
N PHE E 217 58.55 3.84 4.44
CA PHE E 217 57.97 4.95 5.17
C PHE E 217 57.76 6.11 4.19
N TYR E 218 56.50 6.43 3.90
CA TYR E 218 56.16 7.44 2.90
C TYR E 218 55.86 8.77 3.59
N GLN E 219 56.78 9.72 3.48
CA GLN E 219 56.63 11.05 4.11
C GLN E 219 55.33 11.70 3.62
N GLN E 220 54.59 12.36 4.51
CA GLN E 220 53.35 13.07 4.17
C GLN E 220 53.54 14.58 4.38
N ASP E 221 52.68 15.38 3.74
CA ASP E 221 52.72 16.86 3.83
C ASP E 221 51.80 17.34 4.95
N LEU E 222 52.37 18.12 5.88
CA LEU E 222 51.69 18.63 7.07
C LEU E 222 50.68 19.73 6.73
N TRP E 223 50.94 20.48 5.66
CA TRP E 223 50.23 21.73 5.38
C TRP E 223 49.11 21.55 4.36
N HIS E 224 48.70 20.32 4.04
CA HIS E 224 47.70 20.08 2.98
C HIS E 224 46.35 20.67 3.37
N TYR E 225 45.85 20.29 4.56
CA TYR E 225 44.58 20.73 5.05
C TYR E 225 44.54 22.26 5.07
N THR E 226 45.53 22.85 5.73
CA THR E 226 45.60 24.28 5.96
C THR E 226 45.47 25.04 4.63
N ILE E 227 46.20 24.58 3.61
CA ILE E 227 46.29 25.33 2.33
C ILE E 227 45.01 25.10 1.53
N ALA E 228 44.54 23.86 1.45
CA ALA E 228 43.29 23.56 0.76
C ALA E 228 42.17 24.41 1.37
N ARG E 229 42.15 24.51 2.70
CA ARG E 229 41.13 25.30 3.40
C ARG E 229 41.31 26.79 3.08
N MET E 230 42.54 27.25 2.99
CA MET E 230 42.83 28.67 2.79
C MET E 230 42.39 29.09 1.38
N VAL E 231 42.64 28.23 0.40
CA VAL E 231 42.32 28.52 -0.99
C VAL E 231 40.80 28.56 -1.20
N ASP E 232 40.08 27.57 -0.67
CA ASP E 232 38.63 27.52 -0.86
C ASP E 232 37.98 28.78 -0.29
N VAL E 233 38.36 29.19 0.92
CA VAL E 233 37.73 30.35 1.55
C VAL E 233 38.07 31.61 0.76
N ALA E 234 39.32 31.74 0.35
CA ALA E 234 39.80 32.96 -0.30
C ALA E 234 39.13 33.12 -1.67
N VAL E 235 39.18 32.08 -2.48
CA VAL E 235 38.64 32.13 -3.84
C VAL E 235 37.12 32.34 -3.78
N ALA E 236 36.45 31.70 -2.83
CA ALA E 236 34.98 31.85 -2.68
C ALA E 236 34.62 33.31 -2.34
N HIS E 237 35.52 34.08 -1.74
CA HIS E 237 35.26 35.48 -1.39
C HIS E 237 35.86 36.44 -2.44
N GLY E 238 36.49 35.91 -3.48
CA GLY E 238 37.10 36.74 -4.51
C GLY E 238 38.47 37.26 -4.12
N LEU E 239 39.07 36.63 -3.11
CA LEU E 239 40.37 37.02 -2.55
C LEU E 239 41.44 36.02 -3.04
N ARG E 240 42.69 36.26 -2.67
CA ARG E 240 43.81 35.42 -3.08
C ARG E 240 44.53 34.85 -1.87
N ALA E 241 44.97 33.63 -1.98
CA ALA E 241 45.68 32.92 -0.90
C ALA E 241 47.17 32.92 -1.23
N PHE E 242 48.01 33.20 -0.27
CA PHE E 242 49.46 33.23 -0.54
C PHE E 242 50.16 32.34 0.47
N TYR E 243 51.17 31.63 0.03
CA TYR E 243 52.04 30.86 0.94
C TYR E 243 52.94 31.87 1.65
N GLY E 244 53.41 31.64 2.84
CA GLY E 244 54.24 32.69 3.46
C GLY E 244 55.72 32.52 3.16
N PRO E 245 56.56 32.64 4.17
CA PRO E 245 57.97 32.49 3.87
C PRO E 245 58.51 31.08 4.04
N PHE E 246 59.60 30.78 3.36
CA PHE E 246 60.34 29.50 3.56
C PHE E 246 61.64 29.93 4.25
N GLY E 247 62.01 29.28 5.33
CA GLY E 247 63.11 29.77 6.19
C GLY E 247 64.49 29.36 5.70
N ASP E 248 64.62 28.11 5.26
CA ASP E 248 65.90 27.57 4.79
C ASP E 248 66.31 28.29 3.49
N ILE E 249 66.85 29.51 3.63
CA ILE E 249 67.21 30.36 2.47
C ILE E 249 68.25 29.64 1.60
N LYS E 250 69.07 28.80 2.23
CA LYS E 250 70.04 27.98 1.49
C LYS E 250 69.30 26.99 0.58
N ASP E 251 68.32 26.27 1.13
CA ASP E 251 67.73 25.09 0.49
C ASP E 251 66.76 25.52 -0.62
N GLU E 252 67.30 25.78 -1.81
CA GLU E 252 66.54 26.28 -2.95
C GLU E 252 65.61 25.19 -3.51
N ALA E 253 65.99 23.92 -3.40
CA ALA E 253 65.17 22.82 -3.90
C ALA E 253 63.89 22.71 -3.07
N ALA E 254 64.05 22.53 -1.76
CA ALA E 254 62.92 22.53 -0.81
C ALA E 254 62.05 23.78 -1.01
N CYS E 255 62.68 24.94 -1.17
CA CYS E 255 61.96 26.19 -1.42
C CYS E 255 61.12 26.10 -2.70
N GLU E 256 61.69 25.49 -3.74
CA GLU E 256 60.98 25.32 -5.00
C GLU E 256 59.79 24.37 -4.80
N ALA E 257 60.01 23.30 -4.04
CA ALA E 257 59.04 22.21 -3.92
C ALA E 257 57.82 22.64 -3.08
N GLN E 258 58.03 23.52 -2.10
CA GLN E 258 56.95 23.92 -1.20
C GLN E 258 56.14 25.06 -1.85
N PHE E 259 56.86 26.02 -2.44
CA PHE E 259 56.27 27.03 -3.32
C PHE E 259 55.37 26.36 -4.36
N ARG E 260 55.85 25.26 -4.95
CA ARG E 260 55.15 24.58 -6.06
C ARG E 260 53.89 23.88 -5.54
N ASN E 261 53.99 23.18 -4.42
CA ASN E 261 52.83 22.53 -3.82
C ASN E 261 51.73 23.58 -3.59
N ALA E 262 52.09 24.78 -3.16
CA ALA E 262 51.11 25.84 -2.91
C ALA E 262 50.48 26.30 -4.23
N PHE E 263 51.31 26.47 -5.26
CA PHE E 263 50.84 26.92 -6.58
C PHE E 263 49.88 25.89 -7.18
N LEU E 264 50.17 24.61 -6.99
CA LEU E 264 49.38 23.54 -7.59
C LEU E 264 48.02 23.43 -6.91
N LEU E 265 47.88 24.03 -5.72
CA LEU E 265 46.61 24.00 -4.99
C LEU E 265 45.84 25.31 -5.18
N GLY E 266 46.49 26.36 -5.68
CA GLY E 266 45.81 27.57 -6.09
C GLY E 266 46.35 28.84 -5.46
N CYS E 267 47.47 28.79 -4.72
CA CYS E 267 48.03 30.01 -4.14
C CYS E 267 48.56 30.93 -5.26
N THR E 268 48.49 32.24 -5.04
CA THR E 268 48.83 33.24 -6.07
C THR E 268 50.36 33.50 -6.09
N GLY E 269 51.03 33.31 -4.95
CA GLY E 269 52.42 33.73 -4.81
C GLY E 269 52.99 33.39 -3.45
N ALA E 270 54.27 33.70 -3.26
CA ALA E 270 54.98 33.39 -2.01
C ALA E 270 55.82 34.59 -1.55
N TRP E 271 56.28 34.50 -0.31
CA TRP E 271 57.21 35.49 0.24
C TRP E 271 58.62 35.12 -0.21
N SER E 272 59.43 36.13 -0.55
CA SER E 272 60.87 35.93 -0.71
C SER E 272 61.60 36.68 0.42
N LEU E 273 62.37 35.92 1.20
CA LEU E 273 63.12 36.47 2.32
C LEU E 273 64.54 36.84 1.87
N ALA E 274 64.98 36.34 0.72
CA ALA E 274 66.35 36.55 0.23
C ALA E 274 66.35 36.60 -1.31
N PRO E 275 67.31 37.35 -1.91
CA PRO E 275 67.37 37.57 -3.37
C PRO E 275 67.37 36.28 -4.22
N ASN E 276 67.86 35.17 -3.68
CA ASN E 276 67.84 33.90 -4.43
C ASN E 276 66.38 33.40 -4.56
N GLN E 277 65.56 33.63 -3.54
CA GLN E 277 64.18 33.18 -3.54
C GLN E 277 63.35 33.95 -4.59
N ILE E 278 63.72 35.19 -4.92
CA ILE E 278 62.91 36.04 -5.83
C ILE E 278 62.60 35.28 -7.13
N PRO E 279 63.64 34.82 -7.86
CA PRO E 279 63.37 34.14 -9.15
C PRO E 279 62.70 32.76 -8.97
N ILE E 280 62.82 32.15 -7.80
CA ILE E 280 62.17 30.85 -7.55
C ILE E 280 60.66 31.05 -7.48
N ALA E 281 60.22 32.17 -6.91
CA ALA E 281 58.80 32.48 -6.78
C ALA E 281 58.20 32.80 -8.16
N LYS E 282 58.81 33.76 -8.85
CA LYS E 282 58.33 34.24 -10.15
C LYS E 282 58.18 33.06 -11.14
N ARG E 283 59.08 32.09 -11.05
CA ARG E 283 59.07 30.96 -11.96
C ARG E 283 57.83 30.09 -11.68
N VAL E 284 57.60 29.82 -10.39
CA VAL E 284 56.59 28.84 -9.98
C VAL E 284 55.18 29.43 -10.11
N PHE E 285 54.99 30.69 -9.78
CA PHE E 285 53.64 31.25 -9.66
C PHE E 285 53.23 31.97 -10.94
N SER E 286 54.03 31.86 -12.00
CA SER E 286 53.60 32.36 -13.32
C SER E 286 52.36 31.59 -13.79
N PRO E 287 51.37 32.29 -14.35
CA PRO E 287 50.20 31.55 -14.85
C PRO E 287 50.61 30.46 -15.85
N ASP E 288 49.95 29.30 -15.78
CA ASP E 288 50.24 28.17 -16.68
C ASP E 288 49.83 28.56 -18.11
N VAL E 289 50.62 28.10 -19.09
CA VAL E 289 50.47 28.49 -20.50
C VAL E 289 49.13 27.99 -21.04
N ASN E 290 48.75 26.77 -20.68
CA ASN E 290 47.48 26.18 -21.14
C ASN E 290 46.30 27.05 -20.68
N GLU E 291 46.27 27.39 -19.40
CA GLU E 291 45.20 28.22 -18.86
C GLU E 291 45.16 29.55 -19.62
N VAL E 292 46.31 30.12 -19.92
CA VAL E 292 46.38 31.42 -20.60
C VAL E 292 45.90 31.26 -22.05
N LEU E 293 46.36 30.23 -22.73
CA LEU E 293 45.95 29.98 -24.12
C LEU E 293 44.44 29.75 -24.17
N PHE E 294 43.94 28.92 -23.25
CA PHE E 294 42.51 28.61 -23.21
C PHE E 294 41.70 29.89 -22.97
N ALA E 295 42.16 30.72 -22.04
CA ALA E 295 41.48 31.97 -21.71
C ALA E 295 41.36 32.87 -22.94
N LYS E 296 42.37 32.86 -23.81
CA LYS E 296 42.33 33.66 -25.06
C LYS E 296 41.25 33.13 -26.02
N ARG E 297 40.99 31.82 -26.01
CA ARG E 297 39.94 31.24 -26.86
C ARG E 297 38.55 31.70 -26.38
N ILE E 298 38.37 31.81 -25.07
CA ILE E 298 37.11 32.29 -24.51
C ILE E 298 36.88 33.72 -25.00
N LEU E 299 37.87 34.59 -24.82
CA LEU E 299 37.74 36.01 -25.19
C LEU E 299 37.43 36.16 -26.68
N ASP E 300 38.00 35.27 -27.51
CA ASP E 300 37.78 35.30 -28.96
C ASP E 300 36.35 34.89 -29.29
N ALA E 301 35.82 33.87 -28.59
CA ALA E 301 34.52 33.29 -28.91
C ALA E 301 33.38 34.22 -28.46
N MET E 302 33.66 35.16 -27.57
CA MET E 302 32.67 36.06 -27.00
C MET E 302 33.24 37.48 -26.98
N PRO E 303 33.20 38.19 -28.12
CA PRO E 303 33.91 39.48 -28.26
C PRO E 303 33.54 40.52 -27.19
N ASP E 304 32.24 40.85 -27.09
CA ASP E 304 31.75 41.86 -26.14
C ASP E 304 31.53 41.24 -24.74
N GLY E 305 31.80 39.94 -24.59
CA GLY E 305 31.68 39.27 -23.30
C GLY E 305 30.24 38.91 -22.96
N SER E 306 29.33 39.01 -23.94
CA SER E 306 27.91 38.72 -23.70
C SER E 306 27.52 37.39 -24.37
N GLY E 307 26.24 37.03 -24.21
CA GLY E 307 25.73 35.78 -24.77
C GLY E 307 26.33 34.57 -24.08
N VAL E 308 26.49 33.50 -24.85
CA VAL E 308 26.89 32.22 -24.31
C VAL E 308 27.63 31.46 -25.43
N ALA E 309 28.68 30.74 -25.07
CA ALA E 309 29.41 29.98 -26.07
C ALA E 309 29.82 28.63 -25.47
N MET E 310 30.45 27.80 -26.29
CA MET E 310 30.89 26.48 -25.87
C MET E 310 32.26 26.18 -26.46
N ILE E 311 33.24 25.95 -25.57
CA ILE E 311 34.63 25.73 -25.95
C ILE E 311 35.14 24.48 -25.22
N ASP E 312 35.65 23.52 -26.00
CA ASP E 312 36.12 22.21 -25.48
C ASP E 312 35.01 21.53 -24.68
N GLY E 313 33.78 21.65 -25.15
CA GLY E 313 32.66 20.95 -24.54
C GLY E 313 32.00 21.74 -23.42
N LYS E 314 32.55 22.89 -23.04
CA LYS E 314 32.18 23.55 -21.78
C LYS E 314 31.47 24.88 -22.08
N MET E 315 30.36 25.12 -21.40
CA MET E 315 29.63 26.37 -21.54
C MET E 315 30.47 27.53 -21.01
N GLN E 316 30.42 28.65 -21.72
CA GLN E 316 31.10 29.87 -21.32
C GLN E 316 30.06 30.98 -21.18
N ASP E 317 30.19 31.79 -20.14
CA ASP E 317 29.21 32.84 -19.81
C ASP E 317 29.97 34.05 -19.27
N ASP E 318 29.22 35.04 -18.76
CA ASP E 318 29.78 36.31 -18.26
C ASP E 318 30.80 36.05 -17.13
N ALA E 319 30.66 34.97 -16.38
CA ALA E 319 31.57 34.67 -15.25
C ALA E 319 32.91 34.12 -15.77
N THR E 320 32.85 33.13 -16.66
CA THR E 320 34.06 32.51 -17.22
C THR E 320 34.82 33.52 -18.10
N TRP E 321 34.07 34.33 -18.86
CA TRP E 321 34.65 35.35 -19.71
C TRP E 321 35.40 36.37 -18.86
N LYS E 322 34.75 36.86 -17.81
CA LYS E 322 35.36 37.83 -16.92
C LYS E 322 36.59 37.21 -16.26
N GLN E 323 36.51 35.94 -15.86
CA GLN E 323 37.64 35.28 -15.23
C GLN E 323 38.78 35.08 -16.24
N ALA E 324 38.44 34.82 -17.51
CA ALA E 324 39.45 34.59 -18.55
C ALA E 324 40.17 35.91 -18.90
N LYS E 325 39.47 37.03 -18.80
CA LYS E 325 40.04 38.36 -18.99
C LYS E 325 41.04 38.68 -17.87
N VAL E 326 40.78 38.19 -16.67
CA VAL E 326 41.67 38.43 -15.54
C VAL E 326 43.02 37.77 -15.82
N ILE E 327 43.03 36.50 -16.24
CA ILE E 327 44.29 35.76 -16.41
C ILE E 327 45.03 36.26 -17.66
N VAL E 328 44.29 36.66 -18.69
CA VAL E 328 44.92 37.20 -19.90
C VAL E 328 45.57 38.56 -19.57
N ASP E 329 44.85 39.45 -18.89
CA ASP E 329 45.41 40.72 -18.45
C ASP E 329 46.62 40.50 -17.52
N LEU E 330 46.58 39.44 -16.72
CA LEU E 330 47.68 39.14 -15.79
C LEU E 330 48.89 38.55 -16.56
N ALA E 331 48.63 37.79 -17.61
CA ALA E 331 49.70 37.21 -18.43
C ALA E 331 50.39 38.32 -19.24
N ARG E 332 49.59 39.25 -19.74
CA ARG E 332 50.10 40.40 -20.46
C ARG E 332 51.06 41.18 -19.56
N MET E 333 50.60 41.54 -18.37
CA MET E 333 51.40 42.35 -17.44
C MET E 333 52.70 41.62 -17.07
N ILE E 334 52.67 40.28 -17.03
CA ILE E 334 53.87 39.53 -16.71
C ILE E 334 54.79 39.47 -17.94
N ALA E 335 54.21 39.31 -19.13
CA ALA E 335 55.00 39.25 -20.37
C ALA E 335 55.68 40.60 -20.64
N LYS E 336 55.10 41.67 -20.13
CA LYS E 336 55.59 43.03 -20.36
C LYS E 336 57.03 43.20 -19.86
N LYS E 337 57.38 42.52 -18.76
CA LYS E 337 58.71 42.64 -18.17
C LYS E 337 59.41 41.27 -18.19
N ASP E 338 59.03 40.41 -19.12
CA ASP E 338 59.57 39.05 -19.20
C ASP E 338 59.30 38.49 -20.61
N PRO E 339 60.23 38.75 -21.55
CA PRO E 339 60.02 38.37 -22.96
C PRO E 339 59.95 36.85 -23.17
N GLU E 340 60.57 36.06 -22.30
CA GLU E 340 60.50 34.60 -22.39
C GLU E 340 59.04 34.14 -22.34
N LEU E 341 58.24 34.77 -21.47
CA LEU E 341 56.84 34.38 -21.28
C LEU E 341 55.96 35.03 -22.35
N ALA E 342 56.40 36.17 -22.88
CA ALA E 342 55.64 36.86 -23.94
C ALA E 342 55.46 35.92 -25.15
N GLN E 343 56.45 35.07 -25.42
CA GLN E 343 56.40 34.13 -26.53
C GLN E 343 55.49 32.95 -26.15
N ALA E 344 55.68 32.43 -24.94
CA ALA E 344 54.92 31.28 -24.44
C ALA E 344 53.42 31.62 -24.38
N TYR E 345 53.07 32.80 -23.86
CA TYR E 345 51.65 33.20 -23.77
C TYR E 345 51.15 33.64 -25.16
N GLY E 346 52.05 33.96 -26.07
CA GLY E 346 51.70 34.19 -27.48
C GLY E 346 51.25 35.61 -27.75
N PHE E 347 51.76 36.58 -27.00
CA PHE E 347 51.40 37.98 -27.22
C PHE E 347 52.25 38.56 -28.36
N MET F 1 27.12 29.64 21.73
CA MET F 1 25.63 29.67 21.85
C MET F 1 25.25 30.38 23.16
N LYS F 2 25.97 30.09 24.24
CA LYS F 2 25.75 30.79 25.51
C LYS F 2 26.54 32.11 25.51
N LEU F 3 26.00 33.11 26.19
CA LEU F 3 26.69 34.39 26.36
C LEU F 3 27.77 34.25 27.44
N PRO F 4 28.97 34.82 27.18
CA PRO F 4 30.11 34.81 28.11
C PRO F 4 29.74 35.07 29.58
N ILE F 5 28.88 36.06 29.82
CA ILE F 5 28.51 36.46 31.18
C ILE F 5 27.80 35.30 31.90
N HIS F 6 27.13 34.40 31.17
CA HIS F 6 26.40 33.26 31.76
C HIS F 6 27.22 31.95 31.67
N PHE F 7 28.13 31.87 30.71
CA PHE F 7 28.83 30.63 30.34
C PHE F 7 29.50 30.00 31.57
N TYR F 8 30.04 30.84 32.45
CA TYR F 8 30.90 30.37 33.55
C TYR F 8 30.10 30.24 34.85
N LYS F 9 28.77 30.25 34.79
CA LYS F 9 27.97 30.04 35.99
C LYS F 9 27.72 28.54 36.17
N PRO F 10 27.62 28.10 37.43
CA PRO F 10 27.27 26.71 37.73
C PRO F 10 25.80 26.46 37.38
N LEU F 11 25.49 25.29 36.82
CA LEU F 11 24.14 24.99 36.37
C LEU F 11 23.29 24.43 37.52
N ALA F 12 23.84 24.36 38.73
CA ALA F 12 23.04 23.94 39.87
C ALA F 12 23.49 24.70 41.13
N ALA F 13 22.53 24.95 42.02
CA ALA F 13 22.82 25.56 43.32
C ALA F 13 23.63 24.58 44.18
N GLY F 14 24.84 24.98 44.54
CA GLY F 14 25.74 24.12 45.32
C GLY F 14 26.83 23.47 44.47
N ALA F 15 26.58 23.30 43.17
CA ALA F 15 27.59 22.74 42.27
C ALA F 15 28.80 23.67 42.21
N PRO F 16 30.00 23.10 42.04
CA PRO F 16 31.26 23.86 42.05
C PRO F 16 31.40 24.86 40.90
N GLN F 17 32.12 25.94 41.14
CA GLN F 17 32.35 26.97 40.13
C GLN F 17 33.00 26.34 38.89
N PRO F 18 32.42 26.57 37.70
CA PRO F 18 33.05 26.19 36.44
C PRO F 18 34.44 26.81 36.30
N ILE F 19 35.36 26.05 35.72
CA ILE F 19 36.77 26.46 35.58
C ILE F 19 36.88 27.49 34.44
N ARG F 20 37.96 28.26 34.47
CA ARG F 20 38.29 29.25 33.44
C ARG F 20 39.36 28.69 32.49
N GLU F 21 40.45 28.20 33.07
CA GLU F 21 41.56 27.57 32.33
C GLU F 21 41.56 26.06 32.62
N LEU F 22 42.03 25.27 31.66
CA LEU F 22 42.21 23.82 31.85
C LEU F 22 43.33 23.56 32.86
N PRO F 23 43.11 22.61 33.79
CA PRO F 23 44.17 22.21 34.70
C PRO F 23 45.36 21.62 33.93
N VAL F 24 46.57 22.06 34.28
CA VAL F 24 47.77 21.71 33.55
C VAL F 24 48.42 20.49 34.21
N ARG F 25 48.48 19.37 33.50
CA ARG F 25 49.08 18.14 34.02
C ARG F 25 49.47 17.22 32.86
N PRO F 26 50.29 16.19 33.13
CA PRO F 26 50.64 15.15 32.17
C PRO F 26 49.41 14.38 31.66
N GLU F 27 49.26 14.30 30.34
CA GLU F 27 48.18 13.51 29.69
C GLU F 27 48.71 12.90 28.39
N ARG F 28 49.95 12.40 28.44
CA ARG F 28 50.62 11.87 27.25
C ARG F 28 50.07 10.49 26.88
N VAL F 29 49.44 9.81 27.84
CA VAL F 29 48.89 8.48 27.62
C VAL F 29 47.64 8.32 28.50
N ILE F 30 46.61 7.71 27.93
CA ILE F 30 45.36 7.46 28.64
C ILE F 30 45.16 5.93 28.64
N HIS F 31 45.33 5.31 29.79
CA HIS F 31 45.36 3.86 29.83
C HIS F 31 43.96 3.32 30.11
N PHE F 32 43.41 2.61 29.13
CA PHE F 32 42.07 2.03 29.26
C PHE F 32 42.18 0.71 30.04
N PHE F 33 41.12 0.34 30.74
CA PHE F 33 41.11 -0.91 31.47
C PHE F 33 39.68 -1.35 31.74
N PRO F 34 39.38 -2.65 31.50
CA PRO F 34 38.06 -3.20 31.80
C PRO F 34 37.93 -3.38 33.33
N PRO F 35 37.05 -2.59 33.98
CA PRO F 35 36.98 -2.67 35.44
C PRO F 35 36.23 -3.91 35.97
N HIS F 36 35.60 -4.70 35.12
CA HIS F 36 34.82 -5.87 35.58
C HIS F 36 35.74 -7.08 35.85
N VAL F 37 36.96 -7.06 35.33
CA VAL F 37 37.90 -8.20 35.47
C VAL F 37 38.82 -7.93 36.68
N GLU F 38 38.86 -8.90 37.60
CA GLU F 38 39.52 -8.71 38.90
C GLU F 38 41.05 -8.69 38.75
N LYS F 39 41.57 -9.45 37.79
CA LYS F 39 43.03 -9.56 37.61
C LYS F 39 43.63 -8.16 37.40
N ILE F 40 43.00 -7.36 36.54
CA ILE F 40 43.52 -6.02 36.20
C ILE F 40 43.20 -5.05 37.35
N ARG F 41 41.99 -5.16 37.90
CA ARG F 41 41.61 -4.39 39.10
C ARG F 41 42.79 -4.38 40.10
N ALA F 42 43.29 -5.57 40.42
CA ALA F 42 44.28 -5.78 41.48
C ALA F 42 45.61 -5.09 41.15
N ARG F 43 45.91 -4.90 39.86
CA ARG F 43 47.20 -4.33 39.43
C ARG F 43 47.09 -2.82 39.24
N ILE F 44 45.92 -2.21 39.45
CA ILE F 44 45.66 -0.80 39.09
C ILE F 44 46.61 0.12 39.90
N PRO F 45 46.81 -0.15 41.20
CA PRO F 45 47.75 0.68 41.97
C PRO F 45 49.17 0.65 41.40
N GLU F 46 49.57 -0.50 40.84
CA GLU F 46 50.86 -0.61 40.16
C GLU F 46 50.83 0.24 38.89
N VAL F 47 49.90 -0.09 37.99
CA VAL F 47 49.79 0.54 36.67
C VAL F 47 49.64 2.06 36.87
N ALA F 48 48.85 2.47 37.87
CA ALA F 48 48.57 3.88 38.11
C ALA F 48 49.86 4.71 38.09
N LYS F 49 50.93 4.20 38.69
CA LYS F 49 52.17 4.97 38.84
C LYS F 49 52.93 5.04 37.50
N GLN F 50 52.58 4.15 36.57
CA GLN F 50 53.27 4.08 35.26
C GLN F 50 52.73 5.14 34.29
N VAL F 51 51.46 5.52 34.47
CA VAL F 51 50.71 6.27 33.45
C VAL F 51 50.43 7.69 33.96
N ASP F 52 50.26 8.60 33.01
CA ASP F 52 49.84 9.98 33.28
C ASP F 52 48.35 10.02 33.63
N VAL F 53 47.54 9.31 32.83
CA VAL F 53 46.08 9.27 32.97
C VAL F 53 45.63 7.81 32.96
N LEU F 54 44.80 7.46 33.92
CA LEU F 54 44.10 6.18 33.92
C LEU F 54 42.63 6.44 33.58
N CYS F 55 42.06 5.59 32.73
CA CYS F 55 40.67 5.76 32.30
C CYS F 55 39.95 4.40 32.29
N GLY F 56 38.96 4.25 33.16
CA GLY F 56 38.12 3.07 33.16
C GLY F 56 37.12 3.12 32.02
N ASN F 57 36.66 1.95 31.58
CA ASN F 57 35.89 1.86 30.35
C ASN F 57 34.62 1.04 30.59
N LEU F 58 33.47 1.69 30.48
CA LEU F 58 32.18 1.03 30.67
C LEU F 58 31.54 0.70 29.32
N GLU F 59 32.05 1.29 28.24
CA GLU F 59 31.35 1.30 26.94
C GLU F 59 31.87 0.15 26.07
N ASP F 60 32.28 0.42 24.83
CA ASP F 60 32.65 -0.62 23.88
C ASP F 60 33.82 -1.44 24.46
N ALA F 61 33.84 -2.73 24.14
CA ALA F 61 34.81 -3.72 24.66
C ALA F 61 34.32 -4.31 26.00
N ILE F 62 33.15 -3.87 26.48
CA ILE F 62 32.53 -4.41 27.67
C ILE F 62 31.19 -5.01 27.27
N PRO F 63 31.03 -6.34 27.42
CA PRO F 63 29.80 -6.97 26.94
C PRO F 63 28.57 -6.50 27.74
N ILE F 64 27.39 -6.73 27.19
CA ILE F 64 26.15 -6.30 27.81
C ILE F 64 26.00 -6.94 29.19
N ASP F 65 26.47 -8.19 29.31
CA ASP F 65 26.26 -9.00 30.50
C ASP F 65 27.16 -8.53 31.66
N ALA F 66 28.13 -7.66 31.41
CA ALA F 66 29.08 -7.28 32.45
C ALA F 66 29.16 -5.76 32.64
N LYS F 67 28.19 -5.01 32.11
CA LYS F 67 28.17 -3.54 32.26
C LYS F 67 28.05 -3.17 33.74
N GLU F 68 27.02 -3.70 34.39
CA GLU F 68 26.75 -3.48 35.82
C GLU F 68 28.04 -3.74 36.62
N ALA F 69 28.68 -4.86 36.30
CA ALA F 69 29.91 -5.28 36.97
C ALA F 69 31.04 -4.28 36.70
N ALA F 70 31.13 -3.77 35.47
CA ALA F 70 32.18 -2.78 35.14
C ALA F 70 31.96 -1.49 35.93
N ARG F 71 30.69 -1.17 36.18
CA ARG F 71 30.35 0.01 36.98
C ARG F 71 30.85 -0.18 38.41
N ALA F 72 30.36 -1.23 39.08
CA ALA F 72 30.78 -1.53 40.46
C ALA F 72 32.30 -1.66 40.52
N GLY F 73 32.84 -2.43 39.58
CA GLY F 73 34.29 -2.55 39.45
C GLY F 73 34.98 -1.20 39.55
N PHE F 74 34.52 -0.24 38.75
CA PHE F 74 35.19 1.05 38.65
C PHE F 74 35.15 1.77 40.00
N ILE F 75 34.03 1.65 40.72
CA ILE F 75 33.85 2.33 42.00
C ILE F 75 34.74 1.65 43.06
N GLU F 76 34.77 0.32 43.08
CA GLU F 76 35.60 -0.43 44.01
C GLU F 76 37.04 0.11 43.94
N VAL F 77 37.61 0.11 42.73
CA VAL F 77 39.04 0.37 42.57
C VAL F 77 39.33 1.86 42.79
N ALA F 78 38.35 2.72 42.52
CA ALA F 78 38.54 4.17 42.66
C ALA F 78 38.48 4.57 44.14
N ARG F 79 37.56 3.96 44.89
CA ARG F 79 37.52 4.10 46.35
C ARG F 79 38.88 3.76 46.95
N ASN F 80 39.40 2.57 46.62
CA ASN F 80 40.50 1.94 47.35
C ASN F 80 41.85 2.60 47.01
N THR F 81 42.00 3.12 45.80
CA THR F 81 43.31 3.56 45.32
C THR F 81 43.51 5.06 45.58
N ASP F 82 44.71 5.42 46.02
CA ASP F 82 45.21 6.78 45.91
C ASP F 82 46.00 6.84 44.59
N PHE F 83 45.61 7.72 43.68
CA PHE F 83 46.16 7.72 42.31
C PHE F 83 47.35 8.69 42.21
N GLY F 84 47.59 9.50 43.24
CA GLY F 84 48.73 10.41 43.27
C GLY F 84 48.62 11.50 42.22
N ASP F 85 49.56 11.52 41.29
CA ASP F 85 49.56 12.50 40.19
C ASP F 85 48.88 11.91 38.95
N THR F 86 48.48 10.64 39.02
CA THR F 86 47.78 10.00 37.91
C THR F 86 46.31 10.45 37.92
N ALA F 87 45.82 10.92 36.78
CA ALA F 87 44.45 11.41 36.66
C ALA F 87 43.49 10.22 36.53
N LEU F 88 42.32 10.35 37.14
CA LEU F 88 41.30 9.31 37.05
C LEU F 88 40.19 9.78 36.11
N TRP F 89 40.01 9.05 35.01
CA TRP F 89 38.94 9.31 34.05
C TRP F 89 38.03 8.09 34.01
N VAL F 90 36.87 8.25 33.37
CA VAL F 90 35.98 7.13 33.10
C VAL F 90 35.29 7.39 31.76
N ARG F 91 35.04 6.31 31.02
CA ARG F 91 34.23 6.36 29.81
C ARG F 91 32.91 5.62 30.09
N VAL F 92 31.83 6.40 30.17
CA VAL F 92 30.51 5.85 30.46
C VAL F 92 29.88 5.38 29.15
N ASN F 93 28.70 4.80 29.24
CA ASN F 93 27.97 4.34 28.07
C ASN F 93 27.39 5.53 27.29
N ALA F 94 26.85 5.25 26.10
CA ALA F 94 26.23 6.25 25.22
C ALA F 94 25.05 6.91 25.94
N LEU F 95 24.66 8.11 25.48
CA LEU F 95 23.56 8.86 26.11
C LEU F 95 22.20 8.26 25.72
N ASN F 96 22.15 7.27 24.83
CA ASN F 96 20.88 6.64 24.47
C ASN F 96 20.75 5.27 25.15
N SER F 97 21.75 4.84 25.93
CA SER F 97 21.80 3.47 26.43
C SER F 97 21.13 3.36 27.81
N PRO F 98 20.75 2.13 28.22
CA PRO F 98 20.13 1.90 29.53
C PRO F 98 21.09 2.02 30.74
N TRP F 99 22.40 2.13 30.50
CA TRP F 99 23.39 2.06 31.57
C TRP F 99 23.90 3.47 31.94
N VAL F 100 23.59 4.50 31.14
CA VAL F 100 24.31 5.78 31.28
C VAL F 100 23.80 6.56 32.49
N LEU F 101 22.48 6.53 32.74
CA LEU F 101 21.91 7.20 33.91
C LEU F 101 22.65 6.75 35.17
N ASP F 102 22.69 5.44 35.40
CA ASP F 102 23.28 4.88 36.63
C ASP F 102 24.81 5.02 36.57
N ASP F 103 25.41 4.80 35.40
CA ASP F 103 26.85 5.00 35.22
C ASP F 103 27.27 6.33 35.84
N ILE F 104 26.58 7.41 35.46
CA ILE F 104 26.99 8.76 35.88
C ILE F 104 26.53 9.00 37.32
N ALA F 105 25.36 8.48 37.67
CA ALA F 105 24.82 8.72 39.00
C ALA F 105 25.72 8.09 40.06
N ASP F 106 25.84 6.76 40.03
CA ASP F 106 26.56 6.03 41.09
C ASP F 106 28.02 6.50 41.15
N ILE F 107 28.63 6.84 40.02
CA ILE F 107 30.05 7.22 40.02
C ILE F 107 30.22 8.59 40.70
N VAL F 108 29.32 9.53 40.49
CA VAL F 108 29.49 10.84 41.14
C VAL F 108 29.15 10.71 42.63
N ALA F 109 28.19 9.83 42.93
CA ALA F 109 27.73 9.62 44.31
C ALA F 109 28.88 9.05 45.18
N THR F 110 29.71 8.21 44.58
CA THR F 110 30.67 7.40 45.32
C THR F 110 32.09 7.96 45.19
N VAL F 111 32.50 8.33 43.97
CA VAL F 111 33.90 8.68 43.71
C VAL F 111 34.01 9.98 42.92
N GLY F 112 32.96 10.79 42.90
CA GLY F 112 32.99 12.04 42.16
C GLY F 112 34.18 12.91 42.53
N ASN F 113 34.54 12.95 43.81
CA ASN F 113 35.59 13.85 44.30
C ASN F 113 36.97 13.38 43.82
N LYS F 114 37.06 12.18 43.25
CA LYS F 114 38.33 11.65 42.73
C LYS F 114 38.35 11.68 41.20
N LEU F 115 37.18 11.66 40.57
CA LEU F 115 37.04 11.60 39.10
C LEU F 115 37.44 12.96 38.50
N ASP F 116 38.44 12.94 37.62
CA ASP F 116 38.96 14.18 37.05
C ASP F 116 38.21 14.52 35.76
N VAL F 117 38.05 13.54 34.88
CA VAL F 117 37.43 13.78 33.58
C VAL F 117 36.46 12.63 33.26
N MET F 118 35.31 12.97 32.67
CA MET F 118 34.37 11.97 32.17
C MET F 118 34.38 12.01 30.64
N MET F 119 34.42 10.84 30.01
CA MET F 119 34.51 10.74 28.56
C MET F 119 33.17 10.23 28.03
N ILE F 120 32.57 11.01 27.12
CA ILE F 120 31.27 10.68 26.55
C ILE F 120 31.49 10.12 25.14
N PRO F 121 30.97 8.92 24.88
CA PRO F 121 31.08 8.32 23.55
C PRO F 121 29.96 8.75 22.60
N LYS F 122 30.28 8.77 21.30
CA LYS F 122 29.30 8.90 20.21
C LYS F 122 28.56 10.23 20.34
N VAL F 123 29.31 11.31 20.59
CA VAL F 123 28.74 12.65 20.68
C VAL F 123 28.38 13.12 19.26
N GLU F 124 27.10 13.47 19.04
CA GLU F 124 26.64 13.93 17.73
C GLU F 124 26.65 15.47 17.68
N GLY F 125 26.39 16.13 18.80
CA GLY F 125 26.27 17.59 18.80
C GLY F 125 26.23 18.21 20.19
N PRO F 126 26.04 19.53 20.25
CA PRO F 126 26.06 20.30 21.50
C PRO F 126 24.96 19.91 22.49
N TRP F 127 23.85 19.39 22.00
CA TRP F 127 22.76 18.95 22.89
C TRP F 127 23.26 17.85 23.82
N ASP F 128 24.17 17.03 23.33
CA ASP F 128 24.76 15.95 24.12
C ASP F 128 25.55 16.55 25.29
N ILE F 129 26.38 17.54 24.99
CA ILE F 129 27.16 18.22 26.02
C ILE F 129 26.21 18.87 27.02
N HIS F 130 25.16 19.50 26.52
CA HIS F 130 24.22 20.23 27.38
C HIS F 130 23.66 19.30 28.44
N PHE F 131 23.12 18.15 28.02
CA PHE F 131 22.51 17.18 28.94
C PHE F 131 23.53 16.77 30.02
N VAL F 132 24.69 16.31 29.60
CA VAL F 132 25.71 15.82 30.54
C VAL F 132 26.07 16.97 31.51
N ASP F 133 26.31 18.16 30.97
CA ASP F 133 26.67 19.34 31.79
C ASP F 133 25.64 19.54 32.91
N GLN F 134 24.37 19.51 32.54
CA GLN F 134 23.29 19.83 33.47
C GLN F 134 23.12 18.67 34.48
N TYR F 135 23.21 17.45 33.98
CA TYR F 135 23.08 16.25 34.81
C TYR F 135 24.23 16.19 35.83
N LEU F 136 25.45 16.47 35.38
CA LEU F 136 26.62 16.56 36.28
C LEU F 136 26.38 17.65 37.31
N ALA F 137 26.00 18.84 36.85
CA ALA F 137 25.80 19.97 37.75
C ALA F 137 24.88 19.57 38.92
N LEU F 138 23.77 18.91 38.60
CA LEU F 138 22.79 18.53 39.62
C LEU F 138 23.38 17.44 40.54
N LEU F 139 24.18 16.54 39.98
CA LEU F 139 24.75 15.45 40.79
C LEU F 139 25.88 15.99 41.67
N GLU F 140 26.68 16.91 41.15
CA GLU F 140 27.73 17.57 41.93
C GLU F 140 27.12 18.33 43.12
N ALA F 141 25.93 18.88 42.94
CA ALA F 141 25.28 19.66 43.98
C ALA F 141 24.78 18.72 45.09
N LYS F 142 24.14 17.64 44.67
CA LYS F 142 23.60 16.63 45.58
C LYS F 142 24.71 16.09 46.49
N HIS F 143 25.82 15.66 45.90
CA HIS F 143 26.92 15.02 46.63
C HIS F 143 28.04 16.03 46.93
N GLN F 144 27.76 17.32 46.86
CA GLN F 144 28.69 18.37 47.28
C GLN F 144 30.11 18.08 46.76
N ILE F 145 30.25 17.93 45.45
CA ILE F 145 31.54 17.64 44.81
C ILE F 145 32.35 18.95 44.74
N GLN F 146 33.65 18.87 44.97
CA GLN F 146 34.44 20.05 45.37
C GLN F 146 35.09 20.73 44.15
N LYS F 147 35.20 20.02 43.04
CA LYS F 147 35.68 20.65 41.80
C LYS F 147 35.00 19.96 40.61
N PRO F 148 34.74 20.73 39.55
CA PRO F 148 33.89 20.23 38.48
C PRO F 148 34.54 19.07 37.70
N ILE F 149 33.75 18.02 37.52
CA ILE F 149 34.07 16.91 36.63
C ILE F 149 33.98 17.41 35.18
N LEU F 150 35.10 17.36 34.45
CA LEU F 150 35.21 17.87 33.10
C LEU F 150 34.62 16.87 32.11
N ILE F 151 34.30 17.34 30.90
CA ILE F 151 33.71 16.49 29.84
C ILE F 151 34.71 16.34 28.69
N HIS F 152 34.97 15.08 28.33
CA HIS F 152 35.85 14.73 27.22
C HIS F 152 35.01 14.04 26.13
N ALA F 153 35.10 14.56 24.91
CA ALA F 153 34.18 14.14 23.85
C ALA F 153 34.87 13.12 22.94
N LEU F 154 34.26 11.95 22.80
CA LEU F 154 34.73 11.00 21.79
C LEU F 154 34.17 11.43 20.43
N LEU F 155 35.09 11.56 19.48
CA LEU F 155 34.79 12.03 18.15
C LEU F 155 34.67 10.81 17.21
N GLU F 156 33.48 10.21 17.20
CA GLU F 156 33.24 8.89 16.63
C GLU F 156 32.16 8.91 15.53
N THR F 157 31.64 10.08 15.17
CA THR F 157 30.53 10.12 14.20
C THR F 157 30.77 11.23 13.18
N ALA F 158 30.16 11.06 12.00
CA ALA F 158 30.22 12.07 10.96
C ALA F 158 29.58 13.38 11.47
N GLN F 159 28.44 13.24 12.14
CA GLN F 159 27.71 14.36 12.67
C GLN F 159 28.56 15.12 13.68
N GLY F 160 29.36 14.40 14.48
CA GLY F 160 30.28 15.02 15.45
C GLY F 160 31.36 15.84 14.79
N MET F 161 31.90 15.32 13.69
CA MET F 161 32.90 16.03 12.88
C MET F 161 32.30 17.32 12.31
N MET F 162 31.06 17.21 11.82
CA MET F 162 30.40 18.36 11.22
C MET F 162 30.13 19.40 12.33
N ASN F 163 29.74 18.93 13.52
CA ASN F 163 29.30 19.81 14.63
C ASN F 163 30.43 20.07 15.63
N LEU F 164 31.69 19.94 15.21
CA LEU F 164 32.81 19.96 16.14
C LEU F 164 32.93 21.32 16.86
N GLU F 165 32.70 22.43 16.15
CA GLU F 165 32.81 23.77 16.78
C GLU F 165 31.73 23.94 17.85
N ALA F 166 30.51 23.49 17.57
CA ALA F 166 29.39 23.68 18.49
C ALA F 166 29.63 22.89 19.78
N ILE F 167 30.22 21.70 19.62
CA ILE F 167 30.51 20.81 20.75
C ILE F 167 31.60 21.45 21.61
N ALA F 168 32.68 21.87 20.97
CA ALA F 168 33.83 22.48 21.66
C ALA F 168 33.39 23.67 22.52
N GLY F 169 32.36 24.40 22.08
CA GLY F 169 31.99 25.66 22.72
C GLY F 169 30.77 25.53 23.62
N ALA F 170 30.27 24.32 23.81
CA ALA F 170 28.97 24.10 24.46
C ALA F 170 29.06 24.20 25.98
N SER F 171 30.27 24.13 26.56
CA SER F 171 30.37 24.06 28.02
C SER F 171 31.80 24.38 28.50
N PRO F 172 31.91 25.09 29.62
CA PRO F 172 33.22 25.30 30.25
C PRO F 172 33.81 24.00 30.85
N ARG F 173 32.97 23.00 31.04
CA ARG F 173 33.43 21.66 31.44
C ARG F 173 34.27 21.01 30.34
N MET F 174 34.19 21.50 29.11
CA MET F 174 34.85 20.82 27.98
C MET F 174 36.38 20.80 28.20
N HIS F 175 36.95 19.61 28.08
CA HIS F 175 38.38 19.36 28.27
C HIS F 175 39.06 19.17 26.90
N GLY F 176 38.49 18.31 26.07
CA GLY F 176 39.04 18.09 24.73
C GLY F 176 38.37 16.93 24.01
N PHE F 177 39.04 16.46 22.96
CA PHE F 177 38.49 15.45 22.06
C PHE F 177 39.47 14.30 21.89
N SER F 178 38.92 13.10 21.70
CA SER F 178 39.70 11.93 21.30
C SER F 178 39.10 11.37 20.02
N LEU F 179 39.97 11.09 19.04
CA LEU F 179 39.58 10.46 17.80
C LEU F 179 39.26 8.98 18.08
N GLY F 180 38.06 8.55 17.72
CA GLY F 180 37.66 7.14 17.81
C GLY F 180 37.55 6.54 16.42
N PRO F 181 38.69 6.19 15.80
CA PRO F 181 38.78 5.88 14.37
C PRO F 181 38.08 4.58 13.95
N ALA F 182 37.73 3.72 14.91
CA ALA F 182 36.97 2.52 14.59
C ALA F 182 35.51 2.90 14.29
N ASP F 183 34.91 3.65 15.22
CA ASP F 183 33.52 4.07 15.08
C ASP F 183 33.40 5.12 13.97
N LEU F 184 34.34 6.07 13.94
CA LEU F 184 34.30 7.14 12.95
C LEU F 184 34.39 6.57 11.53
N ALA F 185 35.12 5.47 11.36
CA ALA F 185 35.22 4.79 10.05
C ALA F 185 33.88 4.10 9.71
N ALA F 186 33.20 3.56 10.71
CA ALA F 186 31.89 2.93 10.50
C ALA F 186 30.83 4.02 10.22
N SER F 187 30.92 5.13 10.94
CA SER F 187 29.99 6.23 10.75
C SER F 187 30.16 6.85 9.36
N ARG F 188 31.40 7.09 8.95
CA ARG F 188 31.68 7.68 7.63
C ARG F 188 31.39 6.67 6.51
N GLY F 189 31.51 5.39 6.83
CA GLY F 189 31.52 4.34 5.82
C GLY F 189 32.90 4.19 5.19
N MET F 190 33.95 4.63 5.88
CA MET F 190 35.32 4.34 5.43
C MET F 190 35.44 2.80 5.31
N LYS F 191 35.96 2.31 4.19
CA LYS F 191 35.94 0.87 3.94
C LYS F 191 37.26 0.23 4.43
N THR F 192 37.38 0.21 5.75
CA THR F 192 38.40 -0.55 6.46
C THR F 192 37.77 -1.13 7.72
N THR F 193 38.25 -2.30 8.16
CA THR F 193 37.89 -2.84 9.48
C THR F 193 39.01 -2.50 10.49
N ARG F 194 40.11 -1.93 10.00
CA ARG F 194 41.28 -1.66 10.85
C ARG F 194 40.98 -0.47 11.78
N VAL F 195 41.68 -0.41 12.90
CA VAL F 195 41.43 0.59 13.94
C VAL F 195 42.59 1.60 13.95
N GLY F 196 42.77 2.27 12.82
CA GLY F 196 43.41 3.58 12.80
C GLY F 196 44.91 3.51 12.56
N GLY F 197 45.31 2.98 11.40
CA GLY F 197 46.70 3.12 10.94
C GLY F 197 46.75 3.64 9.52
N GLY F 198 47.77 3.22 8.77
CA GLY F 198 47.75 3.36 7.33
C GLY F 198 46.72 2.45 6.70
N HIS F 199 46.61 2.49 5.38
CA HIS F 199 45.94 1.43 4.64
C HIS F 199 46.68 1.25 3.32
N PRO F 200 46.92 0.00 2.91
CA PRO F 200 47.76 -0.24 1.73
C PRO F 200 47.16 0.31 0.42
N PHE F 201 45.83 0.27 0.29
CA PHE F 201 45.16 0.62 -0.97
C PHE F 201 44.89 2.12 -1.08
N TYR F 202 45.12 2.88 -0.01
CA TYR F 202 44.98 4.33 -0.10
C TYR F 202 46.33 4.95 -0.48
N GLY F 203 46.49 5.27 -1.76
CA GLY F 203 47.74 5.87 -2.21
C GLY F 203 47.64 6.42 -3.62
N VAL F 204 48.72 7.08 -4.04
CA VAL F 204 48.85 7.71 -5.34
C VAL F 204 49.68 6.80 -6.25
N LEU F 205 49.24 6.62 -7.48
CA LEU F 205 49.97 5.86 -8.49
C LEU F 205 50.70 6.85 -9.40
N ALA F 206 52.01 6.69 -9.55
CA ALA F 206 52.82 7.66 -10.30
C ALA F 206 52.54 7.53 -11.80
N ASP F 207 52.99 8.54 -12.54
CA ASP F 207 52.92 8.51 -14.01
C ASP F 207 53.90 7.44 -14.52
N PRO F 208 53.63 6.87 -15.71
CA PRO F 208 54.62 6.01 -16.39
C PRO F 208 55.96 6.74 -16.61
N GLN F 209 57.06 6.02 -16.48
CA GLN F 209 58.40 6.62 -16.40
C GLN F 209 59.17 6.33 -17.70
N ARG F 215 55.36 1.05 -11.94
CA ARG F 215 54.64 2.25 -11.49
C ARG F 215 54.58 2.28 -9.96
N PRO F 216 55.39 3.15 -9.33
CA PRO F 216 55.42 3.29 -7.87
C PRO F 216 54.07 3.66 -7.25
N PHE F 217 53.88 3.31 -5.98
CA PHE F 217 52.61 3.56 -5.31
C PHE F 217 52.88 4.13 -3.91
N TYR F 218 52.59 5.42 -3.75
CA TYR F 218 52.90 6.14 -2.52
C TYR F 218 51.65 6.18 -1.62
N GLN F 219 51.64 5.38 -0.56
CA GLN F 219 50.52 5.38 0.40
C GLN F 219 50.33 6.80 0.96
N GLN F 220 49.08 7.14 1.23
CA GLN F 220 48.75 8.43 1.85
C GLN F 220 48.09 8.17 3.21
N ASP F 221 47.96 9.23 4.00
CA ASP F 221 47.42 9.16 5.36
C ASP F 221 45.90 9.36 5.32
N LEU F 222 45.16 8.32 5.71
CA LEU F 222 43.68 8.36 5.76
C LEU F 222 43.17 9.50 6.66
N TRP F 223 43.91 9.85 7.71
CA TRP F 223 43.37 10.68 8.79
C TRP F 223 43.99 12.09 8.82
N HIS F 224 44.56 12.58 7.71
CA HIS F 224 45.12 13.93 7.73
C HIS F 224 44.03 14.98 7.99
N TYR F 225 42.97 14.98 7.19
CA TYR F 225 41.87 15.95 7.35
C TYR F 225 41.29 15.85 8.77
N THR F 226 41.00 14.63 9.22
CA THR F 226 40.29 14.41 10.48
C THR F 226 41.05 15.05 11.64
N ILE F 227 42.36 14.83 11.71
CA ILE F 227 43.14 15.26 12.86
C ILE F 227 43.42 16.76 12.73
N ALA F 228 43.76 17.20 11.53
CA ALA F 228 43.97 18.63 11.31
C ALA F 228 42.73 19.42 11.77
N ARG F 229 41.54 18.93 11.43
CA ARG F 229 40.31 19.64 11.77
C ARG F 229 40.14 19.64 13.30
N MET F 230 40.34 18.48 13.92
CA MET F 230 40.20 18.31 15.37
C MET F 230 41.19 19.22 16.12
N VAL F 231 42.45 19.28 15.68
CA VAL F 231 43.45 20.11 16.37
C VAL F 231 43.01 21.58 16.31
N ASP F 232 42.66 22.08 15.13
CA ASP F 232 42.28 23.50 14.96
C ASP F 232 41.12 23.86 15.89
N VAL F 233 40.03 23.09 15.87
CA VAL F 233 38.84 23.43 16.64
C VAL F 233 39.21 23.41 18.13
N ALA F 234 39.78 22.30 18.58
CA ALA F 234 40.14 22.12 20.00
C ALA F 234 41.04 23.27 20.48
N VAL F 235 42.12 23.52 19.76
CA VAL F 235 43.11 24.49 20.19
C VAL F 235 42.47 25.88 20.16
N ALA F 236 41.56 26.14 19.24
CA ALA F 236 40.91 27.45 19.16
C ALA F 236 40.08 27.71 20.45
N HIS F 237 39.56 26.64 21.04
CA HIS F 237 38.71 26.73 22.22
C HIS F 237 39.52 26.50 23.51
N GLY F 238 40.85 26.54 23.43
CA GLY F 238 41.71 26.23 24.58
C GLY F 238 41.51 24.82 25.10
N LEU F 239 41.23 23.87 24.19
CA LEU F 239 41.05 22.46 24.56
C LEU F 239 42.21 21.63 24.00
N ARG F 240 42.17 20.32 24.25
CA ARG F 240 43.26 19.43 23.85
C ARG F 240 42.72 18.30 22.97
N ALA F 241 43.33 18.14 21.81
CA ALA F 241 43.04 17.02 20.93
C ALA F 241 43.90 15.82 21.35
N PHE F 242 43.36 14.63 21.18
CA PHE F 242 44.05 13.39 21.50
C PHE F 242 43.82 12.37 20.39
N TYR F 243 44.87 11.66 19.96
CA TYR F 243 44.65 10.46 19.14
C TYR F 243 44.08 9.37 20.07
N GLY F 244 43.26 8.47 19.55
CA GLY F 244 42.61 7.45 20.39
C GLY F 244 43.32 6.11 20.35
N PRO F 245 42.59 5.02 20.04
CA PRO F 245 43.14 3.67 20.04
C PRO F 245 43.90 3.29 18.77
N PHE F 246 44.98 2.55 18.95
CA PHE F 246 45.64 1.84 17.87
C PHE F 246 45.46 0.34 18.09
N GLY F 247 44.56 -0.27 17.31
CA GLY F 247 44.04 -1.62 17.58
C GLY F 247 45.05 -2.73 17.29
N ASP F 248 46.03 -2.49 16.42
CA ASP F 248 47.09 -3.47 16.17
C ASP F 248 48.09 -3.41 17.33
N ILE F 249 47.78 -4.16 18.38
CA ILE F 249 48.57 -4.12 19.62
C ILE F 249 49.99 -4.59 19.34
N LYS F 250 50.13 -5.65 18.55
CA LYS F 250 51.42 -6.30 18.33
C LYS F 250 52.36 -5.36 17.54
N ASP F 251 51.82 -4.62 16.58
CA ASP F 251 52.64 -3.88 15.61
C ASP F 251 53.09 -2.55 16.22
N GLU F 252 54.11 -2.61 17.09
CA GLU F 252 54.60 -1.45 17.81
C GLU F 252 55.30 -0.48 16.85
N ALA F 253 55.78 -0.99 15.72
CA ALA F 253 56.44 -0.13 14.73
C ALA F 253 55.41 0.81 14.11
N ALA F 254 54.22 0.29 13.86
CA ALA F 254 53.13 1.05 13.25
C ALA F 254 52.54 2.03 14.27
N CYS F 255 52.33 1.55 15.49
CA CYS F 255 51.76 2.35 16.57
C CYS F 255 52.60 3.61 16.82
N GLU F 256 53.92 3.49 16.78
CA GLU F 256 54.81 4.64 17.02
C GLU F 256 54.60 5.69 15.93
N ALA F 257 54.51 5.23 14.67
CA ALA F 257 54.38 6.11 13.52
C ALA F 257 53.06 6.90 13.59
N GLN F 258 51.97 6.24 13.98
CA GLN F 258 50.64 6.85 14.05
C GLN F 258 50.59 7.83 15.22
N PHE F 259 51.07 7.40 16.37
CA PHE F 259 51.20 8.28 17.53
C PHE F 259 52.05 9.50 17.16
N ARG F 260 53.09 9.30 16.36
CA ARG F 260 54.01 10.38 16.00
C ARG F 260 53.35 11.32 14.98
N ASN F 261 52.54 10.76 14.07
CA ASN F 261 51.78 11.61 13.14
C ASN F 261 50.89 12.54 13.97
N ALA F 262 50.05 11.95 14.81
CA ALA F 262 49.16 12.72 15.69
C ALA F 262 49.96 13.79 16.46
N PHE F 263 51.12 13.43 17.00
CA PHE F 263 51.91 14.34 17.83
C PHE F 263 52.36 15.54 16.99
N LEU F 264 52.76 15.30 15.75
CA LEU F 264 53.32 16.35 14.88
C LEU F 264 52.22 17.29 14.37
N LEU F 265 51.00 16.76 14.23
CA LEU F 265 49.85 17.57 13.85
C LEU F 265 49.38 18.42 15.05
N GLY F 266 49.60 17.92 16.27
CA GLY F 266 49.46 18.75 17.47
C GLY F 266 48.65 18.10 18.59
N CYS F 267 48.41 16.79 18.55
CA CYS F 267 47.71 16.14 19.64
C CYS F 267 48.60 16.07 20.90
N THR F 268 47.94 15.84 22.04
CA THR F 268 48.56 15.95 23.35
C THR F 268 48.99 14.55 23.85
N GLY F 269 48.26 13.53 23.42
CA GLY F 269 48.51 12.17 23.90
C GLY F 269 47.70 11.15 23.12
N ALA F 270 47.89 9.87 23.44
CA ALA F 270 47.14 8.79 22.81
C ALA F 270 46.60 7.83 23.85
N TRP F 271 45.73 6.93 23.42
CA TRP F 271 45.29 5.81 24.25
C TRP F 271 46.32 4.68 24.21
N SER F 272 46.34 3.92 25.30
CA SER F 272 47.02 2.65 25.40
C SER F 272 46.00 1.57 25.76
N LEU F 273 45.93 0.49 24.97
CA LEU F 273 44.96 -0.59 25.19
C LEU F 273 45.63 -1.82 25.83
N ALA F 274 46.95 -1.75 26.01
CA ALA F 274 47.73 -2.82 26.63
C ALA F 274 49.07 -2.24 27.13
N PRO F 275 49.79 -2.97 28.01
CA PRO F 275 50.97 -2.42 28.68
C PRO F 275 52.08 -1.98 27.72
N ASN F 276 52.16 -2.59 26.54
CA ASN F 276 53.24 -2.34 25.59
C ASN F 276 53.08 -0.95 24.95
N GLN F 277 51.87 -0.38 24.97
CA GLN F 277 51.63 0.92 24.33
C GLN F 277 51.91 2.08 25.31
N ILE F 278 51.93 1.81 26.62
CA ILE F 278 52.17 2.88 27.62
C ILE F 278 53.48 3.61 27.30
N PRO F 279 54.63 2.88 27.28
CA PRO F 279 55.91 3.57 27.05
C PRO F 279 56.00 4.26 25.68
N ILE F 280 55.31 3.72 24.67
CA ILE F 280 55.33 4.31 23.34
C ILE F 280 54.66 5.69 23.40
N ALA F 281 53.44 5.73 23.92
CA ALA F 281 52.68 6.99 24.09
C ALA F 281 53.49 8.02 24.88
N LYS F 282 54.13 7.61 25.97
CA LYS F 282 54.90 8.54 26.80
C LYS F 282 56.09 9.10 26.01
N ARG F 283 56.74 8.25 25.22
CA ARG F 283 57.94 8.63 24.47
C ARG F 283 57.60 9.73 23.45
N VAL F 284 56.59 9.45 22.63
CA VAL F 284 56.21 10.30 21.51
C VAL F 284 55.67 11.65 21.99
N PHE F 285 54.81 11.60 23.00
CA PHE F 285 53.98 12.78 23.34
C PHE F 285 54.67 13.68 24.37
N SER F 286 55.83 13.27 24.89
CA SER F 286 56.61 14.15 25.73
C SER F 286 56.96 15.42 24.94
N PRO F 287 56.79 16.60 25.56
CA PRO F 287 57.08 17.89 24.93
C PRO F 287 58.44 17.97 24.20
N ASP F 288 58.45 18.72 23.11
CA ASP F 288 59.68 18.99 22.36
C ASP F 288 60.62 19.82 23.26
N VAL F 289 61.87 19.38 23.34
CA VAL F 289 62.88 20.05 24.15
C VAL F 289 63.04 21.51 23.69
N ASN F 290 63.07 21.73 22.38
CA ASN F 290 63.22 23.10 21.83
C ASN F 290 62.02 23.96 22.24
N GLU F 291 60.84 23.34 22.30
CA GLU F 291 59.63 24.00 22.82
C GLU F 291 59.90 24.47 24.26
N VAL F 292 60.30 23.54 25.12
CA VAL F 292 60.41 23.79 26.57
C VAL F 292 61.46 24.88 26.84
N LEU F 293 62.57 24.86 26.09
CA LEU F 293 63.69 25.78 26.33
C LEU F 293 63.36 27.18 25.82
N PHE F 294 62.55 27.29 24.76
CA PHE F 294 62.13 28.60 24.25
C PHE F 294 61.10 29.23 25.20
N ALA F 295 60.36 28.40 25.93
CA ALA F 295 59.40 28.88 26.93
C ALA F 295 60.14 29.48 28.14
N LYS F 296 61.12 28.75 28.67
CA LYS F 296 61.94 29.23 29.78
C LYS F 296 62.51 30.61 29.43
N ARG F 297 62.95 30.80 28.19
CA ARG F 297 63.49 32.09 27.75
C ARG F 297 62.41 33.17 27.84
N ILE F 298 61.19 32.86 27.41
CA ILE F 298 60.04 33.78 27.51
C ILE F 298 59.88 34.20 28.98
N LEU F 299 59.92 33.22 29.88
CA LEU F 299 59.66 33.45 31.31
C LEU F 299 60.77 34.33 31.91
N ASP F 300 62.02 34.04 31.58
CA ASP F 300 63.17 34.74 32.18
C ASP F 300 63.28 36.16 31.60
N ALA F 301 62.73 36.38 30.41
CA ALA F 301 62.84 37.68 29.74
C ALA F 301 61.69 38.61 30.14
N MET F 302 60.66 38.06 30.79
CA MET F 302 59.51 38.85 31.27
C MET F 302 59.25 38.48 32.73
N PRO F 303 59.93 39.18 33.67
CA PRO F 303 59.92 38.92 35.11
C PRO F 303 58.56 38.51 35.69
N ASP F 304 57.50 39.26 35.40
CA ASP F 304 56.17 38.97 35.96
C ASP F 304 55.11 38.99 34.85
N GLY F 305 55.50 38.60 33.63
CA GLY F 305 54.55 38.42 32.53
C GLY F 305 53.94 39.72 32.03
N SER F 306 54.54 40.85 32.38
CA SER F 306 54.01 42.17 32.00
C SER F 306 54.86 42.77 30.88
N GLY F 307 54.32 43.80 30.24
CA GLY F 307 55.03 44.52 29.19
C GLY F 307 55.19 43.68 27.93
N VAL F 308 56.25 43.97 27.18
CA VAL F 308 56.54 43.31 25.91
C VAL F 308 58.05 43.15 25.78
N ALA F 309 58.47 41.98 25.28
CA ALA F 309 59.88 41.69 25.03
C ALA F 309 60.00 40.84 23.76
N MET F 310 61.14 40.92 23.08
CA MET F 310 61.35 40.23 21.81
C MET F 310 62.45 39.16 21.95
N ILE F 311 62.18 38.00 21.38
CA ILE F 311 63.06 36.84 21.47
C ILE F 311 63.15 36.21 20.07
N ASP F 312 64.36 36.21 19.50
CA ASP F 312 64.63 35.69 18.17
C ASP F 312 63.66 36.33 17.17
N GLY F 313 63.51 37.65 17.29
CA GLY F 313 62.78 38.44 16.31
C GLY F 313 61.27 38.28 16.42
N LYS F 314 60.77 37.82 17.56
CA LYS F 314 59.34 37.58 17.73
C LYS F 314 58.87 38.21 19.05
N MET F 315 58.00 39.22 18.92
CA MET F 315 57.43 39.95 20.07
C MET F 315 56.67 38.97 20.97
N GLN F 316 56.82 39.16 22.28
CA GLN F 316 56.17 38.33 23.29
C GLN F 316 55.30 39.21 24.18
N ASP F 317 54.31 38.59 24.81
CA ASP F 317 53.23 39.33 25.46
C ASP F 317 52.59 38.42 26.52
N ASP F 318 51.47 38.87 27.08
CA ASP F 318 50.76 38.17 28.15
C ASP F 318 50.22 36.82 27.64
N ALA F 319 49.84 36.76 26.36
CA ALA F 319 49.34 35.52 25.77
C ALA F 319 50.48 34.50 25.60
N THR F 320 51.61 34.94 25.06
CA THR F 320 52.75 34.04 24.83
C THR F 320 53.39 33.64 26.16
N TRP F 321 53.36 34.54 27.15
CA TRP F 321 53.91 34.24 28.48
C TRP F 321 53.05 33.18 29.18
N LYS F 322 51.72 33.28 29.06
CA LYS F 322 50.83 32.34 29.73
C LYS F 322 50.96 30.94 29.10
N GLN F 323 51.22 30.87 27.80
CA GLN F 323 51.44 29.59 27.14
C GLN F 323 52.83 29.05 27.50
N ALA F 324 53.78 29.95 27.77
CA ALA F 324 55.12 29.55 28.20
C ALA F 324 55.06 28.90 29.58
N LYS F 325 54.35 29.52 30.53
CA LYS F 325 54.26 28.99 31.88
C LYS F 325 53.58 27.62 31.86
N VAL F 326 52.69 27.37 30.89
CA VAL F 326 51.97 26.10 30.83
C VAL F 326 52.95 25.00 30.38
N ILE F 327 53.68 25.23 29.30
CA ILE F 327 54.57 24.20 28.75
C ILE F 327 55.71 23.93 29.75
N VAL F 328 56.23 24.96 30.41
CA VAL F 328 57.28 24.78 31.44
C VAL F 328 56.71 24.01 32.63
N ASP F 329 55.53 24.40 33.10
CA ASP F 329 54.86 23.71 34.22
C ASP F 329 54.69 22.22 33.89
N LEU F 330 54.17 21.94 32.71
CA LEU F 330 53.90 20.57 32.26
C LEU F 330 55.22 19.79 32.16
N ALA F 331 56.30 20.48 31.78
CA ALA F 331 57.61 19.84 31.66
C ALA F 331 58.08 19.36 33.05
N ARG F 332 58.13 20.28 34.01
CA ARG F 332 58.52 19.95 35.39
C ARG F 332 57.76 18.71 35.87
N MET F 333 56.46 18.66 35.61
CA MET F 333 55.59 17.61 36.15
C MET F 333 55.95 16.25 35.54
N ILE F 334 56.45 16.24 34.30
CA ILE F 334 56.87 15.00 33.64
C ILE F 334 58.24 14.57 34.18
N ALA F 335 59.14 15.55 34.31
CA ALA F 335 60.50 15.35 34.84
C ALA F 335 60.46 14.71 36.25
N LYS F 336 59.37 14.91 36.98
CA LYS F 336 59.27 14.41 38.34
C LYS F 336 59.26 12.86 38.36
N LYS F 337 58.89 12.21 37.25
CA LYS F 337 58.87 10.74 37.20
C LYS F 337 59.58 10.22 35.94
N ASP F 338 60.49 11.02 35.36
CA ASP F 338 61.40 10.55 34.29
C ASP F 338 62.72 11.32 34.39
N PRO F 339 63.85 10.59 34.56
CA PRO F 339 65.17 11.21 34.72
C PRO F 339 65.76 11.74 33.40
N GLU F 340 65.57 11.00 32.30
CA GLU F 340 66.02 11.41 30.97
C GLU F 340 65.57 12.85 30.68
N LEU F 341 64.26 13.07 30.84
CA LEU F 341 63.64 14.36 30.51
C LEU F 341 64.01 15.40 31.56
N ALA F 342 64.38 14.96 32.77
CA ALA F 342 64.86 15.88 33.80
C ALA F 342 66.00 16.74 33.24
N GLN F 343 67.12 16.14 32.83
CA GLN F 343 68.25 16.93 32.32
C GLN F 343 67.95 17.43 30.90
N ALA F 344 67.14 16.69 30.15
CA ALA F 344 66.81 17.08 28.77
C ALA F 344 66.17 18.49 28.77
N TYR F 345 65.08 18.67 29.52
CA TYR F 345 64.46 20.01 29.66
C TYR F 345 65.38 20.89 30.50
N GLY F 346 65.90 20.28 31.58
CA GLY F 346 66.92 20.90 32.43
C GLY F 346 66.41 21.14 33.84
N PHE F 347 66.07 20.04 34.53
CA PHE F 347 65.48 20.09 35.87
C PHE F 347 66.23 19.12 36.79
N PRO G 4 -19.05 -18.11 -7.28
CA PRO G 4 -17.77 -17.85 -6.63
C PRO G 4 -17.60 -16.37 -6.23
N ILE G 5 -17.73 -15.44 -7.18
CA ILE G 5 -17.59 -14.00 -6.89
C ILE G 5 -18.96 -13.38 -6.59
N HIS G 6 -20.04 -14.17 -6.70
CA HIS G 6 -21.40 -13.73 -6.31
C HIS G 6 -21.75 -14.27 -4.92
N PHE G 7 -20.84 -15.04 -4.31
CA PHE G 7 -21.11 -15.82 -3.11
C PHE G 7 -20.91 -14.96 -1.85
N TYR G 8 -19.86 -14.15 -1.82
CA TYR G 8 -19.45 -13.43 -0.61
C TYR G 8 -19.96 -11.98 -0.65
N LYS G 9 -20.92 -11.68 -1.51
CA LYS G 9 -21.55 -10.35 -1.55
C LYS G 9 -22.58 -10.25 -0.41
N PRO G 10 -22.82 -9.02 0.10
CA PRO G 10 -23.98 -8.80 0.99
C PRO G 10 -25.31 -8.97 0.22
N LEU G 11 -26.25 -9.71 0.81
CA LEU G 11 -27.52 -10.08 0.16
C LEU G 11 -28.60 -9.02 0.44
N ALA G 12 -28.28 -7.97 1.18
CA ALA G 12 -29.21 -6.87 1.45
C ALA G 12 -28.44 -5.54 1.58
N ALA G 13 -29.02 -4.47 1.04
CA ALA G 13 -28.40 -3.15 1.05
C ALA G 13 -28.49 -2.55 2.46
N GLY G 14 -27.40 -2.67 3.23
CA GLY G 14 -27.34 -2.17 4.61
C GLY G 14 -26.50 -3.07 5.49
N ALA G 15 -26.67 -4.38 5.35
CA ALA G 15 -25.96 -5.38 6.15
C ALA G 15 -24.49 -5.49 5.67
N PRO G 16 -23.63 -6.16 6.45
CA PRO G 16 -22.20 -6.28 6.13
C PRO G 16 -21.95 -7.24 4.95
N PRO G 18 -20.30 -10.13 4.45
CA PRO G 18 -20.15 -11.47 5.02
C PRO G 18 -18.71 -11.70 5.54
N ILE G 19 -18.31 -12.96 5.68
CA ILE G 19 -16.98 -13.32 6.21
C ILE G 19 -16.40 -14.48 5.39
N ARG G 20 -15.09 -14.67 5.53
CA ARG G 20 -14.35 -15.74 4.83
C ARG G 20 -14.01 -16.88 5.80
N GLU G 21 -13.61 -16.55 7.04
CA GLU G 21 -13.18 -17.55 8.03
C GLU G 21 -13.98 -17.37 9.33
N LEU G 22 -14.09 -18.45 10.10
CA LEU G 22 -14.77 -18.43 11.40
C LEU G 22 -13.82 -17.86 12.46
N PRO G 23 -14.35 -17.29 13.56
CA PRO G 23 -13.50 -16.72 14.63
C PRO G 23 -12.75 -17.79 15.44
N VAL G 24 -11.60 -17.40 16.00
CA VAL G 24 -10.72 -18.31 16.75
C VAL G 24 -11.18 -18.36 18.22
N ARG G 25 -12.06 -19.31 18.53
CA ARG G 25 -12.61 -19.45 19.89
C ARG G 25 -12.84 -20.94 20.19
N PRO G 26 -12.98 -21.31 21.48
CA PRO G 26 -13.22 -22.70 21.88
C PRO G 26 -14.73 -23.04 21.92
N GLU G 27 -15.08 -24.28 21.55
CA GLU G 27 -16.48 -24.70 21.48
C GLU G 27 -16.62 -26.16 21.94
N ARG G 28 -16.02 -26.49 23.09
CA ARG G 28 -16.00 -27.87 23.59
C ARG G 28 -17.40 -28.32 24.04
N VAL G 29 -18.20 -27.36 24.49
CA VAL G 29 -19.51 -27.66 25.05
C VAL G 29 -20.51 -26.56 24.65
N ILE G 30 -21.68 -27.01 24.17
CA ILE G 30 -22.79 -26.11 23.88
C ILE G 30 -23.90 -26.42 24.90
N HIS G 31 -23.99 -25.59 25.93
CA HIS G 31 -24.97 -25.81 26.99
C HIS G 31 -26.31 -25.18 26.60
N PHE G 32 -27.34 -26.02 26.56
CA PHE G 32 -28.70 -25.58 26.18
C PHE G 32 -29.44 -25.11 27.43
N PHE G 33 -30.38 -24.17 27.25
CA PHE G 33 -31.20 -23.71 28.35
C PHE G 33 -32.58 -23.27 27.83
N PRO G 34 -33.65 -23.57 28.59
CA PRO G 34 -34.99 -23.09 28.29
C PRO G 34 -35.21 -21.68 28.88
N PRO G 35 -35.29 -20.65 28.03
CA PRO G 35 -35.34 -19.26 28.52
C PRO G 35 -36.67 -18.88 29.20
N HIS G 36 -37.73 -19.67 28.99
CA HIS G 36 -39.05 -19.33 29.56
C HIS G 36 -39.05 -19.46 31.09
N VAL G 37 -38.18 -20.32 31.63
CA VAL G 37 -38.06 -20.54 33.09
C VAL G 37 -37.30 -19.36 33.72
N GLU G 38 -37.70 -18.98 34.93
CA GLU G 38 -37.15 -17.82 35.65
C GLU G 38 -35.91 -18.22 36.45
N LYS G 39 -35.95 -19.39 37.09
CA LYS G 39 -34.86 -19.87 37.93
C LYS G 39 -33.54 -19.82 37.16
N ILE G 40 -33.50 -20.52 36.03
CA ILE G 40 -32.28 -20.67 35.24
C ILE G 40 -31.96 -19.35 34.51
N ARG G 41 -32.98 -18.59 34.12
CA ARG G 41 -32.80 -17.32 33.40
C ARG G 41 -32.07 -16.28 34.28
N ALA G 42 -32.23 -16.38 35.60
CA ALA G 42 -31.47 -15.50 36.53
C ALA G 42 -30.13 -16.14 36.89
N ARG G 43 -30.04 -17.47 36.75
CA ARG G 43 -28.84 -18.26 37.06
C ARG G 43 -27.83 -18.22 35.90
N ILE G 44 -28.24 -17.70 34.74
CA ILE G 44 -27.40 -17.74 33.53
C ILE G 44 -26.07 -17.02 33.78
N PRO G 45 -26.10 -15.73 34.16
CA PRO G 45 -24.89 -14.91 34.35
C PRO G 45 -23.65 -15.67 34.86
N GLU G 46 -23.82 -16.52 35.87
CA GLU G 46 -22.70 -17.24 36.47
C GLU G 46 -22.40 -18.52 35.68
N VAL G 47 -23.44 -19.15 35.11
CA VAL G 47 -23.29 -20.38 34.33
C VAL G 47 -22.54 -20.06 33.02
N ALA G 48 -22.64 -18.82 32.55
CA ALA G 48 -21.93 -18.38 31.35
C ALA G 48 -20.42 -18.48 31.55
N LYS G 49 -19.93 -18.18 32.75
CA LYS G 49 -18.49 -18.23 33.03
C LYS G 49 -17.95 -19.65 32.92
N GLN G 50 -18.81 -20.66 33.12
CA GLN G 50 -18.39 -22.07 33.16
C GLN G 50 -18.37 -22.69 31.75
N VAL G 51 -19.19 -22.20 30.83
CA VAL G 51 -19.40 -22.87 29.53
C VAL G 51 -18.73 -22.07 28.41
N ASP G 52 -18.35 -22.77 27.35
CA ASP G 52 -17.76 -22.16 26.15
C ASP G 52 -18.86 -21.49 25.32
N VAL G 53 -19.94 -22.25 25.10
CA VAL G 53 -21.05 -21.83 24.27
C VAL G 53 -22.35 -22.04 25.06
N LEU G 54 -23.22 -21.03 25.02
CA LEU G 54 -24.48 -21.06 25.73
C LEU G 54 -25.60 -20.82 24.71
N CYS G 55 -26.47 -21.82 24.54
CA CYS G 55 -27.47 -21.84 23.46
C CYS G 55 -28.89 -21.89 24.03
N GLY G 56 -29.68 -20.87 23.76
CA GLY G 56 -31.06 -20.83 24.21
C GLY G 56 -31.95 -21.72 23.34
N ASN G 57 -32.73 -22.59 23.97
CA ASN G 57 -33.62 -23.50 23.25
C ASN G 57 -34.98 -22.84 23.07
N LEU G 58 -35.57 -22.93 21.87
CA LEU G 58 -36.96 -22.51 21.63
C LEU G 58 -37.75 -23.62 20.95
N GLU G 59 -37.15 -24.78 20.66
CA GLU G 59 -37.79 -25.78 19.77
C GLU G 59 -38.22 -27.02 20.58
N ASP G 60 -37.43 -28.09 20.57
CA ASP G 60 -37.82 -29.35 21.22
C ASP G 60 -37.90 -29.14 22.73
N ALA G 61 -38.81 -29.88 23.37
CA ALA G 61 -38.95 -29.91 24.84
C ALA G 61 -39.38 -28.55 25.38
N ILE G 62 -40.25 -27.85 24.64
CA ILE G 62 -40.79 -26.55 25.09
C ILE G 62 -42.27 -26.47 24.69
N PRO G 63 -43.18 -26.36 25.69
CA PRO G 63 -44.63 -26.27 25.50
C PRO G 63 -45.06 -25.23 24.44
N ILE G 64 -46.13 -25.52 23.71
CA ILE G 64 -46.62 -24.66 22.62
C ILE G 64 -47.01 -23.28 23.18
N ASP G 65 -47.53 -23.24 24.42
CA ASP G 65 -48.03 -21.98 25.01
C ASP G 65 -46.88 -21.20 25.67
N ALA G 66 -45.72 -21.83 25.80
CA ALA G 66 -44.54 -21.19 26.42
C ALA G 66 -43.57 -20.69 25.35
N LYS G 67 -43.95 -20.76 24.07
CA LYS G 67 -43.05 -20.39 22.97
C LYS G 67 -42.82 -18.88 22.99
N GLU G 68 -43.90 -18.12 23.20
CA GLU G 68 -43.81 -16.66 23.28
C GLU G 68 -42.95 -16.28 24.50
N ALA G 69 -43.11 -17.01 25.59
CA ALA G 69 -42.36 -16.75 26.83
C ALA G 69 -40.88 -17.14 26.65
N ALA G 70 -40.62 -18.21 25.90
CA ALA G 70 -39.25 -18.65 25.62
C ALA G 70 -38.55 -17.63 24.72
N ARG G 71 -39.19 -17.28 23.61
CA ARG G 71 -38.69 -16.25 22.70
C ARG G 71 -38.35 -14.98 23.48
N ALA G 72 -39.38 -14.40 24.12
CA ALA G 72 -39.24 -13.16 24.89
C ALA G 72 -38.31 -13.35 26.10
N GLY G 73 -38.30 -14.56 26.67
CA GLY G 73 -37.41 -14.90 27.78
C GLY G 73 -35.95 -14.80 27.38
N PHE G 74 -35.63 -15.36 26.22
CA PHE G 74 -34.26 -15.33 25.67
C PHE G 74 -33.80 -13.88 25.49
N ILE G 75 -34.67 -13.04 24.89
CA ILE G 75 -34.34 -11.63 24.63
C ILE G 75 -33.84 -10.98 25.91
N GLU G 76 -34.54 -11.20 27.03
CA GLU G 76 -34.24 -10.53 28.30
C GLU G 76 -32.84 -10.94 28.80
N VAL G 77 -32.60 -12.24 28.91
CA VAL G 77 -31.32 -12.74 29.42
C VAL G 77 -30.18 -12.29 28.49
N ALA G 78 -30.45 -12.24 27.18
CA ALA G 78 -29.46 -11.77 26.20
C ALA G 78 -29.17 -10.28 26.43
N ARG G 79 -30.24 -9.51 26.62
CA ARG G 79 -30.17 -8.04 26.77
C ARG G 79 -29.23 -7.67 27.93
N ASN G 80 -29.37 -8.38 29.05
CA ASN G 80 -28.82 -7.94 30.33
C ASN G 80 -27.44 -8.54 30.59
N THR G 81 -27.24 -9.81 30.24
CA THR G 81 -25.99 -10.52 30.61
C THR G 81 -24.82 -10.03 29.76
N ASP G 82 -23.70 -9.73 30.42
CA ASP G 82 -22.42 -9.50 29.74
C ASP G 82 -21.64 -10.82 29.74
N PHE G 83 -21.72 -11.55 28.63
CA PHE G 83 -21.27 -12.95 28.57
C PHE G 83 -19.73 -13.02 28.61
N GLY G 84 -19.07 -12.09 27.93
CA GLY G 84 -17.61 -12.09 27.86
C GLY G 84 -17.10 -13.05 26.80
N ASP G 85 -16.27 -14.01 27.20
CA ASP G 85 -15.63 -14.95 26.27
C ASP G 85 -16.64 -16.03 25.82
N THR G 86 -17.83 -16.07 26.41
CA THR G 86 -18.79 -17.14 26.15
C THR G 86 -19.65 -16.79 24.93
N ALA G 87 -19.80 -17.75 24.02
CA ALA G 87 -20.57 -17.57 22.79
C ALA G 87 -22.07 -17.71 23.07
N LEU G 88 -22.88 -16.94 22.34
CA LEU G 88 -24.33 -16.94 22.53
C LEU G 88 -25.02 -17.48 21.27
N TRP G 89 -25.56 -18.69 21.37
CA TRP G 89 -26.32 -19.31 20.27
C TRP G 89 -27.82 -19.26 20.59
N VAL G 90 -28.63 -19.72 19.64
CA VAL G 90 -30.05 -19.97 19.91
C VAL G 90 -30.58 -20.93 18.84
N ARG G 91 -31.31 -21.97 19.28
CA ARG G 91 -32.01 -22.86 18.35
C ARG G 91 -33.45 -22.35 18.19
N VAL G 92 -33.74 -21.77 17.03
CA VAL G 92 -35.09 -21.29 16.73
C VAL G 92 -35.96 -22.49 16.36
N ASN G 93 -37.23 -22.21 16.07
CA ASN G 93 -38.21 -23.24 15.73
C ASN G 93 -38.00 -23.66 14.26
N ALA G 94 -38.68 -24.73 13.85
CA ALA G 94 -38.55 -25.28 12.50
C ALA G 94 -39.07 -24.27 11.46
N LEU G 95 -38.74 -24.52 10.21
CA LEU G 95 -39.13 -23.63 9.12
C LEU G 95 -40.60 -23.88 8.74
N ASN G 96 -41.13 -25.05 9.08
CA ASN G 96 -42.53 -25.39 8.76
C ASN G 96 -43.47 -24.96 9.89
N SER G 97 -42.92 -24.37 10.96
CA SER G 97 -43.69 -24.08 12.17
C SER G 97 -44.29 -22.67 12.11
N PRO G 98 -45.26 -22.38 12.99
CA PRO G 98 -45.90 -21.06 13.08
C PRO G 98 -45.23 -20.12 14.10
N TRP G 99 -44.04 -20.48 14.61
CA TRP G 99 -43.33 -19.62 15.59
C TRP G 99 -42.02 -19.08 14.99
N VAL G 100 -41.63 -19.53 13.80
CA VAL G 100 -40.26 -19.33 13.29
C VAL G 100 -40.07 -17.89 12.80
N LEU G 101 -41.05 -17.33 12.10
CA LEU G 101 -40.92 -15.99 11.54
C LEU G 101 -40.67 -14.99 12.68
N ASP G 102 -41.52 -15.05 13.71
CA ASP G 102 -41.44 -14.12 14.85
C ASP G 102 -40.23 -14.49 15.73
N ASP G 103 -39.88 -15.77 15.79
CA ASP G 103 -38.66 -16.22 16.49
C ASP G 103 -37.46 -15.41 16.00
N ILE G 104 -37.19 -15.49 14.70
CA ILE G 104 -35.97 -14.93 14.13
C ILE G 104 -36.08 -13.39 14.13
N ALA G 105 -37.19 -12.90 13.59
CA ALA G 105 -37.43 -11.47 13.40
C ALA G 105 -37.22 -10.69 14.70
N ASP G 106 -37.70 -11.24 15.83
CA ASP G 106 -37.65 -10.52 17.10
C ASP G 106 -36.22 -10.57 17.67
N ILE G 107 -35.61 -11.76 17.68
CA ILE G 107 -34.28 -11.95 18.31
C ILE G 107 -33.25 -11.08 17.59
N VAL G 108 -33.33 -10.98 16.26
CA VAL G 108 -32.38 -10.21 15.47
C VAL G 108 -32.60 -8.72 15.73
N ALA G 109 -33.87 -8.33 15.87
CA ALA G 109 -34.26 -6.92 16.01
C ALA G 109 -33.85 -6.36 17.39
N THR G 110 -33.61 -7.23 18.37
CA THR G 110 -33.38 -6.80 19.75
C THR G 110 -31.92 -7.03 20.16
N VAL G 111 -31.36 -8.20 19.89
CA VAL G 111 -30.02 -8.56 20.39
C VAL G 111 -29.21 -9.23 19.28
N GLY G 112 -29.35 -8.76 18.04
CA GLY G 112 -28.58 -9.28 16.92
C GLY G 112 -27.08 -9.19 17.17
N ASN G 113 -26.65 -8.02 17.65
CA ASN G 113 -25.22 -7.74 17.91
C ASN G 113 -24.65 -8.70 18.94
N LYS G 114 -25.49 -9.28 19.80
CA LYS G 114 -25.05 -10.20 20.85
C LYS G 114 -25.04 -11.64 20.33
N LEU G 115 -25.95 -11.99 19.43
CA LEU G 115 -26.08 -13.38 18.97
C LEU G 115 -24.93 -13.72 18.01
N ASP G 116 -24.34 -14.89 18.22
CA ASP G 116 -23.21 -15.39 17.44
C ASP G 116 -23.72 -16.35 16.34
N VAL G 117 -24.47 -17.36 16.76
CA VAL G 117 -24.89 -18.45 15.88
C VAL G 117 -26.40 -18.65 16.03
N MET G 118 -27.07 -19.03 14.94
CA MET G 118 -28.50 -19.30 14.96
C MET G 118 -28.74 -20.72 14.44
N MET G 119 -29.08 -21.63 15.36
CA MET G 119 -29.22 -23.04 15.02
C MET G 119 -30.60 -23.28 14.40
N ILE G 120 -30.62 -24.03 13.30
CA ILE G 120 -31.83 -24.34 12.56
C ILE G 120 -32.06 -25.86 12.64
N PRO G 121 -33.26 -26.29 13.08
CA PRO G 121 -33.59 -27.72 13.16
C PRO G 121 -34.14 -28.30 11.86
N LYS G 122 -34.08 -29.63 11.74
CA LYS G 122 -34.66 -30.42 10.64
C LYS G 122 -34.31 -29.79 9.29
N VAL G 123 -33.03 -29.47 9.08
CA VAL G 123 -32.56 -28.92 7.82
C VAL G 123 -32.49 -30.06 6.79
N GLU G 124 -33.26 -29.91 5.71
CA GLU G 124 -33.47 -30.99 4.74
C GLU G 124 -32.54 -30.80 3.52
N GLY G 125 -32.26 -29.55 3.15
CA GLY G 125 -31.48 -29.29 1.94
C GLY G 125 -31.05 -27.83 1.84
N PRO G 126 -30.30 -27.50 0.78
CA PRO G 126 -29.71 -26.17 0.60
C PRO G 126 -30.79 -25.07 0.55
N TRP G 127 -31.95 -25.40 0.00
CA TRP G 127 -33.11 -24.49 -0.03
C TRP G 127 -33.38 -23.90 1.37
N ASP G 128 -33.32 -24.73 2.41
CA ASP G 128 -33.55 -24.25 3.79
C ASP G 128 -32.51 -23.19 4.16
N ILE G 129 -31.26 -23.42 3.78
CA ILE G 129 -30.18 -22.52 4.15
C ILE G 129 -30.37 -21.17 3.43
N HIS G 130 -30.84 -21.21 2.19
CA HIS G 130 -31.03 -19.98 1.42
C HIS G 130 -32.11 -19.12 2.06
N PHE G 131 -33.20 -19.75 2.50
CA PHE G 131 -34.28 -19.00 3.17
C PHE G 131 -33.73 -18.26 4.39
N VAL G 132 -32.99 -18.97 5.22
CA VAL G 132 -32.47 -18.36 6.44
C VAL G 132 -31.45 -17.29 6.05
N ASP G 133 -30.59 -17.54 5.06
CA ASP G 133 -29.54 -16.58 4.69
C ASP G 133 -30.18 -15.24 4.34
N GLN G 134 -31.13 -15.27 3.41
CA GLN G 134 -31.76 -14.07 2.85
C GLN G 134 -32.59 -13.36 3.94
N TYR G 135 -33.37 -14.14 4.69
CA TYR G 135 -34.19 -13.61 5.77
C TYR G 135 -33.28 -12.89 6.79
N LEU G 136 -32.24 -13.57 7.25
CA LEU G 136 -31.29 -12.99 8.21
C LEU G 136 -30.63 -11.74 7.61
N ALA G 137 -30.33 -11.76 6.33
CA ALA G 137 -29.66 -10.63 5.68
C ALA G 137 -30.59 -9.42 5.68
N LEU G 138 -31.83 -9.64 5.25
CA LEU G 138 -32.83 -8.57 5.22
C LEU G 138 -33.06 -8.01 6.62
N LEU G 139 -33.25 -8.88 7.62
CA LEU G 139 -33.51 -8.46 9.01
C LEU G 139 -32.31 -7.66 9.54
N GLU G 140 -31.10 -8.17 9.30
CA GLU G 140 -29.87 -7.49 9.71
C GLU G 140 -29.84 -6.06 9.14
N ALA G 141 -30.23 -5.91 7.87
CA ALA G 141 -30.19 -4.62 7.19
C ALA G 141 -31.19 -3.64 7.84
N LYS G 142 -32.36 -4.14 8.21
CA LYS G 142 -33.40 -3.29 8.81
C LYS G 142 -32.92 -2.77 10.17
N HIS G 143 -32.28 -3.62 10.95
CA HIS G 143 -31.88 -3.28 12.33
C HIS G 143 -30.37 -3.00 12.41
N GLN G 144 -29.68 -2.99 11.27
CA GLN G 144 -28.32 -2.44 11.14
C GLN G 144 -27.35 -3.16 12.08
N ILE G 145 -27.32 -4.49 11.96
CA ILE G 145 -26.45 -5.35 12.76
C ILE G 145 -25.03 -5.29 12.19
N GLN G 146 -24.02 -5.21 13.06
CA GLN G 146 -22.63 -5.00 12.65
C GLN G 146 -22.00 -6.32 12.20
N LYS G 147 -22.12 -7.37 13.02
CA LYS G 147 -21.46 -8.66 12.75
C LYS G 147 -22.52 -9.70 12.37
N PRO G 148 -22.41 -10.29 11.15
CA PRO G 148 -23.42 -11.22 10.65
C PRO G 148 -23.47 -12.52 11.47
N ILE G 149 -24.69 -12.98 11.79
CA ILE G 149 -24.83 -14.15 12.63
C ILE G 149 -24.79 -15.40 11.76
N LEU G 150 -24.14 -16.43 12.26
CA LEU G 150 -23.84 -17.64 11.51
C LEU G 150 -25.02 -18.61 11.61
N ILE G 151 -24.98 -19.65 10.77
CA ILE G 151 -26.05 -20.65 10.67
C ILE G 151 -25.48 -22.02 11.07
N HIS G 152 -26.12 -22.66 12.04
CA HIS G 152 -25.71 -24.00 12.47
C HIS G 152 -26.84 -24.99 12.15
N ALA G 153 -26.56 -25.96 11.30
CA ALA G 153 -27.61 -26.85 10.79
C ALA G 153 -27.69 -28.10 11.67
N LEU G 154 -28.92 -28.51 11.97
CA LEU G 154 -29.17 -29.68 12.78
C LEU G 154 -29.51 -30.85 11.86
N LEU G 155 -28.63 -31.86 11.83
CA LEU G 155 -28.86 -33.07 11.04
C LEU G 155 -29.88 -33.96 11.77
N GLU G 156 -31.12 -33.96 11.28
CA GLU G 156 -32.22 -34.64 11.96
C GLU G 156 -32.99 -35.53 10.96
N THR G 157 -32.53 -35.65 9.72
CA THR G 157 -33.31 -36.31 8.68
C THR G 157 -32.38 -37.07 7.73
N ALA G 158 -32.92 -38.11 7.08
CA ALA G 158 -32.18 -38.88 6.07
C ALA G 158 -31.97 -38.03 4.81
N GLN G 159 -32.97 -37.22 4.46
CA GLN G 159 -32.86 -36.25 3.37
C GLN G 159 -31.72 -35.27 3.68
N GLY G 160 -31.73 -34.71 4.88
CA GLY G 160 -30.66 -33.82 5.33
C GLY G 160 -29.29 -34.47 5.27
N MET G 161 -29.22 -35.76 5.62
CA MET G 161 -27.94 -36.50 5.59
C MET G 161 -27.52 -36.76 4.14
N MET G 162 -28.49 -36.96 3.24
CA MET G 162 -28.19 -37.27 1.85
C MET G 162 -27.67 -36.00 1.15
N ASN G 163 -28.27 -34.85 1.46
CA ASN G 163 -27.95 -33.58 0.81
C ASN G 163 -26.97 -32.76 1.65
N LEU G 164 -26.01 -33.42 2.31
CA LEU G 164 -25.21 -32.75 3.35
C LEU G 164 -24.18 -31.81 2.70
N GLU G 165 -23.61 -32.21 1.57
CA GLU G 165 -22.64 -31.36 0.84
C GLU G 165 -23.33 -30.07 0.39
N ALA G 166 -24.48 -30.19 -0.24
CA ALA G 166 -25.21 -29.02 -0.75
C ALA G 166 -25.58 -28.10 0.41
N ILE G 167 -26.08 -28.65 1.51
CA ILE G 167 -26.38 -27.84 2.71
C ILE G 167 -25.08 -27.14 3.16
N ALA G 168 -23.98 -27.90 3.19
CA ALA G 168 -22.68 -27.41 3.67
C ALA G 168 -22.19 -26.23 2.83
N GLY G 169 -22.43 -26.27 1.51
CA GLY G 169 -21.94 -25.24 0.58
C GLY G 169 -22.98 -24.19 0.23
N ALA G 170 -24.09 -24.13 0.97
CA ALA G 170 -25.25 -23.31 0.55
C ALA G 170 -25.14 -21.86 1.05
N SER G 171 -24.17 -21.53 1.91
CA SER G 171 -24.09 -20.16 2.46
C SER G 171 -22.72 -19.91 3.09
N PRO G 172 -22.19 -18.68 2.96
CA PRO G 172 -20.99 -18.22 3.67
C PRO G 172 -21.28 -17.87 5.15
N ARG G 173 -22.54 -17.90 5.54
CA ARG G 173 -22.90 -17.80 6.96
C ARG G 173 -22.58 -19.11 7.68
N MET G 174 -22.59 -20.22 6.93
CA MET G 174 -22.59 -21.55 7.55
C MET G 174 -21.40 -21.69 8.50
N HIS G 175 -21.70 -22.23 9.68
CA HIS G 175 -20.73 -22.35 10.78
C HIS G 175 -20.35 -23.82 10.99
N GLY G 176 -21.34 -24.71 10.94
CA GLY G 176 -21.10 -26.12 11.26
C GLY G 176 -22.38 -26.91 11.39
N PHE G 177 -22.24 -28.13 11.90
CA PHE G 177 -23.32 -29.11 11.96
C PHE G 177 -23.42 -29.75 13.34
N SER G 178 -24.63 -30.16 13.70
CA SER G 178 -24.87 -30.92 14.93
C SER G 178 -25.77 -32.11 14.63
N LEU G 179 -25.38 -33.27 15.14
CA LEU G 179 -26.20 -34.48 15.05
C LEU G 179 -27.46 -34.28 15.91
N GLY G 180 -28.62 -34.64 15.35
CA GLY G 180 -29.88 -34.66 16.10
C GLY G 180 -30.39 -36.09 16.24
N PRO G 181 -29.75 -36.90 17.12
CA PRO G 181 -29.84 -38.37 17.13
C PRO G 181 -31.26 -38.91 17.37
N ALA G 182 -32.07 -38.18 18.13
CA ALA G 182 -33.45 -38.59 18.40
C ALA G 182 -34.26 -38.50 17.10
N ASP G 183 -34.28 -37.29 16.53
CA ASP G 183 -35.11 -36.99 15.37
C ASP G 183 -34.62 -37.78 14.15
N LEU G 184 -33.29 -37.88 14.02
CA LEU G 184 -32.67 -38.60 12.90
C LEU G 184 -32.96 -40.10 13.05
N ALA G 185 -32.93 -40.61 14.27
CA ALA G 185 -33.25 -42.01 14.52
C ALA G 185 -34.70 -42.28 14.09
N ALA G 186 -35.60 -41.38 14.46
CA ALA G 186 -36.99 -41.43 14.04
C ALA G 186 -37.08 -41.40 12.51
N SER G 187 -36.36 -40.45 11.90
CA SER G 187 -36.42 -40.24 10.45
C SER G 187 -35.93 -41.47 9.68
N ARG G 188 -34.85 -42.09 10.15
CA ARG G 188 -34.23 -43.22 9.43
C ARG G 188 -35.04 -44.50 9.63
N GLY G 189 -35.79 -44.57 10.73
CA GLY G 189 -36.35 -45.84 11.21
C GLY G 189 -35.34 -46.63 12.03
N MET G 190 -34.46 -45.90 12.71
CA MET G 190 -33.47 -46.49 13.63
C MET G 190 -34.17 -46.92 14.93
N LYS G 191 -33.48 -47.77 15.69
CA LYS G 191 -33.93 -48.20 17.01
C LYS G 191 -32.79 -48.03 18.01
N THR G 192 -33.04 -47.24 19.06
CA THR G 192 -32.07 -47.03 20.14
C THR G 192 -32.77 -47.22 21.50
N THR G 193 -31.98 -47.61 22.52
CA THR G 193 -32.48 -47.74 23.90
C THR G 193 -32.42 -46.38 24.61
N ARG G 194 -31.58 -45.46 24.12
CA ARG G 194 -31.54 -44.08 24.62
C ARG G 194 -31.37 -43.12 23.45
N VAL G 195 -31.46 -41.82 23.74
CA VAL G 195 -31.22 -40.75 22.77
C VAL G 195 -29.72 -40.59 22.58
N GLY G 196 -29.17 -41.19 21.52
CA GLY G 196 -27.76 -40.99 21.15
C GLY G 196 -26.87 -42.15 21.58
N GLY G 197 -27.36 -43.01 22.47
CA GLY G 197 -26.61 -44.20 22.87
C GLY G 197 -26.60 -45.24 21.77
N GLY G 198 -25.91 -46.35 22.01
CA GLY G 198 -25.88 -47.45 21.05
C GLY G 198 -27.15 -48.29 21.09
N HIS G 199 -26.98 -49.59 20.96
CA HIS G 199 -28.05 -50.54 21.22
C HIS G 199 -27.41 -51.90 21.53
N PRO G 200 -27.77 -52.50 22.67
CA PRO G 200 -27.22 -53.78 23.13
C PRO G 200 -27.05 -54.82 22.02
N PHE G 201 -28.06 -54.98 21.18
CA PHE G 201 -28.14 -56.14 20.28
C PHE G 201 -27.74 -55.76 18.85
N TYR G 202 -27.19 -54.56 18.64
CA TYR G 202 -26.48 -54.26 17.41
C TYR G 202 -25.03 -54.73 17.55
N GLY G 203 -24.70 -55.89 16.99
CA GLY G 203 -23.36 -56.45 17.18
C GLY G 203 -23.07 -57.63 16.27
N VAL G 204 -21.81 -58.09 16.35
CA VAL G 204 -21.35 -59.25 15.60
C VAL G 204 -21.27 -60.46 16.54
N LEU G 205 -22.04 -61.49 16.22
CA LEU G 205 -21.98 -62.76 16.95
C LEU G 205 -20.85 -63.60 16.34
N ALA G 206 -19.93 -64.08 17.18
CA ALA G 206 -18.77 -64.83 16.70
C ALA G 206 -19.21 -66.21 16.17
N ASP G 207 -18.29 -66.90 15.51
CA ASP G 207 -18.54 -68.24 15.00
C ASP G 207 -18.52 -69.23 16.17
N PRO G 208 -18.95 -70.48 15.95
CA PRO G 208 -18.85 -71.59 16.92
C PRO G 208 -17.50 -71.66 17.66
N GLY G 211 -15.21 -75.30 20.51
CA GLY G 211 -16.05 -76.40 20.98
C GLY G 211 -16.74 -76.08 22.29
N GLN G 212 -17.61 -75.06 22.27
CA GLN G 212 -18.46 -74.72 23.41
C GLN G 212 -19.71 -73.99 22.91
N GLU G 213 -20.71 -73.84 23.78
CA GLU G 213 -22.04 -73.37 23.39
C GLU G 213 -22.03 -71.84 23.17
N HIS G 214 -21.72 -71.08 24.23
CA HIS G 214 -21.79 -69.61 24.15
C HIS G 214 -20.91 -69.10 22.99
N ARG G 215 -21.54 -68.33 22.11
CA ARG G 215 -20.82 -67.57 21.10
C ARG G 215 -20.74 -66.11 21.56
N PRO G 216 -19.52 -65.54 21.66
CA PRO G 216 -19.38 -64.16 22.16
C PRO G 216 -19.96 -63.13 21.16
N PHE G 217 -20.45 -62.03 21.71
CA PHE G 217 -21.20 -61.04 20.96
C PHE G 217 -20.59 -59.65 21.19
N TYR G 218 -19.99 -59.09 20.14
CA TYR G 218 -19.30 -57.79 20.20
C TYR G 218 -20.24 -56.69 19.73
N GLN G 219 -20.60 -55.78 20.63
CA GLN G 219 -21.44 -54.63 20.25
C GLN G 219 -20.68 -53.75 19.24
N GLN G 220 -21.44 -53.02 18.43
CA GLN G 220 -20.88 -52.18 17.37
C GLN G 220 -21.38 -50.75 17.56
N ASP G 221 -20.75 -49.79 16.89
CA ASP G 221 -21.18 -48.38 16.95
C ASP G 221 -22.19 -48.11 15.82
N LEU G 222 -23.40 -47.70 16.20
CA LEU G 222 -24.46 -47.35 15.25
C LEU G 222 -24.07 -46.10 14.44
N TRP G 223 -23.41 -45.15 15.11
CA TRP G 223 -23.28 -43.80 14.58
C TRP G 223 -21.93 -43.60 13.88
N HIS G 224 -21.26 -44.67 13.45
CA HIS G 224 -19.94 -44.52 12.82
C HIS G 224 -20.07 -43.74 11.50
N TYR G 225 -20.75 -44.38 10.54
CA TYR G 225 -21.01 -43.84 9.21
C TYR G 225 -21.48 -42.39 9.32
N THR G 226 -22.51 -42.19 10.13
CA THR G 226 -23.14 -40.90 10.32
C THR G 226 -22.10 -39.82 10.71
N ILE G 227 -21.22 -40.15 11.64
CA ILE G 227 -20.27 -39.19 12.19
C ILE G 227 -19.07 -39.06 11.25
N ALA G 228 -18.66 -40.16 10.64
CA ALA G 228 -17.59 -40.11 9.63
C ALA G 228 -18.02 -39.19 8.48
N ARG G 229 -19.25 -39.39 7.98
CA ARG G 229 -19.75 -38.62 6.85
C ARG G 229 -19.85 -37.13 7.25
N MET G 230 -20.42 -36.86 8.41
CA MET G 230 -20.62 -35.49 8.88
C MET G 230 -19.28 -34.74 8.96
N VAL G 231 -18.23 -35.41 9.46
CA VAL G 231 -16.92 -34.78 9.68
C VAL G 231 -16.26 -34.46 8.33
N ASP G 232 -16.20 -35.43 7.43
CA ASP G 232 -15.58 -35.22 6.12
C ASP G 232 -16.21 -34.02 5.40
N VAL G 233 -17.54 -34.02 5.35
CA VAL G 233 -18.26 -32.96 4.67
C VAL G 233 -17.96 -31.62 5.37
N ALA G 234 -18.10 -31.60 6.69
CA ALA G 234 -17.95 -30.37 7.46
C ALA G 234 -16.54 -29.79 7.25
N VAL G 235 -15.53 -30.62 7.48
CA VAL G 235 -14.16 -30.16 7.45
C VAL G 235 -13.84 -29.66 6.04
N ALA G 236 -14.26 -30.41 5.02
CA ALA G 236 -13.97 -30.06 3.63
C ALA G 236 -14.51 -28.67 3.28
N HIS G 237 -15.59 -28.24 3.92
CA HIS G 237 -16.18 -26.93 3.65
C HIS G 237 -15.67 -25.87 4.63
N GLY G 238 -14.68 -26.20 5.46
CA GLY G 238 -14.14 -25.27 6.46
C GLY G 238 -15.05 -25.08 7.65
N LEU G 239 -15.95 -26.04 7.87
CA LEU G 239 -16.94 -25.99 8.96
C LEU G 239 -16.55 -26.99 10.05
N ARG G 240 -17.29 -27.00 11.16
CA ARG G 240 -16.99 -27.85 12.30
C ARG G 240 -18.18 -28.78 12.57
N ALA G 241 -17.88 -30.02 12.95
CA ALA G 241 -18.91 -30.98 13.28
C ALA G 241 -19.00 -31.13 14.81
N PHE G 242 -20.22 -31.25 15.31
CA PHE G 242 -20.47 -31.43 16.74
C PHE G 242 -21.39 -32.63 16.94
N TYR G 243 -21.10 -33.42 17.98
CA TYR G 243 -22.08 -34.39 18.47
C TYR G 243 -23.19 -33.60 19.17
N GLY G 244 -24.44 -34.04 19.05
CA GLY G 244 -25.57 -33.27 19.57
C GLY G 244 -25.82 -33.56 21.04
N PRO G 245 -27.07 -33.91 21.39
CA PRO G 245 -27.44 -34.29 22.75
C PRO G 245 -27.15 -35.76 23.08
N PHE G 246 -26.81 -36.01 24.35
CA PHE G 246 -26.85 -37.36 24.91
C PHE G 246 -27.93 -37.38 26.00
N GLY G 247 -28.96 -38.20 25.79
CA GLY G 247 -30.24 -38.09 26.51
C GLY G 247 -30.19 -38.63 27.93
N ASP G 248 -29.41 -39.69 28.15
CA ASP G 248 -29.30 -40.27 29.49
C ASP G 248 -28.38 -39.39 30.34
N ILE G 249 -28.99 -38.53 31.15
CA ILE G 249 -28.27 -37.57 31.99
C ILE G 249 -27.52 -38.34 33.10
N LYS G 250 -28.18 -39.36 33.63
CA LYS G 250 -27.71 -40.09 34.80
C LYS G 250 -26.44 -40.90 34.47
N ASP G 251 -26.37 -41.43 33.23
CA ASP G 251 -25.24 -42.29 32.83
C ASP G 251 -24.05 -41.40 32.42
N GLU G 252 -23.21 -41.04 33.40
CA GLU G 252 -22.06 -40.16 33.16
C GLU G 252 -20.93 -40.92 32.46
N ALA G 253 -20.96 -42.24 32.52
CA ALA G 253 -19.95 -43.07 31.86
C ALA G 253 -20.28 -43.21 30.37
N ALA G 254 -21.54 -43.51 30.08
CA ALA G 254 -22.02 -43.64 28.69
C ALA G 254 -21.94 -42.28 27.97
N CYS G 255 -22.15 -41.20 28.72
CA CYS G 255 -22.04 -39.85 28.17
C CYS G 255 -20.58 -39.54 27.81
N GLU G 256 -19.65 -39.93 28.67
CA GLU G 256 -18.21 -39.69 28.44
C GLU G 256 -17.71 -40.57 27.28
N ALA G 257 -18.19 -41.81 27.20
CA ALA G 257 -17.75 -42.76 26.19
C ALA G 257 -18.15 -42.28 24.79
N GLN G 258 -19.36 -41.73 24.67
CA GLN G 258 -19.93 -41.33 23.38
C GLN G 258 -19.38 -39.96 22.97
N PHE G 259 -19.17 -39.08 23.94
CA PHE G 259 -18.54 -37.78 23.65
C PHE G 259 -17.12 -38.00 23.12
N ARG G 260 -16.44 -39.03 23.62
CA ARG G 260 -15.06 -39.31 23.22
C ARG G 260 -15.05 -39.90 21.81
N ASN G 261 -16.04 -40.75 21.49
CA ASN G 261 -16.20 -41.25 20.11
C ASN G 261 -16.19 -40.07 19.12
N ALA G 262 -17.08 -39.12 19.37
CA ALA G 262 -17.17 -37.92 18.54
C ALA G 262 -15.81 -37.26 18.40
N PHE G 263 -15.17 -36.98 19.54
CA PHE G 263 -13.89 -36.26 19.60
C PHE G 263 -12.81 -36.99 18.77
N LEU G 264 -12.74 -38.31 18.88
CA LEU G 264 -11.68 -39.06 18.21
C LEU G 264 -11.87 -39.01 16.69
N LEU G 265 -13.12 -38.92 16.24
CA LEU G 265 -13.42 -38.90 14.81
C LEU G 265 -13.23 -37.49 14.22
N GLY G 266 -13.28 -36.47 15.08
CA GLY G 266 -12.94 -35.10 14.68
C GLY G 266 -14.01 -34.07 15.02
N CYS G 267 -14.93 -34.37 15.94
CA CYS G 267 -15.95 -33.39 16.35
C CYS G 267 -15.34 -32.37 17.32
N THR G 268 -15.77 -31.12 17.19
CA THR G 268 -15.16 -30.00 17.88
C THR G 268 -15.67 -29.93 19.32
N GLY G 269 -16.94 -30.28 19.53
CA GLY G 269 -17.56 -30.22 20.86
C GLY G 269 -18.81 -31.09 20.95
N ALA G 270 -19.62 -30.85 21.98
CA ALA G 270 -20.88 -31.58 22.19
C ALA G 270 -21.87 -30.73 22.99
N TRP G 271 -23.13 -31.17 23.05
CA TRP G 271 -24.16 -30.48 23.81
C TRP G 271 -24.08 -30.87 25.29
N SER G 272 -24.59 -30.00 26.15
CA SER G 272 -24.91 -30.35 27.53
C SER G 272 -26.36 -29.91 27.84
N LEU G 273 -27.14 -30.83 28.39
CA LEU G 273 -28.55 -30.60 28.70
C LEU G 273 -28.71 -30.28 30.20
N ALA G 274 -28.07 -31.09 31.04
CA ALA G 274 -28.06 -30.87 32.50
C ALA G 274 -26.65 -30.48 32.94
N PRO G 275 -26.53 -29.73 34.05
CA PRO G 275 -25.24 -29.24 34.59
C PRO G 275 -24.12 -30.27 34.77
N ASN G 276 -24.45 -31.55 34.93
CA ASN G 276 -23.42 -32.57 35.19
C ASN G 276 -22.64 -32.89 33.89
N GLN G 277 -23.21 -32.57 32.74
CA GLN G 277 -22.59 -32.90 31.44
C GLN G 277 -21.54 -31.85 31.06
N ILE G 278 -21.62 -30.65 31.64
CA ILE G 278 -20.73 -29.52 31.27
C ILE G 278 -19.27 -29.91 31.50
N PRO G 279 -18.91 -30.42 32.69
CA PRO G 279 -17.51 -30.87 32.89
C PRO G 279 -17.09 -32.03 31.98
N ILE G 280 -18.02 -32.93 31.64
CA ILE G 280 -17.68 -34.13 30.85
C ILE G 280 -17.36 -33.69 29.41
N ALA G 281 -18.13 -32.75 28.89
CA ALA G 281 -17.89 -32.19 27.56
C ALA G 281 -16.54 -31.47 27.52
N LYS G 282 -16.27 -30.62 28.50
CA LYS G 282 -15.01 -29.86 28.52
C LYS G 282 -13.82 -30.81 28.73
N ARG G 283 -14.03 -31.89 29.49
CA ARG G 283 -12.94 -32.85 29.75
C ARG G 283 -12.60 -33.59 28.45
N VAL G 284 -13.62 -34.12 27.78
CA VAL G 284 -13.43 -35.04 26.65
C VAL G 284 -12.94 -34.27 25.42
N PHE G 285 -13.50 -33.09 25.18
CA PHE G 285 -13.16 -32.31 23.98
C PHE G 285 -11.98 -31.36 24.28
N SER G 286 -11.16 -31.71 25.26
CA SER G 286 -9.84 -31.08 25.45
C SER G 286 -8.75 -32.11 25.15
N PRO G 287 -7.64 -31.69 24.50
CA PRO G 287 -6.59 -32.66 24.17
C PRO G 287 -6.08 -33.39 25.42
N ASP G 288 -5.77 -34.69 25.27
CA ASP G 288 -5.22 -35.49 26.36
C ASP G 288 -3.96 -34.79 26.90
N VAL G 289 -3.72 -34.94 28.20
CA VAL G 289 -2.65 -34.21 28.87
C VAL G 289 -1.30 -34.74 28.38
N ASN G 290 -1.19 -36.06 28.22
CA ASN G 290 0.04 -36.70 27.78
C ASN G 290 0.34 -36.29 26.34
N GLU G 291 -0.67 -36.45 25.47
CA GLU G 291 -0.51 -36.29 24.03
C GLU G 291 -0.07 -34.85 23.68
N VAL G 292 -0.42 -33.87 24.52
CA VAL G 292 -0.04 -32.48 24.26
C VAL G 292 1.48 -32.31 24.49
N LEU G 293 1.97 -32.76 25.65
CA LEU G 293 3.40 -32.65 25.98
C LEU G 293 4.21 -33.55 25.02
N PHE G 294 3.70 -34.74 24.74
CA PHE G 294 4.28 -35.64 23.74
C PHE G 294 4.53 -34.88 22.44
N ALA G 295 3.47 -34.24 21.94
CA ALA G 295 3.49 -33.57 20.62
C ALA G 295 4.37 -32.31 20.66
N LYS G 296 4.48 -31.66 21.81
CA LYS G 296 5.20 -30.37 21.92
C LYS G 296 6.69 -30.57 21.65
N ARG G 297 7.22 -31.77 21.93
CA ARG G 297 8.62 -32.09 21.65
C ARG G 297 8.86 -32.21 20.15
N ILE G 298 7.86 -32.71 19.41
CA ILE G 298 7.97 -32.90 17.95
C ILE G 298 8.18 -31.53 17.28
N LEU G 299 7.43 -30.52 17.73
CA LEU G 299 7.51 -29.17 17.16
C LEU G 299 8.97 -28.67 17.23
N ASP G 300 9.58 -28.76 18.41
CA ASP G 300 10.92 -28.23 18.63
C ASP G 300 11.96 -29.22 18.08
N ALA G 301 11.62 -30.51 17.97
CA ALA G 301 12.51 -31.52 17.38
C ALA G 301 12.73 -31.23 15.89
N MET G 302 11.65 -30.91 15.18
CA MET G 302 11.72 -30.56 13.76
C MET G 302 11.40 -29.07 13.58
N PRO G 303 12.40 -28.18 13.79
CA PRO G 303 12.18 -26.75 13.58
C PRO G 303 12.01 -26.38 12.10
N ASP G 304 12.67 -27.15 11.22
CA ASP G 304 12.57 -26.96 9.77
C ASP G 304 11.13 -27.14 9.31
N GLY G 305 10.42 -28.08 9.93
CA GLY G 305 9.08 -28.49 9.51
C GLY G 305 9.10 -29.83 8.80
N SER G 306 10.07 -30.00 7.90
CA SER G 306 10.25 -31.24 7.16
C SER G 306 11.21 -32.18 7.90
N GLY G 307 11.21 -33.45 7.51
CA GLY G 307 12.06 -34.47 8.11
C GLY G 307 11.38 -35.83 8.13
N ALA G 309 12.75 -37.72 12.15
CA ALA G 309 13.36 -37.47 13.47
C ALA G 309 13.32 -38.75 14.30
N MET G 310 14.33 -38.90 15.16
CA MET G 310 14.52 -40.10 16.00
C MET G 310 14.62 -41.34 15.10
N LYS G 314 9.50 -42.72 18.79
CA LYS G 314 9.88 -43.71 17.80
C LYS G 314 10.03 -43.04 16.43
N MET G 315 8.97 -43.00 15.63
CA MET G 315 9.03 -42.52 14.24
C MET G 315 8.29 -41.18 14.11
N GLN G 316 8.85 -40.27 13.30
CA GLN G 316 8.29 -38.92 13.11
C GLN G 316 8.60 -38.42 11.69
N ASP G 317 7.59 -37.89 10.98
CA ASP G 317 7.77 -37.29 9.65
C ASP G 317 6.95 -35.99 9.57
N ASP G 318 6.76 -35.44 8.37
CA ASP G 318 6.07 -34.14 8.20
C ASP G 318 4.60 -34.24 8.64
N ALA G 319 3.98 -35.38 8.38
CA ALA G 319 2.57 -35.64 8.72
C ALA G 319 2.35 -35.64 10.23
N THR G 320 3.25 -36.24 11.02
CA THR G 320 3.12 -36.22 12.50
C THR G 320 3.25 -34.78 13.00
N TRP G 321 4.13 -34.01 12.38
CA TRP G 321 4.34 -32.59 12.76
C TRP G 321 3.02 -31.84 12.54
N LYS G 322 2.29 -32.16 11.46
CA LYS G 322 0.97 -31.52 11.22
C LYS G 322 0.00 -31.99 12.31
N GLN G 323 0.00 -33.29 12.60
CA GLN G 323 -0.83 -33.87 13.68
C GLN G 323 -0.51 -33.17 15.00
N ALA G 324 0.77 -32.89 15.24
CA ALA G 324 1.22 -32.21 16.46
C ALA G 324 0.72 -30.76 16.47
N LYS G 325 0.87 -30.06 15.34
CA LYS G 325 0.50 -28.62 15.27
C LYS G 325 -0.99 -28.48 15.58
N VAL G 326 -1.79 -29.43 15.12
CA VAL G 326 -3.26 -29.36 15.36
C VAL G 326 -3.50 -29.49 16.85
N ILE G 327 -2.84 -30.46 17.45
CA ILE G 327 -2.99 -30.74 18.91
C ILE G 327 -2.45 -29.57 19.74
N VAL G 328 -1.30 -29.02 19.37
CA VAL G 328 -0.78 -27.90 20.21
C VAL G 328 -1.62 -26.64 19.99
N ASP G 329 -1.79 -26.24 18.75
CA ASP G 329 -2.56 -25.01 18.46
C ASP G 329 -3.91 -25.07 19.19
N LEU G 330 -4.51 -26.26 19.24
CA LEU G 330 -5.83 -26.46 19.88
C LEU G 330 -5.68 -26.40 21.39
N ALA G 331 -4.62 -27.01 21.93
CA ALA G 331 -4.42 -27.08 23.38
C ALA G 331 -4.23 -25.68 23.98
N ARG G 332 -3.31 -24.88 23.42
CA ARG G 332 -2.99 -23.56 23.97
C ARG G 332 -4.12 -22.55 23.68
N MET G 333 -4.98 -22.86 22.71
CA MET G 333 -6.10 -21.98 22.34
C MET G 333 -7.10 -21.85 23.50
N ILE G 334 -7.01 -22.73 24.51
CA ILE G 334 -7.88 -22.65 25.70
C ILE G 334 -7.09 -22.01 26.85
N ALA G 335 -7.68 -21.00 27.49
CA ALA G 335 -7.04 -20.30 28.61
C ALA G 335 -8.12 -19.78 29.58
N TYR H 8 -10.20 -18.88 -3.74
CA TYR H 8 -9.42 -17.67 -4.14
C TYR H 8 -8.06 -17.64 -3.40
N LYS H 9 -7.52 -18.80 -3.05
CA LYS H 9 -6.18 -18.91 -2.44
C LYS H 9 -5.17 -19.27 -3.53
N PRO H 10 -3.88 -18.94 -3.32
CA PRO H 10 -2.84 -19.29 -4.31
C PRO H 10 -2.76 -20.81 -4.53
N LEU H 11 -2.40 -21.21 -5.75
CA LEU H 11 -2.25 -22.64 -6.10
C LEU H 11 -0.79 -23.09 -5.90
N ALA H 12 0.07 -22.19 -5.42
CA ALA H 12 1.46 -22.51 -5.11
C ALA H 12 1.94 -21.68 -3.91
N ALA H 13 2.72 -22.32 -3.03
CA ALA H 13 3.26 -21.68 -1.84
C ALA H 13 4.37 -20.70 -2.25
N GLY H 14 4.00 -19.43 -2.42
CA GLY H 14 4.91 -18.39 -2.95
C GLY H 14 4.23 -17.51 -3.99
N ALA H 15 3.18 -18.04 -4.63
CA ALA H 15 2.42 -17.29 -5.63
C ALA H 15 1.59 -16.19 -4.95
N PRO H 16 1.14 -15.19 -5.74
CA PRO H 16 0.41 -14.04 -5.20
C PRO H 16 -1.08 -14.33 -5.00
N GLN H 17 -1.76 -13.50 -4.20
CA GLN H 17 -3.17 -13.71 -3.86
C GLN H 17 -4.03 -13.49 -5.11
N PRO H 18 -4.84 -14.51 -5.48
CA PRO H 18 -5.77 -14.38 -6.59
C PRO H 18 -6.72 -13.18 -6.45
N ILE H 19 -6.99 -12.51 -7.57
CA ILE H 19 -7.83 -11.30 -7.60
C ILE H 19 -9.28 -11.65 -7.23
N GLU H 21 -12.07 -9.52 -8.48
CA GLU H 21 -12.60 -8.80 -9.63
C GLU H 21 -11.43 -8.28 -10.49
N LEU H 22 -11.71 -8.01 -11.77
CA LEU H 22 -10.67 -7.72 -12.77
C LEU H 22 -10.18 -6.27 -12.64
N PRO H 23 -9.05 -5.94 -13.30
CA PRO H 23 -8.56 -4.56 -13.41
C PRO H 23 -9.36 -3.75 -14.45
N VAL H 24 -9.68 -2.51 -14.09
CA VAL H 24 -10.57 -1.65 -14.89
C VAL H 24 -9.72 -0.79 -15.82
N ARG H 25 -9.68 -1.17 -17.09
CA ARG H 25 -8.90 -0.48 -18.10
C ARG H 25 -9.55 -0.71 -19.47
N PRO H 26 -9.26 0.16 -20.44
CA PRO H 26 -9.88 0.02 -21.76
C PRO H 26 -9.32 -1.22 -22.48
N GLU H 27 -10.17 -1.95 -23.20
CA GLU H 27 -9.76 -3.13 -23.97
C GLU H 27 -10.57 -3.19 -25.27
N ARG H 28 -10.66 -2.05 -25.96
CA ARG H 28 -11.46 -1.96 -27.19
C ARG H 28 -10.79 -2.76 -28.31
N VAL H 29 -9.47 -2.89 -28.26
CA VAL H 29 -8.73 -3.50 -29.36
C VAL H 29 -7.57 -4.33 -28.79
N ILE H 30 -7.36 -5.49 -29.40
CA ILE H 30 -6.28 -6.40 -29.07
C ILE H 30 -5.38 -6.49 -30.31
N HIS H 31 -4.30 -5.72 -30.34
CA HIS H 31 -3.44 -5.68 -31.52
C HIS H 31 -2.44 -6.84 -31.49
N PHE H 32 -2.52 -7.69 -32.51
CA PHE H 32 -1.63 -8.83 -32.61
C PHE H 32 -0.34 -8.40 -33.33
N PHE H 33 0.77 -9.05 -33.01
CA PHE H 33 2.04 -8.75 -33.67
C PHE H 33 2.93 -10.00 -33.65
N PRO H 34 3.65 -10.25 -34.78
CA PRO H 34 4.58 -11.36 -34.94
C PRO H 34 5.95 -11.03 -34.32
N PRO H 35 6.27 -11.64 -33.18
CA PRO H 35 7.48 -11.30 -32.46
C PRO H 35 8.79 -11.61 -33.21
N HIS H 36 8.76 -12.54 -34.16
CA HIS H 36 10.00 -13.04 -34.80
C HIS H 36 10.49 -12.04 -35.85
N VAL H 37 9.62 -11.17 -36.36
CA VAL H 37 10.01 -10.15 -37.35
C VAL H 37 10.68 -8.98 -36.62
N GLU H 38 12.00 -8.86 -36.77
CA GLU H 38 12.80 -7.77 -36.18
C GLU H 38 12.21 -6.40 -36.55
N LYS H 39 11.84 -6.25 -37.82
CA LYS H 39 11.30 -4.99 -38.34
C LYS H 39 10.12 -4.51 -37.48
N ILE H 40 9.31 -5.45 -36.99
CA ILE H 40 8.10 -5.11 -36.23
C ILE H 40 8.47 -4.88 -34.75
N ARG H 41 9.41 -5.66 -34.24
CA ARG H 41 9.87 -5.53 -32.86
C ARG H 41 10.35 -4.10 -32.58
N ALA H 42 11.07 -3.53 -33.55
CA ALA H 42 11.68 -2.21 -33.39
C ALA H 42 10.61 -1.13 -33.18
N ARG H 43 9.45 -1.28 -33.81
CA ARG H 43 8.39 -0.27 -33.79
C ARG H 43 7.41 -0.51 -32.62
N ILE H 44 7.64 -1.53 -31.80
CA ILE H 44 6.63 -1.97 -30.79
C ILE H 44 6.42 -0.86 -29.75
N PRO H 45 7.51 -0.30 -29.19
CA PRO H 45 7.37 0.71 -28.14
C PRO H 45 6.55 1.94 -28.56
N GLU H 46 6.44 2.18 -29.87
CA GLU H 46 5.67 3.31 -30.40
C GLU H 46 4.26 2.87 -30.82
N VAL H 47 4.12 1.62 -31.28
CA VAL H 47 2.80 1.07 -31.62
C VAL H 47 2.00 0.83 -30.33
N ALA H 48 2.69 0.45 -29.25
CA ALA H 48 2.05 0.25 -27.96
C ALA H 48 1.22 1.48 -27.58
N LYS H 49 1.68 2.66 -27.97
CA LYS H 49 1.06 3.91 -27.53
C LYS H 49 -0.29 4.12 -28.23
N GLN H 50 -0.54 3.41 -29.33
CA GLN H 50 -1.74 3.61 -30.15
C GLN H 50 -2.78 2.50 -29.92
N VAL H 51 -2.55 1.56 -29.00
CA VAL H 51 -3.51 0.48 -28.76
C VAL H 51 -3.74 0.28 -27.25
N ASP H 52 -4.96 -0.16 -26.93
CA ASP H 52 -5.33 -0.48 -25.54
C ASP H 52 -4.59 -1.73 -25.07
N VAL H 53 -4.47 -2.71 -25.96
CA VAL H 53 -3.86 -4.01 -25.63
C VAL H 53 -2.92 -4.41 -26.78
N LEU H 54 -1.74 -4.90 -26.41
CA LEU H 54 -0.78 -5.42 -27.36
C LEU H 54 -0.58 -6.90 -27.04
N CYS H 55 -0.84 -7.77 -28.01
CA CYS H 55 -0.80 -9.20 -27.79
C CYS H 55 0.24 -9.84 -28.72
N GLY H 56 1.36 -10.27 -28.15
CA GLY H 56 2.32 -11.09 -28.87
C GLY H 56 1.71 -12.43 -29.28
N ASN H 57 2.02 -12.87 -30.49
CA ASN H 57 1.43 -14.09 -31.05
C ASN H 57 2.52 -15.12 -31.33
N LEU H 58 2.43 -16.26 -30.66
CA LEU H 58 3.33 -17.39 -30.88
C LEU H 58 2.63 -18.51 -31.70
N GLU H 59 1.32 -18.40 -31.94
CA GLU H 59 0.54 -19.54 -32.47
C GLU H 59 0.29 -19.34 -33.98
N ASP H 60 -0.95 -19.05 -34.40
CA ASP H 60 -1.28 -19.06 -35.81
C ASP H 60 -0.40 -18.06 -36.56
N ALA H 61 -0.05 -18.41 -37.80
CA ALA H 61 0.69 -17.53 -38.71
C ALA H 61 2.14 -17.36 -38.23
N ILE H 62 2.62 -18.27 -37.38
CA ILE H 62 4.00 -18.27 -36.94
C ILE H 62 4.61 -19.62 -37.35
N PRO H 63 5.40 -19.63 -38.44
CA PRO H 63 6.04 -20.84 -38.97
C PRO H 63 6.70 -21.72 -37.89
N ILE H 64 6.67 -23.02 -38.12
CA ILE H 64 7.20 -24.00 -37.17
C ILE H 64 8.68 -23.69 -36.88
N ASP H 65 9.44 -23.35 -37.92
CA ASP H 65 10.88 -23.10 -37.73
C ASP H 65 11.12 -21.68 -37.21
N ALA H 66 10.05 -20.94 -36.85
CA ALA H 66 10.18 -19.58 -36.26
C ALA H 66 9.72 -19.55 -34.79
N LYS H 67 9.17 -20.65 -34.28
CA LYS H 67 8.58 -20.66 -32.93
C LYS H 67 9.63 -20.25 -31.88
N GLU H 68 10.78 -20.91 -31.92
CA GLU H 68 11.90 -20.60 -31.00
C GLU H 68 12.20 -19.09 -31.03
N ALA H 69 12.32 -18.54 -32.24
CA ALA H 69 12.66 -17.14 -32.42
C ALA H 69 11.51 -16.25 -31.97
N ALA H 70 10.28 -16.64 -32.27
CA ALA H 70 9.11 -15.83 -31.90
C ALA H 70 9.04 -15.70 -30.37
N ARG H 71 9.31 -16.80 -29.69
CA ARG H 71 9.34 -16.84 -28.24
C ARG H 71 10.46 -15.92 -27.72
N ALA H 72 11.66 -16.05 -28.28
CA ALA H 72 12.82 -15.23 -27.87
C ALA H 72 12.52 -13.75 -28.14
N GLY H 73 12.03 -13.47 -29.34
CA GLY H 73 11.68 -12.13 -29.78
C GLY H 73 10.65 -11.47 -28.87
N PHE H 74 9.63 -12.22 -28.45
CA PHE H 74 8.60 -11.65 -27.56
C PHE H 74 9.24 -11.25 -26.23
N ILE H 75 10.08 -12.13 -25.70
CA ILE H 75 10.74 -11.91 -24.43
C ILE H 75 11.69 -10.69 -24.54
N GLU H 76 12.38 -10.54 -25.66
CA GLU H 76 13.27 -9.38 -25.89
C GLU H 76 12.46 -8.08 -25.81
N VAL H 77 11.41 -7.98 -26.60
CA VAL H 77 10.68 -6.74 -26.76
C VAL H 77 9.87 -6.46 -25.48
N ALA H 78 9.39 -7.51 -24.83
CA ALA H 78 8.59 -7.37 -23.62
C ALA H 78 9.48 -6.85 -22.48
N ARG H 79 10.68 -7.39 -22.36
CA ARG H 79 11.59 -7.02 -21.26
C ARG H 79 12.04 -5.55 -21.40
N ASN H 80 12.40 -5.14 -22.60
CA ASN H 80 13.09 -3.87 -22.80
C ASN H 80 12.10 -2.70 -22.87
N THR H 81 10.84 -2.96 -23.18
CA THR H 81 9.89 -1.90 -23.47
C THR H 81 9.08 -1.53 -22.21
N ASP H 82 8.99 -0.24 -21.90
CA ASP H 82 7.93 0.25 -21.02
C ASP H 82 6.68 0.43 -21.87
N PHE H 83 5.61 -0.29 -21.50
CA PHE H 83 4.36 -0.30 -22.26
C PHE H 83 3.40 0.76 -21.73
N GLY H 84 3.74 1.38 -20.60
CA GLY H 84 2.90 2.43 -20.03
C GLY H 84 1.55 1.88 -19.60
N ASP H 85 0.49 2.45 -20.13
CA ASP H 85 -0.89 2.12 -19.75
C ASP H 85 -1.43 1.00 -20.67
N THR H 86 -0.63 0.58 -21.66
CA THR H 86 -1.05 -0.48 -22.58
C THR H 86 -0.81 -1.84 -21.94
N ALA H 87 -1.82 -2.71 -22.08
CA ALA H 87 -1.75 -4.05 -21.50
C ALA H 87 -0.90 -4.94 -22.41
N LEU H 88 -0.14 -5.84 -21.80
CA LEU H 88 0.70 -6.78 -22.54
C LEU H 88 0.11 -8.19 -22.42
N TRP H 89 -0.35 -8.73 -23.55
CA TRP H 89 -0.84 -10.11 -23.62
C TRP H 89 0.12 -10.96 -24.45
N VAL H 90 -0.02 -12.27 -24.31
CA VAL H 90 0.67 -13.23 -25.20
C VAL H 90 -0.28 -14.40 -25.51
N ARG H 91 -0.33 -14.81 -26.77
CA ARG H 91 -1.00 -16.05 -27.16
C ARG H 91 0.06 -17.13 -27.35
N VAL H 92 0.10 -18.07 -26.43
CA VAL H 92 1.02 -19.20 -26.52
C VAL H 92 0.40 -20.25 -27.45
N ASN H 93 1.18 -21.28 -27.77
CA ASN H 93 0.74 -22.37 -28.62
C ASN H 93 -0.29 -23.21 -27.84
N ALA H 94 -0.91 -24.17 -28.52
CA ALA H 94 -1.97 -24.98 -27.92
C ALA H 94 -1.38 -26.00 -26.93
N LEU H 95 -2.26 -26.55 -26.09
CA LEU H 95 -1.83 -27.36 -24.94
C LEU H 95 -1.34 -28.74 -25.39
N ASN H 96 -1.61 -29.11 -26.64
CA ASN H 96 -1.18 -30.41 -27.18
C ASN H 96 0.05 -30.25 -28.07
N SER H 97 0.72 -29.09 -28.05
CA SER H 97 1.78 -28.82 -29.03
C SER H 97 3.17 -28.96 -28.39
N PRO H 98 4.21 -29.03 -29.24
CA PRO H 98 5.57 -29.22 -28.72
C PRO H 98 6.22 -27.93 -28.21
N TRP H 99 5.51 -26.79 -28.24
CA TRP H 99 6.11 -25.50 -27.91
C TRP H 99 5.50 -24.89 -26.63
N VAL H 100 4.44 -25.48 -26.07
CA VAL H 100 3.67 -24.78 -25.04
C VAL H 100 4.41 -24.81 -23.69
N LEU H 101 5.06 -25.91 -23.32
CA LEU H 101 5.78 -25.96 -22.02
C LEU H 101 6.83 -24.85 -21.96
N ASP H 102 7.62 -24.72 -23.03
CA ASP H 102 8.70 -23.75 -23.09
C ASP H 102 8.12 -22.33 -23.18
N ASP H 103 7.13 -22.15 -24.03
CA ASP H 103 6.42 -20.87 -24.15
C ASP H 103 6.10 -20.33 -22.75
N ILE H 104 5.33 -21.09 -21.98
CA ILE H 104 4.80 -20.55 -20.74
C ILE H 104 5.96 -20.32 -19.76
N ALA H 105 6.92 -21.24 -19.72
CA ALA H 105 7.96 -21.23 -18.68
C ALA H 105 8.99 -20.12 -18.93
N ASP H 106 9.47 -20.00 -20.17
CA ASP H 106 10.47 -18.98 -20.51
C ASP H 106 9.88 -17.59 -20.27
N ILE H 107 8.62 -17.42 -20.63
CA ILE H 107 7.99 -16.12 -20.58
C ILE H 107 7.78 -15.69 -19.12
N VAL H 108 7.30 -16.59 -18.26
CA VAL H 108 7.03 -16.22 -16.88
C VAL H 108 8.37 -15.89 -16.21
N ALA H 109 9.40 -16.68 -16.53
CA ALA H 109 10.71 -16.52 -15.92
C ALA H 109 11.31 -15.15 -16.26
N THR H 110 11.03 -14.63 -17.44
CA THR H 110 11.75 -13.47 -17.97
C THR H 110 10.92 -12.20 -17.85
N VAL H 111 9.63 -12.26 -18.15
CA VAL H 111 8.80 -11.05 -18.22
C VAL H 111 7.46 -11.27 -17.51
N GLY H 112 7.42 -12.21 -16.56
CA GLY H 112 6.20 -12.56 -15.85
C GLY H 112 5.55 -11.35 -15.15
N ASN H 113 6.35 -10.46 -14.58
CA ASN H 113 5.80 -9.33 -13.81
C ASN H 113 5.15 -8.30 -14.75
N LYS H 114 5.53 -8.31 -16.03
CA LYS H 114 4.97 -7.35 -16.99
C LYS H 114 3.79 -7.97 -17.76
N LEU H 115 3.59 -9.29 -17.62
CA LEU H 115 2.59 -9.98 -18.41
C LEU H 115 1.22 -9.87 -17.72
N ASP H 116 0.29 -9.23 -18.40
CA ASP H 116 -1.03 -8.98 -17.84
C ASP H 116 -1.92 -10.21 -18.08
N VAL H 117 -2.03 -10.66 -19.32
CA VAL H 117 -2.91 -11.78 -19.67
C VAL H 117 -2.16 -12.78 -20.57
N MET H 118 -2.49 -14.05 -20.43
CA MET H 118 -2.01 -15.09 -21.33
C MET H 118 -3.19 -15.74 -22.05
N MET H 119 -3.12 -15.77 -23.37
CA MET H 119 -4.19 -16.29 -24.21
C MET H 119 -3.89 -17.76 -24.53
N ILE H 120 -4.83 -18.63 -24.21
CA ILE H 120 -4.70 -20.06 -24.43
C ILE H 120 -5.63 -20.44 -25.59
N PRO H 121 -5.06 -21.00 -26.67
CA PRO H 121 -5.88 -21.44 -27.80
C PRO H 121 -6.59 -22.78 -27.55
N LYS H 122 -7.65 -23.02 -28.34
CA LYS H 122 -8.44 -24.27 -28.34
C LYS H 122 -8.72 -24.75 -26.92
N VAL H 123 -9.36 -23.92 -26.10
CA VAL H 123 -9.78 -24.36 -24.77
C VAL H 123 -11.05 -25.20 -24.93
N GLU H 124 -10.97 -26.48 -24.54
CA GLU H 124 -12.03 -27.46 -24.83
C GLU H 124 -12.87 -27.74 -23.58
N GLY H 125 -12.35 -27.47 -22.38
CA GLY H 125 -13.09 -27.71 -21.14
C GLY H 125 -12.31 -27.22 -19.93
N PRO H 126 -12.87 -27.42 -18.72
CA PRO H 126 -12.28 -26.87 -17.49
C PRO H 126 -10.89 -27.45 -17.15
N TRP H 127 -10.62 -28.66 -17.62
CA TRP H 127 -9.34 -29.33 -17.38
C TRP H 127 -8.20 -28.53 -18.01
N ASP H 128 -8.42 -27.97 -19.19
CA ASP H 128 -7.41 -27.11 -19.83
C ASP H 128 -7.09 -25.90 -18.93
N ILE H 129 -8.09 -25.33 -18.28
CA ILE H 129 -7.87 -24.18 -17.39
C ILE H 129 -7.12 -24.63 -16.14
N HIS H 130 -7.47 -25.81 -15.61
CA HIS H 130 -6.85 -26.33 -14.38
C HIS H 130 -5.34 -26.49 -14.56
N PHE H 131 -4.93 -27.06 -15.69
CA PHE H 131 -3.52 -27.24 -15.99
C PHE H 131 -2.80 -25.87 -16.05
N VAL H 132 -3.34 -24.95 -16.83
CA VAL H 132 -2.69 -23.66 -17.03
C VAL H 132 -2.60 -22.93 -15.67
N ASP H 133 -3.66 -23.04 -14.86
CA ASP H 133 -3.76 -22.38 -13.57
C ASP H 133 -2.64 -22.86 -12.64
N GLN H 134 -2.40 -24.17 -12.61
CA GLN H 134 -1.44 -24.78 -11.69
C GLN H 134 -0.02 -24.54 -12.18
N TYR H 135 0.16 -24.59 -13.50
CA TYR H 135 1.46 -24.36 -14.13
C TYR H 135 1.91 -22.93 -13.83
N LEU H 136 1.07 -21.94 -14.13
CA LEU H 136 1.42 -20.53 -13.90
C LEU H 136 1.78 -20.33 -12.42
N ALA H 137 1.01 -20.93 -11.53
CA ALA H 137 1.19 -20.72 -10.09
C ALA H 137 2.58 -21.21 -9.63
N LEU H 138 3.01 -22.35 -10.15
CA LEU H 138 4.31 -22.88 -9.77
C LEU H 138 5.39 -21.96 -10.36
N LEU H 139 5.24 -21.58 -11.63
CA LEU H 139 6.18 -20.64 -12.24
C LEU H 139 6.19 -19.31 -11.48
N GLU H 140 5.02 -18.83 -11.06
CA GLU H 140 4.93 -17.54 -10.36
C GLU H 140 5.69 -17.61 -9.04
N ALA H 141 5.48 -18.69 -8.29
CA ALA H 141 6.17 -18.89 -7.02
C ALA H 141 7.68 -18.95 -7.28
N LYS H 142 8.07 -19.76 -8.25
CA LYS H 142 9.47 -20.02 -8.54
C LYS H 142 10.19 -18.72 -8.92
N HIS H 143 9.50 -17.78 -9.58
CA HIS H 143 10.17 -16.60 -10.15
C HIS H 143 9.71 -15.31 -9.46
N GLN H 144 9.14 -15.44 -8.25
CA GLN H 144 8.80 -14.30 -7.37
C GLN H 144 7.87 -13.29 -8.07
N ILE H 145 6.97 -13.79 -8.92
CA ILE H 145 6.07 -12.94 -9.72
C ILE H 145 5.06 -12.30 -8.77
N GLN H 146 4.87 -10.99 -8.91
CA GLN H 146 4.12 -10.19 -7.92
C GLN H 146 2.61 -10.28 -8.19
N LYS H 147 2.19 -9.99 -9.42
CA LYS H 147 0.77 -10.00 -9.77
C LYS H 147 0.46 -11.23 -10.63
N PRO H 148 -0.66 -11.91 -10.34
CA PRO H 148 -0.97 -13.17 -11.02
C PRO H 148 -1.34 -12.92 -12.49
N ILE H 149 -0.84 -13.78 -13.36
CA ILE H 149 -1.13 -13.70 -14.79
C ILE H 149 -2.53 -14.29 -15.03
N LEU H 150 -3.34 -13.60 -15.81
CA LEU H 150 -4.73 -13.98 -16.05
C LEU H 150 -4.82 -14.85 -17.31
N ILE H 151 -5.91 -15.61 -17.45
CA ILE H 151 -6.08 -16.58 -18.53
C ILE H 151 -7.20 -16.12 -19.46
N HIS H 152 -6.89 -15.99 -20.74
CA HIS H 152 -7.89 -15.68 -21.75
C HIS H 152 -8.12 -16.93 -22.61
N ALA H 153 -9.34 -17.43 -22.65
CA ALA H 153 -9.62 -18.69 -23.35
C ALA H 153 -10.08 -18.39 -24.79
N LEU H 154 -9.54 -19.15 -25.74
CA LEU H 154 -9.92 -19.04 -27.15
C LEU H 154 -10.96 -20.12 -27.48
N LEU H 155 -12.16 -19.70 -27.86
CA LEU H 155 -13.26 -20.62 -28.19
C LEU H 155 -13.15 -21.02 -29.67
N GLU H 156 -12.60 -22.21 -29.91
CA GLU H 156 -12.25 -22.64 -31.28
C GLU H 156 -12.86 -24.01 -31.60
N THR H 157 -13.72 -24.53 -30.72
CA THR H 157 -14.34 -25.84 -30.95
C THR H 157 -15.77 -25.85 -30.41
N ALA H 158 -16.55 -26.79 -30.93
CA ALA H 158 -17.92 -27.07 -30.47
C ALA H 158 -17.90 -27.47 -29.00
N GLN H 159 -16.98 -28.36 -28.66
CA GLN H 159 -16.83 -28.85 -27.30
C GLN H 159 -16.60 -27.67 -26.34
N GLY H 160 -15.74 -26.72 -26.71
CA GLY H 160 -15.48 -25.55 -25.86
C GLY H 160 -16.72 -24.69 -25.68
N MET H 161 -17.54 -24.59 -26.72
CA MET H 161 -18.79 -23.83 -26.63
C MET H 161 -19.77 -24.56 -25.69
N MET H 162 -19.80 -25.88 -25.76
CA MET H 162 -20.69 -26.67 -24.92
C MET H 162 -20.26 -26.55 -23.46
N ASN H 163 -18.95 -26.50 -23.23
CA ASN H 163 -18.38 -26.53 -21.88
C ASN H 163 -18.11 -25.12 -21.36
N LEU H 164 -18.69 -24.10 -22.00
CA LEU H 164 -18.29 -22.71 -21.77
C LEU H 164 -18.50 -22.27 -20.30
N GLU H 165 -19.54 -22.75 -19.62
CA GLU H 165 -19.79 -22.37 -18.22
C GLU H 165 -18.71 -22.97 -17.30
N ALA H 166 -18.44 -24.26 -17.48
CA ALA H 166 -17.42 -24.95 -16.71
C ALA H 166 -16.06 -24.28 -16.90
N ILE H 167 -15.75 -23.85 -18.13
CA ILE H 167 -14.49 -23.14 -18.41
C ILE H 167 -14.48 -21.81 -17.65
N ALA H 168 -15.58 -21.06 -17.75
CA ALA H 168 -15.68 -19.70 -17.19
C ALA H 168 -15.39 -19.70 -15.68
N GLY H 169 -15.85 -20.71 -14.96
CA GLY H 169 -15.75 -20.76 -13.49
C GLY H 169 -14.65 -21.70 -13.01
N ALA H 170 -13.70 -22.04 -13.87
CA ALA H 170 -12.70 -23.08 -13.59
C ALA H 170 -11.51 -22.52 -12.80
N SER H 171 -11.38 -21.19 -12.71
CA SER H 171 -10.21 -20.55 -12.08
C SER H 171 -10.47 -19.05 -11.85
N PRO H 172 -9.99 -18.51 -10.74
CA PRO H 172 -10.10 -17.05 -10.51
C PRO H 172 -9.12 -16.21 -11.34
N ARG H 173 -8.24 -16.84 -12.13
CA ARG H 173 -7.39 -16.13 -13.10
C ARG H 173 -8.17 -15.83 -14.39
N MET H 174 -9.33 -16.46 -14.59
CA MET H 174 -10.05 -16.30 -15.84
C MET H 174 -10.28 -14.80 -16.11
N HIS H 175 -9.86 -14.34 -17.29
CA HIS H 175 -10.07 -12.96 -17.71
C HIS H 175 -11.29 -12.88 -18.62
N GLY H 176 -11.42 -13.83 -19.56
CA GLY H 176 -12.50 -13.78 -20.54
C GLY H 176 -12.29 -14.73 -21.71
N PHE H 177 -13.02 -14.47 -22.79
CA PHE H 177 -12.96 -15.28 -24.00
C PHE H 177 -12.87 -14.40 -25.24
N SER H 178 -12.24 -14.96 -26.27
CA SER H 178 -12.36 -14.46 -27.63
C SER H 178 -12.91 -15.58 -28.51
N LEU H 179 -13.60 -15.17 -29.56
CA LEU H 179 -14.05 -16.08 -30.60
C LEU H 179 -12.88 -16.39 -31.55
N GLY H 180 -12.66 -17.66 -31.86
CA GLY H 180 -11.75 -18.05 -32.93
C GLY H 180 -12.52 -18.49 -34.17
N PRO H 181 -13.11 -17.54 -34.90
CA PRO H 181 -14.14 -17.80 -35.92
C PRO H 181 -13.71 -18.80 -37.00
N ALA H 182 -12.43 -18.77 -37.36
CA ALA H 182 -11.92 -19.65 -38.41
C ALA H 182 -11.99 -21.10 -37.92
N ASP H 183 -11.39 -21.33 -36.75
CA ASP H 183 -11.25 -22.69 -36.22
C ASP H 183 -12.61 -23.20 -35.74
N LEU H 184 -13.43 -22.31 -35.17
CA LEU H 184 -14.72 -22.70 -34.63
C LEU H 184 -15.66 -23.13 -35.77
N ALA H 185 -15.59 -22.40 -36.88
CA ALA H 185 -16.41 -22.72 -38.04
C ALA H 185 -15.98 -24.09 -38.60
N ALA H 186 -14.68 -24.36 -38.66
CA ALA H 186 -14.17 -25.62 -39.19
C ALA H 186 -14.57 -26.78 -38.26
N SER H 187 -14.59 -26.50 -36.96
CA SER H 187 -14.95 -27.48 -35.96
C SER H 187 -16.44 -27.86 -36.08
N ARG H 188 -17.29 -26.86 -36.31
CA ARG H 188 -18.74 -27.08 -36.39
C ARG H 188 -19.15 -27.60 -37.78
N GLY H 189 -18.35 -27.31 -38.80
CA GLY H 189 -18.76 -27.51 -40.18
C GLY H 189 -19.53 -26.33 -40.74
N MET H 190 -19.50 -25.19 -40.06
CA MET H 190 -20.06 -23.94 -40.60
C MET H 190 -19.32 -23.57 -41.88
N LYS H 191 -20.02 -22.92 -42.81
CA LYS H 191 -19.38 -22.35 -44.00
C LYS H 191 -19.47 -20.82 -43.92
N THR H 192 -18.32 -20.17 -44.10
CA THR H 192 -18.22 -18.72 -44.10
C THR H 192 -17.38 -18.28 -45.30
N THR H 193 -17.72 -17.14 -45.90
CA THR H 193 -16.99 -16.60 -47.04
C THR H 193 -15.67 -15.98 -46.56
N ARG H 194 -15.78 -15.10 -45.56
CA ARG H 194 -14.60 -14.46 -44.90
C ARG H 194 -14.33 -15.14 -43.55
N VAL H 195 -13.13 -14.99 -43.00
CA VAL H 195 -12.88 -15.72 -41.72
C VAL H 195 -13.82 -15.21 -40.62
N GLY H 196 -13.86 -13.91 -40.38
CA GLY H 196 -14.75 -13.44 -39.31
C GLY H 196 -16.12 -13.05 -39.82
N GLY H 197 -16.36 -13.30 -41.11
CA GLY H 197 -17.61 -12.91 -41.79
C GLY H 197 -18.66 -13.97 -41.78
N GLY H 198 -19.81 -13.63 -42.36
CA GLY H 198 -20.95 -14.55 -42.46
C GLY H 198 -20.98 -15.24 -43.80
N HIS H 199 -22.13 -15.23 -44.45
CA HIS H 199 -22.29 -15.93 -45.72
C HIS H 199 -23.49 -15.32 -46.45
N PRO H 200 -23.31 -14.92 -47.71
CA PRO H 200 -24.38 -14.21 -48.39
C PRO H 200 -25.63 -15.10 -48.58
N PHE H 201 -25.43 -16.41 -48.71
CA PHE H 201 -26.51 -17.36 -48.99
C PHE H 201 -27.15 -17.89 -47.69
N TYR H 202 -26.69 -17.44 -46.52
CA TYR H 202 -27.41 -17.71 -45.28
C TYR H 202 -28.49 -16.64 -45.09
N GLY H 203 -29.74 -17.00 -45.38
CA GLY H 203 -30.82 -16.02 -45.27
C GLY H 203 -32.19 -16.65 -45.44
N VAL H 204 -33.21 -15.79 -45.47
CA VAL H 204 -34.61 -16.20 -45.50
C VAL H 204 -35.23 -15.76 -46.84
N LEU H 205 -35.72 -16.75 -47.60
CA LEU H 205 -36.44 -16.52 -48.85
C LEU H 205 -37.89 -16.14 -48.53
N ALA H 206 -38.34 -14.99 -49.04
CA ALA H 206 -39.68 -14.50 -48.76
C ALA H 206 -40.71 -15.30 -49.57
N ASP H 207 -41.96 -15.25 -49.11
CA ASP H 207 -43.07 -15.93 -49.77
C ASP H 207 -43.42 -15.17 -51.06
N PRO H 208 -43.90 -15.90 -52.09
CA PRO H 208 -44.24 -15.30 -53.39
C PRO H 208 -45.47 -14.39 -53.32
N GLN H 212 -44.54 -9.98 -57.86
CA GLN H 212 -43.50 -9.16 -58.49
C GLN H 212 -42.45 -10.08 -59.14
N GLU H 213 -42.76 -11.38 -59.24
CA GLU H 213 -42.04 -12.32 -60.12
C GLU H 213 -40.56 -12.41 -59.73
N HIS H 214 -40.23 -12.14 -58.46
CA HIS H 214 -38.86 -12.33 -57.94
C HIS H 214 -38.88 -12.30 -56.41
N ARG H 215 -38.40 -13.37 -55.79
CA ARG H 215 -38.51 -13.54 -54.34
C ARG H 215 -37.31 -12.90 -53.65
N PRO H 216 -37.54 -11.92 -52.76
CA PRO H 216 -36.45 -11.26 -52.03
C PRO H 216 -35.84 -12.18 -50.95
N PHE H 217 -34.65 -11.81 -50.48
CA PHE H 217 -33.81 -12.69 -49.67
C PHE H 217 -33.15 -11.87 -48.57
N TYR H 218 -33.56 -12.08 -47.32
CA TYR H 218 -33.04 -11.32 -46.18
C TYR H 218 -31.95 -12.14 -45.48
N GLN H 219 -30.70 -11.69 -45.63
CA GLN H 219 -29.55 -12.36 -45.01
C GLN H 219 -29.69 -12.34 -43.49
N GLN H 220 -29.15 -13.39 -42.86
CA GLN H 220 -29.18 -13.53 -41.40
C GLN H 220 -27.75 -13.56 -40.88
N ASP H 221 -27.58 -13.23 -39.60
CA ASP H 221 -26.28 -13.31 -38.91
C ASP H 221 -26.02 -14.78 -38.52
N LEU H 222 -24.87 -15.31 -38.90
CA LEU H 222 -24.49 -16.70 -38.55
C LEU H 222 -24.12 -16.80 -37.06
N TRP H 223 -23.67 -15.69 -36.48
CA TRP H 223 -22.92 -15.72 -35.23
C TRP H 223 -23.80 -15.32 -34.04
N HIS H 224 -25.09 -15.08 -34.24
CA HIS H 224 -25.97 -14.56 -33.19
C HIS H 224 -25.97 -15.49 -31.97
N TYR H 225 -26.21 -16.78 -32.17
CA TYR H 225 -26.27 -17.73 -31.07
C TYR H 225 -24.94 -17.76 -30.33
N THR H 226 -23.85 -17.88 -31.09
CA THR H 226 -22.49 -17.98 -30.57
C THR H 226 -22.14 -16.76 -29.70
N ILE H 227 -22.43 -15.57 -30.23
CA ILE H 227 -22.05 -14.33 -29.54
C ILE H 227 -22.94 -14.15 -28.30
N ALA H 228 -24.25 -14.37 -28.47
CA ALA H 228 -25.20 -14.17 -27.38
C ALA H 228 -24.85 -15.10 -26.20
N ARG H 229 -24.53 -16.36 -26.50
CA ARG H 229 -24.18 -17.34 -25.46
C ARG H 229 -22.88 -16.90 -24.75
N MET H 230 -21.89 -16.46 -25.52
CA MET H 230 -20.59 -16.07 -24.96
C MET H 230 -20.75 -14.94 -23.95
N VAL H 231 -21.47 -13.88 -24.32
CA VAL H 231 -21.63 -12.72 -23.43
C VAL H 231 -22.32 -13.16 -22.14
N ASP H 232 -23.36 -13.99 -22.26
CA ASP H 232 -24.13 -14.41 -21.08
C ASP H 232 -23.23 -15.15 -20.09
N VAL H 233 -22.49 -16.15 -20.57
CA VAL H 233 -21.62 -16.94 -19.70
C VAL H 233 -20.50 -16.06 -19.12
N ALA H 234 -19.90 -15.22 -19.96
CA ALA H 234 -18.79 -14.38 -19.54
C ALA H 234 -19.25 -13.34 -18.50
N VAL H 235 -20.40 -12.71 -18.74
CA VAL H 235 -20.89 -11.64 -17.86
C VAL H 235 -21.36 -12.23 -16.54
N ALA H 236 -22.02 -13.39 -16.60
CA ALA H 236 -22.50 -14.07 -15.38
C ALA H 236 -21.34 -14.37 -14.44
N HIS H 237 -20.18 -14.70 -15.01
CA HIS H 237 -18.98 -15.03 -14.20
C HIS H 237 -18.12 -13.78 -13.93
N GLY H 238 -18.53 -12.61 -14.42
CA GLY H 238 -17.77 -11.37 -14.17
C GLY H 238 -16.55 -11.25 -15.07
N LEU H 239 -16.64 -11.85 -16.25
CA LEU H 239 -15.56 -11.87 -17.23
C LEU H 239 -15.98 -11.04 -18.45
N ARG H 240 -15.05 -10.84 -19.38
CA ARG H 240 -15.34 -10.01 -20.55
C ARG H 240 -15.31 -10.88 -21.82
N ALA H 241 -16.27 -10.67 -22.70
CA ALA H 241 -16.32 -11.37 -23.96
C ALA H 241 -15.72 -10.46 -25.05
N PHE H 242 -14.90 -11.03 -25.90
CA PHE H 242 -14.33 -10.30 -27.01
C PHE H 242 -14.68 -11.01 -28.32
N TYR H 243 -14.97 -10.20 -29.34
CA TYR H 243 -15.01 -10.70 -30.70
C TYR H 243 -13.57 -11.02 -31.12
N GLY H 244 -13.37 -12.09 -31.86
CA GLY H 244 -12.02 -12.40 -32.33
C GLY H 244 -11.58 -11.48 -33.46
N PRO H 245 -10.85 -12.03 -34.44
CA PRO H 245 -10.43 -11.27 -35.60
C PRO H 245 -11.51 -11.15 -36.69
N PHE H 246 -11.31 -10.19 -37.59
CA PHE H 246 -12.00 -10.13 -38.87
C PHE H 246 -10.95 -10.24 -39.99
N GLY H 247 -11.04 -11.30 -40.78
CA GLY H 247 -9.97 -11.70 -41.72
C GLY H 247 -9.84 -10.77 -42.92
N ASP H 248 -10.95 -10.22 -43.39
CA ASP H 248 -10.96 -9.41 -44.62
C ASP H 248 -10.49 -7.99 -44.29
N ILE H 249 -9.17 -7.82 -44.25
CA ILE H 249 -8.55 -6.57 -43.81
C ILE H 249 -8.96 -5.43 -44.74
N LYS H 250 -9.14 -5.76 -46.02
CA LYS H 250 -9.47 -4.79 -47.06
C LYS H 250 -10.82 -4.14 -46.75
N ASP H 251 -11.80 -4.95 -46.35
CA ASP H 251 -13.20 -4.53 -46.33
C ASP H 251 -13.52 -3.89 -44.97
N GLU H 252 -13.31 -2.57 -44.88
CA GLU H 252 -13.42 -1.85 -43.60
C GLU H 252 -14.90 -1.66 -43.22
N ALA H 253 -15.80 -1.71 -44.19
CA ALA H 253 -17.22 -1.57 -43.89
C ALA H 253 -17.72 -2.82 -43.16
N ALA H 254 -17.45 -4.00 -43.73
CA ALA H 254 -17.88 -5.25 -43.14
C ALA H 254 -17.27 -5.40 -41.74
N CYS H 255 -16.01 -5.01 -41.62
CA CYS H 255 -15.28 -5.11 -40.36
C CYS H 255 -15.96 -4.27 -39.28
N GLU H 256 -16.43 -3.08 -39.66
CA GLU H 256 -17.06 -2.15 -38.73
C GLU H 256 -18.41 -2.73 -38.29
N ALA H 257 -19.14 -3.30 -39.25
CA ALA H 257 -20.47 -3.85 -39.00
C ALA H 257 -20.40 -5.04 -38.04
N GLN H 258 -19.39 -5.90 -38.21
CA GLN H 258 -19.24 -7.11 -37.39
C GLN H 258 -18.81 -6.73 -35.97
N PHE H 259 -17.92 -5.74 -35.88
CA PHE H 259 -17.51 -5.17 -34.59
C PHE H 259 -18.72 -4.51 -33.90
N ARG H 260 -19.50 -3.77 -34.67
CA ARG H 260 -20.67 -3.04 -34.13
C ARG H 260 -21.67 -4.04 -33.57
N ASN H 261 -21.91 -5.13 -34.29
CA ASN H 261 -22.82 -6.17 -33.81
C ASN H 261 -22.31 -6.72 -32.46
N ALA H 262 -21.02 -7.02 -32.40
CA ALA H 262 -20.39 -7.57 -31.19
C ALA H 262 -20.51 -6.57 -30.03
N PHE H 263 -20.31 -5.29 -30.34
CA PHE H 263 -20.36 -4.24 -29.31
C PHE H 263 -21.79 -4.16 -28.72
N LEU H 264 -22.79 -4.31 -29.57
CA LEU H 264 -24.17 -4.11 -29.15
C LEU H 264 -24.63 -5.30 -28.30
N LEU H 265 -24.14 -6.50 -28.61
CA LEU H 265 -24.56 -7.69 -27.88
C LEU H 265 -23.85 -7.77 -26.52
N GLY H 266 -22.71 -7.09 -26.39
CA GLY H 266 -22.03 -6.96 -25.10
C GLY H 266 -20.55 -7.35 -25.12
N CYS H 267 -19.93 -7.50 -26.28
CA CYS H 267 -18.49 -7.74 -26.32
C CYS H 267 -17.76 -6.44 -25.97
N THR H 268 -16.56 -6.58 -25.39
CA THR H 268 -15.81 -5.45 -24.84
C THR H 268 -14.87 -4.88 -25.91
N GLY H 269 -14.43 -5.72 -26.84
CA GLY H 269 -13.44 -5.33 -27.83
C GLY H 269 -13.30 -6.37 -28.91
N ALA H 270 -12.39 -6.10 -29.86
CA ALA H 270 -12.08 -7.03 -30.95
C ALA H 270 -10.56 -7.09 -31.19
N TRP H 271 -10.13 -8.04 -31.99
CA TRP H 271 -8.73 -8.09 -32.40
C TRP H 271 -8.53 -7.15 -33.58
N SER H 272 -7.32 -6.60 -33.67
CA SER H 272 -6.86 -5.97 -34.87
C SER H 272 -5.69 -6.80 -35.42
N LEU H 273 -5.79 -7.15 -36.70
CA LEU H 273 -4.78 -7.97 -37.37
C LEU H 273 -3.83 -7.10 -38.21
N ALA H 274 -4.27 -5.89 -38.54
CA ALA H 274 -3.48 -4.96 -39.33
C ALA H 274 -3.65 -3.55 -38.76
N PRO H 275 -2.77 -2.60 -39.14
CA PRO H 275 -2.85 -1.25 -38.55
C PRO H 275 -4.14 -0.50 -38.90
N ASN H 276 -4.79 -0.82 -40.01
CA ASN H 276 -6.02 -0.13 -40.41
C ASN H 276 -7.18 -0.52 -39.48
N GLN H 277 -7.12 -1.72 -38.89
CA GLN H 277 -8.18 -2.21 -38.01
C GLN H 277 -8.11 -1.56 -36.62
N ILE H 278 -6.94 -1.09 -36.20
CA ILE H 278 -6.78 -0.48 -34.87
C ILE H 278 -7.85 0.62 -34.69
N PRO H 279 -7.89 1.63 -35.59
CA PRO H 279 -8.86 2.73 -35.40
C PRO H 279 -10.34 2.30 -35.46
N ILE H 280 -10.64 1.26 -36.24
CA ILE H 280 -12.01 0.77 -36.43
C ILE H 280 -12.54 0.26 -35.07
N ALA H 281 -11.71 -0.56 -34.41
CA ALA H 281 -12.08 -1.21 -33.15
C ALA H 281 -12.23 -0.15 -32.04
N LYS H 282 -11.29 0.80 -31.97
CA LYS H 282 -11.34 1.85 -30.95
C LYS H 282 -12.60 2.72 -31.12
N ARG H 283 -13.06 2.89 -32.35
CA ARG H 283 -14.22 3.75 -32.64
C ARG H 283 -15.51 3.06 -32.21
N VAL H 284 -15.68 1.81 -32.65
CA VAL H 284 -16.94 1.06 -32.53
C VAL H 284 -17.12 0.58 -31.08
N PHE H 285 -16.03 0.15 -30.44
CA PHE H 285 -16.10 -0.35 -29.04
C PHE H 285 -15.98 0.82 -28.06
N SER H 286 -15.96 2.05 -28.57
CA SER H 286 -16.33 3.24 -27.80
C SER H 286 -17.83 3.51 -28.00
N PRO H 287 -18.55 3.92 -26.94
CA PRO H 287 -19.98 4.28 -27.07
C PRO H 287 -20.21 5.48 -28.02
N ASP H 288 -21.16 5.32 -28.94
CA ASP H 288 -21.46 6.30 -30.01
C ASP H 288 -21.94 7.63 -29.41
N VAL H 289 -21.74 8.72 -30.14
CA VAL H 289 -22.03 10.09 -29.66
C VAL H 289 -23.54 10.25 -29.45
N ASN H 290 -24.36 9.68 -30.35
CA ASN H 290 -25.82 9.82 -30.30
C ASN H 290 -26.39 8.95 -29.16
N GLU H 291 -25.64 7.91 -28.77
CA GLU H 291 -26.04 6.99 -27.70
C GLU H 291 -25.72 7.62 -26.33
N VAL H 292 -24.67 8.46 -26.28
CA VAL H 292 -24.23 9.08 -25.02
C VAL H 292 -25.16 10.27 -24.70
N LEU H 293 -25.58 11.02 -25.72
CA LEU H 293 -26.42 12.22 -25.54
C LEU H 293 -27.79 11.82 -24.96
N PHE H 294 -28.34 10.70 -25.40
CA PHE H 294 -29.63 10.21 -24.92
C PHE H 294 -29.48 9.67 -23.49
N ALA H 295 -28.31 9.10 -23.19
CA ALA H 295 -28.00 8.60 -21.85
C ALA H 295 -27.79 9.76 -20.86
N LYS H 296 -27.08 10.80 -21.31
CA LYS H 296 -26.78 11.96 -20.45
C LYS H 296 -28.09 12.68 -20.07
N MET H 302 -34.35 11.08 -13.95
CA MET H 302 -34.28 10.39 -12.63
C MET H 302 -32.83 10.41 -12.15
N PRO H 303 -32.46 11.44 -11.41
CA PRO H 303 -31.11 11.56 -10.87
C PRO H 303 -30.76 10.48 -9.83
N ASP H 304 -31.73 10.08 -9.02
CA ASP H 304 -31.47 9.09 -7.93
C ASP H 304 -31.58 7.65 -8.42
N GLY H 305 -31.92 7.43 -9.69
CA GLY H 305 -32.02 6.04 -10.16
C GLY H 305 -33.36 5.40 -9.84
N SER H 306 -34.30 6.21 -9.35
CA SER H 306 -35.69 5.82 -9.03
C SER H 306 -36.58 6.88 -9.67
N GLY H 307 -37.36 6.51 -10.68
CA GLY H 307 -38.18 7.51 -11.38
C GLY H 307 -39.20 6.89 -12.31
N VAL H 308 -40.00 7.72 -12.96
CA VAL H 308 -41.01 7.19 -13.92
C VAL H 308 -40.85 7.86 -15.28
N ALA H 309 -39.97 8.88 -15.40
CA ALA H 309 -39.80 9.64 -16.66
C ALA H 309 -39.62 8.71 -17.85
N GLY H 313 -37.47 11.68 -22.54
CA GLY H 313 -37.48 11.29 -23.94
C GLY H 313 -38.59 10.30 -24.25
N LYS H 314 -38.74 9.30 -23.39
CA LYS H 314 -39.71 8.21 -23.61
C LYS H 314 -40.20 7.70 -22.23
N MET H 315 -40.49 6.41 -22.12
CA MET H 315 -40.75 5.76 -20.83
C MET H 315 -39.42 5.23 -20.27
N GLN H 316 -39.05 5.71 -19.08
CA GLN H 316 -37.78 5.36 -18.39
C GLN H 316 -38.06 4.85 -16.99
N ASP H 317 -37.04 4.25 -16.38
CA ASP H 317 -37.10 3.74 -14.98
C ASP H 317 -35.67 3.47 -14.49
N ASP H 318 -35.55 2.73 -13.39
CA ASP H 318 -34.23 2.40 -12.82
C ASP H 318 -33.40 1.61 -13.84
N ALA H 319 -34.03 0.69 -14.58
CA ALA H 319 -33.28 -0.11 -15.57
C ALA H 319 -32.65 0.82 -16.60
N THR H 320 -33.38 1.81 -17.09
CA THR H 320 -32.80 2.78 -18.06
C THR H 320 -31.67 3.55 -17.36
N TRP H 321 -31.83 3.86 -16.08
CA TRP H 321 -30.76 4.55 -15.33
C TRP H 321 -29.50 3.66 -15.32
N LYS H 322 -29.70 2.35 -15.17
CA LYS H 322 -28.59 1.38 -15.18
C LYS H 322 -28.00 1.30 -16.60
N GLN H 323 -28.86 1.14 -17.61
CA GLN H 323 -28.43 1.10 -19.03
C GLN H 323 -27.57 2.33 -19.34
N ALA H 324 -27.99 3.47 -18.80
CA ALA H 324 -27.29 4.75 -18.97
C ALA H 324 -25.98 4.75 -18.20
N LYS H 325 -26.01 4.22 -16.98
CA LYS H 325 -24.78 4.21 -16.17
C LYS H 325 -23.74 3.40 -16.93
N VAL H 326 -24.11 2.28 -17.51
CA VAL H 326 -23.12 1.41 -18.20
C VAL H 326 -22.48 2.15 -19.37
N ILE H 327 -23.30 2.77 -20.20
CA ILE H 327 -22.82 3.50 -21.40
C ILE H 327 -22.00 4.72 -21.01
N VAL H 328 -22.46 5.44 -20.00
CA VAL H 328 -21.80 6.70 -19.55
C VAL H 328 -20.48 6.43 -18.78
N ASP H 329 -20.43 5.36 -17.97
CA ASP H 329 -19.24 5.01 -17.16
C ASP H 329 -18.09 4.60 -18.10
N LEU H 330 -18.43 4.04 -19.26
CA LEU H 330 -17.45 3.59 -20.24
C LEU H 330 -16.82 4.80 -20.95
N ALA H 331 -17.64 5.80 -21.28
CA ALA H 331 -17.25 6.89 -22.20
C ALA H 331 -16.21 7.83 -21.58
N ARG H 332 -16.18 7.95 -20.23
CA ARG H 332 -15.19 8.82 -19.57
C ARG H 332 -14.07 7.95 -18.97
N MET H 333 -14.14 6.64 -19.17
CA MET H 333 -13.12 5.72 -18.67
C MET H 333 -11.97 5.61 -19.69
N ILE H 334 -11.99 6.45 -20.73
CA ILE H 334 -10.99 6.39 -21.79
C ILE H 334 -9.94 7.50 -21.58
N ALA H 335 -10.28 8.56 -20.86
CA ALA H 335 -9.33 9.65 -20.55
C ALA H 335 -8.83 10.29 -21.86
N MET I 1 -33.39 -29.84 -7.74
CA MET I 1 -32.61 -30.41 -6.61
C MET I 1 -33.58 -31.08 -5.61
N LYS I 2 -34.79 -30.55 -5.45
CA LYS I 2 -35.83 -31.21 -4.65
C LYS I 2 -36.40 -32.41 -5.44
N LEU I 3 -36.58 -33.53 -4.76
CA LEU I 3 -37.09 -34.75 -5.36
C LEU I 3 -38.61 -34.63 -5.59
N PRO I 4 -39.16 -35.38 -6.57
CA PRO I 4 -40.60 -35.43 -6.83
C PRO I 4 -41.45 -35.84 -5.62
N ILE I 5 -40.91 -36.71 -4.77
CA ILE I 5 -41.64 -37.21 -3.59
C ILE I 5 -41.87 -36.08 -2.57
N HIS I 6 -40.96 -35.10 -2.46
CA HIS I 6 -41.10 -34.00 -1.49
C HIS I 6 -41.46 -32.68 -2.18
N PHE I 7 -41.51 -32.67 -3.51
CA PHE I 7 -41.62 -31.44 -4.30
C PHE I 7 -42.98 -30.77 -4.05
N TYR I 8 -44.04 -31.58 -4.04
CA TYR I 8 -45.41 -31.07 -4.08
C TYR I 8 -45.99 -30.92 -2.68
N LYS I 9 -45.17 -31.10 -1.64
CA LYS I 9 -45.59 -30.89 -0.25
C LYS I 9 -45.50 -29.39 0.09
N PRO I 10 -46.37 -28.92 1.00
CA PRO I 10 -46.34 -27.53 1.44
C PRO I 10 -45.18 -27.33 2.44
N LEU I 11 -44.60 -26.12 2.45
CA LEU I 11 -43.41 -25.83 3.26
C LEU I 11 -43.80 -25.11 4.56
N ALA I 12 -45.06 -25.26 4.96
CA ALA I 12 -45.52 -24.77 6.25
C ALA I 12 -46.75 -25.58 6.69
N ALA I 13 -46.87 -25.80 7.99
CA ALA I 13 -47.97 -26.59 8.54
C ALA I 13 -49.29 -25.85 8.28
N GLY I 14 -50.25 -26.55 7.67
CA GLY I 14 -51.51 -25.94 7.29
C GLY I 14 -51.31 -24.80 6.30
N ALA I 15 -50.85 -25.15 5.11
CA ALA I 15 -50.75 -24.20 4.00
C ALA I 15 -51.29 -24.90 2.74
N PRO I 16 -51.75 -24.12 1.76
CA PRO I 16 -52.43 -24.74 0.64
C PRO I 16 -51.51 -25.74 -0.11
N GLN I 17 -51.99 -26.96 -0.31
CA GLN I 17 -51.24 -27.98 -1.04
C GLN I 17 -50.82 -27.40 -2.40
N PRO I 18 -49.50 -27.42 -2.69
CA PRO I 18 -48.99 -26.92 -3.98
C PRO I 18 -49.64 -27.59 -5.19
N ILE I 19 -49.71 -26.84 -6.29
CA ILE I 19 -50.45 -27.27 -7.49
C ILE I 19 -49.53 -28.14 -8.37
N ARG I 20 -50.13 -29.15 -8.99
CA ARG I 20 -49.40 -30.10 -9.85
C ARG I 20 -49.43 -29.63 -11.30
N GLU I 21 -50.55 -29.04 -11.72
CA GLU I 21 -50.72 -28.46 -13.05
C GLU I 21 -50.87 -26.94 -12.90
N LEU I 22 -50.80 -26.23 -14.02
CA LEU I 22 -50.97 -24.77 -14.03
C LEU I 22 -52.45 -24.43 -14.21
N PRO I 23 -52.95 -23.39 -13.50
CA PRO I 23 -54.30 -22.89 -13.74
C PRO I 23 -54.42 -22.30 -15.16
N VAL I 24 -55.30 -22.89 -15.96
CA VAL I 24 -55.53 -22.49 -17.34
C VAL I 24 -56.49 -21.29 -17.34
N ARG I 25 -55.96 -20.11 -17.65
CA ARG I 25 -56.77 -18.89 -17.77
C ARG I 25 -56.08 -17.93 -18.75
N PRO I 26 -56.83 -17.02 -19.36
CA PRO I 26 -56.25 -16.08 -20.32
C PRO I 26 -55.21 -15.16 -19.66
N GLU I 27 -54.01 -15.13 -20.24
CA GLU I 27 -52.93 -14.22 -19.82
C GLU I 27 -52.27 -13.59 -21.06
N ARG I 28 -53.09 -13.18 -22.03
CA ARG I 28 -52.60 -12.61 -23.30
C ARG I 28 -52.04 -11.21 -23.07
N VAL I 29 -52.50 -10.52 -22.03
CA VAL I 29 -51.93 -9.25 -21.64
C VAL I 29 -51.75 -9.23 -20.12
N ILE I 30 -50.67 -8.58 -19.68
CA ILE I 30 -50.42 -8.28 -18.28
C ILE I 30 -50.30 -6.76 -18.17
N HIS I 31 -51.28 -6.11 -17.54
CA HIS I 31 -51.29 -4.65 -17.49
C HIS I 31 -50.62 -4.17 -16.19
N PHE I 32 -49.77 -3.14 -16.33
CA PHE I 32 -49.06 -2.55 -15.19
C PHE I 32 -49.74 -1.25 -14.78
N PHE I 33 -49.67 -0.94 -13.49
CA PHE I 33 -50.21 0.31 -12.95
C PHE I 33 -49.44 0.68 -11.68
N PRO I 34 -49.26 1.99 -11.42
CA PRO I 34 -48.62 2.47 -10.20
C PRO I 34 -49.65 2.85 -9.11
N PRO I 35 -49.79 2.00 -8.07
CA PRO I 35 -50.66 2.23 -6.91
C PRO I 35 -50.51 3.60 -6.21
N HIS I 36 -49.34 4.19 -6.20
CA HIS I 36 -49.23 5.47 -5.43
C HIS I 36 -50.02 6.56 -6.15
N VAL I 37 -50.59 6.24 -7.30
CA VAL I 37 -51.32 7.26 -8.10
C VAL I 37 -52.80 7.29 -7.72
N GLU I 38 -53.18 8.38 -7.11
CA GLU I 38 -54.56 8.61 -6.67
C GLU I 38 -55.51 8.38 -7.85
N LYS I 39 -55.32 9.07 -8.96
CA LYS I 39 -56.23 8.93 -10.12
C LYS I 39 -56.34 7.48 -10.54
N ILE I 40 -55.22 6.85 -10.83
CA ILE I 40 -55.14 5.45 -11.32
C ILE I 40 -55.76 4.49 -10.30
N ARG I 41 -55.62 4.77 -9.02
CA ARG I 41 -56.18 3.83 -8.02
C ARG I 41 -57.68 3.75 -8.30
N ALA I 42 -58.28 4.90 -8.55
CA ALA I 42 -59.75 5.07 -8.73
C ALA I 42 -60.31 4.33 -9.94
N ARG I 43 -59.65 4.37 -11.10
CA ARG I 43 -60.24 3.80 -12.35
C ARG I 43 -59.88 2.32 -12.53
N ILE I 44 -59.25 1.70 -11.54
CA ILE I 44 -58.78 0.29 -11.69
C ILE I 44 -59.94 -0.67 -11.96
N PRO I 45 -61.11 -0.45 -11.33
CA PRO I 45 -62.25 -1.35 -11.53
C PRO I 45 -62.71 -1.41 -12.99
N GLU I 46 -62.67 -0.28 -13.66
CA GLU I 46 -63.06 -0.22 -15.09
C GLU I 46 -62.11 -1.06 -15.95
N VAL I 47 -60.81 -0.93 -15.70
CA VAL I 47 -59.77 -1.58 -16.52
C VAL I 47 -59.71 -3.09 -16.22
N ALA I 48 -60.36 -3.54 -15.15
CA ALA I 48 -60.42 -4.98 -14.82
C ALA I 48 -61.10 -5.76 -15.96
N LYS I 49 -62.20 -5.22 -16.50
CA LYS I 49 -62.97 -5.90 -17.55
C LYS I 49 -62.16 -5.95 -18.86
N GLN I 50 -61.35 -4.93 -19.11
CA GLN I 50 -60.62 -4.80 -20.38
C GLN I 50 -59.49 -5.83 -20.50
N VAL I 51 -58.91 -6.24 -19.37
CA VAL I 51 -57.62 -6.96 -19.35
C VAL I 51 -57.83 -8.39 -18.83
N ASP I 52 -56.91 -9.27 -19.23
CA ASP I 52 -56.90 -10.69 -18.84
C ASP I 52 -56.17 -10.88 -17.52
N VAL I 53 -55.18 -10.01 -17.26
CA VAL I 53 -54.38 -10.03 -16.04
C VAL I 53 -54.01 -8.58 -15.68
N LEU I 54 -54.29 -8.19 -14.45
CA LEU I 54 -53.83 -6.92 -13.91
C LEU I 54 -52.64 -7.18 -12.99
N CYS I 55 -51.60 -6.34 -13.10
CA CYS I 55 -50.41 -6.48 -12.24
C CYS I 55 -50.06 -5.15 -11.59
N GLY I 56 -50.00 -5.13 -10.27
CA GLY I 56 -49.57 -3.95 -9.51
C GLY I 56 -48.07 -3.81 -9.56
N ASN I 57 -47.53 -2.60 -9.53
CA ASN I 57 -46.07 -2.44 -9.60
C ASN I 57 -45.57 -1.68 -8.37
N LEU I 58 -44.59 -2.24 -7.67
CA LEU I 58 -43.99 -1.56 -6.49
C LEU I 58 -42.49 -1.30 -6.69
N GLU I 59 -41.83 -1.86 -7.72
CA GLU I 59 -40.35 -1.60 -7.83
C GLU I 59 -39.98 -0.60 -8.92
N ASP I 60 -39.55 -1.06 -10.10
CA ASP I 60 -39.09 -0.06 -11.09
C ASP I 60 -40.23 0.90 -11.42
N ALA I 61 -39.85 2.16 -11.69
CA ALA I 61 -40.78 3.23 -12.10
C ALA I 61 -41.49 3.83 -10.89
N ILE I 62 -41.28 3.29 -9.70
CA ILE I 62 -41.93 3.86 -8.49
C ILE I 62 -40.83 4.56 -7.72
N PRO I 63 -41.05 5.82 -7.36
CA PRO I 63 -40.03 6.61 -6.64
C PRO I 63 -39.80 6.07 -5.22
N ILE I 64 -38.64 6.34 -4.64
CA ILE I 64 -38.29 5.83 -3.28
C ILE I 64 -39.29 6.35 -2.25
N ASP I 65 -39.68 7.61 -2.39
CA ASP I 65 -40.68 8.25 -1.49
C ASP I 65 -42.02 7.53 -1.64
N ALA I 66 -42.35 7.15 -2.87
CA ALA I 66 -43.66 6.51 -3.14
C ALA I 66 -43.66 5.01 -2.83
N LYS I 67 -42.54 4.47 -2.34
CA LYS I 67 -42.47 3.01 -2.07
C LYS I 67 -43.51 2.63 -1.02
N GLU I 68 -43.61 3.42 0.04
CA GLU I 68 -44.59 3.15 1.13
C GLU I 68 -45.99 3.33 0.58
N ALA I 69 -46.19 4.39 -0.17
CA ALA I 69 -47.52 4.74 -0.70
C ALA I 69 -48.02 3.66 -1.65
N ALA I 70 -47.16 3.14 -2.51
CA ALA I 70 -47.62 2.13 -3.49
C ALA I 70 -48.10 0.87 -2.76
N ARG I 71 -47.36 0.43 -1.74
CA ARG I 71 -47.74 -0.80 -1.04
C ARG I 71 -49.16 -0.65 -0.48
N ALA I 72 -49.37 0.42 0.29
CA ALA I 72 -50.68 0.77 0.82
C ALA I 72 -51.69 0.90 -0.32
N GLY I 73 -51.32 1.67 -1.33
CA GLY I 73 -52.16 1.89 -2.50
C GLY I 73 -52.64 0.60 -3.13
N PHE I 74 -51.76 -0.41 -3.17
CA PHE I 74 -52.10 -1.69 -3.81
C PHE I 74 -53.23 -2.38 -3.03
N ILE I 75 -53.07 -2.47 -1.71
CA ILE I 75 -54.06 -3.20 -0.89
C ILE I 75 -55.39 -2.43 -0.88
N GLU I 76 -55.34 -1.10 -0.72
CA GLU I 76 -56.58 -0.30 -0.69
C GLU I 76 -57.44 -0.63 -1.90
N VAL I 77 -56.80 -0.77 -3.07
CA VAL I 77 -57.50 -1.06 -4.33
C VAL I 77 -57.98 -2.51 -4.34
N ALA I 78 -57.06 -3.44 -4.10
CA ALA I 78 -57.36 -4.86 -4.18
C ALA I 78 -58.44 -5.24 -3.15
N ARG I 79 -58.39 -4.62 -1.98
CA ARG I 79 -59.35 -4.87 -0.90
C ARG I 79 -60.75 -4.43 -1.34
N ASN I 80 -60.82 -3.29 -2.04
CA ASN I 80 -62.09 -2.66 -2.42
C ASN I 80 -62.30 -2.78 -3.93
N THR I 81 -62.15 -3.99 -4.46
CA THR I 81 -62.42 -4.27 -5.88
C THR I 81 -62.70 -5.76 -6.08
N ASP I 82 -63.52 -6.09 -7.08
CA ASP I 82 -63.78 -7.49 -7.45
C ASP I 82 -63.39 -7.67 -8.92
N PHE I 83 -62.41 -8.53 -9.16
CA PHE I 83 -61.79 -8.68 -10.48
C PHE I 83 -62.51 -9.75 -11.29
N GLY I 84 -63.36 -10.54 -10.64
CA GLY I 84 -64.25 -11.46 -11.32
C GLY I 84 -63.47 -12.58 -12.01
N ASP I 85 -63.26 -12.44 -13.32
CA ASP I 85 -62.54 -13.43 -14.11
C ASP I 85 -61.14 -12.92 -14.44
N THR I 86 -60.87 -11.65 -14.21
CA THR I 86 -59.55 -11.07 -14.41
C THR I 86 -58.67 -11.35 -13.19
N ALA I 87 -57.37 -11.50 -13.41
CA ALA I 87 -56.41 -11.91 -12.37
C ALA I 87 -55.71 -10.69 -11.75
N LEU I 88 -55.11 -10.90 -10.58
CA LEU I 88 -54.32 -9.87 -9.89
C LEU I 88 -52.91 -10.41 -9.63
N TRP I 89 -51.92 -9.72 -10.20
CA TRP I 89 -50.50 -9.93 -9.91
C TRP I 89 -50.00 -8.74 -9.09
N VAL I 90 -48.77 -8.83 -8.59
CA VAL I 90 -48.09 -7.65 -8.04
C VAL I 90 -46.57 -7.89 -8.12
N ARG I 91 -45.87 -6.93 -8.73
CA ARG I 91 -44.41 -6.93 -8.74
C ARG I 91 -43.91 -6.20 -7.48
N VAL I 92 -43.15 -6.93 -6.66
CA VAL I 92 -42.59 -6.40 -5.41
C VAL I 92 -41.14 -5.95 -5.65
N ASN I 93 -40.58 -5.26 -4.66
CA ASN I 93 -39.22 -4.76 -4.75
C ASN I 93 -38.23 -5.94 -4.69
N ALA I 94 -36.97 -5.63 -4.95
CA ALA I 94 -35.90 -6.64 -5.06
C ALA I 94 -35.68 -7.34 -3.71
N LEU I 95 -35.20 -8.57 -3.76
CA LEU I 95 -34.99 -9.39 -2.56
C LEU I 95 -33.82 -8.84 -1.72
N ASN I 96 -33.11 -7.82 -2.22
CA ASN I 96 -32.00 -7.21 -1.46
C ASN I 96 -32.40 -5.82 -0.95
N SER I 97 -33.68 -5.46 -1.07
CA SER I 97 -34.12 -4.11 -0.73
C SER I 97 -34.84 -4.11 0.62
N PRO I 98 -34.76 -2.99 1.36
CA PRO I 98 -35.42 -2.85 2.67
C PRO I 98 -36.96 -2.98 2.59
N TRP I 99 -37.55 -2.69 1.43
CA TRP I 99 -39.00 -2.65 1.27
C TRP I 99 -39.60 -4.06 1.14
N VAL I 100 -38.77 -5.08 0.86
CA VAL I 100 -39.29 -6.34 0.33
C VAL I 100 -40.02 -7.16 1.41
N LEU I 101 -39.60 -7.07 2.67
CA LEU I 101 -40.25 -7.87 3.73
C LEU I 101 -41.71 -7.42 3.88
N ASP I 102 -41.88 -6.13 4.14
CA ASP I 102 -43.19 -5.55 4.45
C ASP I 102 -44.03 -5.51 3.16
N ASP I 103 -43.39 -5.50 2.00
CA ASP I 103 -44.10 -5.63 0.72
C ASP I 103 -44.85 -6.98 0.68
N ILE I 104 -44.15 -8.06 1.01
CA ILE I 104 -44.73 -9.41 0.90
C ILE I 104 -45.68 -9.64 2.08
N ALA I 105 -45.26 -9.25 3.28
CA ALA I 105 -45.96 -9.59 4.52
C ALA I 105 -47.35 -8.92 4.56
N ASP I 106 -47.40 -7.63 4.25
CA ASP I 106 -48.64 -6.84 4.37
C ASP I 106 -49.62 -7.18 3.24
N ILE I 107 -49.12 -7.53 2.07
CA ILE I 107 -50.00 -7.88 0.94
C ILE I 107 -50.65 -9.25 1.20
N VAL I 108 -49.88 -10.22 1.68
CA VAL I 108 -50.42 -11.54 1.97
C VAL I 108 -51.28 -11.47 3.25
N ALA I 109 -50.91 -10.58 4.17
CA ALA I 109 -51.63 -10.41 5.44
C ALA I 109 -53.09 -9.99 5.18
N THR I 110 -53.31 -9.24 4.10
CA THR I 110 -54.58 -8.59 3.83
C THR I 110 -55.30 -9.32 2.67
N VAL I 111 -54.67 -9.36 1.50
CA VAL I 111 -55.37 -9.71 0.25
C VAL I 111 -54.85 -11.03 -0.31
N GLY I 112 -54.48 -11.96 0.56
CA GLY I 112 -53.82 -13.20 0.15
C GLY I 112 -54.63 -14.00 -0.86
N ASN I 113 -55.95 -14.07 -0.68
CA ASN I 113 -56.80 -15.01 -1.45
C ASN I 113 -57.25 -14.39 -2.78
N LYS I 114 -57.03 -13.10 -2.98
CA LYS I 114 -57.37 -12.48 -4.26
C LYS I 114 -56.16 -12.55 -5.20
N LEU I 115 -54.95 -12.49 -4.65
CA LEU I 115 -53.71 -12.48 -5.42
C LEU I 115 -53.43 -13.88 -5.98
N ASP I 116 -53.28 -13.98 -7.30
CA ASP I 116 -53.09 -15.27 -7.98
C ASP I 116 -51.61 -15.49 -8.33
N VAL I 117 -50.84 -14.41 -8.49
CA VAL I 117 -49.44 -14.49 -8.92
C VAL I 117 -48.63 -13.37 -8.25
N MET I 118 -47.37 -13.66 -7.99
CA MET I 118 -46.46 -12.66 -7.45
C MET I 118 -45.15 -12.69 -8.26
N MET I 119 -44.79 -11.52 -8.79
CA MET I 119 -43.67 -11.40 -9.72
C MET I 119 -42.43 -10.90 -8.99
N ILE I 120 -41.38 -11.72 -8.98
CA ILE I 120 -40.11 -11.42 -8.32
C ILE I 120 -39.14 -10.87 -9.37
N PRO I 121 -38.46 -9.75 -9.07
CA PRO I 121 -37.51 -9.13 -9.99
C PRO I 121 -36.04 -9.42 -9.66
N LYS I 122 -35.19 -9.31 -10.67
CA LYS I 122 -33.73 -9.48 -10.54
C LYS I 122 -33.42 -10.84 -9.89
N VAL I 123 -34.13 -11.87 -10.35
CA VAL I 123 -33.92 -13.24 -9.90
C VAL I 123 -32.59 -13.73 -10.49
N GLU I 124 -31.70 -14.18 -9.61
CA GLU I 124 -30.35 -14.56 -10.02
C GLU I 124 -30.23 -16.09 -10.08
N GLY I 125 -30.83 -16.80 -9.14
CA GLY I 125 -30.72 -18.27 -9.10
C GLY I 125 -31.83 -18.91 -8.29
N PRO I 126 -31.76 -20.23 -8.11
CA PRO I 126 -32.80 -20.98 -7.37
C PRO I 126 -32.96 -20.51 -5.92
N TRP I 127 -31.85 -20.10 -5.30
CA TRP I 127 -31.85 -19.59 -3.93
C TRP I 127 -32.88 -18.48 -3.75
N ASP I 128 -33.09 -17.64 -4.77
CA ASP I 128 -34.05 -16.54 -4.66
C ASP I 128 -35.47 -17.12 -4.57
N ILE I 129 -35.78 -18.10 -5.43
CA ILE I 129 -37.09 -18.76 -5.40
C ILE I 129 -37.28 -19.45 -4.03
N HIS I 130 -36.21 -20.10 -3.54
CA HIS I 130 -36.30 -20.90 -2.32
C HIS I 130 -36.70 -20.02 -1.13
N PHE I 131 -36.10 -18.83 -1.02
CA PHE I 131 -36.47 -17.88 0.02
C PHE I 131 -37.96 -17.53 -0.10
N VAL I 132 -38.34 -17.01 -1.27
CA VAL I 132 -39.70 -16.54 -1.52
C VAL I 132 -40.70 -17.67 -1.23
N ASP I 133 -40.43 -18.87 -1.77
CA ASP I 133 -41.30 -20.04 -1.59
C ASP I 133 -41.58 -20.30 -0.10
N GLN I 134 -40.54 -20.27 0.73
CA GLN I 134 -40.66 -20.59 2.15
C GLN I 134 -41.40 -19.46 2.88
N TYR I 135 -41.06 -18.22 2.55
CA TYR I 135 -41.64 -17.05 3.21
C TYR I 135 -43.14 -16.98 2.91
N LEU I 136 -43.52 -17.20 1.65
CA LEU I 136 -44.93 -17.19 1.26
C LEU I 136 -45.65 -18.36 1.92
N ALA I 137 -45.06 -19.55 1.88
CA ALA I 137 -45.66 -20.75 2.51
C ALA I 137 -45.99 -20.47 3.97
N LEU I 138 -45.06 -19.81 4.68
CA LEU I 138 -45.26 -19.50 6.09
C LEU I 138 -46.34 -18.44 6.25
N LEU I 139 -46.24 -17.35 5.49
CA LEU I 139 -47.26 -16.28 5.52
C LEU I 139 -48.64 -16.86 5.17
N GLU I 140 -48.67 -17.74 4.18
CA GLU I 140 -49.89 -18.43 3.77
C GLU I 140 -50.51 -19.15 4.97
N ALA I 141 -49.76 -20.07 5.58
CA ALA I 141 -50.24 -20.85 6.73
C ALA I 141 -50.78 -19.92 7.83
N LYS I 142 -50.14 -18.77 8.00
CA LYS I 142 -50.53 -17.84 9.06
C LYS I 142 -51.91 -17.23 8.76
N HIS I 143 -52.06 -16.66 7.57
CA HIS I 143 -53.27 -15.89 7.22
C HIS I 143 -54.28 -16.77 6.46
N GLN I 144 -54.07 -18.09 6.47
CA GLN I 144 -55.09 -19.08 6.11
C GLN I 144 -55.49 -18.94 4.64
N ILE I 145 -54.52 -18.56 3.80
CA ILE I 145 -54.70 -18.44 2.34
C ILE I 145 -55.10 -19.81 1.78
N GLN I 146 -56.01 -19.82 0.80
CA GLN I 146 -56.66 -21.04 0.35
C GLN I 146 -56.03 -21.55 -0.95
N LYS I 147 -55.74 -20.65 -1.90
CA LYS I 147 -54.99 -21.02 -3.12
C LYS I 147 -53.52 -20.68 -2.92
N PRO I 148 -52.61 -21.50 -3.46
CA PRO I 148 -51.18 -21.14 -3.45
C PRO I 148 -50.87 -19.88 -4.27
N ILE I 149 -50.17 -18.92 -3.65
CA ILE I 149 -49.69 -17.72 -4.35
C ILE I 149 -48.47 -18.11 -5.21
N LEU I 150 -48.62 -18.02 -6.53
CA LEU I 150 -47.58 -18.45 -7.46
C LEU I 150 -46.41 -17.45 -7.48
N ILE I 151 -45.28 -17.92 -8.01
CA ILE I 151 -44.09 -17.11 -8.19
C ILE I 151 -43.83 -16.95 -9.70
N HIS I 152 -43.67 -15.70 -10.12
CA HIS I 152 -43.32 -15.36 -11.48
C HIS I 152 -41.92 -14.74 -11.49
N ALA I 153 -41.01 -15.36 -12.24
CA ALA I 153 -39.61 -14.94 -12.23
C ALA I 153 -39.37 -13.96 -13.37
N LEU I 154 -38.76 -12.82 -13.07
CA LEU I 154 -38.40 -11.84 -14.09
C LEU I 154 -36.94 -12.06 -14.50
N LEU I 155 -36.70 -12.25 -15.79
CA LEU I 155 -35.35 -12.40 -16.35
C LEU I 155 -34.71 -11.02 -16.59
N GLU I 156 -33.95 -10.53 -15.62
CA GLU I 156 -33.38 -9.18 -15.67
C GLU I 156 -31.84 -9.23 -15.63
N THR I 157 -31.23 -10.42 -15.55
CA THR I 157 -29.78 -10.50 -15.25
C THR I 157 -29.11 -11.60 -16.08
N ALA I 158 -27.81 -11.43 -16.31
CA ALA I 158 -27.00 -12.45 -16.97
C ALA I 158 -27.05 -13.75 -16.15
N GLN I 159 -26.82 -13.62 -14.85
CA GLN I 159 -26.88 -14.74 -13.93
C GLN I 159 -28.18 -15.53 -14.13
N GLY I 160 -29.29 -14.81 -14.24
CA GLY I 160 -30.61 -15.41 -14.36
C GLY I 160 -30.74 -16.24 -15.62
N MET I 161 -30.17 -15.76 -16.72
CA MET I 161 -30.23 -16.46 -18.01
C MET I 161 -29.43 -17.78 -17.94
N MET I 162 -28.31 -17.75 -17.22
CA MET I 162 -27.45 -18.92 -17.11
C MET I 162 -28.07 -19.95 -16.16
N ASN I 163 -28.77 -19.46 -15.13
CA ASN I 163 -29.37 -20.32 -14.08
C ASN I 163 -30.84 -20.62 -14.38
N LEU I 164 -31.28 -20.35 -15.62
CA LEU I 164 -32.69 -20.38 -15.96
C LEU I 164 -33.33 -21.75 -15.66
N GLU I 165 -32.64 -22.84 -16.02
CA GLU I 165 -33.21 -24.20 -15.84
C GLU I 165 -33.42 -24.49 -14.35
N ALA I 166 -32.53 -23.99 -13.51
CA ALA I 166 -32.55 -24.28 -12.09
C ALA I 166 -33.65 -23.45 -11.41
N ILE I 167 -33.81 -22.23 -11.90
CA ILE I 167 -34.89 -21.32 -11.43
C ILE I 167 -36.24 -21.93 -11.80
N ALA I 168 -36.34 -22.52 -12.98
CA ALA I 168 -37.61 -23.11 -13.45
C ALA I 168 -38.05 -24.28 -12.57
N GLY I 169 -37.13 -25.13 -12.15
CA GLY I 169 -37.49 -26.31 -11.33
C GLY I 169 -37.39 -26.05 -9.85
N ALA I 170 -37.13 -24.82 -9.44
CA ALA I 170 -36.94 -24.44 -8.03
C ALA I 170 -38.18 -24.69 -7.18
N SER I 171 -39.37 -24.43 -7.71
CA SER I 171 -40.57 -24.61 -6.86
C SER I 171 -41.79 -25.01 -7.68
N PRO I 172 -42.83 -25.47 -6.99
CA PRO I 172 -44.12 -25.79 -7.59
C PRO I 172 -44.96 -24.50 -7.71
N ARG I 173 -44.49 -23.42 -7.11
CA ARG I 173 -45.20 -22.11 -7.17
C ARG I 173 -44.78 -21.37 -8.46
N MET I 174 -43.80 -21.89 -9.19
CA MET I 174 -43.33 -21.24 -10.43
C MET I 174 -44.44 -21.21 -11.46
N HIS I 175 -44.73 -20.02 -11.98
CA HIS I 175 -45.78 -19.82 -13.01
C HIS I 175 -45.12 -19.65 -14.36
N GLY I 176 -44.08 -18.83 -14.43
CA GLY I 176 -43.34 -18.62 -15.67
C GLY I 176 -42.35 -17.47 -15.55
N PHE I 177 -41.89 -16.98 -16.70
CA PHE I 177 -40.92 -15.89 -16.75
C PHE I 177 -41.37 -14.80 -17.72
N SER I 178 -41.10 -13.56 -17.32
CA SER I 178 -41.16 -12.43 -18.23
C SER I 178 -39.73 -11.94 -18.50
N LEU I 179 -39.46 -11.65 -19.77
CA LEU I 179 -38.18 -11.08 -20.18
C LEU I 179 -38.17 -9.58 -19.88
N GLY I 180 -37.32 -9.14 -18.97
CA GLY I 180 -37.16 -7.72 -18.66
C GLY I 180 -35.96 -7.11 -19.39
N PRO I 181 -36.17 -6.53 -20.59
CA PRO I 181 -35.07 -6.18 -21.50
C PRO I 181 -34.20 -5.01 -21.05
N ALA I 182 -34.78 -4.01 -20.40
CA ALA I 182 -34.02 -2.85 -19.97
C ALA I 182 -32.94 -3.26 -18.96
N ASP I 183 -33.28 -4.20 -18.07
CA ASP I 183 -32.37 -4.61 -17.01
C ASP I 183 -31.42 -5.68 -17.54
N LEU I 184 -31.93 -6.55 -18.41
CA LEU I 184 -31.12 -7.59 -19.03
C LEU I 184 -30.03 -6.95 -19.89
N ALA I 185 -30.34 -5.84 -20.54
CA ALA I 185 -29.36 -5.11 -21.35
C ALA I 185 -28.30 -4.49 -20.44
N ALA I 186 -28.74 -3.81 -19.38
CA ALA I 186 -27.82 -3.19 -18.42
C ALA I 186 -26.86 -4.23 -17.83
N SER I 187 -27.43 -5.35 -17.39
CA SER I 187 -26.67 -6.46 -16.82
C SER I 187 -25.69 -7.03 -17.85
N ARG I 188 -26.20 -7.42 -19.03
CA ARG I 188 -25.37 -7.98 -20.12
C ARG I 188 -24.35 -6.96 -20.61
N GLY I 189 -24.67 -5.68 -20.50
CA GLY I 189 -23.87 -4.64 -21.09
C GLY I 189 -24.18 -4.46 -22.57
N MET I 190 -25.38 -4.88 -22.97
CA MET I 190 -25.90 -4.59 -24.30
C MET I 190 -25.97 -3.07 -24.45
N LYS I 191 -25.12 -2.53 -25.32
CA LYS I 191 -24.91 -1.09 -25.41
C LYS I 191 -26.10 -0.46 -26.15
N THR I 192 -27.23 -0.48 -25.47
CA THR I 192 -28.53 -0.06 -26.00
C THR I 192 -29.37 0.44 -24.82
N THR I 193 -29.91 1.66 -24.93
CA THR I 193 -30.80 2.20 -23.89
C THR I 193 -32.28 1.91 -24.25
N ARG I 194 -32.52 1.41 -25.47
CA ARG I 194 -33.87 1.05 -25.92
C ARG I 194 -34.43 -0.10 -25.06
N VAL I 195 -35.74 -0.06 -24.88
CA VAL I 195 -36.44 -0.99 -24.01
C VAL I 195 -37.21 -1.98 -24.89
N GLY I 196 -36.50 -2.96 -25.42
CA GLY I 196 -37.11 -4.12 -26.07
C GLY I 196 -37.37 -3.90 -27.56
N GLY I 197 -36.93 -2.77 -28.09
CA GLY I 197 -37.06 -2.55 -29.53
C GLY I 197 -35.92 -3.20 -30.28
N GLY I 198 -36.00 -3.17 -31.61
CA GLY I 198 -34.86 -3.45 -32.47
C GLY I 198 -33.76 -2.41 -32.29
N HIS I 199 -32.79 -2.41 -33.19
CA HIS I 199 -31.71 -1.44 -33.15
C HIS I 199 -31.11 -1.29 -34.55
N PRO I 200 -31.00 -0.05 -35.05
CA PRO I 200 -30.60 0.18 -36.44
C PRO I 200 -29.16 -0.25 -36.74
N PHE I 201 -28.32 -0.39 -35.73
CA PHE I 201 -26.90 -0.69 -35.92
C PHE I 201 -26.64 -2.20 -35.86
N TYR I 202 -27.53 -2.99 -35.28
CA TYR I 202 -27.33 -4.43 -35.23
C TYR I 202 -27.89 -5.06 -36.51
N GLY I 203 -27.00 -5.49 -37.42
CA GLY I 203 -27.45 -6.04 -38.71
C GLY I 203 -26.32 -6.63 -39.54
N VAL I 204 -26.69 -7.32 -40.61
CA VAL I 204 -25.75 -7.96 -41.52
C VAL I 204 -25.53 -7.04 -42.74
N LEU I 205 -24.28 -6.93 -43.18
CA LEU I 205 -23.92 -6.12 -44.35
C LEU I 205 -23.74 -7.04 -45.57
N ALA I 206 -24.50 -6.76 -46.63
CA ALA I 206 -24.40 -7.54 -47.87
C ALA I 206 -23.04 -7.30 -48.52
N ASP I 207 -22.56 -8.31 -49.25
CA ASP I 207 -21.27 -8.20 -49.94
C ASP I 207 -21.40 -7.21 -51.10
N PRO I 208 -20.26 -6.65 -51.57
CA PRO I 208 -20.26 -5.77 -52.74
C PRO I 208 -20.64 -6.57 -54.01
N GLN I 209 -21.49 -5.98 -54.85
CA GLN I 209 -21.95 -6.63 -56.08
C GLN I 209 -22.09 -5.59 -57.19
N GLU I 210 -22.14 -6.09 -58.44
CA GLU I 210 -22.48 -5.26 -59.62
C GLU I 210 -21.61 -3.98 -59.59
N GLY I 211 -22.25 -2.81 -59.64
CA GLY I 211 -21.58 -1.55 -59.32
C GLY I 211 -22.57 -0.65 -58.56
N GLN I 212 -23.16 -1.18 -57.50
CA GLN I 212 -24.20 -0.46 -56.75
C GLN I 212 -23.56 0.67 -55.92
N GLU I 213 -24.42 1.59 -55.49
CA GLU I 213 -23.98 2.80 -54.79
C GLU I 213 -23.83 2.49 -53.29
N HIS I 214 -24.70 1.61 -52.77
CA HIS I 214 -24.68 1.22 -51.36
C HIS I 214 -24.68 -0.31 -51.25
N ARG I 215 -24.21 -0.80 -50.12
CA ARG I 215 -24.33 -2.24 -49.82
C ARG I 215 -25.54 -2.33 -48.90
N PRO I 216 -26.53 -3.11 -49.25
CA PRO I 216 -27.73 -3.18 -48.41
C PRO I 216 -27.43 -3.75 -47.01
N PHE I 217 -28.17 -3.27 -46.02
CA PHE I 217 -27.91 -3.57 -44.62
C PHE I 217 -29.18 -4.15 -43.98
N TYR I 218 -29.14 -5.45 -43.63
CA TYR I 218 -30.33 -6.15 -43.14
C TYR I 218 -30.30 -6.25 -41.61
N GLN I 219 -31.14 -5.46 -40.94
CA GLN I 219 -31.22 -5.45 -39.47
C GLN I 219 -31.54 -6.86 -38.94
N GLN I 220 -31.16 -7.10 -37.69
CA GLN I 220 -31.32 -8.43 -37.07
C GLN I 220 -31.97 -8.26 -35.68
N ASP I 221 -32.62 -9.33 -35.24
CA ASP I 221 -33.28 -9.36 -33.93
C ASP I 221 -32.22 -9.52 -32.85
N LEU I 222 -32.37 -8.76 -31.77
CA LEU I 222 -31.42 -8.80 -30.66
C LEU I 222 -31.79 -9.90 -29.66
N TRP I 223 -33.08 -10.28 -29.61
CA TRP I 223 -33.58 -11.12 -28.50
C TRP I 223 -33.94 -12.53 -28.99
N HIS I 224 -33.47 -12.93 -30.16
CA HIS I 224 -33.81 -14.23 -30.70
C HIS I 224 -33.37 -15.35 -29.74
N TYR I 225 -32.07 -15.38 -29.42
CA TYR I 225 -31.49 -16.36 -28.50
C TYR I 225 -32.18 -16.27 -27.12
N THR I 226 -32.32 -15.04 -26.62
CA THR I 226 -32.87 -14.80 -25.27
C THR I 226 -34.28 -15.38 -25.12
N ILE I 227 -35.16 -15.06 -26.08
CA ILE I 227 -36.55 -15.50 -26.03
C ILE I 227 -36.65 -16.99 -26.39
N ALA I 228 -35.85 -17.43 -27.36
CA ALA I 228 -35.89 -18.83 -27.79
C ALA I 228 -35.48 -19.75 -26.62
N ARG I 229 -34.45 -19.32 -25.89
CA ARG I 229 -33.97 -20.09 -24.74
C ARG I 229 -35.05 -20.08 -23.65
N MET I 230 -35.60 -18.90 -23.36
CA MET I 230 -36.67 -18.77 -22.38
C MET I 230 -37.80 -19.77 -22.69
N VAL I 231 -38.25 -19.78 -23.93
CA VAL I 231 -39.40 -20.60 -24.32
C VAL I 231 -39.06 -22.08 -24.11
N ASP I 232 -37.93 -22.54 -24.64
CA ASP I 232 -37.56 -23.96 -24.51
C ASP I 232 -37.53 -24.35 -23.03
N VAL I 233 -36.98 -23.50 -22.17
CA VAL I 233 -36.84 -23.83 -20.75
C VAL I 233 -38.22 -23.79 -20.07
N ALA I 234 -38.87 -22.65 -20.15
CA ALA I 234 -40.21 -22.45 -19.56
C ALA I 234 -41.15 -23.59 -19.98
N VAL I 235 -41.19 -23.93 -21.26
CA VAL I 235 -42.20 -24.87 -21.76
C VAL I 235 -41.83 -26.29 -21.34
N ALA I 236 -40.55 -26.60 -21.24
CA ALA I 236 -40.11 -27.96 -20.84
C ALA I 236 -40.52 -28.23 -19.38
N HIS I 237 -40.62 -27.17 -18.58
CA HIS I 237 -40.97 -27.26 -17.16
C HIS I 237 -42.48 -27.12 -16.97
N GLY I 238 -43.24 -26.98 -18.06
CA GLY I 238 -44.68 -26.79 -18.00
C GLY I 238 -45.04 -25.36 -17.60
N LEU I 239 -44.11 -24.42 -17.79
CA LEU I 239 -44.34 -23.01 -17.49
C LEU I 239 -44.65 -22.27 -18.79
N ARG I 240 -45.07 -21.02 -18.66
CA ARG I 240 -45.42 -20.20 -19.82
C ARG I 240 -44.43 -19.04 -19.90
N ALA I 241 -44.00 -18.71 -21.11
CA ALA I 241 -43.02 -17.65 -21.35
C ALA I 241 -43.74 -16.37 -21.77
N PHE I 242 -43.26 -15.23 -21.28
CA PHE I 242 -43.91 -13.95 -21.57
C PHE I 242 -42.86 -12.91 -21.99
N TYR I 243 -43.14 -12.18 -23.05
CA TYR I 243 -42.39 -10.95 -23.31
C TYR I 243 -42.80 -9.91 -22.26
N GLY I 244 -41.87 -9.02 -21.91
CA GLY I 244 -42.09 -8.01 -20.88
C GLY I 244 -42.55 -6.69 -21.47
N PRO I 245 -42.01 -5.56 -20.95
CA PRO I 245 -42.41 -4.20 -21.35
C PRO I 245 -41.94 -3.79 -22.75
N PHE I 246 -42.68 -2.86 -23.35
CA PHE I 246 -42.24 -2.12 -24.55
C PHE I 246 -42.24 -0.62 -24.23
N GLY I 247 -41.08 0.01 -24.42
CA GLY I 247 -40.87 1.39 -23.98
C GLY I 247 -41.55 2.40 -24.88
N ASP I 248 -41.37 2.23 -26.20
CA ASP I 248 -41.94 3.16 -27.19
C ASP I 248 -43.45 2.91 -27.29
N ILE I 249 -44.19 3.52 -26.38
CA ILE I 249 -45.65 3.36 -26.32
C ILE I 249 -46.28 4.08 -27.51
N LYS I 250 -45.66 5.17 -27.99
CA LYS I 250 -46.18 5.95 -29.11
C LYS I 250 -46.01 5.21 -30.43
N ASP I 251 -45.07 4.26 -30.50
CA ASP I 251 -44.87 3.46 -31.72
C ASP I 251 -45.68 2.16 -31.59
N GLU I 252 -46.94 2.21 -32.01
CA GLU I 252 -47.85 1.06 -31.91
C GLU I 252 -47.48 -0.02 -32.95
N ALA I 253 -46.88 0.41 -34.06
CA ALA I 253 -46.50 -0.53 -35.13
C ALA I 253 -45.29 -1.36 -34.70
N ALA I 254 -44.33 -0.72 -34.02
CA ALA I 254 -43.13 -1.41 -33.54
C ALA I 254 -43.51 -2.35 -32.40
N CYS I 255 -44.25 -1.81 -31.43
CA CYS I 255 -44.78 -2.59 -30.31
C CYS I 255 -45.47 -3.87 -30.82
N GLU I 256 -46.32 -3.71 -31.82
CA GLU I 256 -47.06 -4.83 -32.41
C GLU I 256 -46.08 -5.85 -32.98
N ALA I 257 -45.05 -5.38 -33.69
CA ALA I 257 -44.08 -6.26 -34.35
C ALA I 257 -43.25 -7.03 -33.31
N GLN I 258 -42.87 -6.36 -32.23
CA GLN I 258 -42.07 -6.98 -31.17
C GLN I 258 -42.95 -7.94 -30.36
N PHE I 259 -44.17 -7.51 -30.02
CA PHE I 259 -45.15 -8.40 -29.41
C PHE I 259 -45.39 -9.61 -30.32
N ARG I 260 -45.47 -9.39 -31.63
CA ARG I 260 -45.72 -10.47 -32.60
C ARG I 260 -44.51 -11.42 -32.67
N ASN I 261 -43.29 -10.88 -32.59
CA ASN I 261 -42.08 -11.71 -32.61
C ASN I 261 -42.14 -12.73 -31.45
N ALA I 262 -42.44 -12.23 -30.25
CA ALA I 262 -42.59 -13.07 -29.05
C ALA I 262 -43.59 -14.20 -29.31
N PHE I 263 -44.84 -13.82 -29.59
CA PHE I 263 -45.94 -14.76 -29.79
C PHE I 263 -45.55 -15.87 -30.78
N LEU I 264 -44.84 -15.52 -31.85
CA LEU I 264 -44.50 -16.50 -32.89
C LEU I 264 -43.45 -17.50 -32.36
N LEU I 265 -42.66 -17.09 -31.38
CA LEU I 265 -41.59 -17.92 -30.82
C LEU I 265 -42.13 -18.83 -29.71
N GLY I 266 -43.30 -18.50 -29.14
CA GLY I 266 -43.94 -19.37 -28.13
C GLY I 266 -44.39 -18.62 -26.88
N CYS I 267 -44.27 -17.30 -26.83
CA CYS I 267 -44.69 -16.57 -25.63
C CYS I 267 -46.22 -16.51 -25.56
N THR I 268 -46.73 -16.47 -24.33
CA THR I 268 -48.17 -16.58 -24.05
C THR I 268 -48.81 -15.19 -24.09
N GLY I 269 -48.10 -14.18 -23.57
CA GLY I 269 -48.62 -12.83 -23.46
C GLY I 269 -47.51 -11.80 -23.38
N ALA I 270 -47.87 -10.53 -23.22
CA ALA I 270 -46.89 -9.44 -23.10
C ALA I 270 -47.37 -8.44 -22.06
N TRP I 271 -46.52 -7.47 -21.74
CA TRP I 271 -46.86 -6.44 -20.75
C TRP I 271 -47.61 -5.28 -21.42
N SER I 272 -48.29 -4.49 -20.59
CA SER I 272 -48.94 -3.24 -20.99
C SER I 272 -48.58 -2.15 -19.98
N LEU I 273 -47.92 -1.09 -20.47
CA LEU I 273 -47.44 0.01 -19.63
C LEU I 273 -48.41 1.21 -19.72
N ALA I 274 -49.17 1.29 -20.81
CA ALA I 274 -50.14 2.37 -20.99
C ALA I 274 -51.34 1.84 -21.79
N PRO I 275 -52.52 2.47 -21.64
CA PRO I 275 -53.81 1.95 -22.13
C PRO I 275 -53.81 1.46 -23.59
N ASN I 276 -53.07 2.15 -24.46
CA ASN I 276 -53.14 1.89 -25.90
C ASN I 276 -52.52 0.53 -26.26
N GLN I 277 -51.77 -0.08 -25.35
CA GLN I 277 -51.08 -1.35 -25.65
C GLN I 277 -51.98 -2.55 -25.31
N ILE I 278 -53.03 -2.33 -24.50
CA ILE I 278 -53.95 -3.41 -24.09
C ILE I 278 -54.55 -4.08 -25.34
N PRO I 279 -55.08 -3.28 -26.29
CA PRO I 279 -55.58 -3.87 -27.54
C PRO I 279 -54.49 -4.59 -28.35
N ILE I 280 -53.28 -4.05 -28.39
CA ILE I 280 -52.21 -4.65 -29.21
C ILE I 280 -51.81 -6.00 -28.62
N ALA I 281 -51.74 -6.06 -27.29
CA ALA I 281 -51.41 -7.29 -26.59
C ALA I 281 -52.53 -8.33 -26.82
N LYS I 282 -53.77 -7.95 -26.52
CA LYS I 282 -54.90 -8.89 -26.61
C LYS I 282 -55.02 -9.46 -28.03
N ARG I 283 -54.75 -8.62 -29.03
CA ARG I 283 -54.99 -8.96 -30.43
C ARG I 283 -54.03 -10.06 -30.89
N VAL I 284 -52.72 -9.78 -30.82
CA VAL I 284 -51.71 -10.67 -31.39
C VAL I 284 -51.62 -11.98 -30.60
N PHE I 285 -51.76 -11.90 -29.28
CA PHE I 285 -51.45 -13.07 -28.43
C PHE I 285 -52.63 -14.05 -28.36
N SER I 286 -53.80 -13.66 -28.85
CA SER I 286 -54.95 -14.57 -28.87
C SER I 286 -54.60 -15.86 -29.63
N PRO I 287 -54.97 -17.03 -29.06
CA PRO I 287 -54.64 -18.33 -29.65
C PRO I 287 -54.92 -18.45 -31.16
N ASP I 288 -54.08 -19.24 -31.83
CA ASP I 288 -54.24 -19.51 -33.26
C ASP I 288 -55.50 -20.37 -33.47
N VAL I 289 -56.23 -20.10 -34.55
CA VAL I 289 -57.53 -20.74 -34.78
C VAL I 289 -57.33 -22.19 -35.24
N ASN I 290 -56.42 -22.39 -36.20
CA ASN I 290 -56.19 -23.71 -36.79
C ASN I 290 -55.70 -24.69 -35.71
N GLU I 291 -55.05 -24.16 -34.68
CA GLU I 291 -54.59 -24.94 -33.53
C GLU I 291 -55.80 -25.34 -32.67
N VAL I 292 -56.65 -24.37 -32.34
CA VAL I 292 -57.81 -24.61 -31.48
C VAL I 292 -58.73 -25.67 -32.12
N LEU I 293 -58.89 -25.61 -33.44
CA LEU I 293 -59.80 -26.53 -34.14
C LEU I 293 -59.18 -27.94 -34.19
N PHE I 294 -57.86 -28.01 -34.34
CA PHE I 294 -57.16 -29.29 -34.31
C PHE I 294 -57.33 -29.93 -32.92
N ALA I 295 -57.32 -29.11 -31.88
CA ALA I 295 -57.48 -29.61 -30.52
C ALA I 295 -58.87 -30.23 -30.36
N LYS I 296 -59.91 -29.54 -30.83
CA LYS I 296 -61.28 -30.03 -30.75
C LYS I 296 -61.39 -31.38 -31.47
N ARG I 297 -60.65 -31.54 -32.56
CA ARG I 297 -60.62 -32.81 -33.28
C ARG I 297 -60.00 -33.90 -32.40
N ILE I 298 -58.95 -33.56 -31.64
CA ILE I 298 -58.31 -34.53 -30.73
C ILE I 298 -59.32 -34.92 -29.64
N LEU I 299 -60.02 -33.94 -29.07
CA LEU I 299 -60.97 -34.17 -27.98
C LEU I 299 -62.07 -35.17 -28.41
N ASP I 300 -62.62 -34.98 -29.61
CA ASP I 300 -63.78 -35.75 -30.06
C ASP I 300 -63.35 -37.06 -30.74
N ALA I 301 -62.06 -37.24 -30.99
CA ALA I 301 -61.54 -38.54 -31.45
C ALA I 301 -61.10 -39.39 -30.24
N MET I 302 -61.22 -38.84 -29.03
CA MET I 302 -60.88 -39.55 -27.79
C MET I 302 -61.83 -39.09 -26.68
N PRO I 303 -63.09 -39.59 -26.71
CA PRO I 303 -64.16 -39.12 -25.83
C PRO I 303 -63.73 -38.86 -24.38
N ASP I 304 -63.24 -39.89 -23.69
CA ASP I 304 -62.90 -39.77 -22.26
C ASP I 304 -61.49 -39.17 -22.11
N GLY I 305 -60.63 -39.43 -23.09
CA GLY I 305 -59.25 -38.92 -23.08
C GLY I 305 -58.24 -40.05 -22.88
N SER I 306 -58.41 -41.13 -23.65
CA SER I 306 -57.62 -42.34 -23.47
C SER I 306 -57.48 -43.07 -24.80
N GLY I 307 -56.53 -44.00 -24.85
CA GLY I 307 -56.30 -44.83 -26.02
C GLY I 307 -55.33 -44.18 -27.00
N VAL I 308 -55.42 -44.62 -28.25
CA VAL I 308 -54.54 -44.17 -29.32
C VAL I 308 -55.39 -43.82 -30.55
N ALA I 309 -55.13 -42.67 -31.15
CA ALA I 309 -55.81 -42.20 -32.36
C ALA I 309 -54.77 -41.72 -33.38
N MET I 310 -55.24 -41.19 -34.50
CA MET I 310 -54.36 -40.58 -35.51
C MET I 310 -55.15 -39.51 -36.29
N ILE I 311 -54.55 -38.33 -36.41
CA ILE I 311 -55.21 -37.17 -37.00
C ILE I 311 -54.24 -36.51 -37.99
N ASP I 312 -54.57 -36.60 -39.28
CA ASP I 312 -53.71 -36.09 -40.35
C ASP I 312 -52.35 -36.80 -40.28
N GLY I 313 -52.36 -38.08 -39.92
CA GLY I 313 -51.17 -38.93 -40.00
C GLY I 313 -50.35 -38.96 -38.72
N LYS I 314 -50.72 -38.20 -37.67
CA LYS I 314 -49.89 -38.12 -36.46
C LYS I 314 -50.63 -38.70 -35.25
N MET I 315 -49.92 -39.53 -34.48
CA MET I 315 -50.48 -40.26 -33.34
C MET I 315 -50.92 -39.29 -32.25
N GLN I 316 -51.94 -39.67 -31.49
CA GLN I 316 -52.45 -38.88 -30.36
C GLN I 316 -52.45 -39.76 -29.09
N ASP I 317 -52.49 -39.12 -27.93
CA ASP I 317 -52.30 -39.83 -26.65
C ASP I 317 -52.75 -38.95 -25.47
N ASP I 318 -52.39 -39.36 -24.25
CA ASP I 318 -52.72 -38.64 -23.02
C ASP I 318 -52.06 -37.25 -23.02
N ALA I 319 -50.85 -37.16 -23.56
CA ALA I 319 -50.13 -35.88 -23.62
C ALA I 319 -50.86 -34.91 -24.55
N THR I 320 -51.12 -35.33 -25.80
CA THR I 320 -51.78 -34.46 -26.79
C THR I 320 -53.17 -34.07 -26.29
N TRP I 321 -53.88 -35.00 -25.63
CA TRP I 321 -55.25 -34.75 -25.15
C TRP I 321 -55.24 -33.73 -24.00
N LYS I 322 -54.21 -33.77 -23.16
CA LYS I 322 -54.03 -32.77 -22.10
C LYS I 322 -53.78 -31.40 -22.74
N GLN I 323 -52.88 -31.37 -23.72
CA GLN I 323 -52.54 -30.13 -24.42
C GLN I 323 -53.82 -29.57 -25.06
N ALA I 324 -54.58 -30.46 -25.70
CA ALA I 324 -55.80 -30.09 -26.39
C ALA I 324 -56.82 -29.51 -25.39
N LYS I 325 -57.04 -30.22 -24.29
CA LYS I 325 -58.04 -29.77 -23.30
C LYS I 325 -57.60 -28.43 -22.69
N VAL I 326 -56.30 -28.15 -22.68
CA VAL I 326 -55.78 -26.86 -22.19
C VAL I 326 -56.15 -25.74 -23.16
N ILE I 327 -55.78 -25.91 -24.43
CA ILE I 327 -55.96 -24.85 -25.44
C ILE I 327 -57.46 -24.60 -25.65
N VAL I 328 -58.26 -25.66 -25.67
CA VAL I 328 -59.71 -25.55 -25.87
C VAL I 328 -60.33 -24.84 -24.66
N ASP I 329 -59.90 -25.19 -23.45
CA ASP I 329 -60.39 -24.54 -22.23
C ASP I 329 -59.94 -23.07 -22.21
N LEU I 330 -58.73 -22.80 -22.73
CA LEU I 330 -58.22 -21.43 -22.81
C LEU I 330 -59.07 -20.63 -23.80
N ALA I 331 -59.46 -21.25 -24.92
CA ALA I 331 -60.28 -20.56 -25.93
C ALA I 331 -61.68 -20.27 -25.39
N ARG I 332 -62.24 -21.20 -24.63
CA ARG I 332 -63.61 -21.05 -24.08
C ARG I 332 -63.70 -19.78 -23.20
N MET I 333 -62.64 -19.44 -22.47
CA MET I 333 -62.69 -18.32 -21.51
C MET I 333 -62.37 -17.00 -22.25
N ILE I 334 -61.95 -17.10 -23.50
CA ILE I 334 -61.71 -15.93 -24.36
C ILE I 334 -63.05 -15.46 -24.92
N ALA I 335 -63.87 -16.42 -25.34
CA ALA I 335 -65.20 -16.16 -25.91
C ALA I 335 -66.11 -15.48 -24.87
N LYS I 336 -65.95 -15.83 -23.60
CA LYS I 336 -66.83 -15.36 -22.52
C LYS I 336 -66.48 -13.91 -22.12
N LYS I 337 -65.52 -13.26 -22.79
CA LYS I 337 -65.19 -11.86 -22.47
C LYS I 337 -65.02 -11.02 -23.75
N ASP I 338 -65.31 -11.58 -24.93
CA ASP I 338 -65.22 -10.81 -26.18
C ASP I 338 -66.05 -11.52 -27.25
N PRO I 339 -66.90 -10.75 -27.98
CA PRO I 339 -67.81 -11.35 -28.96
C PRO I 339 -67.13 -11.74 -30.29
N GLU I 340 -66.18 -10.94 -30.73
CA GLU I 340 -65.57 -11.06 -32.07
C GLU I 340 -65.00 -12.48 -32.24
N LEU I 341 -63.96 -12.79 -31.48
CA LEU I 341 -63.21 -14.06 -31.63
C LEU I 341 -63.99 -15.23 -31.04
N ALA I 342 -65.07 -14.96 -30.31
CA ALA I 342 -65.93 -16.01 -29.73
C ALA I 342 -66.38 -17.01 -30.81
N GLN I 343 -66.79 -16.51 -31.98
CA GLN I 343 -67.25 -17.39 -33.07
C GLN I 343 -66.08 -17.83 -33.94
N ALA I 344 -64.99 -17.05 -33.97
CA ALA I 344 -63.80 -17.44 -34.72
C ALA I 344 -63.34 -18.85 -34.29
N TYR I 345 -63.32 -19.09 -32.98
CA TYR I 345 -62.92 -20.38 -32.43
C TYR I 345 -64.05 -21.39 -32.68
N MET J 1 -23.39 -39.62 -17.30
CA MET J 1 -24.00 -40.62 -16.37
C MET J 1 -23.16 -41.91 -16.37
N LYS J 2 -22.91 -42.47 -17.56
CA LYS J 2 -22.21 -43.76 -17.68
C LYS J 2 -20.71 -43.52 -17.82
N LEU J 3 -19.89 -44.29 -17.09
CA LEU J 3 -18.43 -44.06 -17.06
C LEU J 3 -17.79 -44.54 -18.36
N PRO J 4 -16.67 -43.91 -18.76
CA PRO J 4 -15.98 -44.23 -20.02
C PRO J 4 -15.58 -45.71 -20.13
N ILE J 5 -15.13 -46.32 -19.02
CA ILE J 5 -14.67 -47.72 -19.02
C ILE J 5 -15.86 -48.66 -19.28
N HIS J 6 -17.06 -48.30 -18.82
CA HIS J 6 -18.29 -49.11 -19.00
C HIS J 6 -19.06 -48.69 -20.26
N PHE J 7 -18.87 -47.46 -20.74
CA PHE J 7 -19.65 -46.87 -21.85
C PHE J 7 -19.60 -47.78 -23.08
N TYR J 8 -18.43 -48.33 -23.40
CA TYR J 8 -18.21 -49.02 -24.68
C TYR J 8 -18.38 -50.54 -24.56
N LYS J 9 -19.03 -51.01 -23.48
CA LYS J 9 -19.29 -52.45 -23.30
C LYS J 9 -20.67 -52.80 -23.87
N PRO J 10 -20.84 -54.04 -24.39
CA PRO J 10 -22.15 -54.54 -24.82
C PRO J 10 -23.13 -54.66 -23.64
N LEU J 11 -24.41 -54.38 -23.86
CA LEU J 11 -25.41 -54.43 -22.79
C LEU J 11 -26.15 -55.78 -22.77
N ALA J 12 -25.62 -56.80 -23.46
CA ALA J 12 -26.19 -58.15 -23.40
C ALA J 12 -25.16 -59.16 -23.92
N ALA J 13 -25.05 -60.29 -23.23
CA ALA J 13 -24.07 -61.32 -23.58
C ALA J 13 -24.46 -61.93 -24.94
N GLY J 14 -23.61 -61.70 -25.94
CA GLY J 14 -23.90 -62.08 -27.32
C GLY J 14 -23.94 -60.86 -28.25
N ALA J 15 -24.40 -59.72 -27.72
CA ALA J 15 -24.51 -58.48 -28.50
C ALA J 15 -23.15 -58.11 -29.07
N PRO J 16 -23.13 -57.37 -30.20
CA PRO J 16 -21.88 -57.00 -30.86
C PRO J 16 -21.21 -55.81 -30.16
N GLN J 17 -19.87 -55.78 -30.20
CA GLN J 17 -19.08 -54.72 -29.56
C GLN J 17 -19.53 -53.37 -30.12
N PRO J 18 -19.94 -52.43 -29.23
CA PRO J 18 -20.37 -51.09 -29.68
C PRO J 18 -19.25 -50.36 -30.46
N ILE J 19 -19.65 -49.39 -31.28
CA ILE J 19 -18.69 -48.66 -32.12
C ILE J 19 -17.97 -47.61 -31.26
N ARG J 20 -16.89 -47.07 -31.80
CA ARG J 20 -16.13 -45.99 -31.15
C ARG J 20 -16.26 -44.71 -31.99
N GLU J 21 -15.95 -44.80 -33.28
CA GLU J 21 -16.20 -43.70 -34.24
C GLU J 21 -17.43 -44.04 -35.09
N LEU J 22 -18.19 -43.02 -35.50
CA LEU J 22 -19.28 -43.18 -36.46
C LEU J 22 -18.71 -43.61 -37.82
N PRO J 23 -19.34 -44.61 -38.48
CA PRO J 23 -18.92 -44.98 -39.82
C PRO J 23 -19.00 -43.79 -40.78
N VAL J 24 -17.98 -43.59 -41.61
CA VAL J 24 -18.00 -42.53 -42.60
C VAL J 24 -18.71 -43.07 -43.85
N ARG J 25 -19.74 -42.33 -44.27
CA ARG J 25 -20.61 -42.72 -45.38
C ARG J 25 -21.42 -41.49 -45.79
N PRO J 26 -21.69 -41.31 -47.10
CA PRO J 26 -22.55 -40.19 -47.51
C PRO J 26 -23.92 -40.26 -46.85
N GLU J 27 -24.40 -39.12 -46.36
CA GLU J 27 -25.70 -39.04 -45.70
C GLU J 27 -26.33 -37.67 -46.02
N ARG J 28 -26.24 -37.27 -47.29
CA ARG J 28 -26.66 -35.94 -47.73
C ARG J 28 -28.20 -35.85 -47.76
N VAL J 29 -28.84 -36.95 -48.13
CA VAL J 29 -30.31 -37.01 -48.24
C VAL J 29 -30.81 -38.30 -47.56
N ILE J 30 -31.81 -38.14 -46.70
CA ILE J 30 -32.47 -39.28 -46.02
C ILE J 30 -33.86 -39.48 -46.64
N HIS J 31 -33.99 -40.47 -47.54
CA HIS J 31 -35.19 -40.60 -48.40
C HIS J 31 -36.25 -41.48 -47.73
N PHE J 32 -37.40 -40.87 -47.42
CA PHE J 32 -38.50 -41.56 -46.76
C PHE J 32 -39.39 -42.27 -47.78
N PHE J 33 -39.91 -43.44 -47.38
CA PHE J 33 -40.84 -44.19 -48.20
C PHE J 33 -41.78 -45.00 -47.31
N PRO J 34 -43.10 -44.96 -47.60
CA PRO J 34 -44.07 -45.83 -46.94
C PRO J 34 -43.97 -47.26 -47.50
N PRO J 35 -43.54 -48.22 -46.68
CA PRO J 35 -43.30 -49.58 -47.14
C PRO J 35 -44.58 -50.42 -47.34
N HIS J 36 -45.71 -49.96 -46.79
CA HIS J 36 -46.99 -50.66 -46.99
C HIS J 36 -47.50 -50.48 -48.43
N VAL J 37 -47.20 -49.33 -49.06
CA VAL J 37 -47.66 -49.07 -50.43
C VAL J 37 -46.90 -49.99 -51.39
N GLU J 38 -47.64 -50.70 -52.23
CA GLU J 38 -47.10 -51.78 -53.07
C GLU J 38 -46.27 -51.20 -54.21
N LYS J 39 -46.77 -50.10 -54.80
CA LYS J 39 -46.13 -49.48 -55.97
C LYS J 39 -44.73 -48.96 -55.56
N ILE J 40 -44.69 -48.19 -54.48
CA ILE J 40 -43.45 -47.63 -53.95
C ILE J 40 -42.48 -48.78 -53.60
N ARG J 41 -42.99 -49.86 -53.01
CA ARG J 41 -42.15 -50.99 -52.58
C ARG J 41 -41.49 -51.67 -53.80
N ALA J 42 -42.14 -51.59 -54.95
CA ALA J 42 -41.65 -52.23 -56.18
C ALA J 42 -40.48 -51.43 -56.78
N ARG J 43 -40.47 -50.11 -56.60
CA ARG J 43 -39.49 -49.23 -57.27
C ARG J 43 -38.23 -49.06 -56.40
N ILE J 44 -38.23 -49.57 -55.16
CA ILE J 44 -37.13 -49.30 -54.21
C ILE J 44 -35.78 -49.66 -54.83
N PRO J 45 -35.63 -50.87 -55.42
CA PRO J 45 -34.31 -51.26 -55.93
C PRO J 45 -33.66 -50.23 -56.88
N GLU J 46 -34.49 -49.48 -57.62
CA GLU J 46 -33.99 -48.50 -58.57
C GLU J 46 -33.83 -47.14 -57.89
N VAL J 47 -34.78 -46.76 -57.02
CA VAL J 47 -34.72 -45.46 -56.32
C VAL J 47 -33.52 -45.45 -55.35
N ALA J 48 -33.10 -46.63 -54.88
CA ALA J 48 -31.98 -46.75 -53.94
C ALA J 48 -30.68 -46.21 -54.56
N LYS J 49 -30.54 -46.31 -55.88
CA LYS J 49 -29.32 -45.87 -56.58
C LYS J 49 -29.26 -44.33 -56.63
N GLN J 50 -30.40 -43.66 -56.46
CA GLN J 50 -30.47 -42.21 -56.63
C GLN J 50 -30.29 -41.50 -55.27
N VAL J 51 -29.96 -42.24 -54.21
CA VAL J 51 -29.91 -41.65 -52.86
C VAL J 51 -28.74 -42.25 -52.06
N ASP J 52 -28.44 -41.59 -50.95
CA ASP J 52 -27.42 -42.04 -50.02
C ASP J 52 -28.05 -42.89 -48.92
N VAL J 53 -29.19 -42.42 -48.39
CA VAL J 53 -29.84 -43.14 -47.30
C VAL J 53 -31.32 -43.31 -47.62
N LEU J 54 -31.79 -44.54 -47.43
CA LEU J 54 -33.21 -44.89 -47.54
C LEU J 54 -33.74 -45.16 -46.12
N CYS J 55 -34.80 -44.44 -45.71
CA CYS J 55 -35.38 -44.66 -44.39
C CYS J 55 -36.81 -45.16 -44.54
N GLY J 56 -37.03 -46.40 -44.11
CA GLY J 56 -38.37 -46.91 -43.91
C GLY J 56 -39.12 -46.07 -42.89
N ASN J 57 -40.40 -45.85 -43.12
CA ASN J 57 -41.21 -45.09 -42.19
C ASN J 57 -42.36 -45.98 -41.70
N LEU J 58 -42.55 -46.00 -40.38
CA LEU J 58 -43.63 -46.75 -39.72
C LEU J 58 -44.47 -45.83 -38.83
N GLU J 59 -44.19 -44.52 -38.84
CA GLU J 59 -44.83 -43.63 -37.86
C GLU J 59 -45.79 -42.68 -38.59
N ASP J 60 -45.32 -41.51 -39.02
CA ASP J 60 -46.23 -40.46 -39.51
C ASP J 60 -46.61 -40.76 -40.95
N ALA J 61 -47.86 -40.40 -41.29
CA ALA J 61 -48.47 -40.68 -42.60
C ALA J 61 -48.57 -42.19 -42.84
N ILE J 62 -48.42 -42.99 -41.79
CA ILE J 62 -48.70 -44.42 -41.86
C ILE J 62 -50.02 -44.66 -41.12
N PRO J 63 -51.06 -45.14 -41.82
CA PRO J 63 -52.35 -45.44 -41.20
C PRO J 63 -52.22 -46.36 -39.98
N ILE J 64 -53.09 -46.17 -39.00
CA ILE J 64 -53.11 -47.05 -37.84
C ILE J 64 -53.21 -48.51 -38.30
N ASP J 65 -53.99 -48.79 -39.34
CA ASP J 65 -54.25 -50.17 -39.75
C ASP J 65 -53.20 -50.62 -40.78
N ALA J 66 -52.31 -49.73 -41.20
CA ALA J 66 -51.24 -50.07 -42.16
C ALA J 66 -49.94 -50.41 -41.42
N LYS J 67 -49.90 -50.15 -40.11
CA LYS J 67 -48.67 -50.31 -39.32
C LYS J 67 -48.09 -51.71 -39.51
N GLU J 68 -48.97 -52.72 -39.50
CA GLU J 68 -48.57 -54.12 -39.53
C GLU J 68 -48.11 -54.48 -40.96
N ALA J 69 -48.77 -53.89 -41.96
CA ALA J 69 -48.39 -54.10 -43.36
C ALA J 69 -47.13 -53.30 -43.71
N ALA J 70 -46.97 -52.13 -43.08
CA ALA J 70 -45.74 -51.32 -43.22
C ALA J 70 -44.55 -52.07 -42.60
N ARG J 71 -44.73 -52.57 -41.39
CA ARG J 71 -43.72 -53.39 -40.72
C ARG J 71 -43.34 -54.57 -41.63
N ALA J 72 -44.36 -55.30 -42.08
CA ALA J 72 -44.18 -56.50 -42.92
C ALA J 72 -43.56 -56.12 -44.27
N GLY J 73 -44.11 -55.07 -44.89
CA GLY J 73 -43.59 -54.56 -46.16
C GLY J 73 -42.13 -54.15 -46.05
N PHE J 74 -41.80 -53.43 -44.98
CA PHE J 74 -40.43 -53.00 -44.74
C PHE J 74 -39.49 -54.21 -44.70
N ILE J 75 -39.91 -55.27 -44.02
CA ILE J 75 -39.06 -56.46 -43.88
C ILE J 75 -38.90 -57.14 -45.25
N GLU J 76 -39.95 -57.14 -46.07
CA GLU J 76 -39.89 -57.72 -47.42
C GLU J 76 -38.80 -57.01 -48.23
N VAL J 77 -38.95 -55.69 -48.43
CA VAL J 77 -38.02 -54.92 -49.25
C VAL J 77 -36.60 -55.02 -48.67
N ALA J 78 -36.50 -55.03 -47.35
CA ALA J 78 -35.21 -55.07 -46.67
C ALA J 78 -34.45 -56.35 -47.01
N ARG J 79 -35.17 -57.47 -47.06
CA ARG J 79 -34.52 -58.77 -47.28
C ARG J 79 -34.17 -58.93 -48.76
N ASN J 80 -35.10 -58.57 -49.65
CA ASN J 80 -34.98 -58.88 -51.08
C ASN J 80 -33.96 -57.94 -51.76
N THR J 81 -34.00 -56.65 -51.39
CA THR J 81 -33.21 -55.64 -52.08
C THR J 81 -31.73 -55.73 -51.70
N ASP J 82 -30.87 -55.44 -52.68
CA ASP J 82 -29.46 -55.22 -52.44
C ASP J 82 -29.20 -53.71 -52.52
N PHE J 83 -28.82 -53.13 -51.38
CA PHE J 83 -28.69 -51.68 -51.24
C PHE J 83 -27.28 -51.22 -51.63
N GLY J 84 -26.30 -52.12 -51.54
CA GLY J 84 -24.91 -51.78 -51.84
C GLY J 84 -24.40 -50.65 -50.98
N ASP J 85 -24.19 -49.48 -51.62
CA ASP J 85 -23.60 -48.31 -50.96
C ASP J 85 -24.67 -47.56 -50.17
N THR J 86 -25.94 -47.76 -50.49
CA THR J 86 -27.02 -47.03 -49.84
C THR J 86 -27.25 -47.61 -48.44
N ALA J 87 -27.42 -46.73 -47.46
CA ALA J 87 -27.71 -47.14 -46.08
C ALA J 87 -29.21 -47.37 -45.93
N LEU J 88 -29.57 -48.28 -45.04
CA LEU J 88 -30.97 -48.60 -44.77
C LEU J 88 -31.32 -48.14 -43.34
N TRP J 89 -32.27 -47.21 -43.24
CA TRP J 89 -32.76 -46.71 -41.95
C TRP J 89 -34.22 -47.14 -41.76
N VAL J 90 -34.79 -46.80 -40.59
CA VAL J 90 -36.22 -47.01 -40.32
C VAL J 90 -36.63 -46.12 -39.15
N ARG J 91 -37.71 -45.36 -39.30
CA ARG J 91 -38.29 -44.61 -38.19
C ARG J 91 -39.45 -45.41 -37.58
N VAL J 92 -39.19 -46.05 -36.45
CA VAL J 92 -40.20 -46.83 -35.74
C VAL J 92 -41.13 -45.86 -35.00
N ASN J 93 -42.16 -46.38 -34.33
CA ASN J 93 -43.21 -45.54 -33.75
C ASN J 93 -42.73 -45.00 -32.39
N ALA J 94 -43.50 -44.06 -31.86
CA ALA J 94 -43.17 -43.42 -30.59
C ALA J 94 -42.91 -44.49 -29.52
N LEU J 95 -42.21 -44.10 -28.45
CA LEU J 95 -41.83 -45.04 -27.40
C LEU J 95 -43.03 -45.34 -26.51
N ASN J 96 -44.06 -44.49 -26.55
CA ASN J 96 -45.26 -44.70 -25.76
C ASN J 96 -46.35 -45.33 -26.64
N SER J 97 -45.98 -45.96 -27.75
CA SER J 97 -46.94 -46.49 -28.73
C SER J 97 -47.07 -48.01 -28.57
N PRO J 98 -48.20 -48.58 -29.02
CA PRO J 98 -48.40 -50.04 -28.99
C PRO J 98 -47.75 -50.82 -30.14
N TRP J 99 -47.10 -50.15 -31.10
CA TRP J 99 -46.50 -50.84 -32.27
C TRP J 99 -44.97 -50.97 -32.13
N VAL J 100 -44.36 -50.15 -31.26
CA VAL J 100 -42.90 -49.98 -31.22
C VAL J 100 -42.20 -51.28 -30.79
N LEU J 101 -42.73 -52.01 -29.81
CA LEU J 101 -42.06 -53.21 -29.31
C LEU J 101 -41.88 -54.22 -30.45
N ASP J 102 -42.94 -54.41 -31.24
CA ASP J 102 -42.90 -55.39 -32.34
C ASP J 102 -42.12 -54.80 -33.53
N ASP J 103 -42.32 -53.50 -33.81
CA ASP J 103 -41.50 -52.78 -34.82
C ASP J 103 -40.03 -53.19 -34.66
N ILE J 104 -39.47 -52.90 -33.50
CA ILE J 104 -38.04 -53.17 -33.23
C ILE J 104 -37.80 -54.68 -33.28
N ALA J 105 -38.59 -55.43 -32.51
CA ALA J 105 -38.39 -56.88 -32.34
C ALA J 105 -38.42 -57.60 -33.70
N ASP J 106 -39.47 -57.36 -34.48
CA ASP J 106 -39.63 -58.07 -35.75
C ASP J 106 -38.49 -57.69 -36.71
N ILE J 107 -38.22 -56.39 -36.84
CA ILE J 107 -37.26 -55.87 -37.83
C ILE J 107 -35.86 -56.40 -37.51
N VAL J 108 -35.48 -56.38 -36.24
CA VAL J 108 -34.14 -56.83 -35.84
C VAL J 108 -34.01 -58.33 -36.10
N ALA J 109 -35.08 -59.08 -35.82
CA ALA J 109 -35.08 -60.54 -35.98
C ALA J 109 -34.90 -60.93 -37.46
N THR J 110 -35.63 -60.25 -38.33
CA THR J 110 -35.70 -60.63 -39.75
C THR J 110 -34.53 -60.00 -40.55
N VAL J 111 -34.28 -58.70 -40.35
CA VAL J 111 -33.33 -57.97 -41.21
C VAL J 111 -32.40 -57.11 -40.36
N GLY J 112 -32.04 -57.61 -39.17
CA GLY J 112 -31.17 -56.86 -38.28
C GLY J 112 -29.81 -56.57 -38.89
N ASN J 113 -29.25 -57.55 -39.61
CA ASN J 113 -27.90 -57.44 -40.15
C ASN J 113 -27.87 -56.50 -41.37
N LYS J 114 -29.04 -56.05 -41.83
CA LYS J 114 -29.13 -55.12 -42.96
C LYS J 114 -29.25 -53.68 -42.45
N LEU J 115 -29.99 -53.47 -41.36
CA LEU J 115 -30.31 -52.11 -40.86
C LEU J 115 -29.07 -51.46 -40.25
N ASP J 116 -28.81 -50.21 -40.64
CA ASP J 116 -27.61 -49.47 -40.22
C ASP J 116 -27.96 -48.51 -39.08
N VAL J 117 -29.04 -47.75 -39.26
CA VAL J 117 -29.50 -46.78 -38.25
C VAL J 117 -30.99 -47.01 -38.01
N MET J 118 -31.41 -46.82 -36.76
CA MET J 118 -32.82 -46.82 -36.39
C MET J 118 -33.14 -45.45 -35.81
N MET J 119 -34.24 -44.87 -36.28
CA MET J 119 -34.68 -43.55 -35.87
C MET J 119 -35.82 -43.70 -34.87
N ILE J 120 -35.84 -42.82 -33.87
CA ILE J 120 -36.76 -42.92 -32.74
C ILE J 120 -37.48 -41.58 -32.59
N PRO J 121 -38.81 -41.58 -32.64
CA PRO J 121 -39.56 -40.34 -32.47
C PRO J 121 -39.52 -39.80 -31.04
N LYS J 122 -39.60 -38.48 -30.92
CA LYS J 122 -39.88 -37.77 -29.67
C LYS J 122 -38.98 -38.30 -28.55
N VAL J 123 -37.67 -38.15 -28.74
CA VAL J 123 -36.69 -38.49 -27.71
C VAL J 123 -36.61 -37.30 -26.74
N GLU J 124 -37.08 -37.51 -25.52
CA GLU J 124 -37.30 -36.43 -24.55
C GLU J 124 -36.14 -36.35 -23.54
N GLY J 125 -35.29 -37.37 -23.51
CA GLY J 125 -34.27 -37.46 -22.48
C GLY J 125 -33.44 -38.73 -22.62
N PRO J 126 -32.38 -38.83 -21.82
CA PRO J 126 -31.45 -39.95 -21.92
C PRO J 126 -32.14 -41.28 -21.57
N TRP J 127 -33.15 -41.22 -20.70
CA TRP J 127 -33.93 -42.40 -20.32
C TRP J 127 -34.46 -43.15 -21.54
N ASP J 128 -34.90 -42.42 -22.57
CA ASP J 128 -35.42 -43.01 -23.81
C ASP J 128 -34.30 -43.76 -24.55
N ILE J 129 -33.10 -43.21 -24.55
CA ILE J 129 -31.97 -43.84 -25.24
C ILE J 129 -31.55 -45.10 -24.47
N HIS J 130 -31.72 -45.06 -23.15
CA HIS J 130 -31.35 -46.19 -22.29
C HIS J 130 -32.26 -47.40 -22.61
N PHE J 131 -33.56 -47.16 -22.76
CA PHE J 131 -34.48 -48.22 -23.19
C PHE J 131 -33.98 -48.84 -24.50
N VAL J 132 -33.91 -48.02 -25.54
CA VAL J 132 -33.67 -48.50 -26.90
C VAL J 132 -32.32 -49.24 -26.96
N ASP J 133 -31.35 -48.78 -26.17
CA ASP J 133 -29.99 -49.32 -26.21
C ASP J 133 -29.99 -50.74 -25.63
N GLN J 134 -30.58 -50.88 -24.44
CA GLN J 134 -30.68 -52.18 -23.77
C GLN J 134 -31.54 -53.13 -24.62
N TYR J 135 -32.67 -52.63 -25.09
CA TYR J 135 -33.62 -53.42 -25.89
C TYR J 135 -32.92 -53.96 -27.15
N LEU J 136 -32.32 -53.06 -27.92
CA LEU J 136 -31.60 -53.43 -29.15
C LEU J 136 -30.52 -54.46 -28.83
N ALA J 137 -29.82 -54.27 -27.71
CA ALA J 137 -28.75 -55.16 -27.32
C ALA J 137 -29.28 -56.59 -27.17
N LEU J 138 -30.35 -56.74 -26.38
CA LEU J 138 -30.95 -58.05 -26.12
C LEU J 138 -31.43 -58.69 -27.43
N LEU J 139 -32.10 -57.93 -28.28
CA LEU J 139 -32.58 -58.46 -29.57
C LEU J 139 -31.39 -58.76 -30.49
N GLU J 140 -30.27 -58.05 -30.34
CA GLU J 140 -29.09 -58.29 -31.19
C GLU J 140 -28.40 -59.60 -30.78
N ALA J 141 -28.37 -59.92 -29.49
CA ALA J 141 -27.68 -61.10 -28.96
C ALA J 141 -28.45 -62.38 -29.31
N LYS J 142 -29.77 -62.31 -29.16
CA LYS J 142 -30.67 -63.41 -29.50
C LYS J 142 -30.59 -63.72 -31.01
N HIS J 143 -30.57 -62.67 -31.84
CA HIS J 143 -30.63 -62.82 -33.31
C HIS J 143 -29.24 -62.78 -33.94
N GLN J 144 -28.19 -62.73 -33.10
CA GLN J 144 -26.78 -62.93 -33.49
C GLN J 144 -26.34 -61.88 -34.51
N ILE J 145 -26.73 -60.62 -34.27
CA ILE J 145 -26.48 -59.53 -35.22
C ILE J 145 -25.03 -59.04 -35.06
N GLN J 146 -24.35 -58.85 -36.20
CA GLN J 146 -22.89 -58.79 -36.25
C GLN J 146 -22.38 -57.37 -35.96
N LYS J 147 -22.95 -56.35 -36.59
CA LYS J 147 -22.53 -54.97 -36.33
C LYS J 147 -23.70 -54.20 -35.68
N PRO J 148 -23.39 -53.24 -34.79
CA PRO J 148 -24.39 -52.58 -33.95
C PRO J 148 -25.35 -51.68 -34.75
N ILE J 149 -26.63 -51.80 -34.44
CA ILE J 149 -27.65 -50.90 -34.97
C ILE J 149 -27.57 -49.58 -34.18
N LEU J 150 -27.48 -48.46 -34.89
CA LEU J 150 -27.29 -47.14 -34.27
C LEU J 150 -28.65 -46.50 -33.98
N ILE J 151 -28.64 -45.43 -33.18
CA ILE J 151 -29.84 -44.73 -32.75
C ILE J 151 -29.77 -43.29 -33.26
N HIS J 152 -30.72 -42.91 -34.09
CA HIS J 152 -30.91 -41.54 -34.52
C HIS J 152 -32.06 -40.94 -33.71
N ALA J 153 -31.89 -39.74 -33.18
CA ALA J 153 -32.86 -39.17 -32.26
C ALA J 153 -33.61 -38.01 -32.95
N LEU J 154 -34.93 -38.02 -32.82
CA LEU J 154 -35.77 -37.03 -33.47
C LEU J 154 -36.21 -36.01 -32.42
N LEU J 155 -35.78 -34.76 -32.60
CA LEU J 155 -36.09 -33.70 -31.66
C LEU J 155 -37.48 -33.15 -32.00
N GLU J 156 -38.45 -33.41 -31.13
CA GLU J 156 -39.83 -33.01 -31.40
C GLU J 156 -40.42 -32.27 -30.20
N THR J 157 -39.61 -31.92 -29.19
CA THR J 157 -40.13 -31.39 -27.93
C THR J 157 -39.13 -30.39 -27.33
N ALA J 158 -39.64 -29.55 -26.45
CA ALA J 158 -38.79 -28.65 -25.65
C ALA J 158 -37.91 -29.48 -24.71
N GLN J 159 -38.52 -30.45 -24.03
CA GLN J 159 -37.80 -31.29 -23.07
C GLN J 159 -36.55 -31.87 -23.75
N GLY J 160 -36.75 -32.44 -24.94
CA GLY J 160 -35.67 -33.06 -25.70
C GLY J 160 -34.58 -32.06 -26.07
N MET J 161 -34.98 -30.85 -26.45
CA MET J 161 -34.02 -29.79 -26.77
C MET J 161 -33.29 -29.37 -25.49
N MET J 162 -34.02 -29.19 -24.39
CA MET J 162 -33.40 -28.82 -23.12
C MET J 162 -32.47 -29.94 -22.62
N ASN J 163 -32.77 -31.20 -22.93
CA ASN J 163 -31.98 -32.36 -22.47
C ASN J 163 -31.10 -32.91 -23.59
N LEU J 164 -30.83 -32.09 -24.60
CA LEU J 164 -30.05 -32.49 -25.78
C LEU J 164 -28.69 -33.06 -25.37
N GLU J 165 -27.98 -32.36 -24.47
CA GLU J 165 -26.65 -32.76 -24.00
C GLU J 165 -26.70 -34.23 -23.52
N ALA J 166 -27.61 -34.50 -22.59
CA ALA J 166 -27.76 -35.83 -21.98
C ALA J 166 -28.13 -36.90 -23.01
N ILE J 167 -28.94 -36.56 -23.99
CA ILE J 167 -29.37 -37.53 -25.00
C ILE J 167 -28.16 -37.91 -25.86
N ALA J 168 -27.33 -36.92 -26.18
CA ALA J 168 -26.18 -37.11 -27.06
C ALA J 168 -25.15 -38.06 -26.44
N GLY J 169 -24.99 -37.98 -25.12
CA GLY J 169 -23.98 -38.80 -24.43
C GLY J 169 -24.56 -40.07 -23.79
N ALA J 170 -25.80 -40.44 -24.15
CA ALA J 170 -26.51 -41.53 -23.47
C ALA J 170 -25.95 -42.90 -23.87
N SER J 171 -25.35 -43.02 -25.06
CA SER J 171 -24.95 -44.35 -25.55
C SER J 171 -24.00 -44.21 -26.75
N PRO J 172 -23.08 -45.18 -26.92
CA PRO J 172 -22.24 -45.23 -28.13
C PRO J 172 -23.01 -45.68 -29.37
N ARG J 173 -24.27 -46.10 -29.23
CA ARG J 173 -25.15 -46.34 -30.37
C ARG J 173 -25.46 -45.02 -31.08
N MET J 174 -25.47 -43.90 -30.35
CA MET J 174 -26.00 -42.63 -30.86
C MET J 174 -25.33 -42.25 -32.19
N HIS J 175 -26.15 -41.79 -33.12
CA HIS J 175 -25.74 -41.46 -34.48
C HIS J 175 -25.76 -39.94 -34.70
N GLY J 176 -26.77 -39.30 -34.14
CA GLY J 176 -27.06 -37.93 -34.51
C GLY J 176 -28.52 -37.61 -34.29
N PHE J 177 -28.89 -36.37 -34.61
CA PHE J 177 -30.25 -35.89 -34.42
C PHE J 177 -30.83 -35.48 -35.76
N SER J 178 -32.15 -35.48 -35.82
CA SER J 178 -32.91 -34.81 -36.87
C SER J 178 -33.90 -33.87 -36.20
N LEU J 179 -34.23 -32.79 -36.89
CA LEU J 179 -35.22 -31.86 -36.37
C LEU J 179 -36.59 -32.35 -36.80
N GLY J 180 -37.54 -32.41 -35.86
CA GLY J 180 -38.94 -32.69 -36.16
C GLY J 180 -39.77 -31.43 -36.05
N PRO J 181 -39.63 -30.51 -37.03
CA PRO J 181 -40.09 -29.10 -36.95
C PRO J 181 -41.59 -28.94 -36.62
N ALA J 182 -42.43 -29.79 -37.20
CA ALA J 182 -43.87 -29.70 -36.97
C ALA J 182 -44.18 -29.93 -35.48
N ASP J 183 -43.72 -31.07 -34.96
CA ASP J 183 -44.01 -31.44 -33.57
C ASP J 183 -43.30 -30.48 -32.59
N LEU J 184 -42.06 -30.09 -32.91
CA LEU J 184 -41.27 -29.23 -32.02
C LEU J 184 -41.87 -27.83 -31.98
N ALA J 185 -42.31 -27.34 -33.14
CA ALA J 185 -43.01 -26.06 -33.21
C ALA J 185 -44.30 -26.15 -32.39
N ALA J 186 -45.00 -27.27 -32.54
CA ALA J 186 -46.25 -27.53 -31.81
C ALA J 186 -45.99 -27.50 -30.29
N SER J 187 -44.92 -28.16 -29.85
CA SER J 187 -44.58 -28.27 -28.44
C SER J 187 -44.27 -26.89 -27.85
N ARG J 188 -43.46 -26.10 -28.55
CA ARG J 188 -43.02 -24.79 -28.04
C ARG J 188 -44.18 -23.79 -28.07
N GLY J 189 -45.14 -24.02 -28.97
CA GLY J 189 -46.08 -22.99 -29.34
C GLY J 189 -45.49 -22.03 -30.36
N MET J 190 -44.66 -22.56 -31.26
CA MET J 190 -44.16 -21.78 -32.38
C MET J 190 -45.26 -21.71 -33.47
N LYS J 191 -45.09 -20.78 -34.40
CA LYS J 191 -46.04 -20.58 -35.48
C LYS J 191 -45.29 -20.63 -36.80
N THR J 192 -45.56 -21.66 -37.59
CA THR J 192 -44.89 -21.87 -38.88
C THR J 192 -45.95 -22.06 -39.97
N THR J 193 -45.98 -21.15 -40.94
CA THR J 193 -46.99 -21.14 -42.00
C THR J 193 -46.87 -22.42 -42.85
N ARG J 194 -45.64 -22.75 -43.21
CA ARG J 194 -45.36 -24.03 -43.84
C ARG J 194 -44.57 -24.89 -42.84
N VAL J 195 -44.79 -26.19 -42.87
CA VAL J 195 -44.14 -27.09 -41.92
C VAL J 195 -42.69 -27.34 -42.39
N GLY J 196 -41.76 -27.16 -41.47
CA GLY J 196 -40.32 -27.26 -41.77
C GLY J 196 -39.76 -25.94 -42.29
N GLY J 197 -40.46 -24.84 -42.04
CA GLY J 197 -40.04 -23.52 -42.52
C GLY J 197 -40.42 -22.42 -41.54
N GLY J 198 -40.09 -21.18 -41.89
CA GLY J 198 -40.19 -20.04 -40.96
C GLY J 198 -41.59 -19.44 -40.92
N HIS J 199 -41.65 -18.13 -40.72
CA HIS J 199 -42.90 -17.39 -40.68
C HIS J 199 -42.66 -15.96 -41.16
N PRO J 200 -43.35 -15.52 -42.22
CA PRO J 200 -43.04 -14.24 -42.88
C PRO J 200 -43.32 -12.99 -42.03
N PHE J 201 -44.00 -13.15 -40.89
CA PHE J 201 -44.33 -12.03 -39.99
C PHE J 201 -43.37 -11.99 -38.78
N TYR J 202 -42.45 -12.95 -38.67
CA TYR J 202 -41.35 -12.82 -37.70
C TYR J 202 -40.26 -11.94 -38.31
N GLY J 203 -40.19 -10.69 -37.86
CA GLY J 203 -39.28 -9.75 -38.45
C GLY J 203 -39.02 -8.56 -37.55
N VAL J 204 -38.00 -7.79 -37.92
CA VAL J 204 -37.63 -6.57 -37.23
C VAL J 204 -38.14 -5.37 -38.04
N LEU J 205 -38.91 -4.51 -37.39
CA LEU J 205 -39.39 -3.28 -38.01
C LEU J 205 -38.29 -2.22 -37.92
N ALA J 206 -38.10 -1.49 -39.01
CA ALA J 206 -37.14 -0.39 -39.04
C ALA J 206 -37.74 0.81 -38.29
N ASP J 207 -36.87 1.75 -37.92
CA ASP J 207 -37.30 2.97 -37.25
C ASP J 207 -37.93 3.91 -38.29
N PRO J 208 -38.78 4.86 -37.85
CA PRO J 208 -39.38 5.85 -38.76
C PRO J 208 -38.35 6.87 -39.29
N GLN J 209 -38.18 6.93 -40.61
CA GLN J 209 -37.19 7.80 -41.27
C GLN J 209 -37.85 9.14 -41.62
N GLU J 210 -37.13 9.98 -42.38
CA GLU J 210 -37.68 11.22 -42.93
C GLU J 210 -38.07 10.99 -44.39
N GLN J 212 -39.41 8.24 -45.04
CA GLN J 212 -40.10 7.53 -46.12
C GLN J 212 -41.55 7.25 -45.71
N GLU J 213 -42.32 6.71 -46.65
CA GLU J 213 -43.77 6.57 -46.49
C GLU J 213 -44.08 5.29 -45.70
N HIS J 214 -43.24 4.26 -45.81
CA HIS J 214 -43.44 3.02 -45.06
C HIS J 214 -42.09 2.49 -44.55
N ARG J 215 -42.15 1.81 -43.41
CA ARG J 215 -40.97 1.31 -42.72
C ARG J 215 -40.64 -0.09 -43.25
N PRO J 216 -39.38 -0.34 -43.65
CA PRO J 216 -38.94 -1.67 -44.09
C PRO J 216 -39.10 -2.74 -42.99
N PHE J 217 -39.29 -3.99 -43.42
CA PHE J 217 -39.54 -5.12 -42.51
C PHE J 217 -38.60 -6.27 -42.89
N TYR J 218 -37.68 -6.61 -41.99
CA TYR J 218 -36.63 -7.60 -42.27
C TYR J 218 -37.02 -8.95 -41.63
N GLN J 219 -37.36 -9.93 -42.48
CA GLN J 219 -37.76 -11.27 -42.00
C GLN J 219 -36.54 -11.95 -41.35
N GLN J 220 -36.79 -12.64 -40.23
CA GLN J 220 -35.74 -13.31 -39.46
C GLN J 220 -35.97 -14.82 -39.48
N ASP J 221 -34.91 -15.61 -39.29
CA ASP J 221 -35.02 -17.09 -39.23
C ASP J 221 -35.51 -17.49 -37.83
N LEU J 222 -36.58 -18.27 -37.78
CA LEU J 222 -37.15 -18.80 -36.52
C LEU J 222 -36.26 -19.91 -35.93
N TRP J 223 -35.55 -20.63 -36.79
CA TRP J 223 -34.88 -21.89 -36.46
C TRP J 223 -33.40 -21.68 -36.10
N HIS J 224 -32.95 -20.45 -35.90
CA HIS J 224 -31.50 -20.16 -35.77
C HIS J 224 -30.94 -20.79 -34.49
N TYR J 225 -31.50 -20.41 -33.36
CA TYR J 225 -31.06 -20.90 -32.05
C TYR J 225 -31.15 -22.44 -32.03
N THR J 226 -32.13 -22.98 -32.73
CA THR J 226 -32.44 -24.40 -32.66
C THR J 226 -31.35 -25.21 -33.37
N ILE J 227 -31.02 -24.81 -34.58
CA ILE J 227 -30.08 -25.56 -35.40
C ILE J 227 -28.65 -25.33 -34.88
N ALA J 228 -28.36 -24.10 -34.45
CA ALA J 228 -27.07 -23.73 -33.88
C ALA J 228 -26.79 -24.56 -32.63
N ARG J 229 -27.78 -24.64 -31.74
CA ARG J 229 -27.66 -25.44 -30.52
C ARG J 229 -27.52 -26.92 -30.89
N MET J 230 -28.27 -27.34 -31.89
CA MET J 230 -28.28 -28.74 -32.31
C MET J 230 -26.90 -29.12 -32.87
N VAL J 231 -26.23 -28.19 -33.54
CA VAL J 231 -24.95 -28.49 -34.18
C VAL J 231 -23.84 -28.61 -33.11
N ASP J 232 -23.81 -27.70 -32.14
CA ASP J 232 -22.74 -27.69 -31.13
C ASP J 232 -22.82 -28.97 -30.27
N VAL J 233 -24.02 -29.37 -29.87
CA VAL J 233 -24.15 -30.57 -29.04
C VAL J 233 -23.75 -31.81 -29.85
N ALA J 234 -24.25 -31.92 -31.07
CA ALA J 234 -23.95 -33.08 -31.89
C ALA J 234 -22.43 -33.16 -32.15
N VAL J 235 -21.84 -32.05 -32.58
CA VAL J 235 -20.45 -32.07 -33.06
C VAL J 235 -19.51 -32.34 -31.88
N ALA J 236 -19.78 -31.72 -30.74
CA ALA J 236 -18.98 -31.94 -29.52
C ALA J 236 -18.94 -33.42 -29.16
N HIS J 237 -19.98 -34.19 -29.51
CA HIS J 237 -20.10 -35.60 -29.15
C HIS J 237 -19.66 -36.51 -30.32
N GLY J 238 -19.22 -35.91 -31.42
CA GLY J 238 -18.78 -36.70 -32.57
C GLY J 238 -19.95 -37.32 -33.32
N LEU J 239 -21.13 -36.69 -33.16
CA LEU J 239 -22.35 -37.10 -33.85
C LEU J 239 -22.57 -36.16 -35.04
N ARG J 240 -23.68 -36.33 -35.74
CA ARG J 240 -24.04 -35.51 -36.90
C ARG J 240 -25.48 -34.98 -36.72
N ALA J 241 -25.69 -33.72 -37.07
CA ALA J 241 -27.01 -33.09 -36.99
C ALA J 241 -27.62 -33.05 -38.40
N PHE J 242 -28.93 -33.23 -38.49
CA PHE J 242 -29.61 -33.22 -39.79
C PHE J 242 -30.80 -32.27 -39.74
N TYR J 243 -31.11 -31.68 -40.90
CA TYR J 243 -32.39 -30.99 -41.07
C TYR J 243 -33.49 -32.04 -41.27
N GLY J 244 -34.68 -31.76 -40.76
CA GLY J 244 -35.77 -32.71 -40.88
C GLY J 244 -36.36 -32.72 -42.28
N PRO J 245 -37.71 -32.65 -42.35
CA PRO J 245 -38.44 -32.51 -43.60
C PRO J 245 -38.78 -31.05 -43.95
N PHE J 246 -38.84 -30.76 -45.24
CA PHE J 246 -39.50 -29.56 -45.74
C PHE J 246 -40.84 -29.96 -46.38
N GLY J 247 -41.91 -29.29 -45.94
CA GLY J 247 -43.28 -29.72 -46.21
C GLY J 247 -43.75 -29.39 -47.62
N ASP J 248 -43.48 -28.18 -48.08
CA ASP J 248 -43.93 -27.74 -49.41
C ASP J 248 -43.09 -28.45 -50.49
N ILE J 249 -43.65 -29.52 -51.05
CA ILE J 249 -42.99 -30.26 -52.15
C ILE J 249 -43.01 -29.41 -53.41
N LYS J 250 -44.06 -28.58 -53.60
CA LYS J 250 -44.17 -27.71 -54.77
C LYS J 250 -43.05 -26.65 -54.73
N ASP J 251 -42.84 -26.05 -53.57
CA ASP J 251 -41.92 -24.93 -53.41
C ASP J 251 -40.48 -25.45 -53.36
N GLU J 252 -39.90 -25.69 -54.53
CA GLU J 252 -38.55 -26.22 -54.62
C GLU J 252 -37.51 -25.14 -54.27
N ALA J 253 -37.89 -23.86 -54.30
CA ALA J 253 -36.94 -22.77 -54.06
C ALA J 253 -36.77 -22.56 -52.54
N ALA J 254 -37.89 -22.36 -51.85
CA ALA J 254 -37.87 -22.19 -50.38
C ALA J 254 -37.30 -23.45 -49.72
N CYS J 255 -37.52 -24.60 -50.34
CA CYS J 255 -36.95 -25.86 -49.90
C CYS J 255 -35.42 -25.81 -49.95
N GLU J 256 -34.87 -25.42 -51.10
CA GLU J 256 -33.42 -25.39 -51.29
C GLU J 256 -32.81 -24.30 -50.39
N ALA J 257 -33.59 -23.27 -50.07
CA ALA J 257 -33.14 -22.23 -49.17
C ALA J 257 -32.90 -22.81 -47.77
N GLN J 258 -33.88 -23.56 -47.26
CA GLN J 258 -33.88 -24.04 -45.87
C GLN J 258 -32.86 -25.16 -45.67
N PHE J 259 -32.67 -25.99 -46.69
CA PHE J 259 -31.63 -27.04 -46.67
C PHE J 259 -30.25 -26.42 -46.57
N ARG J 260 -30.07 -25.26 -47.20
CA ARG J 260 -28.76 -24.61 -47.32
C ARG J 260 -28.41 -23.91 -46.00
N ASN J 261 -29.37 -23.20 -45.41
CA ASN J 261 -29.21 -22.60 -44.09
C ASN J 261 -28.69 -23.65 -43.08
N ALA J 262 -29.19 -24.87 -43.20
CA ALA J 262 -28.80 -25.96 -42.28
C ALA J 262 -27.38 -26.43 -42.61
N PHE J 263 -27.08 -26.59 -43.90
CA PHE J 263 -25.74 -26.95 -44.36
C PHE J 263 -24.72 -25.88 -43.94
N LEU J 264 -25.14 -24.62 -43.95
CA LEU J 264 -24.22 -23.50 -43.65
C LEU J 264 -23.97 -23.38 -42.15
N LEU J 265 -24.87 -23.88 -41.30
CA LEU J 265 -24.67 -23.80 -39.83
C LEU J 265 -24.04 -25.12 -39.33
N GLY J 266 -24.01 -26.15 -40.17
CA GLY J 266 -23.20 -27.34 -39.88
C GLY J 266 -23.91 -28.66 -40.12
N CYS J 267 -25.20 -28.70 -40.44
CA CYS J 267 -25.91 -29.98 -40.59
C CYS J 267 -25.36 -30.78 -41.78
N THR J 268 -25.53 -32.10 -41.68
CA THR J 268 -24.95 -33.08 -42.60
C THR J 268 -25.90 -33.35 -43.78
N GLY J 269 -27.21 -33.23 -43.55
CA GLY J 269 -28.19 -33.70 -44.54
C GLY J 269 -29.61 -33.31 -44.19
N ALA J 270 -30.54 -33.71 -45.07
CA ALA J 270 -31.97 -33.38 -44.91
C ALA J 270 -32.83 -34.57 -45.39
N TRP J 271 -34.13 -34.46 -45.14
CA TRP J 271 -35.09 -35.49 -45.52
C TRP J 271 -35.73 -35.14 -46.87
N SER J 272 -35.67 -36.08 -47.81
CA SER J 272 -36.51 -36.02 -49.00
C SER J 272 -37.81 -36.79 -48.75
N LEU J 273 -38.93 -36.09 -48.90
CA LEU J 273 -40.26 -36.69 -48.86
C LEU J 273 -40.66 -37.11 -50.28
N ALA J 274 -40.58 -36.19 -51.23
CA ALA J 274 -40.87 -36.48 -52.64
C ALA J 274 -39.56 -36.60 -53.43
N PRO J 275 -39.60 -37.18 -54.65
CA PRO J 275 -38.37 -37.43 -55.45
C PRO J 275 -37.70 -36.16 -56.00
N ASN J 276 -38.40 -35.02 -55.95
CA ASN J 276 -37.84 -33.77 -56.46
C ASN J 276 -36.81 -33.21 -55.47
N GLN J 277 -36.99 -33.52 -54.19
CA GLN J 277 -36.11 -33.02 -53.12
C GLN J 277 -34.80 -33.83 -53.07
N ILE J 278 -34.74 -34.98 -53.74
CA ILE J 278 -33.58 -35.86 -53.69
C ILE J 278 -32.36 -35.17 -54.31
N PRO J 279 -32.50 -34.58 -55.52
CA PRO J 279 -31.35 -33.84 -56.09
C PRO J 279 -31.05 -32.52 -55.38
N ILE J 280 -32.06 -31.92 -54.75
CA ILE J 280 -31.88 -30.67 -54.00
C ILE J 280 -30.87 -30.91 -52.86
N ALA J 281 -31.14 -31.90 -52.01
CA ALA J 281 -30.31 -32.18 -50.83
C ALA J 281 -28.91 -32.65 -51.27
N LYS J 282 -28.86 -33.48 -52.29
CA LYS J 282 -27.59 -34.00 -52.80
C LYS J 282 -26.69 -32.83 -53.21
N ARG J 283 -27.25 -31.90 -53.97
CA ARG J 283 -26.53 -30.70 -54.41
C ARG J 283 -26.06 -29.90 -53.19
N VAL J 284 -26.98 -29.61 -52.27
CA VAL J 284 -26.73 -28.69 -51.16
C VAL J 284 -25.70 -29.26 -50.17
N PHE J 285 -25.87 -30.52 -49.78
CA PHE J 285 -25.12 -31.08 -48.66
C PHE J 285 -23.88 -31.85 -49.14
N SER J 286 -23.50 -31.70 -50.41
CA SER J 286 -22.20 -32.20 -50.85
C SER J 286 -21.10 -31.37 -50.20
N PRO J 287 -20.03 -32.01 -49.69
CA PRO J 287 -18.97 -31.26 -49.01
C PRO J 287 -18.41 -30.14 -49.92
N ASP J 288 -18.03 -29.03 -49.28
CA ASP J 288 -17.48 -27.84 -49.95
C ASP J 288 -16.15 -28.20 -50.64
N VAL J 289 -15.96 -27.73 -51.87
CA VAL J 289 -14.83 -28.13 -52.72
C VAL J 289 -13.51 -27.64 -52.09
N ASN J 290 -13.51 -26.39 -51.63
CA ASN J 290 -12.32 -25.78 -51.03
C ASN J 290 -11.94 -26.52 -49.74
N GLU J 291 -12.93 -27.00 -48.98
CA GLU J 291 -12.66 -27.74 -47.74
C GLU J 291 -12.03 -29.10 -48.07
N VAL J 292 -12.48 -29.74 -49.15
CA VAL J 292 -11.98 -31.08 -49.49
C VAL J 292 -10.53 -30.99 -49.96
N LEU J 293 -10.19 -29.97 -50.76
CA LEU J 293 -8.80 -29.81 -51.24
C LEU J 293 -7.86 -29.56 -50.05
N PHE J 294 -8.28 -28.70 -49.12
CA PHE J 294 -7.47 -28.38 -47.95
C PHE J 294 -7.24 -29.65 -47.11
N ALA J 295 -8.24 -30.55 -47.09
CA ALA J 295 -8.14 -31.81 -46.35
C ALA J 295 -7.11 -32.75 -47.00
N LYS J 296 -6.99 -32.71 -48.32
CA LYS J 296 -6.00 -33.52 -49.04
C LYS J 296 -4.58 -33.04 -48.69
N ARG J 297 -4.42 -31.74 -48.48
CA ARG J 297 -3.11 -31.15 -48.19
C ARG J 297 -2.66 -31.55 -46.77
N ILE J 298 -3.61 -31.75 -45.85
CA ILE J 298 -3.31 -32.24 -44.51
C ILE J 298 -2.82 -33.70 -44.59
N LEU J 299 -3.43 -34.48 -45.49
CA LEU J 299 -3.04 -35.89 -45.67
C LEU J 299 -1.70 -35.98 -46.42
N ASP J 300 -1.38 -34.97 -47.23
CA ASP J 300 -0.05 -34.86 -47.89
C ASP J 300 1.04 -34.64 -46.83
N ALA J 301 0.77 -33.72 -45.89
CA ALA J 301 1.80 -33.23 -44.96
C ALA J 301 1.97 -34.17 -43.76
N MET J 302 1.06 -35.13 -43.58
CA MET J 302 1.17 -36.08 -42.47
C MET J 302 0.67 -37.45 -42.95
N PRO J 303 1.52 -38.18 -43.70
CA PRO J 303 1.18 -39.49 -44.27
C PRO J 303 0.61 -40.48 -43.23
N ASP J 304 1.33 -40.66 -42.13
CA ASP J 304 0.94 -41.63 -41.09
C ASP J 304 0.15 -40.92 -39.98
N GLY J 305 0.05 -39.59 -40.04
CA GLY J 305 -0.84 -38.83 -39.16
C GLY J 305 -0.26 -38.62 -37.77
N SER J 306 1.06 -38.81 -37.62
CA SER J 306 1.75 -38.58 -36.35
C SER J 306 2.57 -37.29 -36.43
N GLY J 307 2.92 -36.76 -35.26
CA GLY J 307 3.68 -35.52 -35.15
C GLY J 307 2.80 -34.30 -35.41
N VAL J 308 3.37 -33.30 -36.07
CA VAL J 308 2.76 -31.99 -36.24
C VAL J 308 3.17 -31.41 -37.60
N ALA J 309 2.36 -30.51 -38.13
CA ALA J 309 2.67 -29.79 -39.37
C ALA J 309 1.90 -28.46 -39.43
N MET J 310 2.29 -27.58 -40.34
CA MET J 310 1.58 -26.31 -40.52
C MET J 310 1.18 -26.16 -41.99
N ILE J 311 -0.06 -25.71 -42.19
CA ILE J 311 -0.58 -25.45 -43.53
C ILE J 311 -1.36 -24.14 -43.49
N ASP J 312 -0.84 -23.12 -44.18
CA ASP J 312 -1.47 -21.80 -44.28
C ASP J 312 -1.66 -21.19 -42.87
N GLY J 313 -0.63 -21.31 -42.04
CA GLY J 313 -0.58 -20.59 -40.76
C GLY J 313 -1.17 -21.37 -39.60
N LYS J 314 -1.74 -22.55 -39.86
CA LYS J 314 -2.48 -23.28 -38.84
C LYS J 314 -1.79 -24.62 -38.56
N MET J 315 -1.71 -24.98 -37.27
CA MET J 315 -1.09 -26.23 -36.84
C MET J 315 -2.00 -27.41 -37.18
N GLN J 316 -1.40 -28.51 -37.60
CA GLN J 316 -2.13 -29.74 -37.90
C GLN J 316 -1.61 -30.84 -36.96
N ASP J 317 -2.53 -31.68 -36.46
CA ASP J 317 -2.20 -32.71 -35.50
C ASP J 317 -3.05 -33.95 -35.79
N ASP J 318 -2.93 -34.94 -34.91
CA ASP J 318 -3.68 -36.21 -34.98
C ASP J 318 -5.20 -35.96 -35.12
N ALA J 319 -5.71 -34.85 -34.59
CA ALA J 319 -7.16 -34.60 -34.52
C ALA J 319 -7.67 -33.96 -35.83
N THR J 320 -6.91 -33.02 -36.38
CA THR J 320 -7.31 -32.31 -37.60
C THR J 320 -7.06 -33.22 -38.82
N TRP J 321 -6.11 -34.13 -38.67
CA TRP J 321 -5.83 -35.15 -39.67
C TRP J 321 -6.96 -36.19 -39.69
N LYS J 322 -7.56 -36.44 -38.52
CA LYS J 322 -8.71 -37.33 -38.40
C LYS J 322 -9.93 -36.67 -39.06
N GLN J 323 -10.07 -35.36 -38.87
CA GLN J 323 -11.14 -34.60 -39.52
C GLN J 323 -10.92 -34.61 -41.04
N ALA J 324 -9.66 -34.52 -41.47
CA ALA J 324 -9.32 -34.47 -42.89
C ALA J 324 -9.52 -35.84 -43.55
N LYS J 325 -9.32 -36.91 -42.78
CA LYS J 325 -9.48 -38.28 -43.28
C LYS J 325 -10.98 -38.58 -43.50
N VAL J 326 -11.84 -37.97 -42.69
CA VAL J 326 -13.28 -38.22 -42.72
C VAL J 326 -13.89 -37.53 -43.94
N ILE J 327 -13.48 -36.30 -44.22
CA ILE J 327 -14.10 -35.52 -45.29
C ILE J 327 -13.59 -35.98 -46.66
N VAL J 328 -12.37 -36.52 -46.71
CA VAL J 328 -11.76 -36.95 -47.97
C VAL J 328 -12.34 -38.31 -48.36
N ASP J 329 -12.47 -39.21 -47.38
CA ASP J 329 -13.11 -40.51 -47.60
C ASP J 329 -14.59 -40.29 -47.97
N LEU J 330 -15.20 -39.21 -47.48
CA LEU J 330 -16.59 -38.87 -47.80
C LEU J 330 -16.71 -38.37 -49.24
N ALA J 331 -15.70 -37.61 -49.68
CA ALA J 331 -15.67 -37.05 -51.04
C ALA J 331 -15.36 -38.16 -52.07
N ARG J 332 -14.55 -39.13 -51.65
CA ARG J 332 -14.15 -40.25 -52.51
C ARG J 332 -15.38 -41.13 -52.81
N MET J 333 -16.16 -41.42 -51.76
CA MET J 333 -17.35 -42.27 -51.89
C MET J 333 -18.40 -41.59 -52.77
N ILE J 334 -18.59 -40.28 -52.60
CA ILE J 334 -19.54 -39.52 -53.42
C ILE J 334 -19.06 -39.48 -54.88
N ALA J 335 -17.74 -39.41 -55.08
CA ALA J 335 -17.16 -39.35 -56.43
C ALA J 335 -17.38 -40.67 -57.18
N LYS J 336 -17.59 -41.78 -56.47
CA LYS J 336 -17.92 -43.07 -57.11
C LYS J 336 -19.37 -43.02 -57.65
N LYS J 337 -20.22 -42.29 -56.94
CA LYS J 337 -21.64 -42.19 -57.27
C LYS J 337 -21.87 -41.05 -58.28
N ASP J 338 -20.97 -40.06 -58.31
CA ASP J 338 -21.20 -38.80 -59.00
C ASP J 338 -19.92 -38.41 -59.76
N PRO J 339 -19.85 -38.71 -61.07
CA PRO J 339 -18.76 -38.29 -61.95
C PRO J 339 -18.56 -36.76 -62.08
N GLU J 340 -19.64 -35.99 -61.89
CA GLU J 340 -19.56 -34.51 -62.03
C GLU J 340 -18.72 -33.93 -60.90
N LEU J 341 -18.96 -34.38 -59.66
CA LEU J 341 -18.23 -33.89 -58.49
C LEU J 341 -16.83 -34.51 -58.44
N ALA J 342 -16.64 -35.65 -59.10
CA ALA J 342 -15.30 -36.27 -59.18
C ALA J 342 -14.31 -35.29 -59.81
N GLN J 343 -14.75 -34.59 -60.87
CA GLN J 343 -13.96 -33.55 -61.54
C GLN J 343 -13.50 -32.52 -60.49
N ALA J 344 -14.46 -31.91 -59.80
CA ALA J 344 -14.20 -30.81 -58.88
C ALA J 344 -13.22 -31.24 -57.77
N TYR J 345 -13.50 -32.37 -57.12
CA TYR J 345 -12.66 -32.86 -56.02
C TYR J 345 -11.31 -33.36 -56.54
N GLY J 346 -11.30 -33.96 -57.74
CA GLY J 346 -10.09 -34.51 -58.33
C GLY J 346 -9.88 -35.95 -57.91
N PHE J 347 -10.69 -36.85 -58.46
CA PHE J 347 -10.59 -38.29 -58.19
C PHE J 347 -10.80 -39.08 -59.49
N MET K 1 -33.07 -36.67 -12.24
CA MET K 1 -32.86 -36.27 -13.67
C MET K 1 -34.21 -35.87 -14.30
N LYS K 2 -35.26 -36.68 -14.08
CA LYS K 2 -36.59 -36.39 -14.64
C LYS K 2 -37.25 -35.27 -13.83
N LEU K 3 -37.97 -34.40 -14.52
CA LEU K 3 -38.64 -33.28 -13.86
C LEU K 3 -39.91 -33.79 -13.17
N PRO K 4 -40.20 -33.30 -11.96
CA PRO K 4 -41.40 -33.65 -11.20
C PRO K 4 -42.66 -33.80 -12.07
N ILE K 5 -42.96 -32.77 -12.86
CA ILE K 5 -44.18 -32.72 -13.68
C ILE K 5 -44.27 -33.95 -14.60
N HIS K 6 -43.15 -34.40 -15.16
CA HIS K 6 -43.16 -35.54 -16.10
C HIS K 6 -42.89 -36.87 -15.37
N PHE K 7 -42.40 -36.79 -14.14
CA PHE K 7 -41.98 -37.97 -13.37
C PHE K 7 -43.15 -38.94 -13.18
N TYR K 8 -44.32 -38.38 -12.88
CA TYR K 8 -45.49 -39.17 -12.45
C TYR K 8 -46.42 -39.50 -13.63
N LYS K 9 -46.09 -39.06 -14.85
CA LYS K 9 -46.83 -39.46 -16.04
C LYS K 9 -46.41 -40.88 -16.45
N PRO K 10 -47.34 -41.65 -17.04
CA PRO K 10 -47.02 -43.01 -17.52
C PRO K 10 -46.20 -42.98 -18.82
N LEU K 11 -45.38 -44.00 -19.04
CA LEU K 11 -44.47 -44.03 -20.19
C LEU K 11 -45.13 -44.76 -21.37
N ALA K 12 -46.41 -45.11 -21.24
CA ALA K 12 -47.19 -45.68 -22.35
C ALA K 12 -48.64 -45.22 -22.25
N ALA K 13 -49.27 -45.00 -23.39
CA ALA K 13 -50.71 -44.76 -23.45
C ALA K 13 -51.44 -46.09 -23.26
N GLY K 14 -52.23 -46.18 -22.19
CA GLY K 14 -52.89 -47.43 -21.80
C GLY K 14 -52.35 -47.96 -20.47
N ALA K 15 -51.14 -47.56 -20.11
CA ALA K 15 -50.51 -48.04 -18.86
C ALA K 15 -51.13 -47.29 -17.67
N PRO K 16 -51.13 -47.93 -16.48
CA PRO K 16 -51.76 -47.38 -15.28
C PRO K 16 -50.98 -46.22 -14.66
N GLN K 17 -51.71 -45.31 -14.01
CA GLN K 17 -51.14 -44.11 -13.41
C GLN K 17 -50.07 -44.54 -12.39
N PRO K 18 -48.83 -44.04 -12.53
CA PRO K 18 -47.76 -44.24 -11.53
C PRO K 18 -48.17 -43.72 -10.14
N ILE K 19 -47.74 -44.41 -9.09
CA ILE K 19 -48.15 -44.09 -7.71
C ILE K 19 -47.46 -42.80 -7.25
N ARG K 20 -47.83 -42.33 -6.07
CA ARG K 20 -47.19 -41.17 -5.45
C ARG K 20 -46.63 -41.54 -4.07
N GLU K 21 -47.35 -42.37 -3.30
CA GLU K 21 -46.85 -42.97 -2.07
C GLU K 21 -46.67 -44.48 -2.29
N LEU K 22 -45.94 -45.14 -1.39
CA LEU K 22 -45.75 -46.60 -1.47
C LEU K 22 -46.95 -47.32 -0.85
N PRO K 23 -47.28 -48.53 -1.36
CA PRO K 23 -48.32 -49.35 -0.74
C PRO K 23 -47.89 -49.79 0.68
N VAL K 24 -48.57 -49.25 1.69
CA VAL K 24 -48.33 -49.64 3.09
C VAL K 24 -48.81 -51.09 3.29
N ARG K 25 -47.87 -51.96 3.63
CA ARG K 25 -48.10 -53.41 3.62
C ARG K 25 -46.96 -54.10 4.39
N PRO K 26 -47.26 -55.21 5.09
CA PRO K 26 -46.25 -55.93 5.86
C PRO K 26 -45.21 -56.58 4.93
N GLU K 27 -43.94 -56.25 5.14
CA GLU K 27 -42.83 -56.72 4.30
C GLU K 27 -41.67 -57.15 5.20
N ARG K 28 -41.97 -57.93 6.23
CA ARG K 28 -40.98 -58.32 7.22
C ARG K 28 -40.11 -59.46 6.68
N VAL K 29 -40.70 -60.31 5.83
CA VAL K 29 -39.99 -61.47 5.31
C VAL K 29 -40.33 -61.60 3.82
N ILE K 30 -39.30 -61.78 3.00
CA ILE K 30 -39.45 -61.99 1.57
C ILE K 30 -39.07 -63.45 1.29
N HIS K 31 -40.07 -64.32 1.25
CA HIS K 31 -39.80 -65.75 1.10
C HIS K 31 -39.65 -66.10 -0.39
N PHE K 32 -38.52 -66.72 -0.71
CA PHE K 32 -38.23 -67.10 -2.08
C PHE K 32 -38.78 -68.51 -2.35
N PHE K 33 -38.90 -68.85 -3.62
CA PHE K 33 -39.20 -70.22 -4.04
C PHE K 33 -38.82 -70.39 -5.51
N PRO K 34 -38.30 -71.58 -5.89
CA PRO K 34 -38.10 -71.96 -7.29
C PRO K 34 -39.36 -72.62 -7.87
N PRO K 35 -40.00 -71.99 -8.88
CA PRO K 35 -41.29 -72.47 -9.43
C PRO K 35 -41.19 -73.63 -10.44
N HIS K 36 -40.00 -74.19 -10.67
CA HIS K 36 -39.82 -75.31 -11.62
C HIS K 36 -39.86 -76.66 -10.89
N VAL K 37 -39.95 -76.62 -9.55
CA VAL K 37 -40.05 -77.82 -8.73
C VAL K 37 -41.52 -78.05 -8.37
N GLU K 38 -42.05 -79.20 -8.76
CA GLU K 38 -43.50 -79.47 -8.72
C GLU K 38 -43.95 -79.67 -7.26
N LYS K 39 -43.03 -80.09 -6.40
CA LYS K 39 -43.36 -80.41 -5.01
C LYS K 39 -43.64 -79.12 -4.23
N ILE K 40 -42.86 -78.08 -4.51
CA ILE K 40 -42.96 -76.81 -3.74
C ILE K 40 -44.15 -75.99 -4.25
N ARG K 41 -44.38 -75.96 -5.56
CA ARG K 41 -45.46 -75.14 -6.13
C ARG K 41 -46.82 -75.85 -5.93
N ALA K 42 -46.78 -77.14 -5.58
CA ALA K 42 -47.98 -77.84 -5.12
C ALA K 42 -48.41 -77.31 -3.74
N ARG K 43 -47.44 -76.97 -2.90
CA ARG K 43 -47.69 -76.57 -1.51
C ARG K 43 -47.39 -75.08 -1.31
N ILE K 44 -47.62 -74.24 -2.33
CA ILE K 44 -47.48 -72.77 -2.18
C ILE K 44 -48.69 -72.21 -1.40
N PRO K 45 -49.93 -72.66 -1.73
CA PRO K 45 -51.11 -72.08 -1.05
C PRO K 45 -51.09 -72.21 0.48
N GLU K 46 -50.41 -73.22 1.00
CA GLU K 46 -50.19 -73.38 2.43
C GLU K 46 -49.22 -72.29 2.92
N VAL K 47 -48.00 -72.31 2.38
CA VAL K 47 -46.91 -71.44 2.84
C VAL K 47 -47.21 -69.98 2.47
N ALA K 48 -48.01 -69.75 1.44
CA ALA K 48 -48.41 -68.40 1.05
C ALA K 48 -49.21 -67.72 2.17
N LYS K 49 -49.80 -68.52 3.05
CA LYS K 49 -50.64 -68.00 4.14
C LYS K 49 -49.74 -67.60 5.33
N GLN K 50 -48.52 -68.13 5.37
CA GLN K 50 -47.62 -68.00 6.52
C GLN K 50 -46.66 -66.81 6.35
N VAL K 51 -46.38 -66.40 5.10
CA VAL K 51 -45.36 -65.38 4.83
C VAL K 51 -46.03 -64.04 4.53
N ASP K 52 -45.25 -62.97 4.69
CA ASP K 52 -45.67 -61.60 4.37
C ASP K 52 -45.59 -61.39 2.85
N VAL K 53 -44.45 -61.81 2.28
CA VAL K 53 -44.19 -61.62 0.86
C VAL K 53 -43.71 -62.96 0.31
N LEU K 54 -44.27 -63.34 -0.84
CA LEU K 54 -43.84 -64.53 -1.55
C LEU K 54 -43.23 -64.09 -2.89
N CYS K 55 -42.00 -64.52 -3.16
CA CYS K 55 -41.24 -64.04 -4.31
C CYS K 55 -40.72 -65.21 -5.14
N GLY K 56 -41.18 -65.30 -6.38
CA GLY K 56 -40.65 -66.27 -7.32
C GLY K 56 -39.20 -66.01 -7.63
N ASN K 57 -38.50 -67.05 -8.02
CA ASN K 57 -37.08 -66.97 -8.32
C ASN K 57 -36.84 -67.58 -9.70
N LEU K 58 -36.27 -66.82 -10.62
CA LEU K 58 -35.95 -67.32 -11.96
C LEU K 58 -34.45 -67.21 -12.23
N GLU K 59 -33.70 -66.64 -11.30
CA GLU K 59 -32.31 -66.23 -11.54
C GLU K 59 -31.35 -67.26 -10.92
N ASP K 60 -30.90 -67.03 -9.69
CA ASP K 60 -29.89 -67.88 -9.07
C ASP K 60 -30.54 -69.19 -8.58
N ALA K 61 -29.69 -70.19 -8.34
CA ALA K 61 -30.09 -71.51 -7.84
C ALA K 61 -30.99 -72.24 -8.86
N ILE K 62 -30.96 -71.79 -10.12
CA ILE K 62 -31.80 -72.35 -11.18
C ILE K 62 -30.95 -72.49 -12.45
N PRO K 63 -30.66 -73.74 -12.88
CA PRO K 63 -29.79 -73.96 -14.04
C PRO K 63 -30.43 -73.43 -15.33
N ILE K 64 -29.66 -73.45 -16.42
CA ILE K 64 -30.13 -72.93 -17.72
C ILE K 64 -31.27 -73.82 -18.24
N ASP K 65 -31.21 -75.12 -17.94
CA ASP K 65 -32.18 -76.10 -18.45
C ASP K 65 -33.59 -75.80 -17.90
N ALA K 66 -33.67 -75.35 -16.65
CA ALA K 66 -34.96 -75.21 -15.96
C ALA K 66 -35.55 -73.80 -16.11
N LYS K 67 -34.92 -72.93 -16.90
CA LYS K 67 -35.35 -71.54 -17.02
C LYS K 67 -36.78 -71.48 -17.59
N GLU K 68 -36.99 -72.16 -18.71
CA GLU K 68 -38.30 -72.17 -19.38
C GLU K 68 -39.36 -72.76 -18.43
N ALA K 69 -38.98 -73.80 -17.71
CA ALA K 69 -39.90 -74.48 -16.77
C ALA K 69 -40.20 -73.58 -15.57
N ALA K 70 -39.23 -72.79 -15.12
CA ALA K 70 -39.42 -71.87 -13.98
C ALA K 70 -40.29 -70.67 -14.39
N ARG K 71 -40.24 -70.31 -15.67
CA ARG K 71 -41.06 -69.22 -16.22
C ARG K 71 -42.52 -69.69 -16.30
N ALA K 72 -42.72 -70.84 -16.94
CA ALA K 72 -44.03 -71.47 -17.06
C ALA K 72 -44.47 -72.06 -15.72
N GLY K 73 -43.51 -72.29 -14.82
CA GLY K 73 -43.78 -72.71 -13.46
C GLY K 73 -44.38 -71.58 -12.62
N PHE K 74 -43.90 -70.36 -12.83
CA PHE K 74 -44.36 -69.21 -12.04
C PHE K 74 -45.79 -68.83 -12.46
N ILE K 75 -46.10 -68.90 -13.76
CA ILE K 75 -47.44 -68.54 -14.25
C ILE K 75 -48.49 -69.47 -13.63
N GLU K 76 -48.19 -70.77 -13.58
CA GLU K 76 -49.10 -71.77 -13.00
C GLU K 76 -49.50 -71.35 -11.58
N VAL K 77 -48.49 -71.01 -10.78
CA VAL K 77 -48.66 -70.76 -9.35
C VAL K 77 -49.55 -69.52 -9.14
N ALA K 78 -49.22 -68.44 -9.85
CA ALA K 78 -49.91 -67.17 -9.63
C ALA K 78 -51.34 -67.23 -10.17
N ARG K 79 -51.52 -67.91 -11.30
CA ARG K 79 -52.84 -67.99 -11.95
C ARG K 79 -53.79 -68.83 -11.08
N ASN K 80 -53.26 -69.87 -10.44
CA ASN K 80 -54.07 -70.83 -9.67
C ASN K 80 -53.86 -70.60 -8.15
N THR K 81 -53.97 -69.35 -7.68
CA THR K 81 -53.81 -69.05 -6.24
C THR K 81 -54.50 -67.72 -5.88
N ASP K 82 -55.21 -67.74 -4.75
CA ASP K 82 -55.64 -66.51 -4.08
C ASP K 82 -54.63 -66.19 -2.97
N PHE K 83 -53.86 -65.12 -3.13
CA PHE K 83 -52.78 -64.78 -2.20
C PHE K 83 -53.32 -63.97 -1.01
N GLY K 84 -54.56 -63.49 -1.11
CA GLY K 84 -55.22 -62.84 0.03
C GLY K 84 -54.56 -61.53 0.41
N ASP K 85 -53.84 -61.54 1.55
CA ASP K 85 -53.13 -60.37 2.05
C ASP K 85 -51.63 -60.70 2.07
N THR K 86 -51.08 -60.92 0.89
CA THR K 86 -49.68 -61.29 0.73
C THR K 86 -49.21 -60.87 -0.67
N ALA K 87 -48.11 -60.12 -0.72
CA ALA K 87 -47.60 -59.59 -1.97
C ALA K 87 -46.95 -60.70 -2.80
N LEU K 88 -47.11 -60.60 -4.12
CA LEU K 88 -46.49 -61.53 -5.06
C LEU K 88 -45.34 -60.82 -5.79
N TRP K 89 -44.12 -61.29 -5.53
CA TRP K 89 -42.91 -60.75 -6.14
C TRP K 89 -42.34 -61.80 -7.08
N VAL K 90 -41.38 -61.41 -7.92
CA VAL K 90 -40.60 -62.36 -8.71
C VAL K 90 -39.21 -61.75 -8.97
N ARG K 91 -38.22 -62.62 -9.13
CA ARG K 91 -36.88 -62.21 -9.49
C ARG K 91 -36.56 -62.71 -10.90
N VAL K 92 -36.52 -61.79 -11.86
CA VAL K 92 -36.24 -62.13 -13.27
C VAL K 92 -34.72 -62.30 -13.46
N ASN K 93 -34.32 -62.81 -14.62
CA ASN K 93 -32.91 -62.96 -14.97
C ASN K 93 -32.30 -61.56 -15.20
N ALA K 94 -30.99 -61.52 -15.45
CA ALA K 94 -30.24 -60.26 -15.55
C ALA K 94 -30.56 -59.54 -16.86
N LEU K 95 -30.42 -58.20 -16.86
CA LEU K 95 -30.76 -57.38 -18.01
C LEU K 95 -29.83 -57.69 -19.20
N ASN K 96 -28.72 -58.38 -18.95
CA ASN K 96 -27.80 -58.81 -20.01
C ASN K 96 -28.03 -60.27 -20.41
N SER K 97 -29.06 -60.92 -19.84
CA SER K 97 -29.23 -62.37 -19.99
C SER K 97 -30.07 -62.68 -21.23
N PRO K 98 -29.94 -63.90 -21.79
CA PRO K 98 -30.81 -64.37 -22.89
C PRO K 98 -32.28 -64.61 -22.48
N TRP K 99 -32.57 -64.63 -21.18
CA TRP K 99 -33.87 -65.09 -20.67
C TRP K 99 -34.74 -63.92 -20.19
N VAL K 100 -34.23 -62.70 -20.15
CA VAL K 100 -34.91 -61.61 -19.40
C VAL K 100 -36.08 -61.02 -20.23
N LEU K 101 -35.94 -61.01 -21.56
CA LEU K 101 -37.00 -60.46 -22.41
C LEU K 101 -38.28 -61.29 -22.27
N ASP K 102 -38.13 -62.60 -22.38
CA ASP K 102 -39.25 -63.53 -22.28
C ASP K 102 -39.76 -63.58 -20.84
N ASP K 103 -38.85 -63.51 -19.87
CA ASP K 103 -39.22 -63.51 -18.45
C ASP K 103 -40.30 -62.45 -18.20
N ILE K 104 -40.06 -61.22 -18.63
CA ILE K 104 -40.91 -60.08 -18.26
C ILE K 104 -42.10 -59.99 -19.22
N ALA K 105 -41.99 -60.54 -20.43
CA ALA K 105 -43.08 -60.52 -21.40
C ALA K 105 -44.18 -61.51 -20.98
N ASP K 106 -43.82 -62.79 -20.91
CA ASP K 106 -44.78 -63.87 -20.66
C ASP K 106 -45.51 -63.66 -19.32
N ILE K 107 -44.84 -63.06 -18.35
CA ILE K 107 -45.36 -62.94 -16.98
C ILE K 107 -46.39 -61.79 -16.92
N VAL K 108 -46.12 -60.68 -17.59
CA VAL K 108 -47.02 -59.53 -17.54
C VAL K 108 -48.27 -59.84 -18.38
N ALA K 109 -48.08 -60.63 -19.44
CA ALA K 109 -49.18 -61.02 -20.34
C ALA K 109 -50.20 -61.88 -19.58
N THR K 110 -49.68 -62.92 -18.93
CA THR K 110 -50.53 -63.85 -18.18
C THR K 110 -50.94 -63.21 -16.85
N VAL K 111 -50.04 -63.31 -15.87
CA VAL K 111 -50.40 -63.11 -14.46
C VAL K 111 -50.01 -61.71 -14.00
N GLY K 112 -50.04 -60.74 -14.90
CA GLY K 112 -49.54 -59.40 -14.64
C GLY K 112 -50.34 -58.67 -13.57
N ASN K 113 -51.64 -58.93 -13.50
CA ASN K 113 -52.53 -58.20 -12.61
C ASN K 113 -52.29 -58.61 -11.15
N LYS K 114 -51.62 -59.72 -10.91
CA LYS K 114 -51.36 -60.19 -9.55
C LYS K 114 -49.95 -59.77 -9.10
N LEU K 115 -48.98 -59.78 -10.03
CA LEU K 115 -47.59 -59.36 -9.76
C LEU K 115 -47.58 -58.01 -9.02
N ASP K 116 -46.85 -57.95 -7.91
CA ASP K 116 -46.85 -56.75 -7.04
C ASP K 116 -45.54 -55.96 -7.21
N VAL K 117 -44.42 -56.67 -7.33
CA VAL K 117 -43.09 -56.08 -7.35
C VAL K 117 -42.15 -56.97 -8.18
N MET K 118 -41.39 -56.38 -9.09
CA MET K 118 -40.41 -57.15 -9.86
C MET K 118 -39.00 -56.82 -9.36
N MET K 119 -38.23 -57.88 -9.11
CA MET K 119 -36.86 -57.78 -8.65
C MET K 119 -35.90 -57.98 -9.84
N ILE K 120 -35.14 -56.93 -10.14
CA ILE K 120 -34.10 -57.01 -11.17
C ILE K 120 -32.74 -57.10 -10.47
N PRO K 121 -31.95 -58.11 -10.81
CA PRO K 121 -30.61 -58.25 -10.26
C PRO K 121 -29.61 -57.25 -10.86
N LYS K 122 -28.45 -57.12 -10.21
CA LYS K 122 -27.27 -56.42 -10.74
C LYS K 122 -27.64 -55.05 -11.31
N VAL K 123 -28.42 -54.27 -10.58
CA VAL K 123 -28.79 -52.92 -11.02
C VAL K 123 -27.56 -52.01 -10.86
N GLU K 124 -27.05 -51.47 -11.97
CA GLU K 124 -25.78 -50.75 -11.99
C GLU K 124 -26.03 -49.24 -12.03
N GLY K 125 -27.11 -48.79 -12.67
CA GLY K 125 -27.40 -47.35 -12.76
C GLY K 125 -28.86 -47.08 -13.09
N PRO K 126 -29.24 -45.79 -13.18
CA PRO K 126 -30.62 -45.40 -13.49
C PRO K 126 -31.05 -45.85 -14.89
N TRP K 127 -30.09 -46.01 -15.79
CA TRP K 127 -30.35 -46.49 -17.13
C TRP K 127 -30.97 -47.89 -17.10
N ASP K 128 -30.54 -48.72 -16.14
CA ASP K 128 -31.11 -50.05 -15.95
C ASP K 128 -32.56 -49.90 -15.49
N ILE K 129 -32.83 -48.96 -14.58
CA ILE K 129 -34.21 -48.69 -14.18
C ILE K 129 -34.98 -48.22 -15.42
N HIS K 130 -34.58 -47.09 -15.99
CA HIS K 130 -35.23 -46.48 -17.16
C HIS K 130 -35.70 -47.53 -18.17
N PHE K 131 -34.85 -48.49 -18.52
CA PHE K 131 -35.25 -49.56 -19.44
C PHE K 131 -36.44 -50.34 -18.87
N VAL K 132 -36.26 -50.88 -17.68
CA VAL K 132 -37.28 -51.69 -17.01
C VAL K 132 -38.56 -50.89 -16.84
N ASP K 133 -38.45 -49.60 -16.51
CA ASP K 133 -39.61 -48.72 -16.32
C ASP K 133 -40.41 -48.65 -17.63
N GLN K 134 -39.71 -48.43 -18.74
CA GLN K 134 -40.32 -48.22 -20.05
C GLN K 134 -40.91 -49.55 -20.54
N TYR K 135 -40.13 -50.63 -20.48
CA TYR K 135 -40.54 -51.94 -21.00
C TYR K 135 -41.81 -52.42 -20.29
N LEU K 136 -41.86 -52.25 -18.97
CA LEU K 136 -43.08 -52.54 -18.21
C LEU K 136 -44.23 -51.68 -18.75
N ALA K 137 -44.02 -50.37 -18.76
CA ALA K 137 -45.08 -49.41 -19.10
C ALA K 137 -45.79 -49.83 -20.39
N LEU K 138 -45.05 -50.32 -21.38
CA LEU K 138 -45.63 -50.74 -22.65
C LEU K 138 -46.43 -52.04 -22.46
N LEU K 139 -45.90 -52.97 -21.66
CA LEU K 139 -46.57 -54.24 -21.40
C LEU K 139 -47.83 -54.02 -20.56
N GLU K 140 -47.77 -53.11 -19.60
CA GLU K 140 -48.94 -52.80 -18.77
C GLU K 140 -50.09 -52.28 -19.67
N ALA K 141 -49.75 -51.50 -20.69
CA ALA K 141 -50.76 -50.91 -21.59
C ALA K 141 -51.29 -51.97 -22.55
N LYS K 142 -50.41 -52.88 -22.99
CA LYS K 142 -50.80 -53.92 -23.94
C LYS K 142 -51.76 -54.93 -23.29
N HIS K 143 -51.68 -55.09 -21.96
CA HIS K 143 -52.51 -56.08 -21.26
C HIS K 143 -53.39 -55.38 -20.21
N GLN K 144 -53.68 -54.09 -20.44
CA GLN K 144 -54.54 -53.31 -19.56
C GLN K 144 -54.36 -53.74 -18.10
N ILE K 145 -53.12 -53.67 -17.61
CA ILE K 145 -52.82 -53.92 -16.20
C ILE K 145 -53.30 -52.70 -15.41
N GLN K 146 -54.00 -52.94 -14.30
CA GLN K 146 -54.73 -51.88 -13.61
C GLN K 146 -53.84 -51.26 -12.52
N LYS K 147 -52.84 -52.01 -12.05
CA LYS K 147 -51.91 -51.54 -11.01
C LYS K 147 -50.48 -51.58 -11.55
N PRO K 148 -49.67 -50.53 -11.27
CA PRO K 148 -48.25 -50.47 -11.66
C PRO K 148 -47.39 -51.56 -11.00
N ILE K 149 -46.73 -52.38 -11.82
CA ILE K 149 -45.73 -53.33 -11.31
C ILE K 149 -44.51 -52.52 -10.84
N LEU K 150 -44.21 -52.57 -9.55
CA LEU K 150 -43.12 -51.77 -8.96
C LEU K 150 -41.77 -52.46 -9.20
N ILE K 151 -40.70 -51.67 -9.06
CA ILE K 151 -39.32 -52.14 -9.30
C ILE K 151 -38.56 -52.19 -7.97
N HIS K 152 -37.85 -53.30 -7.77
CA HIS K 152 -37.04 -53.56 -6.59
C HIS K 152 -35.59 -53.85 -7.05
N ALA K 153 -34.65 -53.02 -6.60
CA ALA K 153 -33.28 -53.05 -7.12
C ALA K 153 -32.39 -53.91 -6.22
N LEU K 154 -31.64 -54.81 -6.85
CA LEU K 154 -30.66 -55.65 -6.15
C LEU K 154 -29.29 -54.98 -6.19
N LEU K 155 -28.75 -54.67 -5.02
CA LEU K 155 -27.42 -54.03 -4.93
C LEU K 155 -26.35 -55.12 -4.95
N GLU K 156 -25.78 -55.38 -6.12
CA GLU K 156 -24.84 -56.49 -6.31
C GLU K 156 -23.52 -56.02 -6.93
N THR K 157 -23.31 -54.71 -7.10
CA THR K 157 -22.06 -54.21 -7.69
C THR K 157 -21.61 -52.92 -6.98
N ALA K 158 -20.30 -52.71 -6.96
CA ALA K 158 -19.70 -51.47 -6.46
C ALA K 158 -20.30 -50.27 -7.20
N GLN K 159 -20.36 -50.39 -8.53
CA GLN K 159 -20.96 -49.37 -9.38
C GLN K 159 -22.38 -49.05 -8.91
N GLY K 160 -23.16 -50.10 -8.61
CA GLY K 160 -24.51 -49.95 -8.08
C GLY K 160 -24.54 -49.14 -6.80
N MET K 161 -23.62 -49.44 -5.88
CA MET K 161 -23.54 -48.74 -4.59
C MET K 161 -23.15 -47.27 -4.80
N MET K 162 -22.32 -47.02 -5.81
CA MET K 162 -21.87 -45.67 -6.12
C MET K 162 -23.03 -44.85 -6.69
N ASN K 163 -23.92 -45.50 -7.46
CA ASN K 163 -25.00 -44.81 -8.18
C ASN K 163 -26.34 -44.96 -7.45
N LEU K 164 -26.32 -45.16 -6.14
CA LEU K 164 -27.55 -45.47 -5.41
C LEU K 164 -28.55 -44.31 -5.54
N GLU K 165 -28.10 -43.10 -5.24
CA GLU K 165 -28.95 -41.91 -5.29
C GLU K 165 -29.58 -41.78 -6.67
N ALA K 166 -28.81 -42.09 -7.71
CA ALA K 166 -29.31 -41.99 -9.08
C ALA K 166 -30.39 -43.05 -9.33
N ILE K 167 -30.14 -44.27 -8.87
CA ILE K 167 -31.04 -45.40 -9.09
C ILE K 167 -32.34 -45.17 -8.31
N ALA K 168 -32.22 -44.66 -7.09
CA ALA K 168 -33.39 -44.50 -6.22
C ALA K 168 -34.41 -43.53 -6.83
N GLY K 169 -33.93 -42.43 -7.40
CA GLY K 169 -34.80 -41.37 -7.92
C GLY K 169 -35.06 -41.50 -9.42
N ALA K 170 -34.83 -42.68 -9.99
CA ALA K 170 -34.89 -42.86 -11.45
C ALA K 170 -36.33 -43.06 -11.94
N SER K 171 -37.26 -43.39 -11.05
CA SER K 171 -38.62 -43.81 -11.45
C SER K 171 -39.58 -43.81 -10.26
N PRO K 172 -40.87 -43.50 -10.51
CA PRO K 172 -41.89 -43.62 -9.45
C PRO K 172 -42.26 -45.09 -9.20
N ARG K 173 -41.91 -45.97 -10.15
CA ARG K 173 -42.03 -47.41 -9.97
C ARG K 173 -41.17 -47.88 -8.78
N MET K 174 -40.05 -47.21 -8.51
CA MET K 174 -39.06 -47.71 -7.55
C MET K 174 -39.75 -48.06 -6.23
N HIS K 175 -39.46 -49.26 -5.73
CA HIS K 175 -40.01 -49.73 -4.45
C HIS K 175 -38.93 -49.64 -3.36
N GLY K 176 -37.78 -50.28 -3.61
CA GLY K 176 -36.72 -50.31 -2.62
C GLY K 176 -35.53 -51.11 -3.08
N PHE K 177 -34.63 -51.37 -2.13
CA PHE K 177 -33.36 -52.05 -2.41
C PHE K 177 -33.21 -53.29 -1.53
N SER K 178 -32.64 -54.33 -2.14
CA SER K 178 -32.20 -55.49 -1.40
C SER K 178 -30.69 -55.64 -1.57
N LEU K 179 -30.00 -55.80 -0.46
CA LEU K 179 -28.59 -56.13 -0.47
C LEU K 179 -28.40 -57.50 -1.13
N GLY K 180 -27.38 -57.63 -1.98
CA GLY K 180 -27.06 -58.91 -2.60
C GLY K 180 -25.68 -59.37 -2.18
N PRO K 181 -25.49 -59.62 -0.86
CA PRO K 181 -24.19 -59.70 -0.16
C PRO K 181 -23.18 -60.64 -0.82
N ALA K 182 -23.66 -61.71 -1.45
CA ALA K 182 -22.81 -62.64 -2.15
C ALA K 182 -22.11 -61.92 -3.29
N ASP K 183 -22.91 -61.33 -4.18
CA ASP K 183 -22.42 -60.74 -5.42
C ASP K 183 -21.73 -59.40 -5.15
N LEU K 184 -22.26 -58.63 -4.20
CA LEU K 184 -21.70 -57.32 -3.86
C LEU K 184 -20.29 -57.50 -3.28
N ALA K 185 -20.12 -58.54 -2.47
CA ALA K 185 -18.81 -58.89 -1.95
C ALA K 185 -17.86 -59.27 -3.09
N ALA K 186 -18.36 -60.09 -4.03
CA ALA K 186 -17.54 -60.51 -5.16
C ALA K 186 -17.12 -59.30 -6.01
N SER K 187 -18.05 -58.36 -6.19
CA SER K 187 -17.80 -57.13 -6.97
C SER K 187 -16.64 -56.34 -6.35
N ARG K 188 -16.76 -56.02 -5.07
CA ARG K 188 -15.78 -55.20 -4.35
C ARG K 188 -14.43 -55.92 -4.22
N GLY K 189 -14.49 -57.21 -3.88
CA GLY K 189 -13.32 -57.96 -3.45
C GLY K 189 -13.34 -58.22 -1.96
N MET K 190 -14.43 -57.85 -1.30
CA MET K 190 -14.72 -58.29 0.07
C MET K 190 -14.52 -59.81 0.17
N LYS K 191 -13.89 -60.25 1.26
CA LYS K 191 -13.81 -61.69 1.56
C LYS K 191 -14.86 -62.01 2.63
N THR K 192 -15.52 -63.15 2.45
CA THR K 192 -16.61 -63.56 3.33
C THR K 192 -16.49 -65.06 3.62
N THR K 193 -16.80 -65.44 4.85
CA THR K 193 -16.84 -66.86 5.26
C THR K 193 -18.17 -67.49 4.83
N ARG K 194 -19.26 -66.75 5.07
CA ARG K 194 -20.62 -67.21 4.74
C ARG K 194 -21.16 -66.41 3.54
N VAL K 195 -22.30 -66.85 3.02
CA VAL K 195 -22.92 -66.22 1.85
C VAL K 195 -23.83 -65.09 2.31
N GLY K 196 -24.09 -65.02 3.62
CA GLY K 196 -24.87 -63.92 4.20
C GLY K 196 -23.97 -62.88 4.87
N GLY K 197 -22.69 -62.90 4.55
CA GLY K 197 -21.78 -61.85 4.99
C GLY K 197 -21.34 -62.04 6.43
N GLY K 198 -20.11 -61.60 6.71
CA GLY K 198 -19.45 -61.80 8.00
C GLY K 198 -18.04 -62.32 7.82
N HIS K 199 -17.14 -61.97 8.73
CA HIS K 199 -15.79 -62.55 8.77
C HIS K 199 -15.21 -62.40 10.18
N PRO K 200 -14.69 -63.52 10.74
CA PRO K 200 -14.11 -63.49 12.09
C PRO K 200 -12.75 -62.77 12.17
N PHE K 201 -12.05 -62.64 11.04
CA PHE K 201 -10.70 -62.07 11.01
C PHE K 201 -10.76 -60.56 10.73
N TYR K 202 -11.97 -60.00 10.59
CA TYR K 202 -12.11 -58.53 10.50
C TYR K 202 -12.40 -57.96 11.88
N GLY K 203 -11.41 -57.29 12.47
CA GLY K 203 -11.57 -56.71 13.80
C GLY K 203 -10.38 -55.86 14.21
N VAL K 204 -10.49 -55.19 15.35
CA VAL K 204 -9.41 -54.35 15.87
C VAL K 204 -8.69 -55.09 17.01
N LEU K 205 -7.35 -55.08 16.95
CA LEU K 205 -6.50 -55.68 17.97
C LEU K 205 -6.20 -54.64 19.06
N ALA K 206 -6.32 -55.04 20.32
CA ALA K 206 -6.16 -54.10 21.44
C ALA K 206 -4.68 -53.80 21.69
N ASP K 207 -4.42 -52.90 22.63
CA ASP K 207 -3.05 -52.60 23.07
C ASP K 207 -2.58 -53.66 24.07
N PRO K 208 -1.25 -53.89 24.14
CA PRO K 208 -0.70 -54.82 25.15
C PRO K 208 -0.77 -54.21 26.55
N GLN K 209 -0.87 -55.07 27.56
CA GLN K 209 -0.94 -54.63 28.96
C GLN K 209 -0.24 -55.67 29.86
N GLU K 210 0.25 -55.22 31.02
CA GLU K 210 0.82 -56.09 32.05
C GLU K 210 2.09 -56.78 31.49
N HIS K 214 -1.41 -62.07 25.42
CA HIS K 214 -2.84 -62.19 25.16
C HIS K 214 -3.47 -60.80 24.97
N ARG K 215 -3.80 -60.47 23.72
CA ARG K 215 -4.45 -59.19 23.37
C ARG K 215 -5.86 -59.47 22.81
N PRO K 216 -6.90 -58.83 23.39
CA PRO K 216 -8.29 -59.08 22.96
C PRO K 216 -8.58 -58.51 21.55
N PHE K 217 -9.33 -59.29 20.77
CA PHE K 217 -9.60 -58.98 19.37
C PHE K 217 -11.09 -58.74 19.19
N TYR K 218 -11.46 -57.47 18.94
CA TYR K 218 -12.87 -57.09 18.80
C TYR K 218 -13.28 -57.15 17.31
N GLN K 219 -14.12 -58.13 16.97
CA GLN K 219 -14.61 -58.29 15.61
C GLN K 219 -15.56 -57.11 15.28
N GLN K 220 -15.62 -56.77 14.00
CA GLN K 220 -16.40 -55.63 13.52
C GLN K 220 -17.35 -56.09 12.40
N ASP K 221 -18.42 -55.33 12.19
CA ASP K 221 -19.40 -55.59 11.13
C ASP K 221 -18.84 -55.09 9.79
N LEU K 222 -18.81 -55.95 8.78
CA LEU K 222 -18.32 -55.57 7.45
C LEU K 222 -19.32 -54.63 6.74
N TRP K 223 -20.61 -54.75 7.04
CA TRP K 223 -21.65 -54.14 6.20
C TRP K 223 -22.21 -52.85 6.83
N HIS K 224 -21.55 -52.33 7.86
CA HIS K 224 -22.03 -51.09 8.49
C HIS K 224 -22.20 -49.98 7.44
N TYR K 225 -21.14 -49.75 6.66
CA TYR K 225 -21.15 -48.71 5.63
C TYR K 225 -22.27 -49.01 4.64
N THR K 226 -22.26 -50.22 4.10
CA THR K 226 -23.22 -50.63 3.07
C THR K 226 -24.66 -50.40 3.54
N ILE K 227 -25.01 -50.89 4.73
CA ILE K 227 -26.40 -50.83 5.20
C ILE K 227 -26.77 -49.38 5.48
N ALA K 228 -25.89 -48.65 6.17
CA ALA K 228 -26.18 -47.28 6.60
C ALA K 228 -26.44 -46.39 5.39
N ARG K 229 -25.66 -46.56 4.32
CA ARG K 229 -25.82 -45.79 3.08
C ARG K 229 -27.16 -46.17 2.43
N MET K 230 -27.32 -47.46 2.17
CA MET K 230 -28.52 -48.00 1.55
C MET K 230 -29.78 -47.43 2.24
N VAL K 231 -29.78 -47.42 3.57
CA VAL K 231 -30.95 -46.97 4.32
C VAL K 231 -31.12 -45.45 4.13
N ASP K 232 -30.01 -44.72 4.14
CA ASP K 232 -30.05 -43.25 4.10
C ASP K 232 -30.63 -42.77 2.76
N VAL K 233 -30.25 -43.44 1.67
CA VAL K 233 -30.76 -43.08 0.36
C VAL K 233 -32.21 -43.59 0.23
N ALA K 234 -32.46 -44.82 0.66
CA ALA K 234 -33.79 -45.44 0.51
C ALA K 234 -34.85 -44.57 1.19
N VAL K 235 -34.64 -44.28 2.47
CA VAL K 235 -35.60 -43.51 3.27
C VAL K 235 -35.73 -42.10 2.68
N ALA K 236 -34.64 -41.53 2.18
CA ALA K 236 -34.68 -40.16 1.63
C ALA K 236 -35.59 -40.10 0.39
N HIS K 237 -35.67 -41.19 -0.36
CA HIS K 237 -36.42 -41.26 -1.62
C HIS K 237 -37.82 -41.85 -1.40
N GLY K 238 -38.20 -42.14 -0.14
CA GLY K 238 -39.48 -42.77 0.15
C GLY K 238 -39.52 -44.24 -0.25
N LEU K 239 -38.34 -44.87 -0.27
CA LEU K 239 -38.20 -46.28 -0.61
C LEU K 239 -37.83 -47.07 0.66
N ARG K 240 -37.62 -48.37 0.51
CA ARG K 240 -37.40 -49.24 1.66
C ARG K 240 -36.14 -50.06 1.45
N ALA K 241 -35.30 -50.12 2.49
CA ALA K 241 -34.09 -50.94 2.48
C ALA K 241 -34.41 -52.35 3.00
N PHE K 242 -33.79 -53.36 2.40
CA PHE K 242 -33.98 -54.74 2.81
C PHE K 242 -32.63 -55.45 2.86
N TYR K 243 -32.41 -56.21 3.92
CA TYR K 243 -31.30 -57.16 3.96
C TYR K 243 -31.58 -58.27 2.95
N GLY K 244 -30.52 -58.78 2.33
CA GLY K 244 -30.67 -59.78 1.29
C GLY K 244 -30.91 -61.16 1.88
N PRO K 245 -30.23 -62.19 1.32
CA PRO K 245 -30.26 -63.53 1.85
C PRO K 245 -29.19 -63.74 2.94
N PHE K 246 -29.49 -64.65 3.86
CA PHE K 246 -28.50 -65.24 4.76
C PHE K 246 -28.16 -66.64 4.23
N GLY K 247 -26.87 -66.96 4.17
CA GLY K 247 -26.38 -68.11 3.41
C GLY K 247 -26.37 -69.39 4.20
N ASP K 248 -26.06 -69.29 5.50
CA ASP K 248 -25.99 -70.45 6.40
C ASP K 248 -27.39 -70.75 6.94
N ILE K 249 -28.06 -71.74 6.35
CA ILE K 249 -29.45 -72.06 6.66
C ILE K 249 -29.52 -72.70 8.07
N LYS K 250 -28.46 -73.40 8.45
CA LYS K 250 -28.39 -74.10 9.74
C LYS K 250 -28.18 -73.09 10.87
N ASP K 251 -27.17 -72.23 10.72
CA ASP K 251 -26.76 -71.30 11.78
C ASP K 251 -27.86 -70.25 11.99
N GLU K 252 -28.80 -70.54 12.88
CA GLU K 252 -30.01 -69.72 13.04
C GLU K 252 -29.75 -68.51 13.94
N ALA K 253 -28.80 -68.64 14.88
CA ALA K 253 -28.49 -67.54 15.80
C ALA K 253 -27.81 -66.40 15.03
N ALA K 254 -26.90 -66.76 14.12
CA ALA K 254 -26.19 -65.78 13.30
C ALA K 254 -27.17 -65.07 12.36
N CYS K 255 -28.18 -65.81 11.88
CA CYS K 255 -29.21 -65.24 11.01
C CYS K 255 -30.03 -64.19 11.79
N GLU K 256 -30.34 -64.48 13.04
CA GLU K 256 -31.06 -63.54 13.90
C GLU K 256 -30.21 -62.28 14.12
N ALA K 257 -28.91 -62.47 14.33
CA ALA K 257 -28.00 -61.37 14.63
C ALA K 257 -27.91 -60.41 13.43
N GLN K 258 -27.73 -60.96 12.24
CA GLN K 258 -27.65 -60.14 11.02
C GLN K 258 -28.99 -59.43 10.78
N PHE K 259 -30.09 -60.17 10.84
CA PHE K 259 -31.43 -59.60 10.62
C PHE K 259 -31.67 -58.43 11.60
N ARG K 260 -31.19 -58.56 12.83
CA ARG K 260 -31.40 -57.54 13.88
C ARG K 260 -30.58 -56.28 13.57
N ASN K 261 -29.30 -56.46 13.22
CA ASN K 261 -28.45 -55.33 12.86
C ASN K 261 -29.13 -54.49 11.78
N ALA K 262 -29.67 -55.16 10.76
CA ALA K 262 -30.38 -54.51 9.65
C ALA K 262 -31.61 -53.74 10.17
N PHE K 263 -32.38 -54.35 11.06
CA PHE K 263 -33.62 -53.77 11.58
C PHE K 263 -33.31 -52.58 12.49
N LEU K 264 -32.18 -52.59 13.17
CA LEU K 264 -31.82 -51.52 14.09
C LEU K 264 -31.33 -50.30 13.31
N LEU K 265 -30.80 -50.54 12.12
CA LEU K 265 -30.28 -49.47 11.25
C LEU K 265 -31.40 -48.84 10.42
N GLY K 266 -32.48 -49.59 10.17
CA GLY K 266 -33.68 -49.02 9.54
C GLY K 266 -34.21 -49.84 8.37
N CYS K 267 -33.70 -51.05 8.13
CA CYS K 267 -34.28 -51.94 7.11
C CYS K 267 -35.69 -52.40 7.53
N THR K 268 -36.50 -52.74 6.52
CA THR K 268 -37.92 -53.10 6.70
C THR K 268 -38.06 -54.61 6.86
N GLY K 269 -37.28 -55.38 6.09
CA GLY K 269 -37.39 -56.85 6.11
C GLY K 269 -36.12 -57.53 5.64
N ALA K 270 -36.22 -58.82 5.36
CA ALA K 270 -35.10 -59.61 4.85
C ALA K 270 -35.60 -60.84 4.08
N TRP K 271 -34.70 -61.56 3.43
CA TRP K 271 -35.06 -62.74 2.63
C TRP K 271 -35.13 -63.97 3.54
N SER K 272 -35.97 -64.92 3.15
CA SER K 272 -35.91 -66.29 3.69
C SER K 272 -35.76 -67.28 2.53
N LEU K 273 -34.74 -68.14 2.62
CA LEU K 273 -34.46 -69.15 1.58
C LEU K 273 -35.17 -70.46 1.92
N ALA K 274 -35.04 -70.89 3.17
CA ALA K 274 -35.68 -72.12 3.66
C ALA K 274 -36.76 -71.77 4.69
N PRO K 275 -37.64 -72.73 5.04
CA PRO K 275 -38.75 -72.53 5.99
C PRO K 275 -38.35 -72.07 7.42
N ASN K 276 -37.15 -72.40 7.87
CA ASN K 276 -36.72 -72.08 9.24
C ASN K 276 -36.48 -70.58 9.40
N GLN K 277 -36.24 -69.86 8.30
CA GLN K 277 -35.91 -68.44 8.35
C GLN K 277 -37.18 -67.58 8.40
N ILE K 278 -38.32 -68.12 7.98
CA ILE K 278 -39.57 -67.35 7.89
C ILE K 278 -39.91 -66.75 9.27
N PRO K 279 -40.04 -67.61 10.31
CA PRO K 279 -40.44 -67.07 11.63
C PRO K 279 -39.41 -66.11 12.24
N ILE K 280 -38.15 -66.26 11.86
CA ILE K 280 -37.05 -65.38 12.37
C ILE K 280 -37.27 -63.97 11.80
N ALA K 281 -37.48 -63.89 10.50
CA ALA K 281 -37.67 -62.57 9.87
C ALA K 281 -38.91 -61.89 10.44
N LYS K 282 -40.01 -62.61 10.63
CA LYS K 282 -41.22 -61.95 11.20
C LYS K 282 -40.94 -61.46 12.61
N ARG K 283 -40.21 -62.26 13.38
CA ARG K 283 -39.93 -61.90 14.78
C ARG K 283 -39.06 -60.64 14.84
N VAL K 284 -37.97 -60.62 14.09
CA VAL K 284 -37.00 -59.48 14.16
C VAL K 284 -37.56 -58.21 13.55
N PHE K 285 -38.23 -58.33 12.40
CA PHE K 285 -38.65 -57.16 11.61
C PHE K 285 -40.00 -56.61 12.06
N SER K 286 -40.61 -57.19 13.08
CA SER K 286 -41.89 -56.65 13.61
C SER K 286 -41.61 -55.38 14.41
N PRO K 287 -42.49 -54.38 14.26
CA PRO K 287 -42.37 -53.05 14.87
C PRO K 287 -42.51 -52.99 16.39
N ASP K 288 -42.12 -51.86 16.98
CA ASP K 288 -42.23 -51.62 18.44
C ASP K 288 -43.62 -52.03 18.93
N GLY K 305 -56.32 -34.92 10.16
CA GLY K 305 -55.44 -34.04 10.93
C GLY K 305 -55.19 -32.73 10.23
N SER K 306 -54.89 -31.70 11.02
CA SER K 306 -54.58 -30.35 10.50
C SER K 306 -53.99 -29.49 11.62
N GLY K 307 -52.97 -28.70 11.29
CA GLY K 307 -52.36 -27.79 12.25
C GLY K 307 -51.34 -28.49 13.14
N VAL K 308 -50.63 -27.69 13.94
CA VAL K 308 -49.48 -28.17 14.72
C VAL K 308 -49.99 -28.70 16.08
N ALA K 309 -49.25 -29.67 16.62
CA ALA K 309 -49.50 -30.21 17.97
C ALA K 309 -48.16 -30.53 18.65
N MET K 310 -48.21 -30.98 19.89
CA MET K 310 -46.99 -31.33 20.64
C MET K 310 -47.27 -32.53 21.56
N ILE K 311 -46.37 -33.51 21.54
CA ILE K 311 -46.53 -34.74 22.33
C ILE K 311 -45.18 -35.13 22.94
N ASP K 312 -45.05 -34.93 24.25
CA ASP K 312 -43.89 -35.33 25.05
C ASP K 312 -42.61 -34.66 24.52
N GLY K 313 -42.69 -33.36 24.21
CA GLY K 313 -41.52 -32.56 23.86
C GLY K 313 -41.48 -32.15 22.40
N LYS K 314 -41.68 -33.13 21.51
CA LYS K 314 -41.47 -32.93 20.07
C LYS K 314 -42.74 -32.34 19.43
N MET K 315 -42.55 -31.64 18.30
CA MET K 315 -43.64 -30.98 17.55
C MET K 315 -44.22 -31.98 16.54
N GLN K 316 -45.53 -31.87 16.28
CA GLN K 316 -46.21 -32.74 15.31
C GLN K 316 -46.87 -31.88 14.22
N ASP K 317 -46.60 -32.22 12.96
CA ASP K 317 -47.12 -31.49 11.80
C ASP K 317 -47.62 -32.52 10.78
N ASP K 318 -47.90 -32.09 9.55
CA ASP K 318 -48.46 -32.96 8.51
C ASP K 318 -47.42 -33.98 8.00
N ALA K 319 -46.16 -33.85 8.42
CA ALA K 319 -45.12 -34.83 8.06
C ALA K 319 -45.17 -36.05 8.99
N THR K 320 -45.33 -35.81 10.29
CA THR K 320 -45.34 -36.90 11.29
C THR K 320 -46.74 -37.55 11.37
N TRP K 321 -47.80 -36.76 11.14
CA TRP K 321 -49.16 -37.28 11.03
C TRP K 321 -49.22 -38.35 9.93
N LYS K 322 -48.59 -38.05 8.80
CA LYS K 322 -48.56 -38.93 7.63
C LYS K 322 -47.73 -40.19 7.96
N GLN K 323 -46.63 -40.00 8.68
CA GLN K 323 -45.73 -41.11 9.03
C GLN K 323 -46.36 -41.94 10.15
N ALA K 324 -47.17 -41.30 11.02
CA ALA K 324 -47.84 -42.00 12.13
C ALA K 324 -49.03 -42.82 11.61
N LYS K 325 -49.55 -42.47 10.44
CA LYS K 325 -50.63 -43.23 9.79
C LYS K 325 -50.07 -44.58 9.31
N VAL K 326 -48.80 -44.60 8.92
CA VAL K 326 -48.17 -45.79 8.31
C VAL K 326 -47.96 -46.88 9.38
N ILE K 327 -47.41 -46.51 10.53
CA ILE K 327 -47.02 -47.51 11.57
C ILE K 327 -48.27 -48.14 12.19
N VAL K 328 -49.34 -47.37 12.39
CA VAL K 328 -50.57 -47.88 13.00
C VAL K 328 -51.33 -48.73 11.98
N ASP K 329 -51.21 -48.39 10.69
CA ASP K 329 -51.90 -49.12 9.60
C ASP K 329 -51.07 -50.36 9.21
N LEU K 330 -49.78 -50.36 9.52
CA LEU K 330 -48.91 -51.51 9.25
C LEU K 330 -49.06 -52.55 10.37
N ALA K 331 -49.15 -52.09 11.61
CA ALA K 331 -49.34 -52.98 12.76
C ALA K 331 -50.72 -53.64 12.71
N ARG K 332 -51.69 -53.02 12.04
CA ARG K 332 -53.06 -53.57 11.95
C ARG K 332 -53.04 -54.92 11.22
N MET K 333 -52.65 -54.93 9.95
CA MET K 333 -52.71 -56.16 9.13
C MET K 333 -51.59 -57.13 9.55
N ILE K 334 -50.66 -56.69 10.40
CA ILE K 334 -49.77 -57.61 11.12
C ILE K 334 -50.56 -58.26 12.25
N ALA K 335 -51.40 -57.47 12.94
CA ALA K 335 -52.21 -57.95 14.08
C ALA K 335 -53.45 -58.71 13.60
N LYS K 336 -53.75 -58.69 12.30
CA LYS K 336 -54.89 -59.44 11.75
C LYS K 336 -54.49 -60.91 11.58
N LYS K 337 -53.28 -61.15 11.06
CA LYS K 337 -52.78 -62.51 10.79
C LYS K 337 -52.00 -63.04 12.00
N ASP K 338 -51.51 -62.15 12.87
CA ASP K 338 -50.72 -62.53 14.05
C ASP K 338 -51.36 -61.90 15.30
N PRO K 339 -52.43 -62.54 15.84
CA PRO K 339 -53.13 -62.04 17.05
C PRO K 339 -52.23 -61.98 18.30
N GLU K 340 -51.14 -62.74 18.31
CA GLU K 340 -50.19 -62.74 19.42
C GLU K 340 -49.57 -61.34 19.59
N LEU K 341 -49.21 -60.71 18.47
CA LEU K 341 -48.57 -59.39 18.50
C LEU K 341 -49.60 -58.30 18.84
N ALA K 342 -50.89 -58.60 18.66
CA ALA K 342 -51.96 -57.68 19.05
C ALA K 342 -51.98 -57.50 20.58
N GLN K 343 -51.41 -58.45 21.33
CA GLN K 343 -51.22 -58.32 22.78
C GLN K 343 -50.34 -57.10 23.06
N ALA K 344 -49.30 -56.92 22.25
CA ALA K 344 -48.42 -55.75 22.35
C ALA K 344 -49.14 -54.50 21.80
N TYR K 345 -49.67 -54.60 20.58
CA TYR K 345 -50.29 -53.44 19.90
C TYR K 345 -51.59 -53.05 20.59
N GLY K 346 -52.60 -53.91 20.53
CA GLY K 346 -53.89 -53.65 21.14
C GLY K 346 -54.72 -52.68 20.31
N MET L 1 -16.65 -35.67 -15.93
CA MET L 1 -16.49 -34.37 -16.64
C MET L 1 -16.23 -34.62 -18.14
N LYS L 2 -15.20 -35.39 -18.49
CA LYS L 2 -14.82 -35.59 -19.91
C LYS L 2 -15.69 -36.65 -20.57
N LEU L 3 -15.99 -36.48 -21.85
CA LEU L 3 -16.79 -37.46 -22.62
C LEU L 3 -15.91 -38.67 -22.99
N PRO L 4 -16.51 -39.87 -23.01
CA PRO L 4 -15.93 -41.15 -23.47
C PRO L 4 -15.09 -41.09 -24.76
N ILE L 5 -15.59 -40.40 -25.77
CA ILE L 5 -14.91 -40.37 -27.07
C ILE L 5 -13.59 -39.57 -26.96
N HIS L 6 -13.54 -38.59 -26.05
CA HIS L 6 -12.36 -37.73 -25.87
C HIS L 6 -11.47 -38.24 -24.72
N PHE L 7 -12.05 -39.04 -23.81
CA PHE L 7 -11.39 -39.50 -22.58
C PHE L 7 -10.13 -40.32 -22.90
N TYR L 8 -10.11 -41.03 -24.02
CA TYR L 8 -9.05 -41.98 -24.31
C TYR L 8 -8.07 -41.44 -25.38
N LYS L 9 -8.22 -40.18 -25.76
CA LYS L 9 -7.24 -39.55 -26.65
C LYS L 9 -6.04 -39.06 -25.84
N PRO L 10 -4.85 -39.06 -26.46
CA PRO L 10 -3.65 -38.52 -25.80
C PRO L 10 -3.75 -37.00 -25.67
N LEU L 11 -3.21 -36.45 -24.58
CA LEU L 11 -3.34 -35.01 -24.31
C LEU L 11 -2.21 -34.21 -25.00
N ALA L 12 -1.29 -34.89 -25.68
CA ALA L 12 -0.23 -34.20 -26.44
C ALA L 12 0.12 -34.99 -27.71
N ALA L 13 0.51 -34.27 -28.76
CA ALA L 13 0.92 -34.87 -30.03
C ALA L 13 2.29 -35.54 -29.88
N GLY L 14 2.33 -36.87 -29.98
CA GLY L 14 3.55 -37.64 -29.74
C GLY L 14 3.51 -38.39 -28.41
N ALA L 15 2.41 -38.25 -27.68
CA ALA L 15 2.25 -38.96 -26.41
C ALA L 15 1.68 -40.35 -26.67
N PRO L 16 2.07 -41.34 -25.83
CA PRO L 16 1.60 -42.73 -25.96
C PRO L 16 0.08 -42.86 -25.74
N GLN L 17 -0.53 -43.85 -26.38
CA GLN L 17 -1.99 -44.05 -26.31
C GLN L 17 -2.38 -44.43 -24.88
N PRO L 18 -3.35 -43.71 -24.28
CA PRO L 18 -3.83 -44.05 -22.94
C PRO L 18 -4.36 -45.49 -22.85
N ILE L 19 -4.11 -46.16 -21.72
CA ILE L 19 -4.59 -47.52 -21.51
C ILE L 19 -6.13 -47.51 -21.48
N ARG L 20 -6.72 -48.57 -22.01
CA ARG L 20 -8.17 -48.80 -21.94
C ARG L 20 -8.48 -49.61 -20.66
N GLU L 21 -7.52 -50.39 -20.18
CA GLU L 21 -7.70 -51.20 -18.96
C GLU L 21 -6.37 -51.25 -18.19
N LEU L 22 -6.44 -51.39 -16.87
CA LEU L 22 -5.25 -51.41 -16.01
C LEU L 22 -4.42 -52.68 -16.28
N PRO L 23 -3.08 -52.55 -16.33
CA PRO L 23 -2.19 -53.70 -16.45
C PRO L 23 -2.29 -54.64 -15.23
N VAL L 24 -2.23 -55.95 -15.49
CA VAL L 24 -2.36 -56.97 -14.45
C VAL L 24 -0.96 -57.39 -14.00
N ARG L 25 -0.66 -57.18 -12.73
CA ARG L 25 0.61 -57.59 -12.13
C ARG L 25 0.51 -57.55 -10.60
N PRO L 26 1.46 -58.21 -9.91
CA PRO L 26 1.48 -58.23 -8.45
C PRO L 26 1.73 -56.85 -7.83
N GLU L 27 0.88 -56.45 -6.87
CA GLU L 27 1.02 -55.21 -6.12
C GLU L 27 0.56 -55.44 -4.67
N ARG L 28 1.05 -56.51 -4.04
CA ARG L 28 0.69 -56.82 -2.64
C ARG L 28 1.37 -55.82 -1.70
N VAL L 29 2.57 -55.38 -2.07
CA VAL L 29 3.41 -54.60 -1.15
C VAL L 29 4.12 -53.49 -1.93
N ILE L 30 4.02 -52.26 -1.43
CA ILE L 30 4.64 -51.10 -2.06
C ILE L 30 5.72 -50.59 -1.10
N HIS L 31 6.97 -50.96 -1.38
CA HIS L 31 8.06 -50.71 -0.45
C HIS L 31 8.69 -49.34 -0.76
N PHE L 32 8.58 -48.42 0.19
CA PHE L 32 9.10 -47.07 0.03
C PHE L 32 10.60 -47.07 0.36
N PHE L 33 11.32 -46.15 -0.27
CA PHE L 33 12.71 -45.90 0.08
C PHE L 33 13.05 -44.43 -0.16
N PRO L 34 13.99 -43.87 0.65
CA PRO L 34 14.45 -42.49 0.54
C PRO L 34 15.71 -42.42 -0.33
N PRO L 35 15.56 -41.98 -1.59
CA PRO L 35 16.65 -42.12 -2.58
C PRO L 35 17.89 -41.25 -2.30
N HIS L 36 17.80 -40.33 -1.35
CA HIS L 36 18.93 -39.45 -1.01
C HIS L 36 19.98 -40.22 -0.20
N VAL L 37 19.56 -41.29 0.48
CA VAL L 37 20.44 -42.03 1.39
C VAL L 37 21.31 -43.00 0.57
N GLU L 38 22.60 -42.71 0.51
CA GLU L 38 23.57 -43.49 -0.29
C GLU L 38 23.44 -44.98 0.05
N LYS L 39 23.43 -45.30 1.34
CA LYS L 39 23.53 -46.69 1.80
C LYS L 39 22.38 -47.51 1.22
N ILE L 40 21.18 -46.93 1.17
CA ILE L 40 19.98 -47.63 0.71
C ILE L 40 20.03 -47.79 -0.82
N ARG L 41 20.64 -46.81 -1.49
CA ARG L 41 20.70 -46.77 -2.95
C ARG L 41 21.35 -48.04 -3.52
N ALA L 42 22.53 -48.39 -3.02
CA ALA L 42 23.32 -49.49 -3.60
C ALA L 42 22.63 -50.85 -3.37
N ARG L 43 21.77 -50.92 -2.36
CA ARG L 43 21.06 -52.16 -1.99
C ARG L 43 19.86 -52.42 -2.90
N ILE L 44 19.40 -51.41 -3.66
CA ILE L 44 18.07 -51.43 -4.28
C ILE L 44 17.90 -52.64 -5.20
N PRO L 45 18.91 -52.99 -6.02
CA PRO L 45 18.73 -54.13 -6.95
C PRO L 45 18.40 -55.46 -6.27
N GLU L 46 18.80 -55.62 -5.01
CA GLU L 46 18.55 -56.86 -4.26
C GLU L 46 17.20 -56.80 -3.54
N VAL L 47 16.81 -55.63 -3.03
CA VAL L 47 15.53 -55.46 -2.34
C VAL L 47 14.40 -55.34 -3.37
N ALA L 48 14.73 -54.92 -4.59
CA ALA L 48 13.77 -54.93 -5.70
C ALA L 48 13.19 -56.35 -5.90
N LYS L 49 14.02 -57.37 -5.66
CA LYS L 49 13.62 -58.77 -5.93
C LYS L 49 12.68 -59.29 -4.83
N GLN L 50 12.69 -58.66 -3.65
CA GLN L 50 11.94 -59.14 -2.49
C GLN L 50 10.55 -58.48 -2.40
N VAL L 51 10.20 -57.61 -3.37
CA VAL L 51 8.91 -56.91 -3.35
C VAL L 51 8.32 -56.87 -4.77
N ASP L 52 7.02 -56.57 -4.83
CA ASP L 52 6.29 -56.45 -6.09
C ASP L 52 6.43 -55.03 -6.64
N VAL L 53 6.30 -54.05 -5.76
CA VAL L 53 6.34 -52.64 -6.14
C VAL L 53 7.40 -51.92 -5.28
N LEU L 54 8.21 -51.10 -5.93
CA LEU L 54 9.25 -50.33 -5.28
C LEU L 54 9.00 -48.83 -5.53
N CYS L 55 8.69 -48.09 -4.47
CA CYS L 55 8.26 -46.67 -4.60
C CYS L 55 9.27 -45.72 -3.94
N GLY L 56 9.99 -44.95 -4.75
CA GLY L 56 10.81 -43.84 -4.25
C GLY L 56 9.95 -42.73 -3.66
N ASN L 57 10.50 -42.03 -2.67
CA ASN L 57 9.78 -40.98 -1.94
C ASN L 57 10.57 -39.66 -2.04
N LEU L 58 9.91 -38.61 -2.54
CA LEU L 58 10.49 -37.26 -2.57
C LEU L 58 9.76 -36.34 -1.59
N GLU L 59 8.64 -36.80 -1.06
CA GLU L 59 7.79 -35.90 -0.26
C GLU L 59 8.06 -36.02 1.25
N ASP L 60 7.05 -36.46 2.01
CA ASP L 60 7.17 -36.55 3.48
C ASP L 60 8.27 -37.53 3.82
N ALA L 61 9.03 -37.19 4.88
CA ALA L 61 10.21 -37.85 5.50
C ALA L 61 11.50 -37.47 4.77
N ILE L 62 11.40 -36.65 3.73
CA ILE L 62 12.61 -36.18 3.03
C ILE L 62 12.80 -34.74 3.47
N PRO L 63 13.96 -34.42 4.02
CA PRO L 63 14.21 -33.08 4.49
C PRO L 63 14.39 -32.13 3.30
N ILE L 64 14.13 -30.86 3.53
CA ILE L 64 14.16 -29.81 2.48
C ILE L 64 15.54 -29.73 1.84
N ASP L 65 16.60 -29.87 2.63
CA ASP L 65 17.99 -29.81 2.13
C ASP L 65 18.31 -31.08 1.34
N ALA L 66 17.46 -32.11 1.44
CA ALA L 66 17.73 -33.35 0.74
C ALA L 66 16.87 -33.52 -0.51
N LYS L 67 15.98 -32.56 -0.80
CA LYS L 67 14.99 -32.74 -1.87
C LYS L 67 15.73 -32.92 -3.22
N GLU L 68 16.62 -32.00 -3.55
CA GLU L 68 17.37 -32.06 -4.80
C GLU L 68 18.09 -33.41 -4.89
N ALA L 69 18.73 -33.80 -3.78
CA ALA L 69 19.52 -35.03 -3.71
C ALA L 69 18.61 -36.26 -3.84
N ALA L 70 17.44 -36.20 -3.21
CA ALA L 70 16.47 -37.28 -3.30
C ALA L 70 16.05 -37.48 -4.75
N ARG L 71 15.85 -36.37 -5.46
CA ARG L 71 15.41 -36.41 -6.86
C ARG L 71 16.52 -37.02 -7.72
N ALA L 72 17.74 -36.47 -7.63
CA ALA L 72 18.92 -37.00 -8.33
C ALA L 72 19.18 -38.46 -7.94
N GLY L 73 19.00 -38.78 -6.66
CA GLY L 73 19.19 -40.14 -6.18
C GLY L 73 18.28 -41.13 -6.89
N PHE L 74 16.98 -40.83 -6.90
CA PHE L 74 16.00 -41.71 -7.53
C PHE L 74 16.37 -41.94 -9.00
N ILE L 75 16.82 -40.87 -9.65
CA ILE L 75 17.19 -40.92 -11.06
C ILE L 75 18.36 -41.89 -11.28
N GLU L 76 19.40 -41.79 -10.45
CA GLU L 76 20.58 -42.67 -10.58
C GLU L 76 20.14 -44.14 -10.48
N VAL L 77 19.45 -44.48 -9.39
CA VAL L 77 18.99 -45.85 -9.13
C VAL L 77 18.31 -46.42 -10.38
N ALA L 78 17.26 -45.72 -10.80
CA ALA L 78 16.37 -46.22 -11.85
C ALA L 78 17.10 -46.30 -13.19
N ARG L 79 18.12 -45.46 -13.37
CA ARG L 79 18.96 -45.51 -14.59
C ARG L 79 19.69 -46.85 -14.66
N ASN L 80 20.25 -47.29 -13.52
CA ASN L 80 21.21 -48.41 -13.48
C ASN L 80 20.61 -49.63 -12.78
N THR L 81 19.35 -49.95 -13.03
CA THR L 81 18.71 -51.11 -12.40
C THR L 81 17.68 -51.72 -13.37
N ASP L 82 17.80 -53.03 -13.62
CA ASP L 82 16.73 -53.78 -14.29
C ASP L 82 15.81 -54.33 -13.19
N PHE L 83 14.63 -53.73 -13.08
CA PHE L 83 13.71 -54.04 -12.00
C PHE L 83 12.95 -55.33 -12.31
N GLY L 84 13.16 -55.87 -13.51
CA GLY L 84 12.61 -57.15 -13.89
C GLY L 84 11.09 -57.16 -13.78
N ASP L 85 10.60 -57.89 -12.79
CA ASP L 85 9.17 -58.06 -12.60
C ASP L 85 8.68 -57.16 -11.47
N THR L 86 9.56 -56.31 -10.94
CA THR L 86 9.18 -55.37 -9.90
C THR L 86 8.79 -54.03 -10.56
N ALA L 87 7.77 -53.39 -9.99
CA ALA L 87 7.26 -52.14 -10.52
C ALA L 87 8.03 -50.96 -9.89
N LEU L 88 8.33 -49.96 -10.71
CA LEU L 88 8.97 -48.72 -10.25
C LEU L 88 7.93 -47.60 -10.12
N TRP L 89 7.69 -47.17 -8.89
CA TRP L 89 6.83 -46.02 -8.58
C TRP L 89 7.69 -44.85 -8.07
N VAL L 90 7.13 -43.65 -8.08
CA VAL L 90 7.71 -42.53 -7.33
C VAL L 90 6.59 -41.63 -6.81
N ARG L 91 6.69 -41.27 -5.54
CA ARG L 91 5.86 -40.24 -4.95
C ARG L 91 6.61 -38.91 -5.06
N VAL L 92 6.23 -38.08 -6.03
CA VAL L 92 6.81 -36.75 -6.19
C VAL L 92 6.21 -35.84 -5.12
N ASN L 93 6.67 -34.60 -5.07
CA ASN L 93 6.21 -33.63 -4.09
C ASN L 93 4.80 -33.13 -4.46
N ALA L 94 4.22 -32.37 -3.52
CA ALA L 94 2.87 -31.80 -3.66
C ALA L 94 2.83 -30.75 -4.78
N LEU L 95 1.62 -30.52 -5.27
CA LEU L 95 1.39 -29.65 -6.41
C LEU L 95 1.54 -28.17 -6.01
N ASN L 96 1.57 -27.87 -4.71
CA ASN L 96 1.80 -26.50 -4.26
C ASN L 96 3.26 -26.32 -3.83
N SER L 97 4.17 -27.21 -4.22
CA SER L 97 5.54 -27.18 -3.66
C SER L 97 6.56 -26.70 -4.70
N PRO L 98 7.70 -26.16 -4.23
CA PRO L 98 8.76 -25.65 -5.10
C PRO L 98 9.62 -26.73 -5.79
N TRP L 99 9.39 -28.02 -5.50
CA TRP L 99 10.22 -29.09 -6.09
C TRP L 99 9.45 -29.88 -7.17
N VAL L 100 8.12 -29.78 -7.21
CA VAL L 100 7.32 -30.74 -7.99
C VAL L 100 7.54 -30.53 -9.50
N LEU L 101 7.60 -29.28 -9.97
CA LEU L 101 7.81 -29.05 -11.41
C LEU L 101 9.01 -29.89 -11.88
N ASP L 102 10.10 -29.79 -11.12
CA ASP L 102 11.38 -30.38 -11.51
C ASP L 102 11.39 -31.88 -11.21
N ASP L 103 10.77 -32.28 -10.10
CA ASP L 103 10.60 -33.70 -9.78
C ASP L 103 10.05 -34.44 -11.00
N ILE L 104 8.97 -33.91 -11.56
CA ILE L 104 8.24 -34.60 -12.63
C ILE L 104 9.04 -34.48 -13.93
N ALA L 105 9.57 -33.30 -14.25
CA ALA L 105 10.23 -33.09 -15.55
C ALA L 105 11.58 -33.83 -15.59
N ASP L 106 12.35 -33.79 -14.50
CA ASP L 106 13.64 -34.48 -14.42
C ASP L 106 13.43 -35.99 -14.58
N ILE L 107 12.54 -36.54 -13.76
CA ILE L 107 12.31 -37.98 -13.71
C ILE L 107 11.85 -38.49 -15.09
N VAL L 108 10.90 -37.81 -15.71
CA VAL L 108 10.33 -38.30 -16.99
C VAL L 108 11.40 -38.21 -18.09
N ALA L 109 12.20 -37.14 -18.05
CA ALA L 109 13.21 -36.90 -19.08
C ALA L 109 14.29 -38.00 -19.05
N THR L 110 14.64 -38.46 -17.86
CA THR L 110 15.79 -39.34 -17.68
C THR L 110 15.35 -40.81 -17.56
N VAL L 111 14.22 -41.11 -16.93
CA VAL L 111 13.85 -42.52 -16.64
C VAL L 111 12.37 -42.76 -16.91
N GLY L 112 11.78 -42.00 -17.83
CA GLY L 112 10.34 -42.04 -18.05
C GLY L 112 9.85 -43.40 -18.51
N ASN L 113 10.69 -44.15 -19.22
CA ASN L 113 10.28 -45.44 -19.81
C ASN L 113 10.31 -46.55 -18.77
N LYS L 114 10.90 -46.30 -17.61
CA LYS L 114 10.99 -47.30 -16.54
C LYS L 114 9.95 -47.02 -15.45
N LEU L 115 9.52 -45.77 -15.30
CA LEU L 115 8.53 -45.43 -14.28
C LEU L 115 7.15 -45.91 -14.72
N ASP L 116 6.53 -46.75 -13.91
CA ASP L 116 5.25 -47.36 -14.24
C ASP L 116 4.09 -46.53 -13.68
N VAL L 117 4.25 -46.01 -12.46
CA VAL L 117 3.19 -45.30 -11.76
C VAL L 117 3.79 -44.12 -10.99
N MET L 118 3.08 -42.99 -10.97
CA MET L 118 3.53 -41.79 -10.25
C MET L 118 2.48 -41.42 -9.19
N MET L 119 2.91 -41.38 -7.93
CA MET L 119 2.02 -41.16 -6.80
C MET L 119 1.95 -39.66 -6.49
N ILE L 120 0.74 -39.11 -6.51
CA ILE L 120 0.53 -37.69 -6.26
C ILE L 120 -0.02 -37.53 -4.83
N PRO L 121 0.69 -36.77 -3.98
CA PRO L 121 0.24 -36.57 -2.61
C PRO L 121 -0.71 -35.36 -2.46
N LYS L 122 -1.44 -35.34 -1.35
CA LYS L 122 -2.25 -34.21 -0.94
C LYS L 122 -3.27 -33.86 -2.02
N VAL L 123 -3.76 -34.86 -2.76
CA VAL L 123 -4.75 -34.61 -3.82
C VAL L 123 -6.04 -34.09 -3.19
N GLU L 124 -6.55 -32.98 -3.72
CA GLU L 124 -7.71 -32.31 -3.15
C GLU L 124 -8.92 -32.46 -4.08
N GLY L 125 -8.71 -32.55 -5.39
CA GLY L 125 -9.80 -32.61 -6.35
C GLY L 125 -9.31 -32.93 -7.76
N PRO L 126 -10.24 -33.10 -8.71
CA PRO L 126 -9.91 -33.53 -10.07
C PRO L 126 -8.96 -32.58 -10.81
N TRP L 127 -9.01 -31.29 -10.47
CA TRP L 127 -8.12 -30.26 -11.06
C TRP L 127 -6.65 -30.65 -10.92
N ASP L 128 -6.30 -31.30 -9.80
CA ASP L 128 -4.95 -31.80 -9.56
C ASP L 128 -4.60 -32.85 -10.62
N ILE L 129 -5.53 -33.79 -10.85
CA ILE L 129 -5.30 -34.86 -11.83
C ILE L 129 -5.21 -34.25 -13.23
N HIS L 130 -6.05 -33.27 -13.54
CA HIS L 130 -6.05 -32.63 -14.86
C HIS L 130 -4.68 -32.01 -15.15
N PHE L 131 -4.11 -31.33 -14.16
CA PHE L 131 -2.78 -30.75 -14.28
C PHE L 131 -1.74 -31.84 -14.57
N VAL L 132 -1.65 -32.85 -13.71
CA VAL L 132 -0.61 -33.86 -13.84
C VAL L 132 -0.74 -34.58 -15.19
N ASP L 133 -1.97 -34.93 -15.56
CA ASP L 133 -2.27 -35.60 -16.84
C ASP L 133 -1.66 -34.78 -17.99
N GLN L 134 -2.04 -33.52 -18.11
CA GLN L 134 -1.60 -32.71 -19.27
C GLN L 134 -0.08 -32.47 -19.20
N TYR L 135 0.47 -32.29 -18.01
CA TYR L 135 1.91 -32.06 -17.84
C TYR L 135 2.69 -33.33 -18.24
N LEU L 136 2.29 -34.49 -17.71
CA LEU L 136 2.93 -35.76 -18.10
C LEU L 136 2.83 -35.95 -19.61
N ALA L 137 1.66 -35.68 -20.19
CA ALA L 137 1.45 -35.86 -21.62
C ALA L 137 2.50 -35.06 -22.40
N LEU L 138 2.68 -33.79 -22.03
CA LEU L 138 3.63 -32.94 -22.74
C LEU L 138 5.05 -33.46 -22.53
N LEU L 139 5.39 -33.88 -21.30
CA LEU L 139 6.71 -34.42 -21.00
C LEU L 139 6.90 -35.77 -21.70
N GLU L 140 5.84 -36.57 -21.81
CA GLU L 140 5.93 -37.89 -22.45
C GLU L 140 6.24 -37.72 -23.95
N ALA L 141 5.66 -36.69 -24.56
CA ALA L 141 5.79 -36.47 -26.02
C ALA L 141 7.18 -35.90 -26.36
N LYS L 142 7.68 -34.99 -25.55
CA LYS L 142 9.01 -34.37 -25.72
C LYS L 142 10.11 -35.45 -25.67
N HIS L 143 9.94 -36.43 -24.77
CA HIS L 143 10.95 -37.45 -24.51
C HIS L 143 10.55 -38.81 -25.10
N GLN L 144 9.43 -38.85 -25.84
CA GLN L 144 9.01 -40.04 -26.62
C GLN L 144 8.86 -41.27 -25.72
N ILE L 145 7.99 -41.21 -24.72
CA ILE L 145 7.76 -42.31 -23.80
C ILE L 145 6.74 -43.27 -24.44
N GLN L 146 7.02 -44.58 -24.39
CA GLN L 146 6.33 -45.55 -25.26
C GLN L 146 5.03 -46.04 -24.62
N LYS L 147 5.02 -46.20 -23.30
CA LYS L 147 3.79 -46.53 -22.56
C LYS L 147 3.57 -45.45 -21.50
N PRO L 148 2.32 -45.05 -21.31
CA PRO L 148 2.01 -43.89 -20.47
C PRO L 148 2.22 -44.14 -18.97
N ILE L 149 2.75 -43.14 -18.29
CA ILE L 149 2.93 -43.17 -16.83
C ILE L 149 1.56 -42.97 -16.18
N LEU L 150 1.21 -43.85 -15.24
CA LEU L 150 -0.09 -43.82 -14.60
C LEU L 150 -0.03 -42.95 -13.34
N ILE L 151 -1.19 -42.46 -12.90
CA ILE L 151 -1.28 -41.58 -11.74
C ILE L 151 -1.94 -42.35 -10.59
N HIS L 152 -1.29 -42.29 -9.44
CA HIS L 152 -1.79 -42.88 -8.22
C HIS L 152 -2.08 -41.74 -7.23
N ALA L 153 -3.33 -41.66 -6.77
CA ALA L 153 -3.74 -40.51 -5.99
C ALA L 153 -3.67 -40.86 -4.50
N LEU L 154 -2.85 -40.14 -3.76
CA LEU L 154 -2.83 -40.30 -2.31
C LEU L 154 -4.08 -39.65 -1.72
N LEU L 155 -4.76 -40.44 -0.90
CA LEU L 155 -6.03 -40.07 -0.35
C LEU L 155 -5.81 -39.56 1.08
N GLU L 156 -5.47 -38.27 1.18
CA GLU L 156 -4.81 -37.71 2.38
C GLU L 156 -5.62 -36.57 2.99
N THR L 157 -6.76 -36.18 2.42
CA THR L 157 -7.46 -34.96 2.90
C THR L 157 -8.98 -35.17 2.88
N ALA L 158 -9.68 -34.39 3.69
CA ALA L 158 -11.13 -34.41 3.71
C ALA L 158 -11.68 -33.95 2.34
N GLN L 159 -11.05 -32.94 1.74
CA GLN L 159 -11.41 -32.49 0.40
C GLN L 159 -11.31 -33.64 -0.60
N GLY L 160 -10.24 -34.44 -0.50
CA GLY L 160 -10.03 -35.54 -1.43
C GLY L 160 -11.04 -36.66 -1.21
N MET L 161 -11.36 -36.91 0.06
CA MET L 161 -12.37 -37.89 0.41
C MET L 161 -13.72 -37.47 -0.21
N MET L 162 -14.10 -36.21 0.00
CA MET L 162 -15.39 -35.72 -0.48
C MET L 162 -15.41 -35.74 -2.01
N ASN L 163 -14.31 -35.33 -2.64
CA ASN L 163 -14.20 -35.23 -4.11
C ASN L 163 -13.74 -36.55 -4.72
N LEU L 164 -13.91 -37.67 -4.02
CA LEU L 164 -13.23 -38.91 -4.40
C LEU L 164 -13.78 -39.44 -5.75
N GLU L 165 -15.09 -39.36 -5.96
CA GLU L 165 -15.69 -39.87 -7.21
C GLU L 165 -15.13 -39.10 -8.41
N ALA L 166 -14.96 -37.79 -8.23
CA ALA L 166 -14.49 -36.92 -9.32
C ALA L 166 -13.01 -37.21 -9.64
N ILE L 167 -12.20 -37.37 -8.60
CA ILE L 167 -10.77 -37.69 -8.79
C ILE L 167 -10.66 -39.03 -9.52
N ALA L 168 -11.43 -40.02 -9.09
CA ALA L 168 -11.39 -41.36 -9.70
C ALA L 168 -11.66 -41.30 -11.22
N GLY L 169 -12.61 -40.45 -11.63
CA GLY L 169 -13.00 -40.39 -13.04
C GLY L 169 -12.20 -39.38 -13.86
N ALA L 170 -11.25 -38.66 -13.28
CA ALA L 170 -10.67 -37.47 -13.94
C ALA L 170 -9.75 -37.82 -15.11
N SER L 171 -9.16 -39.02 -15.17
CA SER L 171 -8.22 -39.32 -16.26
C SER L 171 -8.09 -40.83 -16.47
N PRO L 172 -7.81 -41.27 -17.72
CA PRO L 172 -7.46 -42.68 -18.01
C PRO L 172 -6.10 -43.13 -17.44
N ARG L 173 -5.28 -42.18 -17.01
CA ARG L 173 -4.03 -42.48 -16.32
C ARG L 173 -4.31 -43.01 -14.91
N MET L 174 -5.54 -42.87 -14.39
CA MET L 174 -5.77 -43.22 -12.97
C MET L 174 -5.52 -44.72 -12.77
N HIS L 175 -4.81 -45.02 -11.68
CA HIS L 175 -4.43 -46.39 -11.30
C HIS L 175 -5.17 -46.81 -10.03
N GLY L 176 -5.18 -45.93 -9.04
CA GLY L 176 -5.83 -46.24 -7.78
C GLY L 176 -5.57 -45.18 -6.72
N PHE L 177 -6.01 -45.48 -5.50
CA PHE L 177 -5.83 -44.60 -4.36
C PHE L 177 -5.07 -45.34 -3.26
N SER L 178 -4.31 -44.57 -2.47
CA SER L 178 -3.69 -45.06 -1.24
C SER L 178 -4.21 -44.25 -0.05
N LEU L 179 -4.59 -44.93 1.02
CA LEU L 179 -4.95 -44.22 2.25
C LEU L 179 -3.68 -43.57 2.81
N GLY L 180 -3.80 -42.32 3.24
CA GLY L 180 -2.70 -41.60 3.91
C GLY L 180 -3.11 -41.17 5.30
N PRO L 181 -3.11 -42.11 6.27
CA PRO L 181 -3.78 -41.98 7.57
C PRO L 181 -3.28 -40.81 8.44
N ALA L 182 -1.97 -40.57 8.43
CA ALA L 182 -1.40 -39.48 9.23
C ALA L 182 -1.96 -38.14 8.74
N ASP L 183 -1.75 -37.86 7.47
CA ASP L 183 -2.24 -36.62 6.84
C ASP L 183 -3.76 -36.55 6.92
N LEU L 184 -4.44 -37.67 6.73
CA LEU L 184 -5.90 -37.67 6.70
C LEU L 184 -6.46 -37.44 8.11
N ALA L 185 -5.79 -37.97 9.12
CA ALA L 185 -6.16 -37.67 10.51
C ALA L 185 -5.96 -36.17 10.78
N ALA L 186 -4.82 -35.65 10.36
CA ALA L 186 -4.49 -34.23 10.54
C ALA L 186 -5.57 -33.35 9.90
N SER L 187 -5.90 -33.66 8.64
CA SER L 187 -6.85 -32.87 7.86
C SER L 187 -8.23 -32.85 8.52
N ARG L 188 -8.72 -34.03 8.88
CA ARG L 188 -10.06 -34.20 9.47
C ARG L 188 -10.09 -33.65 10.91
N GLY L 189 -8.92 -33.56 11.53
CA GLY L 189 -8.86 -33.18 12.94
C GLY L 189 -9.13 -34.37 13.84
N MET L 190 -8.83 -35.59 13.36
CA MET L 190 -8.86 -36.76 14.23
C MET L 190 -7.79 -36.59 15.31
N LYS L 191 -8.14 -36.89 16.56
CA LYS L 191 -7.23 -36.68 17.69
C LYS L 191 -6.64 -38.03 18.11
N THR L 192 -5.89 -38.62 17.18
CA THR L 192 -5.08 -39.80 17.42
C THR L 192 -3.76 -39.63 16.68
N THR L 193 -2.66 -39.52 17.42
CA THR L 193 -1.33 -39.33 16.80
C THR L 193 -0.81 -40.67 16.25
N ARG L 194 -1.54 -41.77 16.48
CA ARG L 194 -1.18 -43.09 15.92
C ARG L 194 -1.39 -43.10 14.40
N VAL L 195 -0.40 -43.63 13.68
CA VAL L 195 -0.43 -43.69 12.22
C VAL L 195 -1.02 -45.03 11.79
N GLY L 196 -2.32 -45.03 11.57
CA GLY L 196 -3.00 -46.11 10.87
C GLY L 196 -3.22 -47.33 11.74
N GLY L 197 -3.66 -47.11 12.98
CA GLY L 197 -4.00 -48.23 13.87
C GLY L 197 -5.32 -47.98 14.58
N GLY L 198 -5.64 -48.87 15.51
CA GLY L 198 -6.78 -48.67 16.41
C GLY L 198 -6.53 -47.52 17.38
N HIS L 199 -7.56 -47.19 18.16
CA HIS L 199 -7.40 -46.29 19.30
C HIS L 199 -8.14 -46.89 20.50
N PRO L 200 -7.45 -47.05 21.63
CA PRO L 200 -8.03 -47.75 22.78
C PRO L 200 -9.25 -47.05 23.43
N PHE L 201 -9.57 -45.80 23.05
CA PHE L 201 -10.68 -45.06 23.66
C PHE L 201 -11.82 -44.83 22.66
N TYR L 202 -11.66 -45.21 21.40
CA TYR L 202 -12.79 -45.26 20.48
C TYR L 202 -13.48 -46.62 20.62
N GLY L 203 -14.66 -46.62 21.23
CA GLY L 203 -15.42 -47.86 21.42
C GLY L 203 -16.80 -47.61 22.00
N VAL L 204 -17.57 -48.68 22.17
CA VAL L 204 -18.94 -48.60 22.70
C VAL L 204 -18.98 -49.19 24.10
N LEU L 205 -19.56 -48.42 25.03
CA LEU L 205 -19.73 -48.83 26.43
C LEU L 205 -21.03 -49.65 26.55
N ALA L 206 -20.92 -50.84 27.13
CA ALA L 206 -22.09 -51.73 27.28
C ALA L 206 -23.05 -51.14 28.32
N ASP L 207 -24.28 -51.63 28.33
CA ASP L 207 -25.28 -51.15 29.29
C ASP L 207 -25.02 -51.81 30.65
N PRO L 208 -25.44 -51.15 31.76
CA PRO L 208 -25.36 -51.76 33.09
C PRO L 208 -26.13 -53.09 33.11
N GLN L 209 -25.50 -54.12 33.68
CA GLN L 209 -26.00 -55.50 33.59
C GLN L 209 -26.12 -56.10 35.00
N ARG L 215 -18.10 -52.92 33.37
CA ARG L 215 -18.81 -52.84 32.09
C ARG L 215 -17.82 -53.10 30.94
N PRO L 216 -18.18 -54.00 30.01
CA PRO L 216 -17.32 -54.23 28.83
C PRO L 216 -17.26 -52.99 27.92
N PHE L 217 -16.13 -52.82 27.25
CA PHE L 217 -15.90 -51.70 26.33
C PHE L 217 -15.27 -52.26 25.04
N TYR L 218 -16.02 -52.19 23.95
CA TYR L 218 -15.60 -52.80 22.68
C TYR L 218 -14.96 -51.73 21.79
N GLN L 219 -13.67 -51.88 21.52
CA GLN L 219 -12.98 -51.00 20.58
C GLN L 219 -13.59 -51.17 19.18
N GLN L 220 -13.64 -50.08 18.42
CA GLN L 220 -14.23 -50.08 17.08
C GLN L 220 -13.17 -49.68 16.06
N ASP L 221 -13.44 -49.97 14.79
CA ASP L 221 -12.54 -49.62 13.69
C ASP L 221 -12.77 -48.15 13.27
N LEU L 222 -11.72 -47.34 13.38
CA LEU L 222 -11.74 -45.92 13.01
C LEU L 222 -11.80 -45.75 11.49
N TRP L 223 -11.20 -46.68 10.76
CA TRP L 223 -10.98 -46.53 9.33
C TRP L 223 -12.01 -47.33 8.53
N HIS L 224 -13.14 -47.69 9.14
CA HIS L 224 -14.15 -48.50 8.46
C HIS L 224 -14.78 -47.73 7.29
N TYR L 225 -15.35 -46.57 7.59
CA TYR L 225 -15.99 -45.69 6.60
C TYR L 225 -15.01 -45.35 5.47
N THR L 226 -13.80 -44.94 5.86
CA THR L 226 -12.79 -44.43 4.94
C THR L 226 -12.41 -45.47 3.89
N ILE L 227 -12.19 -46.72 4.31
CA ILE L 227 -11.72 -47.77 3.40
C ILE L 227 -12.89 -48.29 2.56
N ALA L 228 -14.08 -48.40 3.16
CA ALA L 228 -15.25 -48.85 2.41
C ALA L 228 -15.57 -47.85 1.29
N ARG L 229 -15.57 -46.57 1.63
CA ARG L 229 -15.84 -45.52 0.66
C ARG L 229 -14.77 -45.55 -0.44
N MET L 230 -13.51 -45.69 -0.03
CA MET L 230 -12.40 -45.71 -1.00
C MET L 230 -12.55 -46.89 -1.97
N VAL L 231 -12.93 -48.05 -1.44
CA VAL L 231 -12.98 -49.30 -2.19
C VAL L 231 -14.11 -49.24 -3.22
N ASP L 232 -15.27 -48.76 -2.80
CA ASP L 232 -16.43 -48.69 -3.69
C ASP L 232 -16.13 -47.75 -4.86
N VAL L 233 -15.59 -46.57 -4.56
CA VAL L 233 -15.28 -45.59 -5.60
C VAL L 233 -14.20 -46.16 -6.55
N ALA L 234 -13.15 -46.74 -5.99
CA ALA L 234 -12.01 -47.20 -6.77
C ALA L 234 -12.41 -48.37 -7.69
N VAL L 235 -13.07 -49.37 -7.12
CA VAL L 235 -13.40 -50.61 -7.86
C VAL L 235 -14.43 -50.28 -8.93
N ALA L 236 -15.41 -49.43 -8.60
CA ALA L 236 -16.43 -48.97 -9.56
C ALA L 236 -15.79 -48.35 -10.80
N HIS L 237 -14.63 -47.68 -10.65
CA HIS L 237 -13.94 -47.06 -11.78
C HIS L 237 -12.93 -48.02 -12.42
N GLY L 238 -12.92 -49.28 -12.03
CA GLY L 238 -11.91 -50.25 -12.48
C GLY L 238 -10.52 -49.89 -11.97
N LEU L 239 -10.43 -49.39 -10.75
CA LEU L 239 -9.14 -49.05 -10.11
C LEU L 239 -8.96 -49.89 -8.84
N ARG L 240 -7.74 -49.86 -8.32
CA ARG L 240 -7.34 -50.63 -7.15
C ARG L 240 -7.16 -49.69 -5.94
N ALA L 241 -7.69 -50.08 -4.78
CA ALA L 241 -7.55 -49.33 -3.54
C ALA L 241 -6.44 -49.97 -2.68
N PHE L 242 -5.65 -49.14 -1.99
CA PHE L 242 -4.52 -49.64 -1.22
C PHE L 242 -4.54 -49.04 0.19
N TYR L 243 -4.19 -49.85 1.18
CA TYR L 243 -3.89 -49.31 2.50
C TYR L 243 -2.49 -48.68 2.43
N GLY L 244 -2.28 -47.61 3.18
CA GLY L 244 -1.00 -46.89 3.15
C GLY L 244 0.01 -47.49 4.12
N PRO L 245 0.61 -46.62 4.97
CA PRO L 245 1.59 -47.06 5.96
C PRO L 245 0.96 -47.50 7.29
N PHE L 246 1.59 -48.50 7.91
CA PHE L 246 1.40 -48.80 9.32
C PHE L 246 2.64 -48.30 10.07
N GLY L 247 2.45 -47.31 10.94
CA GLY L 247 3.58 -46.59 11.55
C GLY L 247 4.33 -47.39 12.59
N ASP L 248 3.62 -48.25 13.32
CA ASP L 248 4.23 -49.05 14.38
C ASP L 248 5.02 -50.20 13.73
N ILE L 249 6.33 -50.00 13.60
CA ILE L 249 7.20 -50.96 12.91
C ILE L 249 7.36 -52.21 13.79
N LYS L 250 7.53 -51.98 15.10
CA LYS L 250 7.79 -53.05 16.06
C LYS L 250 6.60 -54.01 16.13
N ASP L 251 5.39 -53.47 16.15
CA ASP L 251 4.19 -54.26 16.42
C ASP L 251 3.74 -54.97 15.13
N GLU L 252 4.27 -56.18 14.92
CA GLU L 252 4.00 -56.95 13.69
C GLU L 252 2.61 -57.59 13.75
N ALA L 253 2.07 -57.81 14.94
CA ALA L 253 0.77 -58.45 15.10
C ALA L 253 -0.34 -57.45 14.75
N ALA L 254 -0.19 -56.22 15.21
CA ALA L 254 -1.14 -55.15 14.94
C ALA L 254 -1.08 -54.76 13.45
N CYS L 255 0.12 -54.82 12.86
CA CYS L 255 0.31 -54.47 11.45
C CYS L 255 -0.40 -55.48 10.54
N GLU L 256 -0.38 -56.76 10.90
CA GLU L 256 -1.03 -57.80 10.11
C GLU L 256 -2.56 -57.67 10.26
N ALA L 257 -2.99 -57.28 11.46
CA ALA L 257 -4.42 -57.09 11.75
C ALA L 257 -4.99 -55.95 10.90
N GLN L 258 -4.28 -54.82 10.84
CA GLN L 258 -4.75 -53.66 10.07
C GLN L 258 -4.64 -53.94 8.57
N PHE L 259 -3.58 -54.64 8.15
CA PHE L 259 -3.43 -55.05 6.76
C PHE L 259 -4.58 -55.98 6.36
N ARG L 260 -4.94 -56.92 7.23
CA ARG L 260 -5.96 -57.92 6.88
C ARG L 260 -7.34 -57.25 6.86
N ASN L 261 -7.57 -56.32 7.79
CA ASN L 261 -8.81 -55.52 7.79
C ASN L 261 -9.02 -54.92 6.40
N ALA L 262 -7.98 -54.26 5.88
CA ALA L 262 -8.01 -53.59 4.60
C ALA L 262 -8.20 -54.60 3.47
N PHE L 263 -7.50 -55.73 3.56
CA PHE L 263 -7.55 -56.75 2.51
C PHE L 263 -8.95 -57.37 2.45
N LEU L 264 -9.59 -57.55 3.58
CA LEU L 264 -10.90 -58.21 3.64
C LEU L 264 -11.99 -57.26 3.13
N LEU L 265 -11.69 -55.96 3.11
CA LEU L 265 -12.63 -54.96 2.61
C LEU L 265 -12.45 -54.78 1.10
N GLY L 266 -11.29 -55.18 0.56
CA GLY L 266 -11.07 -55.23 -0.88
C GLY L 266 -9.85 -54.44 -1.35
N CYS L 267 -8.95 -54.09 -0.44
CA CYS L 267 -7.71 -53.42 -0.85
C CYS L 267 -6.80 -54.45 -1.54
N THR L 268 -5.95 -53.95 -2.44
CA THR L 268 -5.09 -54.78 -3.29
C THR L 268 -3.75 -55.04 -2.58
N GLY L 269 -3.34 -54.14 -1.69
CA GLY L 269 -1.99 -54.18 -1.12
C GLY L 269 -1.80 -53.16 0.01
N ALA L 270 -0.56 -53.01 0.47
CA ALA L 270 -0.24 -51.98 1.47
C ALA L 270 1.22 -51.55 1.34
N TRP L 271 1.57 -50.51 2.09
CA TRP L 271 2.93 -49.97 2.08
C TRP L 271 3.79 -50.70 3.11
N SER L 272 5.01 -51.02 2.72
CA SER L 272 6.02 -51.43 3.66
C SER L 272 6.99 -50.27 3.90
N LEU L 273 7.06 -49.82 5.16
CA LEU L 273 7.99 -48.77 5.56
C LEU L 273 9.37 -49.37 5.83
N ALA L 274 9.41 -50.38 6.69
CA ALA L 274 10.64 -51.09 7.02
C ALA L 274 10.57 -52.53 6.47
N PRO L 275 11.74 -53.15 6.22
CA PRO L 275 11.92 -54.53 5.70
C PRO L 275 11.10 -55.65 6.37
N ASN L 276 10.79 -55.51 7.65
CA ASN L 276 10.08 -56.54 8.41
C ASN L 276 8.60 -56.62 7.97
N GLN L 277 8.08 -55.54 7.39
CA GLN L 277 6.68 -55.52 6.97
C GLN L 277 6.53 -56.13 5.56
N ILE L 278 7.60 -56.20 4.78
CA ILE L 278 7.52 -56.72 3.40
C ILE L 278 6.77 -58.07 3.41
N PRO L 279 7.22 -59.05 4.22
CA PRO L 279 6.58 -60.38 4.19
C PRO L 279 5.12 -60.38 4.69
N ILE L 280 4.80 -59.52 5.66
CA ILE L 280 3.43 -59.42 6.18
C ILE L 280 2.49 -59.04 5.04
N ALA L 281 2.87 -58.01 4.30
CA ALA L 281 2.08 -57.52 3.18
C ALA L 281 1.85 -58.64 2.17
N LYS L 282 2.92 -59.35 1.81
CA LYS L 282 2.85 -60.38 0.78
C LYS L 282 1.90 -61.49 1.22
N ARG L 283 1.94 -61.83 2.50
CA ARG L 283 1.16 -62.94 3.04
C ARG L 283 -0.32 -62.56 3.06
N VAL L 284 -0.63 -61.35 3.52
CA VAL L 284 -2.01 -60.89 3.70
C VAL L 284 -2.67 -60.70 2.33
N PHE L 285 -2.02 -59.96 1.44
CA PHE L 285 -2.68 -59.48 0.22
C PHE L 285 -2.58 -60.49 -0.93
N SER L 286 -2.07 -61.70 -0.66
CA SER L 286 -2.10 -62.79 -1.65
C SER L 286 -3.55 -63.23 -1.91
N PRO L 287 -3.93 -63.37 -3.20
CA PRO L 287 -5.31 -63.72 -3.58
C PRO L 287 -5.87 -64.93 -2.82
N ASP L 288 -7.20 -64.97 -2.71
CA ASP L 288 -7.89 -66.04 -2.00
C ASP L 288 -7.86 -67.30 -2.87
N VAL L 289 -7.66 -68.45 -2.22
CA VAL L 289 -7.68 -69.73 -2.90
C VAL L 289 -9.10 -69.99 -3.44
N ASN L 290 -10.13 -69.58 -2.69
CA ASN L 290 -11.53 -69.83 -3.05
C ASN L 290 -11.90 -69.06 -4.33
N GLU L 291 -11.50 -67.79 -4.40
CA GLU L 291 -11.76 -66.96 -5.57
C GLU L 291 -10.99 -67.51 -6.79
N VAL L 292 -9.73 -67.87 -6.57
CA VAL L 292 -8.85 -68.34 -7.65
C VAL L 292 -9.39 -69.66 -8.23
N LEU L 293 -9.81 -70.58 -7.36
CA LEU L 293 -10.33 -71.89 -7.80
C LEU L 293 -11.65 -71.70 -8.57
N PHE L 294 -12.55 -70.90 -8.01
CA PHE L 294 -13.86 -70.62 -8.63
C PHE L 294 -13.68 -69.90 -9.97
N ALA L 295 -12.60 -69.13 -10.09
CA ALA L 295 -12.28 -68.41 -11.34
C ALA L 295 -11.86 -69.38 -12.43
N LYS L 296 -11.06 -70.39 -12.09
CA LYS L 296 -10.63 -71.40 -13.09
C LYS L 296 -11.84 -72.18 -13.62
N ARG L 297 -12.88 -72.30 -12.80
CA ARG L 297 -14.12 -73.00 -13.17
C ARG L 297 -14.94 -72.12 -14.14
N ILE L 298 -14.70 -70.81 -14.14
CA ILE L 298 -15.36 -69.89 -15.10
C ILE L 298 -14.64 -69.99 -16.46
N LEU L 299 -13.33 -70.23 -16.44
CA LEU L 299 -12.53 -70.29 -17.67
C LEU L 299 -12.66 -71.67 -18.34
N ASP L 300 -13.16 -72.67 -17.61
CA ASP L 300 -13.37 -74.02 -18.15
C ASP L 300 -14.76 -74.10 -18.80
N ALA L 301 -15.74 -73.47 -18.17
CA ALA L 301 -17.12 -73.47 -18.67
C ALA L 301 -17.24 -72.57 -19.91
N MET L 302 -16.32 -71.62 -20.08
CA MET L 302 -16.33 -70.70 -21.23
C MET L 302 -14.90 -70.56 -21.79
N PRO L 303 -14.45 -71.55 -22.58
CA PRO L 303 -13.09 -71.58 -23.17
C PRO L 303 -12.71 -70.32 -23.98
N ASP L 304 -13.67 -69.80 -24.76
CA ASP L 304 -13.43 -68.66 -25.66
C ASP L 304 -14.04 -67.37 -25.07
N GLY L 305 -14.56 -67.46 -23.84
CA GLY L 305 -15.08 -66.29 -23.13
C GLY L 305 -16.44 -65.82 -23.65
N SER L 306 -17.10 -66.66 -24.46
CA SER L 306 -18.36 -66.28 -25.12
C SER L 306 -19.50 -67.20 -24.64
N GLY L 307 -20.72 -66.71 -24.85
CA GLY L 307 -21.93 -67.41 -24.44
C GLY L 307 -22.31 -67.08 -23.00
N VAL L 308 -23.12 -67.95 -22.43
CA VAL L 308 -23.50 -67.88 -21.02
C VAL L 308 -23.29 -69.27 -20.40
N ALA L 309 -22.93 -69.30 -19.12
CA ALA L 309 -22.68 -70.54 -18.39
C ALA L 309 -23.34 -70.47 -17.01
N MET L 310 -23.05 -71.43 -16.14
CA MET L 310 -23.57 -71.41 -14.77
C MET L 310 -22.69 -72.28 -13.87
N ILE L 311 -22.22 -71.70 -12.77
CA ILE L 311 -21.42 -72.41 -11.79
C ILE L 311 -22.02 -72.14 -10.40
N ASP L 312 -22.34 -73.21 -9.67
CA ASP L 312 -22.93 -73.12 -8.32
C ASP L 312 -24.19 -72.24 -8.33
N GLY L 313 -25.00 -72.38 -9.38
CA GLY L 313 -26.31 -71.71 -9.49
C GLY L 313 -26.21 -70.21 -9.70
N LYS L 314 -25.18 -69.75 -10.42
CA LYS L 314 -24.97 -68.32 -10.66
C LYS L 314 -24.58 -68.09 -12.12
N MET L 315 -25.28 -67.18 -12.77
CA MET L 315 -25.06 -66.86 -14.18
C MET L 315 -23.64 -66.31 -14.39
N GLN L 316 -22.92 -66.87 -15.36
CA GLN L 316 -21.58 -66.39 -15.74
C GLN L 316 -21.65 -65.85 -17.18
N ASP L 317 -20.99 -64.72 -17.42
CA ASP L 317 -21.14 -63.97 -18.68
C ASP L 317 -19.78 -63.38 -19.09
N ASP L 318 -19.78 -62.61 -20.18
CA ASP L 318 -18.58 -61.95 -20.71
C ASP L 318 -17.88 -61.11 -19.62
N ALA L 319 -18.67 -60.51 -18.73
CA ALA L 319 -18.14 -59.60 -17.70
C ALA L 319 -17.35 -60.38 -16.63
N THR L 320 -17.95 -61.45 -16.09
CA THR L 320 -17.32 -62.23 -15.01
C THR L 320 -16.17 -63.10 -15.54
N TRP L 321 -16.15 -63.34 -16.86
CA TRP L 321 -15.06 -64.09 -17.50
C TRP L 321 -13.78 -63.24 -17.54
N LYS L 322 -13.93 -61.92 -17.67
CA LYS L 322 -12.80 -60.99 -17.71
C LYS L 322 -12.23 -60.81 -16.29
N GLN L 323 -13.12 -60.78 -15.30
CA GLN L 323 -12.74 -60.68 -13.87
C GLN L 323 -12.03 -61.98 -13.43
N ALA L 324 -12.42 -63.11 -14.01
CA ALA L 324 -11.81 -64.41 -13.71
C ALA L 324 -10.47 -64.56 -14.44
N LYS L 325 -10.35 -63.95 -15.62
CA LYS L 325 -9.08 -63.93 -16.36
C LYS L 325 -8.03 -63.16 -15.56
N VAL L 326 -8.46 -62.05 -14.94
CA VAL L 326 -7.54 -61.15 -14.22
C VAL L 326 -6.99 -61.87 -12.98
N ILE L 327 -7.85 -62.57 -12.25
CA ILE L 327 -7.46 -63.15 -10.95
C ILE L 327 -6.53 -64.35 -11.16
N VAL L 328 -6.66 -65.05 -12.30
CA VAL L 328 -5.79 -66.22 -12.57
C VAL L 328 -4.44 -65.74 -13.12
N ASP L 329 -4.42 -64.64 -13.86
CA ASP L 329 -3.17 -64.07 -14.39
C ASP L 329 -2.32 -63.54 -13.22
N LEU L 330 -3.00 -63.04 -12.20
CA LEU L 330 -2.34 -62.48 -11.02
C LEU L 330 -1.79 -63.62 -10.15
N ALA L 331 -2.62 -64.65 -9.94
CA ALA L 331 -2.22 -65.83 -9.19
C ALA L 331 -1.05 -66.53 -9.89
N ARG L 332 -1.08 -66.57 -11.22
CA ARG L 332 -0.04 -67.25 -12.01
C ARG L 332 1.29 -66.49 -11.90
N MET L 333 1.23 -65.17 -11.80
CA MET L 333 2.45 -64.35 -11.74
C MET L 333 3.04 -64.39 -10.33
N ILE L 334 2.19 -64.43 -9.31
CA ILE L 334 2.63 -64.57 -7.91
C ILE L 334 3.28 -65.95 -7.74
N ALA L 335 2.69 -66.97 -8.36
CA ALA L 335 3.14 -68.36 -8.21
C ALA L 335 4.53 -68.58 -8.83
N LYS L 336 4.96 -67.69 -9.74
CA LYS L 336 6.28 -67.80 -10.37
C LYS L 336 7.39 -67.62 -9.33
N LYS L 337 7.06 -67.02 -8.19
CA LYS L 337 8.07 -66.75 -7.15
C LYS L 337 7.56 -67.19 -5.77
N ASP L 338 6.72 -68.23 -5.75
CA ASP L 338 6.26 -68.84 -4.49
C ASP L 338 5.65 -70.22 -4.77
N PRO L 339 6.41 -71.30 -4.50
CA PRO L 339 5.93 -72.66 -4.72
C PRO L 339 4.73 -73.08 -3.88
N GLU L 340 4.64 -72.57 -2.64
CA GLU L 340 3.55 -72.96 -1.73
C GLU L 340 2.20 -72.54 -2.32
N LEU L 341 2.11 -71.29 -2.78
CA LEU L 341 0.85 -70.74 -3.30
C LEU L 341 0.58 -71.28 -4.71
N ALA L 342 1.63 -71.70 -5.43
CA ALA L 342 1.46 -72.38 -6.72
C ALA L 342 0.67 -73.68 -6.52
N GLN L 343 0.99 -74.40 -5.44
CA GLN L 343 0.31 -75.64 -5.06
C GLN L 343 -1.14 -75.35 -4.64
N ALA L 344 -1.33 -74.30 -3.84
CA ALA L 344 -2.65 -73.93 -3.30
C ALA L 344 -3.58 -73.48 -4.43
N TYR L 345 -3.04 -72.77 -5.42
CA TYR L 345 -3.82 -72.34 -6.61
C TYR L 345 -3.94 -73.49 -7.60
N GLY L 346 -2.90 -74.33 -7.67
CA GLY L 346 -2.91 -75.54 -8.50
C GLY L 346 -2.29 -75.32 -9.87
N PHE L 347 -1.14 -74.65 -9.90
CA PHE L 347 -0.40 -74.39 -11.14
C PHE L 347 0.96 -75.10 -11.09
C TRS M . 47.78 13.86 2.28
C1 TRS M . 47.36 14.73 1.11
C2 TRS M . 46.66 12.90 2.66
C3 TRS M . 48.15 14.73 3.48
N TRS M . 48.98 13.07 1.89
O1 TRS M . 47.13 13.91 -0.04
O2 TRS M . 47.07 12.11 3.78
O3 TRS M . 49.03 15.78 3.05
C TRS N . 0.89 49.48 22.23
C1 TRS N . -0.57 49.34 21.83
C2 TRS N . 1.01 49.84 23.70
C3 TRS N . 1.60 50.53 21.37
N TRS N . 1.55 48.19 22.02
O1 TRS N . -0.67 48.69 20.57
O2 TRS N . 0.60 48.73 24.48
O3 TRS N . 1.30 51.82 21.84
C1 OXL O . -4.10 39.33 1.79
C2 OXL O . -4.47 39.62 3.17
O1 OXL O . -3.96 38.11 1.47
O2 OXL O . -4.25 38.73 3.99
O3 OXL O . -3.93 40.32 1.02
O4 OXL O . -5.00 40.70 3.49
C1 OXL P . 36.78 3.71 19.89
C2 OXL P . 37.09 3.53 18.47
O1 OXL P . 37.28 2.93 20.72
O2 OXL P . 36.18 3.64 17.63
O3 OXL P . 36.01 4.63 20.23
O4 OXL P . 38.27 3.29 18.14
MG MG Q . 34.47 3.49 20.08
C TRS R . -18.05 -50.24 12.95
C1 TRS R . -18.82 -49.09 13.55
C2 TRS R . -16.82 -49.73 12.28
C3 TRS R . -18.81 -51.04 11.95
N TRS R . -17.72 -51.16 14.04
O1 TRS R . -20.06 -49.53 14.03
O2 TRS R . -15.86 -49.30 13.22
O3 TRS R . -17.95 -52.06 11.50
C1 OXL S . -37.11 -4.26 -17.07
C2 OXL S . -38.35 -4.16 -16.29
O1 OXL S . -37.13 -4.70 -18.23
O2 OXL S . -39.31 -4.93 -16.54
O3 OXL S . -36.04 -3.90 -16.53
O4 OXL S . -38.43 -3.29 -15.39
MG MG T . -36.38 -3.94 -13.56
C TRS U . -31.27 -14.21 -35.94
C1 TRS U . -29.83 -13.86 -36.18
C2 TRS U . -31.92 -15.30 -36.76
C3 TRS U . -32.16 -13.16 -35.34
N TRS U . -31.58 -13.40 -37.14
O1 TRS U . -29.23 -14.70 -37.14
O2 TRS U . -33.29 -15.36 -36.43
O3 TRS U . -31.36 -12.26 -34.63
C1 OXL V . 1.50 -39.84 4.29
C2 OXL V . 0.64 -40.21 5.42
O1 OXL V . 1.85 -40.74 3.49
O2 OXL V . 0.71 -41.35 5.92
O3 OXL V . 1.85 -38.64 4.13
O4 OXL V . -0.15 -39.35 5.87
#